data_9G7G
#
_entry.id   9G7G
#
_cell.length_a   131.946
_cell.length_b   81.316
_cell.length_c   167.392
_cell.angle_alpha   90.00
_cell.angle_beta   90.23
_cell.angle_gamma   90.00
#
_symmetry.space_group_name_H-M   'P 1 21 1'
#
loop_
_entity.id
_entity.type
_entity.pdbx_description
1 polymer PaJOS
2 polymer Polyubiquitin-B
3 non-polymer prop-2-en-1-amine
4 water water
#
loop_
_entity_poly.entity_id
_entity_poly.type
_entity_poly.pdbx_seq_one_letter_code
_entity_poly.pdbx_strand_id
1 'polypeptide(L)'
;TTLVNVDALAVESQVQAVPESDAQIGAARSPWDQALRDRFDAALLPALGPVPHDQFHVEPQVASACAIHSINAFVGGPAF
DIPTFTTWSTASTAAFIGDDADALAPESAASGFSPHRVERALNLLDGTPATQGKDWNIGVSILSPRSGAAMITQVTLPAL
GDTDRLIFDVKVGSDARTAAGADDIDHFVAFRKDDQGAWWLLDSRSSEVHAPPGQESSGSPLRRQIEPQAWLNEITTTAH
LKTVALIGPGITGQSLTDVPRAST
;
A,C,E,G,I,K,M,O,Q,S,U,W
2 'polypeptide(L)' MQIFVKTLTGKTITLEVEPSDTIENVKAKIQDKEGIPPDQQRLIFAGKQLEDGRTLSDYNIQKESTLHLVLRLRG B,D,F,H,J,L,N,P,R,T,V,X
#
# COMPACT_ATOMS: atom_id res chain seq x y z
N ALA A 28 -12.89 56.00 -23.16
CA ALA A 28 -13.67 54.88 -23.69
C ALA A 28 -13.20 53.55 -23.13
N ARG A 29 -12.04 53.09 -23.59
CA ARG A 29 -11.50 51.80 -23.22
C ARG A 29 -10.50 51.93 -22.07
N SER A 30 -10.43 50.90 -21.24
CA SER A 30 -9.49 50.94 -20.12
C SER A 30 -8.05 50.95 -20.65
N PRO A 31 -7.13 51.58 -19.93
CA PRO A 31 -5.74 51.58 -20.42
C PRO A 31 -5.19 50.17 -20.60
N TRP A 32 -5.51 49.21 -19.72
CA TRP A 32 -4.92 47.87 -19.89
C TRP A 32 -5.52 47.14 -21.08
N ASP A 33 -6.81 47.33 -21.35
CA ASP A 33 -7.40 46.72 -22.54
C ASP A 33 -6.87 47.37 -23.82
N GLN A 34 -6.67 48.69 -23.80
CA GLN A 34 -6.11 49.34 -24.98
C GLN A 34 -4.72 48.80 -25.29
N ALA A 35 -3.93 48.55 -24.25
CA ALA A 35 -2.58 48.03 -24.45
C ALA A 35 -2.63 46.67 -25.15
N LEU A 36 -3.60 45.84 -24.78
CA LEU A 36 -3.75 44.56 -25.45
C LEU A 36 -4.11 44.74 -26.91
N ARG A 37 -5.03 45.67 -27.20
CA ARG A 37 -5.40 45.93 -28.59
C ARG A 37 -4.24 46.48 -29.40
N ASP A 38 -3.43 47.35 -28.79
CA ASP A 38 -2.28 47.93 -29.49
C ASP A 38 -1.26 46.87 -29.90
N ARG A 39 -0.97 45.92 -29.01
CA ARG A 39 -0.01 44.86 -29.33
C ARG A 39 -0.52 44.02 -30.50
N PHE A 40 -1.80 43.70 -30.49
CA PHE A 40 -2.39 42.93 -31.60
C PHE A 40 -2.26 43.69 -32.90
N ASP A 41 -2.49 44.99 -32.85
CA ASP A 41 -2.47 45.78 -34.08
C ASP A 41 -1.07 45.83 -34.68
N ALA A 42 -0.03 45.67 -33.87
CA ALA A 42 1.33 45.68 -34.39
C ALA A 42 1.87 44.30 -34.70
N ALA A 43 1.08 43.23 -34.48
CA ALA A 43 1.59 41.88 -34.67
C ALA A 43 1.62 41.50 -36.16
N LEU A 44 2.55 40.60 -36.49
CA LEU A 44 2.55 39.95 -37.80
C LEU A 44 1.68 38.70 -37.70
N LEU A 45 0.74 38.55 -38.62
CA LEU A 45 -0.21 37.45 -38.58
C LEU A 45 -0.22 36.72 -39.93
N PRO A 46 0.86 35.98 -40.24
CA PRO A 46 0.90 35.31 -41.55
C PRO A 46 -0.16 34.23 -41.72
N ALA A 47 -0.71 33.66 -40.64
CA ALA A 47 -1.74 32.63 -40.70
C ALA A 47 -3.10 33.15 -40.25
N LEU A 48 -3.35 34.43 -40.48
CA LEU A 48 -4.64 35.01 -40.10
C LEU A 48 -5.80 34.33 -40.84
N GLY A 49 -5.64 34.09 -42.14
CA GLY A 49 -6.65 33.40 -42.90
C GLY A 49 -6.29 31.94 -43.08
N PRO A 50 -7.15 31.18 -43.74
CA PRO A 50 -6.83 29.78 -44.03
C PRO A 50 -5.56 29.70 -44.88
N VAL A 51 -4.63 28.83 -44.49
CA VAL A 51 -3.35 28.69 -45.19
C VAL A 51 -3.02 27.19 -45.28
N PRO A 52 -2.05 26.76 -46.09
CA PRO A 52 -1.61 25.36 -46.02
C PRO A 52 -1.11 25.03 -44.61
N HIS A 53 -1.31 23.77 -44.20
CA HIS A 53 -1.12 23.46 -42.79
C HIS A 53 0.28 23.77 -42.31
N ASP A 54 1.28 23.70 -43.19
CA ASP A 54 2.66 23.99 -42.79
C ASP A 54 2.87 25.45 -42.45
N GLN A 55 1.97 26.34 -42.87
CA GLN A 55 2.10 27.76 -42.57
C GLN A 55 1.33 28.20 -41.33
N PHE A 56 0.59 27.31 -40.66
CA PHE A 56 -0.04 27.72 -39.41
C PHE A 56 1.03 28.16 -38.42
N HIS A 57 0.71 29.16 -37.60
CA HIS A 57 1.60 29.60 -36.53
C HIS A 57 1.32 28.78 -35.29
N VAL A 58 2.27 27.94 -34.88
CA VAL A 58 2.13 27.08 -33.69
C VAL A 58 3.38 27.19 -32.85
N GLU A 59 3.25 27.72 -31.64
CA GLU A 59 4.39 28.00 -30.76
C GLU A 59 4.69 26.82 -29.84
N PRO A 60 5.95 26.46 -29.66
CA PRO A 60 6.30 25.44 -28.67
C PRO A 60 6.01 25.97 -27.29
N GLN A 61 5.55 25.08 -26.42
CA GLN A 61 5.08 25.54 -25.12
C GLN A 61 6.20 26.15 -24.31
N VAL A 62 5.88 27.23 -23.61
CA VAL A 62 6.73 27.88 -22.63
C VAL A 62 6.01 27.83 -21.31
N ALA A 63 6.65 27.25 -20.29
CA ALA A 63 6.06 27.15 -18.94
C ALA A 63 4.66 26.53 -19.09
N SER A 64 3.60 27.17 -18.57
CA SER A 64 2.23 26.73 -18.72
C SER A 64 1.41 27.77 -19.45
N ALA A 65 1.99 28.39 -20.49
CA ALA A 65 1.34 29.47 -21.21
C ALA A 65 0.51 28.99 -22.39
N CYS A 66 -0.05 27.77 -22.31
CA CYS A 66 -0.79 27.23 -23.44
C CYS A 66 -1.98 28.11 -23.84
N ALA A 67 -2.55 28.89 -22.90
CA ALA A 67 -3.62 29.81 -23.32
C ALA A 67 -3.11 30.83 -24.32
N ILE A 68 -1.93 31.38 -24.07
CA ILE A 68 -1.37 32.37 -24.98
C ILE A 68 -0.99 31.72 -26.31
N HIS A 69 -0.33 30.55 -26.25
CA HIS A 69 0.02 29.84 -27.48
C HIS A 69 -1.24 29.51 -28.29
N SER A 70 -2.32 29.09 -27.62
CA SER A 70 -3.56 28.76 -28.34
C SER A 70 -4.21 30.00 -28.94
N ILE A 71 -4.22 31.11 -28.19
CA ILE A 71 -4.72 32.36 -28.76
C ILE A 71 -3.90 32.72 -29.99
N ASN A 72 -2.58 32.59 -29.90
CA ASN A 72 -1.76 32.96 -31.05
C ASN A 72 -2.01 32.05 -32.25
N ALA A 73 -2.21 30.74 -32.01
CA ALA A 73 -2.53 29.87 -33.14
C ALA A 73 -3.91 30.19 -33.73
N PHE A 74 -4.87 30.52 -32.86
CA PHE A 74 -6.22 30.90 -33.27
C PHE A 74 -6.20 32.12 -34.19
N VAL A 75 -5.47 33.17 -33.80
CA VAL A 75 -5.45 34.37 -34.63
C VAL A 75 -4.49 34.24 -35.79
N GLY A 76 -3.46 33.38 -35.70
CA GLY A 76 -2.57 33.14 -36.83
C GLY A 76 -1.22 33.85 -36.84
N GLY A 77 -0.64 34.11 -35.67
CA GLY A 77 0.65 34.78 -35.60
C GLY A 77 1.04 35.03 -34.15
N PRO A 78 2.22 35.53 -33.92
CA PRO A 78 2.61 35.84 -32.55
C PRO A 78 1.93 37.10 -32.07
N ALA A 79 0.60 37.05 -31.94
CA ALA A 79 -0.16 38.25 -31.57
C ALA A 79 0.24 38.75 -30.19
N PHE A 80 0.26 37.85 -29.21
CA PHE A 80 0.58 38.23 -27.84
C PHE A 80 1.83 37.52 -27.35
N ASP A 81 2.69 38.25 -26.68
CA ASP A 81 3.75 37.60 -25.95
C ASP A 81 3.32 37.42 -24.52
N ILE A 82 4.07 36.58 -23.80
CA ILE A 82 3.71 36.27 -22.42
C ILE A 82 3.71 37.53 -21.56
N PRO A 83 4.70 38.43 -21.64
CA PRO A 83 4.65 39.65 -20.79
C PRO A 83 3.42 40.54 -21.03
N THR A 84 3.03 40.73 -22.30
CA THR A 84 1.86 41.55 -22.60
C THR A 84 0.59 40.90 -22.08
N PHE A 85 0.44 39.60 -22.30
CA PHE A 85 -0.76 38.92 -21.83
C PHE A 85 -0.80 38.88 -20.31
N THR A 86 0.33 38.56 -19.66
CA THR A 86 0.29 38.47 -18.22
C THR A 86 0.00 39.83 -17.60
N THR A 87 0.56 40.89 -18.17
CA THR A 87 0.27 42.23 -17.67
C THR A 87 -1.22 42.56 -17.83
N TRP A 88 -1.79 42.23 -18.98
CA TRP A 88 -3.22 42.47 -19.18
C TRP A 88 -4.06 41.67 -18.18
N SER A 89 -3.70 40.40 -17.96
CA SER A 89 -4.47 39.54 -17.06
C SER A 89 -4.45 40.05 -15.62
N THR A 90 -3.28 40.51 -15.15
CA THR A 90 -3.18 41.02 -13.78
C THR A 90 -4.04 42.26 -13.57
N ALA A 91 -3.94 43.21 -14.50
CA ALA A 91 -4.77 44.40 -14.40
C ALA A 91 -6.25 44.05 -14.48
N SER A 92 -6.60 43.07 -15.31
CA SER A 92 -7.99 42.64 -15.41
C SER A 92 -8.47 42.04 -14.09
N THR A 93 -7.59 41.28 -13.42
CA THR A 93 -7.91 40.74 -12.09
C THR A 93 -8.14 41.89 -11.11
N ALA A 94 -7.29 42.91 -11.15
CA ALA A 94 -7.46 44.06 -10.26
C ALA A 94 -8.79 44.76 -10.50
N ALA A 95 -9.18 44.95 -11.76
CA ALA A 95 -10.48 45.59 -12.03
C ALA A 95 -11.64 44.68 -11.66
N PHE A 96 -11.46 43.36 -11.80
CA PHE A 96 -12.53 42.40 -11.53
C PHE A 96 -12.86 42.35 -10.05
N ILE A 97 -11.86 42.25 -9.18
CA ILE A 97 -12.16 41.92 -7.79
C ILE A 97 -11.31 42.76 -6.84
N GLY A 98 -10.39 43.55 -7.40
CA GLY A 98 -9.70 44.54 -6.59
C GLY A 98 -8.92 43.94 -5.46
N ASP A 99 -9.09 44.52 -4.27
CA ASP A 99 -8.30 44.12 -3.12
C ASP A 99 -8.67 42.73 -2.57
N ASP A 100 -9.77 42.11 -3.02
CA ASP A 100 -10.07 40.74 -2.64
C ASP A 100 -9.50 39.71 -3.62
N ALA A 101 -8.52 40.11 -4.44
CA ALA A 101 -7.91 39.19 -5.38
C ALA A 101 -7.23 38.02 -4.66
N ASP A 102 -6.84 38.19 -3.39
CA ASP A 102 -6.24 37.11 -2.63
C ASP A 102 -7.19 35.95 -2.42
N ALA A 103 -8.46 36.09 -2.83
CA ALA A 103 -9.41 34.99 -2.76
C ALA A 103 -9.37 34.08 -3.98
N LEU A 104 -8.65 34.46 -5.04
CA LEU A 104 -8.59 33.68 -6.28
C LEU A 104 -7.35 32.80 -6.32
N ALA A 105 -7.47 31.65 -6.99
CA ALA A 105 -6.28 30.85 -7.25
C ALA A 105 -5.38 31.60 -8.25
N PRO A 106 -4.05 31.48 -8.14
CA PRO A 106 -3.17 32.23 -9.03
C PRO A 106 -3.38 31.84 -10.48
N GLU A 107 -3.38 32.86 -11.35
CA GLU A 107 -3.40 32.68 -12.79
C GLU A 107 -2.22 33.44 -13.37
N SER A 108 -1.36 32.73 -14.10
CA SER A 108 -0.09 33.24 -14.58
C SER A 108 0.41 32.30 -15.66
N ALA A 109 1.56 32.65 -16.23
CA ALA A 109 2.21 31.76 -17.18
C ALA A 109 2.65 30.47 -16.52
N ALA A 110 2.88 30.50 -15.21
CA ALA A 110 3.31 29.31 -14.48
C ALA A 110 2.14 28.45 -14.02
N SER A 111 0.93 28.99 -13.88
CA SER A 111 -0.17 28.16 -13.38
C SER A 111 -1.37 28.03 -14.32
N GLY A 112 -1.44 28.78 -15.42
CA GLY A 112 -2.54 28.66 -16.36
C GLY A 112 -3.58 29.75 -16.17
N PHE A 113 -4.58 29.76 -17.05
CA PHE A 113 -5.57 30.82 -17.14
C PHE A 113 -6.97 30.26 -17.37
N SER A 114 -7.97 30.98 -16.85
CA SER A 114 -9.35 30.58 -17.01
C SER A 114 -9.82 30.79 -18.44
N PRO A 115 -10.68 29.90 -18.98
CA PRO A 115 -11.28 30.12 -20.30
C PRO A 115 -12.04 31.43 -20.43
N HIS A 116 -12.55 31.96 -19.32
CA HIS A 116 -13.24 33.24 -19.38
C HIS A 116 -12.28 34.36 -19.78
N ARG A 117 -11.01 34.27 -19.35
CA ARG A 117 -10.03 35.30 -19.75
C ARG A 117 -9.71 35.21 -21.23
N VAL A 118 -9.64 33.99 -21.78
CA VAL A 118 -9.35 33.83 -23.20
C VAL A 118 -10.47 34.42 -24.04
N GLU A 119 -11.72 34.19 -23.62
CA GLU A 119 -12.85 34.77 -24.33
CA GLU A 119 -12.85 34.77 -24.33
C GLU A 119 -12.75 36.29 -24.37
N ARG A 120 -12.50 36.92 -23.21
CA ARG A 120 -12.45 38.38 -23.18
C ARG A 120 -11.31 38.91 -24.04
N ALA A 121 -10.13 38.31 -23.94
CA ALA A 121 -9.00 38.76 -24.76
C ALA A 121 -9.36 38.74 -26.23
N LEU A 122 -9.96 37.64 -26.70
CA LEU A 122 -10.31 37.55 -28.12
C LEU A 122 -11.42 38.53 -28.47
N ASN A 123 -12.43 38.71 -27.59
CA ASN A 123 -13.48 39.67 -27.91
C ASN A 123 -12.96 41.10 -27.93
N LEU A 124 -11.90 41.39 -27.18
CA LEU A 124 -11.29 42.72 -27.26
C LEU A 124 -10.68 43.00 -28.63
N LEU A 125 -10.48 41.97 -29.46
CA LEU A 125 -9.94 42.19 -30.79
C LEU A 125 -11.01 42.38 -31.86
N ASP A 126 -12.27 42.15 -31.54
CA ASP A 126 -13.35 42.36 -32.50
C ASP A 126 -13.36 43.83 -32.92
N GLY A 127 -13.49 44.07 -34.21
CA GLY A 127 -13.53 45.42 -34.74
C GLY A 127 -12.19 46.04 -35.09
N THR A 128 -11.07 45.37 -34.78
CA THR A 128 -9.76 45.87 -35.16
C THR A 128 -9.50 45.65 -36.65
N PRO A 129 -8.55 46.39 -37.24
CA PRO A 129 -8.25 46.21 -38.66
C PRO A 129 -7.82 44.80 -39.05
N ALA A 130 -7.29 43.99 -38.14
CA ALA A 130 -6.96 42.61 -38.52
C ALA A 130 -8.20 41.71 -38.57
N THR A 131 -9.19 41.94 -37.72
CA THR A 131 -10.36 41.08 -37.65
C THR A 131 -11.51 41.60 -38.51
N GLN A 132 -11.27 42.62 -39.34
CA GLN A 132 -12.34 43.20 -40.14
C GLN A 132 -12.90 42.15 -41.09
N GLY A 133 -14.23 42.10 -41.16
CA GLY A 133 -14.97 41.19 -42.01
C GLY A 133 -15.06 39.77 -41.51
N LYS A 134 -14.50 39.47 -40.35
CA LYS A 134 -14.52 38.11 -39.81
C LYS A 134 -15.50 38.02 -38.65
N ASP A 135 -16.25 36.92 -38.60
CA ASP A 135 -17.03 36.59 -37.43
C ASP A 135 -16.11 36.54 -36.23
N TRP A 136 -16.31 37.45 -35.29
CA TRP A 136 -15.49 37.47 -34.10
C TRP A 136 -16.32 37.67 -32.85
N ASN A 137 -17.56 37.21 -32.86
CA ASN A 137 -18.40 37.22 -31.68
C ASN A 137 -18.07 35.96 -30.88
N ILE A 138 -17.08 36.07 -29.99
CA ILE A 138 -16.53 34.90 -29.30
C ILE A 138 -17.35 34.62 -28.03
N GLY A 139 -17.70 33.34 -27.82
CA GLY A 139 -18.36 32.92 -26.60
C GLY A 139 -17.79 31.60 -26.14
N VAL A 140 -18.29 31.12 -25.00
CA VAL A 140 -17.75 29.93 -24.34
C VAL A 140 -18.90 28.98 -23.99
N SER A 141 -18.66 27.69 -24.18
CA SER A 141 -19.56 26.63 -23.75
C SER A 141 -18.76 25.64 -22.91
N ILE A 142 -19.30 25.27 -21.76
CA ILE A 142 -18.60 24.40 -20.82
C ILE A 142 -19.46 23.19 -20.50
N LEU A 143 -18.86 22.00 -20.56
CA LEU A 143 -19.53 20.73 -20.29
C LEU A 143 -18.85 20.01 -19.14
N SER A 144 -19.66 19.46 -18.23
CA SER A 144 -19.24 18.68 -17.06
C SER A 144 -19.86 17.29 -17.11
N PRO A 145 -19.40 16.34 -16.30
CA PRO A 145 -20.03 15.01 -16.27
C PRO A 145 -21.47 15.08 -15.78
N ARG A 146 -22.24 14.06 -16.15
CA ARG A 146 -23.59 13.92 -15.60
C ARG A 146 -23.50 13.71 -14.09
N SER A 147 -24.62 13.98 -13.41
CA SER A 147 -24.66 13.81 -11.96
C SER A 147 -24.29 12.38 -11.58
N GLY A 148 -23.41 12.26 -10.59
CA GLY A 148 -22.91 10.95 -10.19
C GLY A 148 -22.06 10.25 -11.22
N ALA A 149 -21.39 10.98 -12.10
CA ALA A 149 -20.47 10.40 -13.07
C ALA A 149 -19.09 10.99 -12.84
N ALA A 150 -18.07 10.16 -13.04
CA ALA A 150 -16.70 10.62 -12.83
C ALA A 150 -16.15 11.35 -14.05
N MET A 151 -16.64 11.03 -15.24
CA MET A 151 -16.11 11.67 -16.43
C MET A 151 -17.24 11.87 -17.43
N ILE A 152 -16.92 12.61 -18.48
CA ILE A 152 -17.80 12.81 -19.63
C ILE A 152 -17.69 11.60 -20.54
N THR A 153 -18.85 11.01 -20.92
CA THR A 153 -18.81 9.86 -21.82
C THR A 153 -18.94 10.23 -23.29
N GLN A 154 -19.47 11.42 -23.60
CA GLN A 154 -19.62 11.85 -24.98
C GLN A 154 -19.71 13.38 -25.00
N VAL A 155 -18.99 14.00 -25.94
CA VAL A 155 -19.07 15.43 -26.21
C VAL A 155 -19.58 15.57 -27.63
N THR A 156 -20.63 16.36 -27.83
CA THR A 156 -21.14 16.62 -29.16
C THR A 156 -21.00 18.09 -29.50
N LEU A 157 -20.23 18.39 -30.54
CA LEU A 157 -20.07 19.77 -30.98
C LEU A 157 -21.34 20.27 -31.64
N PRO A 158 -21.62 21.56 -31.57
CA PRO A 158 -22.72 22.13 -32.35
C PRO A 158 -22.37 22.14 -33.83
N ALA A 159 -23.37 22.39 -34.65
CA ALA A 159 -23.13 22.65 -36.06
C ALA A 159 -22.24 23.88 -36.19
N LEU A 160 -21.12 23.72 -36.88
CA LEU A 160 -20.10 24.77 -36.93
C LEU A 160 -20.31 25.77 -38.06
N GLY A 161 -21.17 25.47 -39.03
CA GLY A 161 -21.34 26.41 -40.13
C GLY A 161 -20.01 26.60 -40.83
N ASP A 162 -19.62 27.85 -41.02
CA ASP A 162 -18.34 28.18 -41.65
C ASP A 162 -17.24 28.53 -40.67
N THR A 163 -17.45 28.30 -39.38
CA THR A 163 -16.43 28.61 -38.38
C THR A 163 -15.14 27.83 -38.68
N ASP A 164 -14.00 28.53 -38.66
CA ASP A 164 -12.73 27.93 -39.06
C ASP A 164 -11.64 28.03 -38.01
N ARG A 165 -12.00 28.37 -36.76
CA ARG A 165 -11.04 28.46 -35.67
C ARG A 165 -11.75 28.28 -34.35
N LEU A 166 -11.13 27.51 -33.44
CA LEU A 166 -11.72 27.18 -32.15
C LEU A 166 -10.58 27.00 -31.16
N ILE A 167 -10.88 27.17 -29.89
CA ILE A 167 -9.97 26.84 -28.81
C ILE A 167 -10.73 25.93 -27.84
N PHE A 168 -10.09 24.86 -27.39
CA PHE A 168 -10.65 23.99 -26.35
C PHE A 168 -9.78 24.08 -25.10
N ASP A 169 -10.42 24.06 -23.94
CA ASP A 169 -9.76 23.82 -22.68
C ASP A 169 -10.29 22.48 -22.17
N VAL A 170 -9.40 21.50 -21.99
CA VAL A 170 -9.80 20.17 -21.57
C VAL A 170 -9.08 19.83 -20.27
N LYS A 171 -9.81 19.18 -19.35
CA LYS A 171 -9.23 18.61 -18.14
C LYS A 171 -9.31 17.09 -18.28
N VAL A 172 -8.16 16.40 -18.24
CA VAL A 172 -8.07 15.01 -18.64
C VAL A 172 -7.31 14.23 -17.58
N GLY A 173 -7.88 13.10 -17.13
CA GLY A 173 -7.17 12.09 -16.40
C GLY A 173 -7.03 10.84 -17.26
N SER A 174 -6.33 9.83 -16.73
CA SER A 174 -6.12 8.60 -17.48
C SER A 174 -5.60 7.51 -16.55
N ASP A 175 -5.67 6.27 -17.02
CA ASP A 175 -5.10 5.16 -16.25
C ASP A 175 -3.60 5.36 -16.04
N ALA A 176 -2.89 5.79 -17.09
CA ALA A 176 -1.45 6.02 -16.96
C ALA A 176 -1.15 7.13 -15.96
N ARG A 177 -1.97 8.19 -15.95
CA ARG A 177 -1.73 9.27 -14.99
C ARG A 177 -1.96 8.79 -13.57
N THR A 178 -3.04 8.03 -13.33
CA THR A 178 -3.28 7.49 -12.01
C THR A 178 -2.15 6.56 -11.57
N ALA A 179 -1.64 5.74 -12.50
CA ALA A 179 -0.52 4.86 -12.20
C ALA A 179 0.73 5.64 -11.83
N ALA A 180 0.93 6.81 -12.43
CA ALA A 180 2.07 7.65 -12.12
C ALA A 180 1.83 8.60 -10.95
N GLY A 181 0.63 8.60 -10.38
CA GLY A 181 0.32 9.54 -9.31
C GLY A 181 0.27 10.98 -9.74
N ALA A 182 0.02 11.23 -11.02
CA ALA A 182 0.02 12.58 -11.57
C ALA A 182 -1.38 13.20 -11.53
N ASP A 183 -1.40 14.53 -11.43
CA ASP A 183 -2.66 15.25 -11.47
C ASP A 183 -3.24 15.19 -12.87
N ASP A 184 -4.53 15.51 -12.97
CA ASP A 184 -5.14 15.67 -14.27
C ASP A 184 -4.44 16.80 -15.01
N ILE A 185 -4.40 16.70 -16.33
CA ILE A 185 -3.83 17.79 -17.10
C ILE A 185 -4.97 18.70 -17.51
N ASP A 186 -4.74 20.00 -17.41
CA ASP A 186 -5.72 21.02 -17.78
C ASP A 186 -5.03 21.84 -18.87
N HIS A 187 -5.55 21.81 -20.09
CA HIS A 187 -4.73 22.22 -21.22
C HIS A 187 -5.55 22.90 -22.31
N PHE A 188 -5.02 23.98 -22.89
CA PHE A 188 -5.62 24.66 -24.03
C PHE A 188 -4.98 24.18 -25.35
N VAL A 189 -5.80 23.95 -26.38
CA VAL A 189 -5.31 23.74 -27.74
C VAL A 189 -6.13 24.61 -28.68
N ALA A 190 -5.67 24.75 -29.93
CA ALA A 190 -6.40 25.51 -30.94
C ALA A 190 -6.70 24.58 -32.11
N PHE A 191 -7.77 24.90 -32.87
CA PHE A 191 -8.08 24.20 -34.11
C PHE A 191 -8.22 25.24 -35.22
N ARG A 192 -7.75 24.91 -36.43
CA ARG A 192 -7.86 25.80 -37.59
C ARG A 192 -8.15 25.00 -38.85
N LYS A 193 -8.92 25.60 -39.75
CA LYS A 193 -9.12 25.04 -41.08
C LYS A 193 -8.04 25.56 -42.02
N ASP A 194 -7.49 24.66 -42.84
CA ASP A 194 -6.48 25.05 -43.80
C ASP A 194 -7.14 25.53 -45.09
N ASP A 195 -6.35 25.81 -46.14
CA ASP A 195 -6.91 26.32 -47.39
C ASP A 195 -7.76 25.29 -48.13
N GLN A 196 -7.67 24.00 -47.77
CA GLN A 196 -8.47 22.96 -48.37
C GLN A 196 -9.72 22.65 -47.57
N GLY A 197 -9.93 23.34 -46.45
CA GLY A 197 -11.09 23.08 -45.63
C GLY A 197 -10.93 21.99 -44.61
N ALA A 198 -9.74 21.42 -44.46
CA ALA A 198 -9.51 20.36 -43.48
C ALA A 198 -9.12 20.94 -42.14
N TRP A 199 -9.65 20.34 -41.05
CA TRP A 199 -9.33 20.81 -39.71
C TRP A 199 -7.97 20.30 -39.22
N TRP A 200 -7.26 21.16 -38.49
CA TRP A 200 -5.97 20.80 -37.89
C TRP A 200 -5.93 21.19 -36.41
N LEU A 201 -5.57 20.21 -35.57
CA LEU A 201 -5.24 20.47 -34.18
C LEU A 201 -3.87 21.11 -34.11
N LEU A 202 -3.78 22.25 -33.40
CA LEU A 202 -2.55 23.01 -33.19
C LEU A 202 -2.30 23.08 -31.69
N ASP A 203 -1.35 22.28 -31.21
CA ASP A 203 -1.11 22.10 -29.77
C ASP A 203 0.33 22.49 -29.44
N SER A 204 0.50 23.32 -28.41
CA SER A 204 1.85 23.76 -28.03
C SER A 204 2.64 22.64 -27.36
N ARG A 205 1.99 21.61 -26.83
CA ARG A 205 2.73 20.45 -26.33
C ARG A 205 3.10 19.52 -27.48
N SER A 206 4.09 18.68 -27.22
CA SER A 206 4.57 17.75 -28.23
C SER A 206 3.96 16.37 -28.10
N SER A 207 2.99 16.19 -27.21
CA SER A 207 2.29 14.91 -27.03
CA SER A 207 2.28 14.92 -27.10
C SER A 207 0.81 15.22 -26.82
N GLU A 208 -0.04 14.23 -27.13
CA GLU A 208 -1.47 14.43 -26.98
C GLU A 208 -1.84 14.64 -25.51
N VAL A 209 -2.96 15.35 -25.30
CA VAL A 209 -3.43 15.59 -23.93
C VAL A 209 -3.68 14.28 -23.20
N HIS A 210 -4.07 13.24 -23.92
CA HIS A 210 -4.36 11.97 -23.27
C HIS A 210 -3.16 11.02 -23.21
N ALA A 211 -1.97 11.47 -23.59
CA ALA A 211 -0.79 10.62 -23.55
C ALA A 211 -0.28 10.44 -22.12
N PRO A 212 0.46 9.37 -21.85
CA PRO A 212 1.06 9.18 -20.53
C PRO A 212 1.98 10.34 -20.18
N PRO A 213 2.04 10.73 -18.91
CA PRO A 213 2.81 11.93 -18.54
C PRO A 213 4.31 11.76 -18.69
N GLY A 214 4.84 10.54 -18.64
CA GLY A 214 6.26 10.35 -18.83
C GLY A 214 6.69 10.13 -20.27
N GLN A 215 5.84 10.42 -21.24
CA GLN A 215 6.11 10.06 -22.63
C GLN A 215 7.27 10.89 -23.19
N GLU A 216 8.22 10.21 -23.87
CA GLU A 216 9.34 10.89 -24.49
C GLU A 216 8.86 11.63 -25.73
N SER A 217 9.43 12.80 -25.98
CA SER A 217 8.99 13.59 -27.12
C SER A 217 10.14 14.38 -27.71
N SER A 218 9.89 15.02 -28.85
CA SER A 218 10.90 15.84 -29.51
C SER A 218 10.85 17.31 -29.14
N GLY A 219 9.79 17.75 -28.46
CA GLY A 219 9.58 19.16 -28.20
C GLY A 219 8.83 19.89 -29.29
N SER A 220 8.70 19.31 -30.48
CA SER A 220 7.99 19.98 -31.56
C SER A 220 6.49 20.03 -31.29
N PRO A 221 5.85 21.18 -31.52
CA PRO A 221 4.41 21.31 -31.30
C PRO A 221 3.63 20.35 -32.17
N LEU A 222 2.44 19.96 -31.69
CA LEU A 222 1.60 19.04 -32.45
C LEU A 222 0.89 19.81 -33.55
N ARG A 223 0.94 19.28 -34.76
CA ARG A 223 0.21 19.80 -35.92
C ARG A 223 -0.43 18.59 -36.57
N ARG A 224 -1.71 18.32 -36.26
CA ARG A 224 -2.32 17.04 -36.63
C ARG A 224 -3.64 17.27 -37.35
N GLN A 225 -3.83 16.62 -38.50
CA GLN A 225 -5.06 16.76 -39.27
C GLN A 225 -6.13 15.87 -38.66
N ILE A 226 -7.08 16.49 -37.96
CA ILE A 226 -8.17 15.74 -37.35
C ILE A 226 -9.32 16.70 -37.10
N GLU A 227 -10.52 16.21 -37.31
CA GLU A 227 -11.73 16.96 -37.00
C GLU A 227 -11.82 17.16 -35.48
N PRO A 228 -12.29 18.31 -35.02
CA PRO A 228 -12.42 18.49 -33.56
C PRO A 228 -13.36 17.48 -32.91
N GLN A 229 -14.43 17.09 -33.59
CA GLN A 229 -15.32 16.07 -33.02
C GLN A 229 -14.58 14.75 -32.84
N ALA A 230 -13.76 14.36 -33.84
CA ALA A 230 -13.01 13.12 -33.74
C ALA A 230 -11.94 13.20 -32.67
N TRP A 231 -11.31 14.38 -32.53
CA TRP A 231 -10.31 14.54 -31.48
C TRP A 231 -10.95 14.38 -30.10
N LEU A 232 -12.11 15.02 -29.90
CA LEU A 232 -12.81 14.85 -28.62
C LEU A 232 -13.22 13.41 -28.40
N ASN A 233 -13.75 12.74 -29.43
CA ASN A 233 -14.13 11.34 -29.27
C ASN A 233 -12.93 10.49 -28.91
N GLU A 234 -11.75 10.83 -29.46
CA GLU A 234 -10.53 10.11 -29.13
C GLU A 234 -10.16 10.26 -27.66
N ILE A 235 -10.38 11.45 -27.07
CA ILE A 235 -10.09 11.64 -25.65
C ILE A 235 -11.03 10.80 -24.78
N THR A 236 -12.33 10.87 -25.03
CA THR A 236 -13.29 10.16 -24.20
C THR A 236 -13.17 8.65 -24.36
N THR A 237 -12.60 8.19 -25.48
CA THR A 237 -12.34 6.77 -25.72
C THR A 237 -11.01 6.32 -25.12
N THR A 238 -10.01 7.18 -25.04
CA THR A 238 -8.69 6.74 -24.58
C THR A 238 -8.40 7.13 -23.14
N ALA A 239 -9.04 8.17 -22.62
CA ALA A 239 -8.70 8.71 -21.32
C ALA A 239 -9.99 9.11 -20.59
N HIS A 240 -9.86 9.96 -19.58
CA HIS A 240 -10.97 10.37 -18.71
C HIS A 240 -11.17 11.88 -18.87
N LEU A 241 -12.14 12.29 -19.68
CA LEU A 241 -12.42 13.72 -19.83
C LEU A 241 -13.24 14.20 -18.65
N LYS A 242 -12.66 15.06 -17.81
CA LYS A 242 -13.33 15.57 -16.63
C LYS A 242 -14.16 16.80 -16.92
N THR A 243 -13.68 17.68 -17.80
CA THR A 243 -14.31 18.96 -18.14
C THR A 243 -13.82 19.37 -19.51
N VAL A 244 -14.67 20.07 -20.26
CA VAL A 244 -14.22 20.65 -21.53
C VAL A 244 -14.90 22.02 -21.72
N ALA A 245 -14.13 23.00 -22.15
CA ALA A 245 -14.61 24.31 -22.57
C ALA A 245 -14.33 24.47 -24.05
N LEU A 246 -15.34 24.89 -24.80
CA LEU A 246 -15.19 25.24 -26.21
C LEU A 246 -15.33 26.74 -26.34
N ILE A 247 -14.35 27.37 -26.99
CA ILE A 247 -14.32 28.82 -27.17
C ILE A 247 -14.22 29.12 -28.66
N GLY A 248 -15.06 30.03 -29.16
CA GLY A 248 -14.94 30.39 -30.55
C GLY A 248 -16.03 31.28 -31.08
N PRO A 249 -15.92 31.67 -32.35
CA PRO A 249 -16.93 32.56 -32.94
C PRO A 249 -18.25 31.82 -33.04
N GLY A 250 -19.32 32.50 -32.65
CA GLY A 250 -20.67 31.98 -32.67
C GLY A 250 -21.01 30.98 -31.58
N ILE A 251 -20.05 30.62 -30.72
CA ILE A 251 -20.25 29.67 -29.64
C ILE A 251 -20.95 30.37 -28.50
N THR A 252 -21.97 29.73 -27.92
CA THR A 252 -22.67 30.27 -26.77
C THR A 252 -22.80 29.16 -25.72
N GLY A 253 -23.43 29.50 -24.59
CA GLY A 253 -23.42 28.62 -23.43
C GLY A 253 -23.94 27.22 -23.73
N GLN A 254 -24.96 27.12 -24.58
CA GLN A 254 -25.62 25.85 -24.89
C GLN A 254 -25.02 25.12 -26.08
N SER A 255 -23.85 25.53 -26.58
CA SER A 255 -23.30 24.95 -27.80
C SER A 255 -22.93 23.48 -27.63
N LEU A 256 -22.28 23.15 -26.51
CA LEU A 256 -21.87 21.79 -26.22
C LEU A 256 -23.02 21.00 -25.60
N THR A 257 -23.18 19.76 -26.06
CA THR A 257 -24.13 18.80 -25.49
C THR A 257 -23.40 17.48 -25.25
N ASP A 258 -24.08 16.55 -24.56
CA ASP A 258 -23.49 15.25 -24.29
C ASP A 258 -24.34 14.09 -24.80
N VAL A 259 -25.26 14.37 -25.72
CA VAL A 259 -26.09 13.37 -26.38
C VAL A 259 -25.81 13.39 -27.87
N PRO A 260 -26.00 12.28 -28.58
CA PRO A 260 -25.79 12.27 -30.04
C PRO A 260 -26.66 13.30 -30.74
N ARG A 261 -26.29 13.60 -31.98
CA ARG A 261 -27.03 14.60 -32.74
C ARG A 261 -27.51 14.07 -34.10
N MET B 1 -35.87 40.07 -5.93
CA MET B 1 -34.82 41.09 -5.86
C MET B 1 -33.72 40.73 -6.86
N GLN B 2 -32.98 41.75 -7.29
CA GLN B 2 -31.92 41.59 -8.26
C GLN B 2 -30.55 41.56 -7.57
N ILE B 3 -29.68 40.65 -8.02
CA ILE B 3 -28.27 40.69 -7.65
C ILE B 3 -27.47 40.59 -8.94
N PHE B 4 -26.19 40.97 -8.83
CA PHE B 4 -25.29 41.03 -9.98
C PHE B 4 -24.15 40.06 -9.77
N VAL B 5 -23.73 39.39 -10.85
CA VAL B 5 -22.67 38.39 -10.79
C VAL B 5 -21.64 38.74 -11.87
N LYS B 6 -20.48 39.23 -11.45
CA LYS B 6 -19.42 39.58 -12.39
C LYS B 6 -18.62 38.33 -12.74
N THR B 7 -18.13 38.29 -13.99
CA THR B 7 -17.22 37.24 -14.45
C THR B 7 -16.01 37.85 -15.13
N LEU B 8 -14.98 37.02 -15.31
CA LEU B 8 -13.77 37.49 -15.98
C LEU B 8 -13.96 37.62 -17.48
N THR B 9 -15.15 37.27 -18.01
CA THR B 9 -15.43 37.68 -19.40
C THR B 9 -15.73 39.16 -19.48
N GLY B 10 -15.88 39.83 -18.35
CA GLY B 10 -16.31 41.20 -18.35
C GLY B 10 -17.80 41.42 -18.42
N LYS B 11 -18.59 40.39 -18.68
CA LYS B 11 -20.03 40.57 -18.67
C LYS B 11 -20.55 40.33 -17.27
N THR B 12 -21.54 41.10 -16.88
CA THR B 12 -22.17 40.96 -15.59
C THR B 12 -23.54 40.34 -15.82
N ILE B 13 -23.83 39.30 -15.05
CA ILE B 13 -25.09 38.61 -15.14
C ILE B 13 -26.03 39.24 -14.11
N THR B 14 -27.26 39.52 -14.52
CA THR B 14 -28.30 39.96 -13.61
C THR B 14 -29.22 38.79 -13.31
N LEU B 15 -29.42 38.52 -12.02
CA LEU B 15 -30.26 37.42 -11.56
C LEU B 15 -31.43 37.96 -10.74
N GLU B 16 -32.60 37.32 -10.89
CA GLU B 16 -33.76 37.59 -10.05
C GLU B 16 -33.79 36.48 -8.99
N VAL B 17 -33.61 36.85 -7.72
CA VAL B 17 -33.46 35.91 -6.64
C VAL B 17 -34.34 36.34 -5.47
N GLU B 18 -34.40 35.49 -4.45
CA GLU B 18 -35.04 35.76 -3.17
C GLU B 18 -34.05 35.47 -2.05
N PRO B 19 -34.19 36.13 -0.90
CA PRO B 19 -33.20 35.90 0.19
C PRO B 19 -33.09 34.45 0.61
N SER B 20 -34.16 33.66 0.47
CA SER B 20 -34.13 32.27 0.89
C SER B 20 -33.53 31.34 -0.17
N ASP B 21 -33.15 31.82 -1.33
CA ASP B 21 -32.53 30.93 -2.31
C ASP B 21 -31.19 30.42 -1.78
N THR B 22 -30.96 29.12 -1.96
CA THR B 22 -29.67 28.55 -1.65
C THR B 22 -28.66 28.92 -2.72
N ILE B 23 -27.37 28.82 -2.37
CA ILE B 23 -26.33 29.02 -3.38
C ILE B 23 -26.49 28.02 -4.52
N GLU B 24 -26.91 26.78 -4.20
CA GLU B 24 -27.22 25.78 -5.23
C GLU B 24 -28.27 26.30 -6.21
N ASN B 25 -29.33 26.92 -5.69
CA ASN B 25 -30.34 27.53 -6.55
C ASN B 25 -29.76 28.67 -7.38
N VAL B 26 -28.87 29.46 -6.79
CA VAL B 26 -28.29 30.57 -7.53
C VAL B 26 -27.42 30.05 -8.67
N LYS B 27 -26.65 28.99 -8.44
CA LYS B 27 -25.85 28.41 -9.52
C LYS B 27 -26.73 27.82 -10.60
N ALA B 28 -27.90 27.29 -10.24
CA ALA B 28 -28.86 26.79 -11.22
C ALA B 28 -29.41 27.92 -12.09
N LYS B 29 -29.66 29.09 -11.48
CA LYS B 29 -30.10 30.24 -12.26
C LYS B 29 -28.97 30.73 -13.18
N ILE B 30 -27.72 30.67 -12.74
CA ILE B 30 -26.60 31.04 -13.61
C ILE B 30 -26.47 30.06 -14.77
N GLN B 31 -26.66 28.76 -14.50
CA GLN B 31 -26.60 27.79 -15.58
C GLN B 31 -27.69 28.03 -16.59
N ASP B 32 -28.91 28.35 -16.12
CA ASP B 32 -30.01 28.56 -17.05
C ASP B 32 -29.73 29.77 -17.94
N LYS B 33 -29.09 30.80 -17.40
CA LYS B 33 -28.82 31.99 -18.19
C LYS B 33 -27.60 31.80 -19.09
N GLU B 34 -26.51 31.30 -18.53
CA GLU B 34 -25.23 31.31 -19.22
C GLU B 34 -24.69 29.93 -19.57
N GLY B 35 -25.31 28.86 -19.07
CA GLY B 35 -24.89 27.51 -19.40
C GLY B 35 -23.71 26.99 -18.63
N ILE B 36 -23.20 27.73 -17.66
CA ILE B 36 -22.06 27.25 -16.89
C ILE B 36 -22.54 26.16 -15.93
N PRO B 37 -22.00 24.95 -15.99
CA PRO B 37 -22.41 23.90 -15.06
C PRO B 37 -22.15 24.34 -13.63
N PRO B 38 -23.04 24.03 -12.69
CA PRO B 38 -22.82 24.47 -11.30
C PRO B 38 -21.51 23.98 -10.70
N ASP B 39 -21.04 22.78 -11.07
CA ASP B 39 -19.80 22.29 -10.48
C ASP B 39 -18.57 23.01 -11.01
N GLN B 40 -18.70 23.80 -12.07
CA GLN B 40 -17.63 24.66 -12.55
C GLN B 40 -17.70 26.06 -11.97
N GLN B 41 -18.78 26.38 -11.24
CA GLN B 41 -18.99 27.72 -10.70
C GLN B 41 -18.45 27.80 -9.28
N ARG B 42 -17.57 28.76 -9.06
CA ARG B 42 -17.11 29.11 -7.72
C ARG B 42 -17.56 30.54 -7.45
N LEU B 43 -18.48 30.71 -6.50
CA LEU B 43 -19.07 32.02 -6.20
C LEU B 43 -18.43 32.64 -4.97
N ILE B 44 -18.18 33.96 -5.06
CA ILE B 44 -17.46 34.70 -4.03
C ILE B 44 -18.24 35.96 -3.72
N PHE B 45 -18.41 36.26 -2.43
CA PHE B 45 -19.01 37.51 -1.98
C PHE B 45 -18.08 38.18 -0.98
N ALA B 46 -17.57 39.36 -1.34
CA ALA B 46 -16.69 40.15 -0.46
C ALA B 46 -15.52 39.30 0.06
N GLY B 47 -14.93 38.52 -0.84
CA GLY B 47 -13.78 37.72 -0.50
C GLY B 47 -14.07 36.37 0.13
N LYS B 48 -15.33 36.02 0.36
CA LYS B 48 -15.72 34.76 0.97
C LYS B 48 -16.38 33.86 -0.07
N GLN B 49 -15.90 32.62 -0.16
CA GLN B 49 -16.50 31.64 -1.06
C GLN B 49 -17.81 31.14 -0.49
N LEU B 50 -18.81 30.98 -1.36
CA LEU B 50 -20.15 30.60 -0.97
C LEU B 50 -20.37 29.10 -1.07
N GLU B 51 -20.98 28.54 -0.03
CA GLU B 51 -21.26 27.10 0.04
C GLU B 51 -22.64 26.78 -0.52
N ASP B 52 -22.72 25.65 -1.25
CA ASP B 52 -23.94 25.32 -1.99
C ASP B 52 -25.16 25.20 -1.06
N GLY B 53 -24.96 24.67 0.15
CA GLY B 53 -26.07 24.38 1.06
C GLY B 53 -26.66 25.55 1.82
N ARG B 54 -25.98 26.69 1.83
CA ARG B 54 -26.41 27.89 2.51
C ARG B 54 -27.23 28.75 1.57
N THR B 55 -27.89 29.75 2.15
CA THR B 55 -28.73 30.68 1.41
C THR B 55 -28.05 32.03 1.28
N LEU B 56 -28.62 32.86 0.39
CA LEU B 56 -28.18 34.24 0.24
C LEU B 56 -28.31 35.02 1.54
N SER B 57 -29.36 34.76 2.32
CA SER B 57 -29.53 35.48 3.57
C SER B 57 -28.43 35.14 4.57
N ASP B 58 -27.92 33.89 4.56
CA ASP B 58 -26.86 33.51 5.48
C ASP B 58 -25.60 34.34 5.30
N TYR B 59 -25.33 34.82 4.08
CA TYR B 59 -24.19 35.66 3.77
C TYR B 59 -24.57 37.16 3.76
N ASN B 60 -25.78 37.49 4.20
CA ASN B 60 -26.30 38.86 4.18
C ASN B 60 -26.23 39.46 2.77
N ILE B 61 -26.52 38.65 1.77
CA ILE B 61 -26.60 39.14 0.40
C ILE B 61 -27.97 39.75 0.17
N GLN B 62 -28.02 41.06 -0.08
CA GLN B 62 -29.28 41.75 -0.22
C GLN B 62 -29.43 42.24 -1.66
N LYS B 63 -30.51 42.97 -1.91
CA LYS B 63 -30.77 43.43 -3.27
C LYS B 63 -29.61 44.26 -3.79
N GLU B 64 -29.29 44.05 -5.06
CA GLU B 64 -28.22 44.75 -5.79
C GLU B 64 -26.83 44.49 -5.23
N SER B 65 -26.66 43.44 -4.41
CA SER B 65 -25.31 43.00 -4.07
C SER B 65 -24.61 42.50 -5.33
N THR B 66 -23.27 42.52 -5.32
CA THR B 66 -22.47 42.04 -6.44
C THR B 66 -21.66 40.83 -5.98
N LEU B 67 -21.79 39.72 -6.68
CA LEU B 67 -21.00 38.52 -6.47
C LEU B 67 -19.95 38.40 -7.56
N HIS B 68 -18.94 37.58 -7.30
CA HIS B 68 -17.89 37.29 -8.26
C HIS B 68 -17.92 35.81 -8.62
N LEU B 69 -17.93 35.50 -9.91
CA LEU B 69 -17.98 34.12 -10.39
C LEU B 69 -16.66 33.81 -11.10
N VAL B 70 -15.95 32.76 -10.67
CA VAL B 70 -14.81 32.28 -11.42
C VAL B 70 -15.00 30.79 -11.67
N LEU B 71 -14.41 30.33 -12.76
CA LEU B 71 -14.47 28.92 -13.11
C LEU B 71 -13.42 28.13 -12.33
N ARG B 72 -13.58 26.81 -12.29
CA ARG B 72 -12.53 25.96 -11.76
C ARG B 72 -11.50 25.59 -12.83
N LEU B 73 -11.89 25.63 -14.10
CA LEU B 73 -10.95 25.38 -15.20
C LEU B 73 -9.82 26.41 -15.22
N ARG B 74 -8.60 25.95 -15.44
CA ARG B 74 -7.45 26.85 -15.51
C ARG B 74 -6.41 26.18 -16.41
N GLY B 75 -6.59 26.32 -17.71
CA GLY B 75 -5.77 25.57 -18.65
C GLY B 75 -4.32 26.03 -18.72
N ALA C 28 23.98 56.00 -17.73
CA ALA C 28 23.71 56.88 -18.86
C ALA C 28 23.24 56.06 -20.06
N ARG C 29 22.52 54.98 -19.79
CA ARG C 29 22.08 54.08 -20.85
C ARG C 29 20.90 54.68 -21.62
N SER C 30 20.97 54.63 -22.95
CA SER C 30 19.93 55.23 -23.79
C SER C 30 18.57 54.59 -23.50
N PRO C 31 17.48 55.35 -23.63
CA PRO C 31 16.17 54.79 -23.32
C PRO C 31 15.82 53.58 -24.18
N TRP C 32 16.21 53.55 -25.46
CA TRP C 32 15.86 52.40 -26.31
C TRP C 32 16.65 51.16 -25.94
N ASP C 33 17.93 51.32 -25.55
CA ASP C 33 18.68 50.16 -25.03
C ASP C 33 18.10 49.71 -23.68
N GLN C 34 17.64 50.64 -22.85
CA GLN C 34 17.06 50.26 -21.56
C GLN C 34 15.79 49.44 -21.77
N ALA C 35 14.98 49.81 -22.76
CA ALA C 35 13.77 49.05 -23.07
C ALA C 35 14.09 47.61 -23.46
N LEU C 36 15.17 47.40 -24.23
CA LEU C 36 15.57 46.06 -24.61
C LEU C 36 15.98 45.24 -23.39
N ARG C 37 16.81 45.84 -22.52
CA ARG C 37 17.25 45.16 -21.30
C ARG C 37 16.08 44.88 -20.36
N ASP C 38 15.14 45.83 -20.23
CA ASP C 38 13.96 45.60 -19.39
C ASP C 38 13.12 44.43 -19.92
N ARG C 39 12.92 44.35 -21.23
CA ARG C 39 12.15 43.22 -21.79
C ARG C 39 12.83 41.90 -21.47
N PHE C 40 14.17 41.87 -21.58
CA PHE C 40 14.92 40.66 -21.29
C PHE C 40 14.75 40.26 -19.83
N ASP C 41 14.79 41.25 -18.94
CA ASP C 41 14.68 40.99 -17.52
C ASP C 41 13.32 40.42 -17.13
N ALA C 42 12.28 40.67 -17.93
CA ALA C 42 10.97 40.12 -17.61
C ALA C 42 10.68 38.80 -18.29
N ALA C 43 11.60 38.31 -19.14
CA ALA C 43 11.36 37.13 -19.95
C ALA C 43 11.50 35.84 -19.14
N LEU C 44 10.77 34.81 -19.55
CA LEU C 44 10.95 33.46 -19.05
C LEU C 44 11.99 32.76 -19.92
N LEU C 45 13.00 32.16 -19.28
CA LEU C 45 14.13 31.55 -19.98
C LEU C 45 14.30 30.11 -19.52
N PRO C 46 13.40 29.21 -19.93
CA PRO C 46 13.48 27.83 -19.42
C PRO C 46 14.70 27.05 -19.94
N ALA C 47 15.26 27.42 -21.08
CA ALA C 47 16.46 26.78 -21.63
C ALA C 47 17.69 27.68 -21.50
N LEU C 48 17.75 28.49 -20.44
CA LEU C 48 18.92 29.34 -20.23
C LEU C 48 20.17 28.49 -20.10
N GLY C 49 20.10 27.41 -19.32
CA GLY C 49 21.22 26.52 -19.17
C GLY C 49 21.13 25.31 -20.09
N PRO C 50 22.12 24.43 -20.04
CA PRO C 50 22.03 23.18 -20.81
C PRO C 50 20.82 22.39 -20.33
N VAL C 51 20.02 21.93 -21.28
CA VAL C 51 18.83 21.13 -20.99
C VAL C 51 18.77 19.99 -21.99
N PRO C 52 17.95 18.96 -21.70
CA PRO C 52 17.69 17.94 -22.72
C PRO C 52 17.14 18.60 -23.98
N HIS C 53 17.42 17.99 -25.13
CA HIS C 53 17.17 18.64 -26.42
C HIS C 53 15.70 19.01 -26.61
N ASP C 54 14.77 18.23 -26.07
CA ASP C 54 13.35 18.56 -26.20
C ASP C 54 12.95 19.80 -25.42
N GLN C 55 13.77 20.26 -24.46
CA GLN C 55 13.43 21.44 -23.69
C GLN C 55 14.06 22.71 -24.23
N PHE C 56 14.88 22.63 -25.28
CA PHE C 56 15.37 23.84 -25.90
C PHE C 56 14.18 24.70 -26.36
N HIS C 57 14.37 26.02 -26.30
CA HIS C 57 13.41 26.96 -26.85
C HIS C 57 13.74 27.20 -28.31
N VAL C 58 12.80 26.90 -29.20
CA VAL C 58 12.99 27.03 -30.64
C VAL C 58 11.69 27.53 -31.24
N GLU C 59 11.73 28.68 -31.90
CA GLU C 59 10.50 29.33 -32.34
C GLU C 59 10.30 29.11 -33.83
N PRO C 60 9.05 28.93 -34.26
CA PRO C 60 8.79 28.83 -35.70
C PRO C 60 9.05 30.17 -36.39
N GLN C 61 9.56 30.08 -37.61
CA GLN C 61 9.90 31.27 -38.38
CA GLN C 61 9.90 31.28 -38.37
C GLN C 61 8.66 32.14 -38.61
N VAL C 62 8.81 33.44 -38.38
CA VAL C 62 7.80 34.43 -38.74
C VAL C 62 8.45 35.43 -39.68
N ALA C 63 7.87 35.58 -40.87
CA ALA C 63 8.38 36.52 -41.90
C ALA C 63 9.87 36.24 -42.08
N SER C 64 10.75 37.23 -41.94
CA SER C 64 12.19 37.03 -42.04
C SER C 64 12.88 37.38 -40.73
N ALA C 65 12.25 37.04 -39.60
CA ALA C 65 12.77 37.42 -38.30
C ALA C 65 13.72 36.38 -37.72
N CYS C 66 14.42 35.62 -38.57
CA CYS C 66 15.29 34.56 -38.05
C CYS C 66 16.35 35.09 -37.09
N ALA C 67 16.76 36.36 -37.22
CA ALA C 67 17.70 36.89 -36.23
C ALA C 67 17.11 36.88 -34.83
N ILE C 68 15.84 37.26 -34.69
CA ILE C 68 15.19 37.29 -33.39
C ILE C 68 14.99 35.88 -32.86
N HIS C 69 14.51 34.97 -33.71
CA HIS C 69 14.33 33.59 -33.28
C HIS C 69 15.66 32.98 -32.82
N SER C 70 16.76 33.25 -33.54
CA SER C 70 18.07 32.68 -33.17
C SER C 70 18.57 33.24 -31.85
N ILE C 71 18.39 34.55 -31.65
CA ILE C 71 18.69 35.16 -30.36
C ILE C 71 17.91 34.46 -29.25
N ASN C 72 16.61 34.22 -29.49
CA ASN C 72 15.79 33.61 -28.45
C ASN C 72 16.25 32.19 -28.17
N ALA C 73 16.66 31.43 -29.21
CA ALA C 73 17.19 30.09 -28.93
C ALA C 73 18.52 30.16 -28.20
N PHE C 74 19.37 31.14 -28.57
CA PHE C 74 20.68 31.35 -27.95
C PHE C 74 20.55 31.61 -26.45
N VAL C 75 19.64 32.51 -26.08
CA VAL C 75 19.50 32.80 -24.65
C VAL C 75 18.63 31.77 -23.94
N GLY C 76 17.73 31.07 -24.64
CA GLY C 76 16.96 29.99 -24.03
C GLY C 76 15.52 30.28 -23.63
N GLY C 77 14.84 31.18 -24.33
CA GLY C 77 13.47 31.51 -24.05
C GLY C 77 13.00 32.64 -24.96
N PRO C 78 11.71 32.96 -24.91
CA PRO C 78 11.13 34.05 -25.74
C PRO C 78 11.47 35.43 -25.19
N ALA C 79 12.77 35.74 -25.21
CA ALA C 79 13.26 36.99 -24.63
C ALA C 79 12.74 38.20 -25.40
N PHE C 80 12.84 38.18 -26.72
CA PHE C 80 12.43 39.31 -27.52
C PHE C 80 11.30 38.90 -28.44
N ASP C 81 10.27 39.71 -28.49
CA ASP C 81 9.27 39.54 -29.53
C ASP C 81 9.61 40.48 -30.66
N ILE C 82 8.95 40.29 -31.79
CA ILE C 82 9.28 41.10 -32.98
C ILE C 82 9.03 42.59 -32.75
N PRO C 83 7.90 43.02 -32.16
CA PRO C 83 7.71 44.45 -31.93
C PRO C 83 8.80 45.08 -31.05
N THR C 84 9.21 44.39 -29.99
CA THR C 84 10.25 44.97 -29.13
C THR C 84 11.58 45.11 -29.86
N PHE C 85 11.99 44.06 -30.57
CA PHE C 85 13.28 44.09 -31.26
C PHE C 85 13.28 45.10 -32.39
N THR C 86 12.21 45.14 -33.19
CA THR C 86 12.18 46.09 -34.31
C THR C 86 12.17 47.53 -33.81
N THR C 87 11.48 47.79 -32.69
CA THR C 87 11.49 49.13 -32.13
C THR C 87 12.91 49.52 -31.72
N TRP C 88 13.61 48.57 -31.08
CA TRP C 88 14.98 48.80 -30.66
C TRP C 88 15.91 48.98 -31.86
N SER C 89 15.71 48.15 -32.89
CA SER C 89 16.56 48.21 -34.08
C SER C 89 16.41 49.56 -34.79
N THR C 90 15.17 50.06 -34.90
CA THR C 90 14.92 51.35 -35.56
C THR C 90 15.55 52.51 -34.81
N ALA C 91 15.39 52.54 -33.50
CA ALA C 91 16.03 53.58 -32.71
C ALA C 91 17.54 53.51 -32.83
N SER C 92 18.07 52.28 -32.90
CA SER C 92 19.50 52.09 -33.05
C SER C 92 19.97 52.61 -34.39
N THR C 93 19.19 52.40 -35.45
CA THR C 93 19.51 52.98 -36.75
C THR C 93 19.55 54.51 -36.65
N ALA C 94 18.54 55.09 -36.00
CA ALA C 94 18.48 56.54 -35.85
C ALA C 94 19.69 57.09 -35.12
N ALA C 95 20.16 56.40 -34.07
CA ALA C 95 21.35 56.86 -33.35
C ALA C 95 22.61 56.63 -34.15
N PHE C 96 22.64 55.57 -34.97
CA PHE C 96 23.83 55.20 -35.72
C PHE C 96 24.13 56.23 -36.81
N ILE C 97 23.12 56.62 -37.59
CA ILE C 97 23.36 57.38 -38.80
C ILE C 97 22.30 58.48 -38.96
N GLY C 98 21.30 58.51 -38.08
CA GLY C 98 20.39 59.66 -38.03
C GLY C 98 19.68 59.93 -39.34
N ASP C 99 19.70 61.19 -39.76
CA ASP C 99 18.97 61.65 -40.95
C ASP C 99 19.51 61.10 -42.27
N ASP C 100 20.69 60.47 -42.31
CA ASP C 100 21.17 59.80 -43.51
C ASP C 100 20.78 58.29 -43.52
N ALA C 101 19.77 57.89 -42.75
CA ALA C 101 19.36 56.48 -42.75
C ALA C 101 18.87 56.02 -44.11
N ASP C 102 18.45 56.93 -44.97
CA ASP C 102 17.98 56.53 -46.29
C ASP C 102 19.09 55.96 -47.17
N ALA C 103 20.34 55.95 -46.70
CA ALA C 103 21.44 55.35 -47.45
C ALA C 103 21.59 53.85 -47.20
N LEU C 104 20.87 53.32 -46.20
CA LEU C 104 20.99 51.92 -45.82
C LEU C 104 19.91 51.07 -46.48
N ALA C 105 20.25 49.83 -46.78
CA ALA C 105 19.20 48.91 -47.18
C ALA C 105 18.32 48.61 -45.97
N PRO C 106 17.01 48.45 -46.16
CA PRO C 106 16.11 48.27 -45.02
C PRO C 106 16.42 47.03 -44.21
N GLU C 107 16.32 47.17 -42.88
CA GLU C 107 16.44 46.06 -41.94
C GLU C 107 15.17 46.02 -41.08
N SER C 108 14.49 44.88 -41.07
CA SER C 108 13.19 44.76 -40.41
C SER C 108 12.84 43.28 -40.33
N ALA C 109 11.69 42.99 -39.73
CA ALA C 109 11.20 41.62 -39.71
C ALA C 109 10.92 41.10 -41.12
N ALA C 110 10.68 42.00 -42.07
CA ALA C 110 10.40 41.59 -43.44
C ALA C 110 11.65 41.38 -44.28
N SER C 111 12.78 42.05 -43.95
CA SER C 111 13.96 42.00 -44.79
CA SER C 111 13.96 42.00 -44.79
C SER C 111 15.18 41.36 -44.15
N GLY C 112 15.20 41.19 -42.83
CA GLY C 112 16.34 40.61 -42.13
C GLY C 112 17.21 41.68 -41.47
N PHE C 113 18.23 41.22 -40.74
CA PHE C 113 19.05 42.10 -39.91
C PHE C 113 20.53 41.79 -40.05
N SER C 114 21.37 42.82 -39.84
CA SER C 114 22.84 42.63 -39.92
C SER C 114 23.34 41.86 -38.70
N PRO C 115 24.33 40.99 -38.89
CA PRO C 115 24.97 40.33 -37.74
C PRO C 115 25.51 41.32 -36.70
N HIS C 116 25.85 42.54 -37.11
CA HIS C 116 26.33 43.50 -36.14
C HIS C 116 25.23 43.87 -35.15
N ARG C 117 23.98 43.90 -35.60
CA ARG C 117 22.89 44.20 -34.67
C ARG C 117 22.68 43.07 -33.65
N VAL C 118 22.85 41.82 -34.08
CA VAL C 118 22.70 40.70 -33.14
C VAL C 118 23.76 40.75 -32.07
N GLU C 119 25.01 41.06 -32.47
CA GLU C 119 26.09 41.19 -31.49
C GLU C 119 25.76 42.27 -30.46
N ARG C 120 25.29 43.43 -30.93
CA ARG C 120 24.99 44.51 -29.98
C ARG C 120 23.87 44.09 -29.02
N ALA C 121 22.78 43.54 -29.56
CA ALA C 121 21.66 43.17 -28.68
C ALA C 121 22.12 42.20 -27.59
N LEU C 122 22.86 41.16 -27.98
CA LEU C 122 23.30 40.19 -26.97
C LEU C 122 24.26 40.85 -25.97
N ASN C 123 25.20 41.69 -26.45
CA ASN C 123 26.13 42.34 -25.51
C ASN C 123 25.40 43.30 -24.57
N LEU C 124 24.26 43.85 -24.99
CA LEU C 124 23.48 44.67 -24.08
C LEU C 124 22.92 43.88 -22.89
N LEU C 125 22.91 42.55 -22.97
CA LEU C 125 22.42 41.69 -21.89
C LEU C 125 23.50 41.29 -20.91
N ASP C 126 24.76 41.60 -21.21
CA ASP C 126 25.84 41.31 -20.28
C ASP C 126 25.62 42.08 -18.99
N GLY C 127 25.79 41.39 -17.87
CA GLY C 127 25.61 41.97 -16.54
C GLY C 127 24.20 41.93 -16.00
N THR C 128 23.23 41.48 -16.78
CA THR C 128 21.88 41.38 -16.26
C THR C 128 21.76 40.15 -15.36
N PRO C 129 20.77 40.16 -14.46
CA PRO C 129 20.58 39.01 -13.58
C PRO C 129 20.35 37.68 -14.29
N ALA C 130 19.89 37.64 -15.53
CA ALA C 130 19.77 36.34 -16.18
C ALA C 130 21.12 35.82 -16.71
N THR C 131 22.02 36.70 -17.08
CA THR C 131 23.33 36.32 -17.60
C THR C 131 24.40 36.30 -16.52
N GLN C 132 23.99 36.40 -15.25
CA GLN C 132 24.95 36.43 -14.16
C GLN C 132 25.75 35.13 -14.13
N GLY C 133 27.07 35.27 -14.02
CA GLY C 133 27.97 34.14 -14.01
C GLY C 133 28.25 33.48 -15.34
N LYS C 134 27.68 33.96 -16.43
CA LYS C 134 27.90 33.34 -17.73
C LYS C 134 28.81 34.21 -18.60
N ASP C 135 29.76 33.57 -19.28
CA ASP C 135 30.63 34.29 -20.21
C ASP C 135 29.81 34.87 -21.34
N TRP C 136 29.77 36.19 -21.44
CA TRP C 136 28.85 36.86 -22.34
C TRP C 136 29.55 37.95 -23.14
N ASN C 137 30.86 37.77 -23.39
CA ASN C 137 31.64 38.69 -24.22
CA ASN C 137 31.63 38.71 -24.22
C ASN C 137 31.46 38.27 -25.68
N ILE C 138 30.40 38.78 -26.30
CA ILE C 138 30.01 38.38 -27.65
C ILE C 138 30.79 39.16 -28.69
N GLY C 139 31.30 38.45 -29.69
CA GLY C 139 31.95 39.07 -30.83
C GLY C 139 31.55 38.36 -32.10
N VAL C 140 32.06 38.85 -33.22
CA VAL C 140 31.67 38.35 -34.53
C VAL C 140 32.94 38.07 -35.32
N SER C 141 32.93 36.97 -36.08
CA SER C 141 33.96 36.66 -37.06
C SER C 141 33.29 36.36 -38.39
N ILE C 142 33.77 36.97 -39.47
CA ILE C 142 33.14 36.88 -40.78
C ILE C 142 34.17 36.36 -41.78
N LEU C 143 33.75 35.40 -42.59
CA LEU C 143 34.59 34.77 -43.61
C LEU C 143 33.96 34.97 -44.98
N SER C 144 34.77 35.32 -45.97
CA SER C 144 34.34 35.51 -47.35
C SER C 144 35.16 34.57 -48.24
N PRO C 145 34.77 34.37 -49.51
CA PRO C 145 35.60 33.55 -50.40
C PRO C 145 36.96 34.19 -50.60
N ARG C 146 37.94 33.37 -50.94
CA ARG C 146 39.26 33.90 -51.26
C ARG C 146 39.21 34.69 -52.56
N SER C 147 40.23 35.51 -52.77
CA SER C 147 40.28 36.32 -53.97
C SER C 147 40.12 35.44 -55.20
N GLY C 148 39.20 35.83 -56.08
CA GLY C 148 38.97 35.10 -57.32
C GLY C 148 38.07 33.88 -57.22
N ALA C 149 37.56 33.57 -56.03
CA ALA C 149 36.73 32.40 -55.82
C ALA C 149 35.28 32.83 -55.67
N ALA C 150 34.38 31.95 -56.09
CA ALA C 150 32.96 32.22 -55.99
C ALA C 150 32.38 31.81 -54.64
N MET C 151 32.93 30.80 -54.00
CA MET C 151 32.36 30.32 -52.74
C MET C 151 33.50 30.04 -51.77
N ILE C 152 33.11 29.74 -50.54
CA ILE C 152 34.05 29.32 -49.50
C ILE C 152 34.20 27.81 -49.57
N THR C 153 35.44 27.32 -49.63
CA THR C 153 35.68 25.90 -49.75
C THR C 153 35.86 25.17 -48.42
N GLN C 154 36.15 25.90 -47.33
CA GLN C 154 36.34 25.30 -46.01
C GLN C 154 36.16 26.36 -44.93
N VAL C 155 35.39 26.03 -43.90
CA VAL C 155 35.25 26.86 -42.70
C VAL C 155 35.80 26.05 -41.55
N THR C 156 36.73 26.64 -40.81
CA THR C 156 37.31 26.01 -39.64
C THR C 156 36.98 26.84 -38.39
N LEU C 157 36.26 26.21 -37.45
CA LEU C 157 35.95 26.85 -36.19
C LEU C 157 37.18 26.91 -35.29
N PRO C 158 37.31 27.95 -34.48
CA PRO C 158 38.37 27.98 -33.47
C PRO C 158 38.05 26.96 -32.39
N ALA C 159 39.02 26.73 -31.51
CA ALA C 159 38.75 25.96 -30.29
C ALA C 159 37.67 26.68 -29.48
N LEU C 160 36.62 25.95 -29.11
CA LEU C 160 35.44 26.55 -28.47
C LEU C 160 35.49 26.56 -26.94
N GLY C 161 36.44 25.83 -26.32
CA GLY C 161 36.50 25.78 -24.88
C GLY C 161 35.20 25.19 -24.33
N ASP C 162 34.62 25.87 -23.35
CA ASP C 162 33.34 25.44 -22.78
C ASP C 162 32.15 26.25 -23.30
N THR C 163 32.35 27.04 -24.35
CA THR C 163 31.25 27.80 -24.94
C THR C 163 30.13 26.84 -25.39
N ASP C 164 28.89 27.17 -25.01
CA ASP C 164 27.78 26.26 -25.25
C ASP C 164 26.65 26.91 -26.04
N ARG C 165 26.89 28.05 -26.68
CA ARG C 165 25.86 28.71 -27.48
C ARG C 165 26.52 29.55 -28.56
N LEU C 166 25.99 29.49 -29.77
CA LEU C 166 26.57 30.19 -30.91
C LEU C 166 25.44 30.60 -31.83
N ILE C 167 25.68 31.63 -32.64
CA ILE C 167 24.79 31.97 -33.75
C ILE C 167 25.61 32.04 -35.01
N PHE C 168 25.08 31.50 -36.10
CA PHE C 168 25.67 31.64 -37.44
C PHE C 168 24.71 32.46 -38.31
N ASP C 169 25.28 33.29 -39.18
CA ASP C 169 24.58 33.85 -40.34
C ASP C 169 25.28 33.30 -41.58
N VAL C 170 24.58 32.55 -42.41
CA VAL C 170 25.18 31.95 -43.60
C VAL C 170 24.43 32.47 -44.82
N LYS C 171 25.16 32.71 -45.92
CA LYS C 171 24.57 33.03 -47.22
C LYS C 171 24.87 31.85 -48.14
N VAL C 172 23.84 31.21 -48.68
CA VAL C 172 24.00 29.91 -49.30
C VAL C 172 23.34 29.89 -50.67
N GLY C 173 24.11 29.45 -51.67
CA GLY C 173 23.57 29.03 -52.94
C GLY C 173 23.84 27.55 -53.16
N SER C 174 23.39 27.06 -54.33
CA SER C 174 23.65 25.67 -54.69
C SER C 174 23.31 25.50 -56.15
N ASP C 175 23.80 24.39 -56.71
CA ASP C 175 23.45 24.05 -58.08
C ASP C 175 21.95 23.87 -58.21
N ALA C 176 21.31 23.24 -57.21
CA ALA C 176 19.87 23.05 -57.25
C ALA C 176 19.15 24.39 -57.25
N ARG C 177 19.62 25.34 -56.44
CA ARG C 177 18.99 26.65 -56.39
C ARG C 177 19.15 27.40 -57.70
N THR C 178 20.34 27.35 -58.31
CA THR C 178 20.50 27.93 -59.64
C THR C 178 19.61 27.26 -60.67
N ALA C 179 19.48 25.93 -60.60
CA ALA C 179 18.62 25.23 -61.55
C ALA C 179 17.16 25.65 -61.40
N ALA C 180 16.73 25.95 -60.18
CA ALA C 180 15.37 26.40 -59.94
C ALA C 180 15.22 27.91 -60.10
N GLY C 181 16.31 28.63 -60.37
CA GLY C 181 16.25 30.08 -60.49
C GLY C 181 15.99 30.81 -59.19
N ALA C 182 16.28 30.18 -58.05
CA ALA C 182 16.03 30.79 -56.75
C ALA C 182 17.25 31.55 -56.26
N ASP C 183 17.00 32.73 -55.68
CA ASP C 183 18.09 33.55 -55.17
CA ASP C 183 18.09 33.55 -55.17
C ASP C 183 18.79 32.84 -54.01
N ASP C 184 19.94 33.40 -53.61
CA ASP C 184 20.62 32.85 -52.45
C ASP C 184 19.80 33.10 -51.19
N ILE C 185 19.95 32.19 -50.22
CA ILE C 185 19.31 32.34 -48.91
C ILE C 185 20.35 32.87 -47.92
N ASP C 186 19.95 33.88 -47.15
CA ASP C 186 20.75 34.52 -46.11
C ASP C 186 19.98 34.32 -44.80
N HIS C 187 20.54 33.56 -43.88
CA HIS C 187 19.74 32.98 -42.80
C HIS C 187 20.53 32.84 -41.49
N PHE C 188 19.88 33.17 -40.37
CA PHE C 188 20.44 32.98 -39.02
C PHE C 188 19.95 31.66 -38.40
N VAL C 189 20.86 30.94 -37.74
CA VAL C 189 20.51 29.79 -36.91
C VAL C 189 21.25 29.90 -35.60
N ALA C 190 20.84 29.08 -34.63
CA ALA C 190 21.52 28.98 -33.34
C ALA C 190 22.00 27.56 -33.12
N PHE C 191 23.02 27.42 -32.26
CA PHE C 191 23.51 26.15 -31.76
C PHE C 191 23.56 26.21 -30.23
N ARG C 192 23.22 25.09 -29.60
CA ARG C 192 23.26 24.94 -28.16
C ARG C 192 23.73 23.54 -27.80
N LYS C 193 24.46 23.45 -26.68
CA LYS C 193 24.84 22.16 -26.10
C LYS C 193 23.74 21.69 -25.15
N ASP C 194 23.43 20.41 -25.20
CA ASP C 194 22.42 19.86 -24.31
C ASP C 194 23.09 19.48 -22.99
N ASP C 195 22.33 18.87 -22.06
CA ASP C 195 22.90 18.48 -20.78
C ASP C 195 23.94 17.39 -20.88
N GLN C 196 24.07 16.74 -22.03
CA GLN C 196 25.05 15.69 -22.19
C GLN C 196 26.32 16.18 -22.89
N GLY C 197 26.37 17.46 -23.24
CA GLY C 197 27.51 18.03 -23.95
C GLY C 197 27.41 17.93 -25.45
N ALA C 198 26.30 17.40 -25.98
CA ALA C 198 26.11 17.27 -27.42
C ALA C 198 25.53 18.54 -28.02
N TRP C 199 26.07 18.93 -29.18
CA TRP C 199 25.63 20.13 -29.90
C TRP C 199 24.35 19.88 -30.70
N TRP C 200 23.47 20.88 -30.71
CA TRP C 200 22.21 20.82 -31.46
C TRP C 200 22.04 22.08 -32.29
N LEU C 201 21.74 21.89 -33.57
CA LEU C 201 21.29 22.98 -34.43
C LEU C 201 19.84 23.29 -34.09
N LEU C 202 19.54 24.57 -33.87
CA LEU C 202 18.20 25.05 -33.56
C LEU C 202 17.84 26.07 -34.64
N ASP C 203 16.97 25.66 -35.57
CA ASP C 203 16.66 26.48 -36.74
C ASP C 203 15.16 26.78 -36.75
N SER C 204 14.82 28.05 -36.97
CA SER C 204 13.42 28.44 -37.02
C SER C 204 12.74 27.95 -38.29
N ARG C 205 13.48 27.75 -39.38
CA ARG C 205 12.90 27.10 -40.55
C ARG C 205 12.85 25.59 -40.33
N SER C 206 11.91 24.94 -41.01
CA SER C 206 11.79 23.49 -40.87
C SER C 206 12.71 22.72 -41.83
N SER C 207 13.32 23.38 -42.81
CA SER C 207 14.26 22.74 -43.74
C SER C 207 15.65 23.36 -43.59
N GLU C 208 16.67 22.54 -43.84
CA GLU C 208 18.06 23.00 -43.82
C GLU C 208 18.30 24.12 -44.84
N VAL C 209 19.21 25.04 -44.48
CA VAL C 209 19.56 26.15 -45.37
CA VAL C 209 19.55 26.15 -45.38
C VAL C 209 20.02 25.62 -46.73
N HIS C 210 20.75 24.50 -46.73
CA HIS C 210 21.27 23.93 -47.97
C HIS C 210 20.36 22.84 -48.56
N ALA C 211 19.13 22.74 -48.09
CA ALA C 211 18.22 21.75 -48.65
C ALA C 211 17.78 22.20 -50.05
N PRO C 212 17.29 21.25 -50.85
CA PRO C 212 16.76 21.61 -52.15
C PRO C 212 15.65 22.67 -52.00
N PRO C 213 15.52 23.56 -52.98
CA PRO C 213 14.60 24.69 -52.79
C PRO C 213 13.13 24.28 -52.75
N GLY C 214 12.77 23.11 -53.29
CA GLY C 214 11.40 22.63 -53.25
C GLY C 214 11.07 21.80 -52.04
N GLN C 215 11.96 21.76 -51.05
CA GLN C 215 11.78 20.97 -49.83
C GLN C 215 11.15 21.84 -48.75
N GLU C 216 10.09 21.31 -48.12
CA GLU C 216 9.55 21.94 -46.92
C GLU C 216 8.62 20.94 -46.26
N SER C 217 8.59 20.94 -44.93
CA SER C 217 7.73 20.00 -44.23
C SER C 217 7.32 20.55 -42.86
N SER C 218 6.12 20.18 -42.43
CA SER C 218 5.59 20.54 -41.12
C SER C 218 5.50 22.02 -40.79
N GLY C 219 6.60 22.76 -40.88
CA GLY C 219 6.66 24.08 -40.33
C GLY C 219 7.23 24.10 -38.92
N SER C 220 7.41 22.93 -38.30
CA SER C 220 8.01 22.87 -36.98
C SER C 220 9.50 23.18 -37.08
N PRO C 221 10.05 23.96 -36.16
CA PRO C 221 11.47 24.32 -36.26
C PRO C 221 12.37 23.09 -36.17
N LEU C 222 13.52 23.20 -36.84
CA LEU C 222 14.48 22.11 -36.89
C LEU C 222 15.31 22.05 -35.61
N ARG C 223 15.39 20.86 -35.02
CA ARG C 223 16.23 20.56 -33.86
C ARG C 223 17.06 19.36 -34.30
N ARG C 224 18.32 19.55 -34.65
CA ARG C 224 19.13 18.49 -35.23
C ARG C 224 20.42 18.37 -34.42
N GLN C 225 20.76 17.15 -33.99
CA GLN C 225 22.02 16.92 -33.28
C GLN C 225 23.17 16.82 -34.27
N ILE C 226 24.01 17.83 -34.29
CA ILE C 226 25.18 17.85 -35.16
C ILE C 226 26.15 18.88 -34.62
N GLU C 227 27.44 18.56 -34.68
CA GLU C 227 28.46 19.53 -34.32
C GLU C 227 28.42 20.71 -35.30
N PRO C 228 28.65 21.94 -34.83
CA PRO C 228 28.65 23.07 -35.78
C PRO C 228 29.70 22.91 -36.88
N GLN C 229 30.87 22.33 -36.57
CA GLN C 229 31.88 22.11 -37.60
C GLN C 229 31.39 21.13 -38.66
N ALA C 230 30.70 20.07 -38.24
CA ALA C 230 30.15 19.11 -39.20
C ALA C 230 29.03 19.74 -40.02
N TRP C 231 28.25 20.62 -39.40
CA TRP C 231 27.19 21.32 -40.12
C TRP C 231 27.76 22.22 -41.20
N LEU C 232 28.82 22.97 -40.86
CA LEU C 232 29.47 23.82 -41.85
C LEU C 232 30.07 22.97 -42.97
N ASN C 233 30.75 21.88 -42.61
CA ASN C 233 31.34 21.01 -43.62
C ASN C 233 30.29 20.43 -44.56
N GLU C 234 29.11 20.12 -44.02
CA GLU C 234 28.03 19.64 -44.88
C GLU C 234 27.59 20.71 -45.88
N ILE C 235 27.59 21.99 -45.48
CA ILE C 235 27.22 23.08 -46.37
C ILE C 235 28.28 23.28 -47.47
N THR C 236 29.56 23.38 -47.10
CA THR C 236 30.58 23.66 -48.10
C THR C 236 30.81 22.46 -49.03
N THR C 237 30.45 21.25 -48.60
CA THR C 237 30.60 20.12 -49.51
C THR C 237 29.41 19.93 -50.43
N THR C 238 28.18 20.25 -49.96
CA THR C 238 26.98 20.00 -50.75
C THR C 238 26.38 21.24 -51.40
N ALA C 239 26.80 22.44 -51.01
CA ALA C 239 26.19 23.65 -51.56
C ALA C 239 27.30 24.68 -51.79
N HIS C 240 26.91 25.96 -51.98
CA HIS C 240 27.84 27.05 -52.25
C HIS C 240 27.71 28.05 -51.11
N LEU C 241 28.61 27.99 -50.14
CA LEU C 241 28.62 28.95 -49.03
C LEU C 241 29.31 30.23 -49.50
N LYS C 242 28.54 31.32 -49.61
CA LYS C 242 29.03 32.60 -50.11
C LYS C 242 29.69 33.45 -49.02
N THR C 243 29.14 33.41 -47.80
CA THR C 243 29.61 34.18 -46.64
C THR C 243 29.17 33.44 -45.39
N VAL C 244 29.95 33.55 -44.32
CA VAL C 244 29.52 33.04 -43.02
C VAL C 244 29.95 34.02 -41.96
N ALA C 245 29.05 34.31 -41.02
CA ALA C 245 29.37 35.04 -39.81
C ALA C 245 29.09 34.16 -38.59
N LEU C 246 30.05 34.10 -37.68
CA LEU C 246 29.92 33.38 -36.42
C LEU C 246 29.84 34.41 -35.32
N ILE C 247 28.81 34.31 -34.48
CA ILE C 247 28.57 35.21 -33.35
C ILE C 247 28.51 34.37 -32.08
N GLY C 248 29.25 34.77 -31.05
CA GLY C 248 29.17 34.06 -29.81
C GLY C 248 30.17 34.51 -28.75
N PRO C 249 30.07 33.92 -27.55
CA PRO C 249 31.01 34.27 -26.47
C PRO C 249 32.43 33.88 -26.85
N GLY C 250 33.39 34.77 -26.55
CA GLY C 250 34.75 34.47 -26.87
C GLY C 250 35.11 34.53 -28.34
N ILE C 251 34.16 34.82 -29.23
CA ILE C 251 34.45 34.96 -30.64
C ILE C 251 34.96 36.38 -30.94
N THR C 252 36.02 36.46 -31.74
CA THR C 252 36.57 37.74 -32.21
C THR C 252 36.80 37.68 -33.73
N GLY C 253 37.32 38.77 -34.28
CA GLY C 253 37.40 38.93 -35.72
C GLY C 253 38.15 37.81 -36.42
N GLN C 254 39.24 37.32 -35.81
CA GLN C 254 40.08 36.29 -36.42
C GLN C 254 39.67 34.86 -36.07
N SER C 255 38.49 34.66 -35.47
CA SER C 255 38.16 33.33 -34.97
C SER C 255 38.01 32.32 -36.11
N LEU C 256 37.30 32.69 -37.17
CA LEU C 256 37.12 31.78 -38.29
C LEU C 256 38.35 31.78 -39.18
N THR C 257 38.72 30.60 -39.67
CA THR C 257 39.73 30.47 -40.70
C THR C 257 39.16 29.62 -41.83
N ASP C 258 39.87 29.58 -42.94
CA ASP C 258 39.44 28.83 -44.10
C ASP C 258 40.44 27.76 -44.52
N VAL C 259 41.32 27.34 -43.61
CA VAL C 259 42.21 26.22 -43.91
C VAL C 259 41.90 25.06 -42.96
N PRO C 260 42.00 23.80 -43.43
CA PRO C 260 41.81 22.58 -42.65
C PRO C 260 42.82 22.40 -41.52
N MET D 1 46.75 60.90 -40.22
CA MET D 1 45.67 61.60 -39.55
C MET D 1 44.64 60.56 -39.10
N GLN D 2 43.84 60.88 -38.08
CA GLN D 2 42.86 59.94 -37.57
C GLN D 2 41.46 60.21 -38.13
N ILE D 3 40.76 59.13 -38.48
CA ILE D 3 39.35 59.18 -38.81
C ILE D 3 38.64 58.13 -37.97
N PHE D 4 37.31 58.27 -37.88
CA PHE D 4 36.50 57.39 -37.06
C PHE D 4 35.52 56.63 -37.95
N VAL D 5 35.28 55.35 -37.63
CA VAL D 5 34.40 54.47 -38.39
C VAL D 5 33.39 53.86 -37.41
N LYS D 6 32.13 54.27 -37.50
CA LYS D 6 31.06 53.76 -36.66
C LYS D 6 30.49 52.47 -37.26
N THR D 7 30.09 51.53 -36.39
CA THR D 7 29.42 50.32 -36.82
C THR D 7 28.15 50.10 -35.97
N LEU D 8 27.28 49.26 -36.50
CA LEU D 8 26.06 48.93 -35.78
C LEU D 8 26.30 48.03 -34.56
N THR D 9 27.56 47.62 -34.30
CA THR D 9 27.82 47.05 -32.98
C THR D 9 27.85 48.11 -31.89
N GLY D 10 27.76 49.39 -32.24
CA GLY D 10 27.95 50.43 -31.24
C GLY D 10 29.40 50.84 -31.02
N LYS D 11 30.35 50.14 -31.62
CA LYS D 11 31.75 50.46 -31.47
C LYS D 11 32.19 51.39 -32.59
N THR D 12 33.06 52.33 -32.24
CA THR D 12 33.67 53.20 -33.22
C THR D 12 35.12 52.78 -33.36
N ILE D 13 35.56 52.55 -34.60
CA ILE D 13 36.93 52.16 -34.93
C ILE D 13 37.71 53.43 -35.23
N THR D 14 38.92 53.52 -34.70
CA THR D 14 39.83 54.61 -35.03
C THR D 14 40.88 54.08 -36.00
N LEU D 15 41.06 54.79 -37.12
CA LEU D 15 42.02 54.41 -38.16
C LEU D 15 43.05 55.53 -38.32
N GLU D 16 44.32 55.15 -38.57
CA GLU D 16 45.37 56.11 -38.94
C GLU D 16 45.55 56.05 -40.46
N VAL D 17 45.19 57.13 -41.13
CA VAL D 17 45.17 57.16 -42.59
C VAL D 17 45.82 58.45 -43.09
N GLU D 18 45.96 58.53 -44.41
CA GLU D 18 46.45 59.71 -45.11
C GLU D 18 45.43 60.13 -46.16
N PRO D 19 45.36 61.42 -46.51
CA PRO D 19 44.37 61.86 -47.51
C PRO D 19 44.46 61.14 -48.85
N SER D 20 45.64 60.64 -49.24
CA SER D 20 45.80 59.92 -50.50
C SER D 20 45.45 58.44 -50.41
N ASP D 21 45.04 57.93 -49.23
CA ASP D 21 44.63 56.52 -49.14
C ASP D 21 43.36 56.24 -49.93
N THR D 22 43.35 55.13 -50.67
CA THR D 22 42.14 54.71 -51.35
C THR D 22 41.16 54.08 -50.36
N ILE D 23 39.87 54.06 -50.75
CA ILE D 23 38.84 53.38 -49.96
C ILE D 23 39.18 51.90 -49.82
N GLU D 24 39.72 51.30 -50.88
CA GLU D 24 40.17 49.91 -50.80
C GLU D 24 41.23 49.75 -49.72
N ASN D 25 42.13 50.73 -49.57
CA ASN D 25 43.16 50.69 -48.54
C ASN D 25 42.55 50.83 -47.15
N VAL D 26 41.55 51.69 -47.01
CA VAL D 26 40.88 51.87 -45.72
C VAL D 26 40.21 50.58 -45.30
N LYS D 27 39.57 49.88 -46.25
CA LYS D 27 38.96 48.60 -45.95
C LYS D 27 40.00 47.57 -45.53
N ALA D 28 41.22 47.66 -46.07
CA ALA D 28 42.29 46.77 -45.60
C ALA D 28 42.65 47.08 -44.15
N LYS D 29 42.73 48.36 -43.80
CA LYS D 29 43.07 48.70 -42.42
C LYS D 29 41.98 48.25 -41.48
N ILE D 30 40.71 48.34 -41.91
CA ILE D 30 39.62 47.84 -41.08
C ILE D 30 39.73 46.33 -40.92
N GLN D 31 40.08 45.63 -41.99
CA GLN D 31 40.27 44.19 -41.89
C GLN D 31 41.36 43.86 -40.89
N ASP D 32 42.43 44.65 -40.86
CA ASP D 32 43.53 44.42 -39.92
C ASP D 32 43.08 44.64 -38.48
N LYS D 33 42.24 45.64 -38.23
CA LYS D 33 41.83 45.90 -36.85
C LYS D 33 40.70 44.98 -36.41
N GLU D 34 39.69 44.79 -37.25
CA GLU D 34 38.46 44.12 -36.86
C GLU D 34 38.20 42.79 -37.55
N GLY D 35 38.96 42.44 -38.58
CA GLY D 35 38.81 41.17 -39.26
C GLY D 35 37.68 41.10 -40.25
N ILE D 36 36.98 42.19 -40.53
CA ILE D 36 35.90 42.17 -41.50
C ILE D 36 36.49 42.11 -42.90
N PRO D 37 36.16 41.11 -43.71
CA PRO D 37 36.69 41.06 -45.08
C PRO D 37 36.23 42.28 -45.86
N PRO D 38 37.09 42.83 -46.73
CA PRO D 38 36.71 44.04 -47.46
C PRO D 38 35.45 43.90 -48.28
N ASP D 39 35.19 42.73 -48.87
CA ASP D 39 33.99 42.65 -49.69
C ASP D 39 32.72 42.66 -48.85
N GLN D 40 32.82 42.50 -47.54
CA GLN D 40 31.66 42.64 -46.66
C GLN D 40 31.51 44.05 -46.14
N GLN D 41 32.49 44.92 -46.37
CA GLN D 41 32.44 46.27 -45.87
C GLN D 41 31.79 47.18 -46.91
N ARG D 42 30.76 47.89 -46.49
CA ARG D 42 30.17 48.99 -47.25
C ARG D 42 30.37 50.24 -46.40
N LEU D 43 31.18 51.17 -46.89
CA LEU D 43 31.55 52.40 -46.20
C LEU D 43 30.73 53.56 -46.75
N ILE D 44 30.30 54.45 -45.86
CA ILE D 44 29.40 55.56 -46.19
C ILE D 44 29.96 56.81 -45.54
N PHE D 45 30.01 57.92 -46.28
CA PHE D 45 30.40 59.19 -45.68
C PHE D 45 29.33 60.22 -45.98
N ALA D 46 28.68 60.71 -44.93
CA ALA D 46 27.65 61.73 -45.07
C ALA D 46 26.58 61.31 -46.06
N GLY D 47 26.17 60.04 -46.00
CA GLY D 47 25.10 59.54 -46.84
C GLY D 47 25.53 59.07 -48.21
N LYS D 48 26.82 59.13 -48.53
CA LYS D 48 27.37 58.78 -49.83
C LYS D 48 28.17 57.49 -49.73
N GLN D 49 27.86 56.52 -50.56
CA GLN D 49 28.65 55.29 -50.57
C GLN D 49 30.00 55.54 -51.23
N LEU D 50 31.05 55.01 -50.63
CA LEU D 50 32.42 55.23 -51.08
C LEU D 50 32.87 54.12 -52.01
N GLU D 51 33.45 54.47 -53.15
CA GLU D 51 33.93 53.50 -54.12
C GLU D 51 35.41 53.18 -53.90
N ASP D 52 35.76 51.90 -54.08
CA ASP D 52 37.06 51.41 -53.64
C ASP D 52 38.20 52.16 -54.33
N GLY D 53 38.04 52.48 -55.62
CA GLY D 53 39.11 53.08 -56.38
C GLY D 53 39.36 54.55 -56.10
N ARG D 54 38.46 55.23 -55.39
CA ARG D 54 38.65 56.64 -55.07
C ARG D 54 39.43 56.76 -53.77
N THR D 55 39.85 57.99 -53.47
CA THR D 55 40.62 58.29 -52.27
C THR D 55 39.77 59.02 -51.25
N LEU D 56 40.28 59.05 -50.01
CA LEU D 56 39.65 59.83 -48.96
C LEU D 56 39.54 61.30 -49.35
N SER D 57 40.57 61.83 -50.00
CA SER D 57 40.56 63.22 -50.40
C SER D 57 39.52 63.50 -51.46
N ASP D 58 39.24 62.54 -52.35
CA ASP D 58 38.19 62.73 -53.34
C ASP D 58 36.84 63.00 -52.68
N TYR D 59 36.60 62.41 -51.51
CA TYR D 59 35.35 62.63 -50.79
C TYR D 59 35.47 63.73 -49.74
N ASN D 60 36.59 64.46 -49.73
CA ASN D 60 36.85 65.51 -48.74
C ASN D 60 36.74 64.98 -47.31
N ILE D 61 37.22 63.76 -47.10
CA ILE D 61 37.30 63.16 -45.77
C ILE D 61 38.58 63.65 -45.12
N GLN D 62 38.44 64.42 -44.04
CA GLN D 62 39.59 65.03 -43.39
C GLN D 62 39.77 64.44 -41.99
N LYS D 63 40.73 64.99 -41.24
CA LYS D 63 40.96 64.45 -39.91
C LYS D 63 39.71 64.52 -39.05
N GLU D 64 39.48 63.45 -38.29
CA GLU D 64 38.37 63.29 -37.36
C GLU D 64 37.02 63.25 -38.05
N SER D 65 37.00 63.05 -39.36
CA SER D 65 35.75 62.73 -40.02
C SER D 65 35.27 61.38 -39.49
N THR D 66 33.96 61.19 -39.56
CA THR D 66 33.32 59.96 -39.12
C THR D 66 32.69 59.30 -40.33
N LEU D 67 33.06 58.05 -40.59
CA LEU D 67 32.45 57.24 -41.62
C LEU D 67 31.50 56.24 -40.96
N HIS D 68 30.58 55.71 -41.76
CA HIS D 68 29.66 54.68 -41.29
C HIS D 68 29.93 53.38 -42.04
N LEU D 69 30.09 52.29 -41.29
CA LEU D 69 30.38 50.97 -41.86
C LEU D 69 29.20 50.04 -41.61
N VAL D 70 28.63 49.48 -42.67
CA VAL D 70 27.63 48.43 -42.53
C VAL D 70 28.06 47.21 -43.35
N LEU D 71 27.60 46.05 -42.89
CA LEU D 71 27.87 44.80 -43.58
C LEU D 71 26.92 44.66 -44.76
N ARG D 72 27.28 43.75 -45.68
CA ARG D 72 26.34 43.34 -46.72
C ARG D 72 25.47 42.16 -46.27
N LEU D 73 25.93 41.36 -45.31
CA LEU D 73 25.12 40.29 -44.75
C LEU D 73 23.86 40.83 -44.07
N ARG D 74 22.73 40.15 -44.29
CA ARG D 74 21.46 40.58 -43.70
C ARG D 74 20.56 39.34 -43.56
N GLY D 75 20.83 38.54 -42.53
CA GLY D 75 20.16 37.27 -42.38
C GLY D 75 18.68 37.32 -42.03
N ALA E 28 17.39 0.66 9.92
CA ALA E 28 18.70 0.41 9.34
C ALA E 28 19.25 -0.93 9.79
N ARG E 29 20.10 -1.52 8.97
CA ARG E 29 20.64 -2.85 9.23
C ARG E 29 21.68 -2.79 10.35
N SER E 30 21.64 -3.77 11.26
CA SER E 30 22.62 -3.79 12.34
C SER E 30 24.04 -3.99 11.76
N PRO E 31 25.08 -3.49 12.45
CA PRO E 31 26.44 -3.62 11.87
C PRO E 31 26.83 -5.07 11.60
N TRP E 32 26.44 -6.01 12.47
CA TRP E 32 26.86 -7.39 12.28
C TRP E 32 26.16 -8.04 11.09
N ASP E 33 24.89 -7.68 10.87
CA ASP E 33 24.18 -8.14 9.66
C ASP E 33 24.76 -7.49 8.38
N GLN E 34 25.15 -6.21 8.46
CA GLN E 34 25.72 -5.53 7.30
C GLN E 34 27.05 -6.17 6.89
N ALA E 35 27.86 -6.58 7.86
CA ALA E 35 29.10 -7.28 7.59
C ALA E 35 28.87 -8.58 6.85
N LEU E 36 27.83 -9.33 7.24
CA LEU E 36 27.53 -10.58 6.53
C LEU E 36 27.14 -10.32 5.09
N ARG E 37 26.29 -9.31 4.89
CA ARG E 37 25.84 -8.92 3.56
C ARG E 37 26.99 -8.40 2.70
N ASP E 38 27.88 -7.60 3.28
CA ASP E 38 29.02 -7.08 2.53
C ASP E 38 29.93 -8.21 2.06
N ARG E 39 30.17 -9.20 2.92
CA ARG E 39 31.01 -10.34 2.54
C ARG E 39 30.42 -11.07 1.35
N PHE E 40 29.10 -11.27 1.35
CA PHE E 40 28.43 -11.91 0.23
C PHE E 40 28.53 -11.06 -1.04
N ASP E 41 28.38 -9.75 -0.91
CA ASP E 41 28.41 -8.89 -2.10
C ASP E 41 29.76 -8.93 -2.79
N ALA E 42 30.82 -9.28 -2.05
CA ALA E 42 32.17 -9.37 -2.58
C ALA E 42 32.58 -10.78 -3.00
N ALA E 43 31.70 -11.78 -2.84
CA ALA E 43 32.07 -13.17 -3.11
C ALA E 43 32.07 -13.46 -4.60
N LEU E 44 32.87 -14.46 -4.99
CA LEU E 44 32.79 -15.04 -6.33
C LEU E 44 31.79 -16.17 -6.28
N LEU E 45 30.83 -16.17 -7.20
CA LEU E 45 29.75 -17.15 -7.20
C LEU E 45 29.65 -17.81 -8.56
N PRO E 46 30.60 -18.68 -8.92
CA PRO E 46 30.57 -19.28 -10.26
C PRO E 46 29.37 -20.19 -10.47
N ALA E 47 28.81 -20.77 -9.43
CA ALA E 47 27.66 -21.65 -9.59
C ALA E 47 26.37 -20.99 -9.08
N LEU E 48 26.27 -19.66 -9.22
CA LEU E 48 25.08 -18.95 -8.77
C LEU E 48 23.84 -19.44 -9.50
N GLY E 49 23.93 -19.58 -10.82
CA GLY E 49 22.84 -20.11 -11.59
C GLY E 49 23.03 -21.58 -11.90
N PRO E 50 22.08 -22.19 -12.61
CA PRO E 50 22.26 -23.60 -13.01
C PRO E 50 23.50 -23.74 -13.86
N VAL E 51 24.33 -24.72 -13.53
CA VAL E 51 25.57 -25.00 -14.26
C VAL E 51 25.71 -26.50 -14.39
N PRO E 52 26.61 -26.97 -15.26
CA PRO E 52 26.95 -28.40 -15.29
C PRO E 52 27.44 -28.88 -13.94
N HIS E 53 27.18 -30.15 -13.64
CA HIS E 53 27.36 -30.64 -12.27
C HIS E 53 28.79 -30.49 -11.78
N ASP E 54 29.76 -30.52 -12.70
CA ASP E 54 31.16 -30.40 -12.29
C ASP E 54 31.51 -29.00 -11.84
N GLN E 55 30.73 -27.98 -12.24
CA GLN E 55 31.02 -26.60 -11.88
C GLN E 55 30.34 -26.15 -10.58
N PHE E 56 29.50 -26.99 -9.98
CA PHE E 56 28.94 -26.67 -8.69
C PHE E 56 30.06 -26.42 -7.67
N HIS E 57 29.80 -25.49 -6.75
CA HIS E 57 30.74 -25.27 -5.66
C HIS E 57 30.37 -26.18 -4.48
N VAL E 58 31.29 -27.08 -4.12
CA VAL E 58 31.10 -27.97 -2.97
C VAL E 58 32.36 -27.92 -2.11
N GLU E 59 32.19 -27.64 -0.79
CA GLU E 59 33.40 -27.47 0.02
C GLU E 59 33.66 -28.70 0.86
N PRO E 60 34.90 -29.13 0.99
CA PRO E 60 35.19 -30.25 1.89
C PRO E 60 34.96 -29.82 3.33
N GLN E 61 34.52 -30.77 4.15
CA GLN E 61 34.07 -30.41 5.49
C GLN E 61 35.23 -29.98 6.38
N VAL E 62 35.01 -28.93 7.14
CA VAL E 62 35.95 -28.47 8.15
C VAL E 62 35.22 -28.50 9.49
N ALA E 63 35.77 -29.23 10.46
CA ALA E 63 35.20 -29.36 11.80
C ALA E 63 33.73 -29.74 11.64
N SER E 64 32.79 -29.03 12.25
CA SER E 64 31.37 -29.31 12.09
C SER E 64 30.67 -28.12 11.44
N ALA E 65 31.32 -27.51 10.45
CA ALA E 65 30.83 -26.29 9.80
C ALA E 65 29.94 -26.59 8.60
N CYS E 66 29.24 -27.72 8.62
CA CYS E 66 28.44 -28.11 7.46
C CYS E 66 27.35 -27.10 7.12
N ALA E 67 26.84 -26.35 8.12
CA ALA E 67 25.87 -25.31 7.79
C ALA E 67 26.48 -24.27 6.86
N ILE E 68 27.72 -23.89 7.11
CA ILE E 68 28.40 -22.91 6.28
C ILE E 68 28.69 -23.50 4.90
N HIS E 69 29.19 -24.73 4.84
CA HIS E 69 29.44 -25.39 3.56
C HIS E 69 28.17 -25.51 2.73
N SER E 70 27.04 -25.85 3.37
CA SER E 70 25.79 -25.98 2.64
C SER E 70 25.29 -24.66 2.11
N ILE E 71 25.39 -23.60 2.93
CA ILE E 71 25.02 -22.27 2.47
C ILE E 71 25.82 -21.90 1.24
N ASN E 72 27.12 -22.17 1.26
CA ASN E 72 27.95 -21.83 0.11
C ASN E 72 27.57 -22.65 -1.13
N ALA E 73 27.22 -23.94 -0.95
CA ALA E 73 26.76 -24.71 -2.10
C ALA E 73 25.42 -24.20 -2.62
N PHE E 74 24.53 -23.81 -1.70
CA PHE E 74 23.23 -23.24 -2.04
C PHE E 74 23.37 -21.96 -2.87
N VAL E 75 24.24 -21.04 -2.44
CA VAL E 75 24.38 -19.80 -3.19
C VAL E 75 25.31 -19.95 -4.39
N GLY E 76 26.22 -20.92 -4.38
CA GLY E 76 27.03 -21.23 -5.53
C GLY E 76 28.45 -20.71 -5.52
N GLY E 77 29.08 -20.57 -4.37
CA GLY E 77 30.44 -20.08 -4.32
C GLY E 77 30.85 -19.95 -2.88
N PRO E 78 32.13 -19.63 -2.62
CA PRO E 78 32.66 -19.48 -1.25
C PRO E 78 32.25 -18.14 -0.62
N ALA E 79 30.94 -17.97 -0.44
CA ALA E 79 30.41 -16.71 0.04
C ALA E 79 30.88 -16.41 1.45
N PHE E 80 30.73 -17.36 2.35
CA PHE E 80 31.04 -17.13 3.75
C PHE E 80 32.18 -18.05 4.15
N ASP E 81 33.16 -17.50 4.85
CA ASP E 81 34.17 -18.34 5.48
C ASP E 81 33.79 -18.51 6.94
N ILE E 82 34.45 -19.45 7.61
CA ILE E 82 34.09 -19.76 9.00
C ILE E 82 34.26 -18.55 9.91
N PRO E 83 35.34 -17.76 9.84
CA PRO E 83 35.44 -16.56 10.70
C PRO E 83 34.32 -15.54 10.49
N THR E 84 33.94 -15.27 9.24
CA THR E 84 32.86 -14.33 9.00
C THR E 84 31.56 -14.86 9.59
N PHE E 85 31.24 -16.12 9.33
CA PHE E 85 29.98 -16.66 9.82
C PHE E 85 29.95 -16.76 11.34
N THR E 86 31.04 -17.20 11.97
CA THR E 86 31.00 -17.34 13.41
C THR E 86 30.88 -15.98 14.09
N THR E 87 31.53 -14.96 13.54
CA THR E 87 31.44 -13.62 14.11
C THR E 87 30.01 -13.11 14.02
N TRP E 88 29.35 -13.32 12.87
CA TRP E 88 27.96 -12.93 12.72
C TRP E 88 27.06 -13.71 13.67
N SER E 89 27.31 -15.01 13.80
CA SER E 89 26.49 -15.87 14.64
C SER E 89 26.60 -15.47 16.11
N THR E 90 27.82 -15.19 16.57
CA THR E 90 28.03 -14.77 17.96
C THR E 90 27.33 -13.45 18.23
N ALA E 91 27.47 -12.47 17.34
CA ALA E 91 26.80 -11.19 17.53
C ALA E 91 25.29 -11.35 17.53
N SER E 92 24.77 -12.22 16.66
CA SER E 92 23.34 -12.50 16.62
C SER E 92 22.86 -13.12 17.92
N THR E 93 23.67 -13.99 18.53
CA THR E 93 23.28 -14.55 19.82
C THR E 93 23.19 -13.45 20.85
N ALA E 94 24.18 -12.56 20.88
CA ALA E 94 24.16 -11.43 21.81
C ALA E 94 22.92 -10.58 21.62
N ALA E 95 22.50 -10.35 20.37
CA ALA E 95 21.27 -9.58 20.17
C ALA E 95 20.03 -10.40 20.57
N PHE E 96 20.07 -11.71 20.40
CA PHE E 96 18.91 -12.55 20.65
C PHE E 96 18.61 -12.64 22.16
N ILE E 97 19.64 -12.89 22.97
CA ILE E 97 19.39 -13.31 24.34
C ILE E 97 20.36 -12.66 25.32
N GLY E 98 21.34 -11.92 24.80
CA GLY E 98 22.13 -11.06 25.66
C GLY E 98 22.83 -11.82 26.75
N ASP E 99 22.71 -11.33 27.98
CA ASP E 99 23.44 -11.91 29.10
C ASP E 99 22.92 -13.28 29.55
N ASP E 100 21.77 -13.74 29.05
CA ASP E 100 21.38 -15.13 29.32
C ASP E 100 21.85 -16.07 28.24
N ALA E 101 22.87 -15.70 27.47
CA ALA E 101 23.36 -16.57 26.41
C ALA E 101 23.91 -17.87 26.96
N ASP E 102 24.35 -17.88 28.23
CA ASP E 102 24.85 -19.13 28.79
C ASP E 102 23.77 -20.18 28.97
N ALA E 103 22.50 -19.86 28.70
CA ALA E 103 21.41 -20.83 28.76
C ALA E 103 21.28 -21.64 27.48
N LEU E 104 22.01 -21.28 26.42
CA LEU E 104 21.92 -21.98 25.15
C LEU E 104 23.03 -23.02 25.01
N ALA E 105 22.72 -24.12 24.33
CA ALA E 105 23.77 -25.04 23.97
C ALA E 105 24.70 -24.36 22.96
N PRO E 106 26.01 -24.58 23.02
CA PRO E 106 26.91 -23.83 22.13
C PRO E 106 26.67 -24.14 20.66
N GLU E 107 26.72 -23.09 19.84
CA GLU E 107 26.65 -23.19 18.39
C GLU E 107 27.91 -22.54 17.82
N SER E 108 28.65 -23.29 17.02
CA SER E 108 29.97 -22.87 16.55
C SER E 108 30.39 -23.78 15.40
N ALA E 109 31.55 -23.49 14.83
CA ALA E 109 32.10 -24.39 13.82
C ALA E 109 32.42 -25.76 14.40
N ALA E 110 32.66 -25.86 15.70
CA ALA E 110 32.96 -27.15 16.31
C ALA E 110 31.72 -27.94 16.71
N SER E 111 30.59 -27.28 16.90
CA SER E 111 29.42 -27.99 17.38
C SER E 111 28.19 -27.85 16.50
N GLY E 112 28.22 -27.06 15.43
CA GLY E 112 27.09 -26.94 14.53
C GLY E 112 26.17 -25.77 14.85
N PHE E 113 25.17 -25.59 13.98
CA PHE E 113 24.30 -24.43 14.03
C PHE E 113 22.83 -24.81 13.84
N SER E 114 21.94 -23.99 14.43
CA SER E 114 20.51 -24.20 14.29
C SER E 114 20.07 -23.85 12.89
N PRO E 115 19.10 -24.61 12.33
CA PRO E 115 18.51 -24.23 11.04
C PRO E 115 17.90 -22.85 11.02
N HIS E 116 17.44 -22.34 12.17
CA HIS E 116 16.93 -20.98 12.19
C HIS E 116 18.01 -19.96 11.82
N ARG E 117 19.27 -20.21 12.21
CA ARG E 117 20.33 -19.28 11.84
C ARG E 117 20.62 -19.33 10.34
N VAL E 118 20.52 -20.52 9.74
CA VAL E 118 20.72 -20.67 8.29
C VAL E 118 19.67 -19.87 7.54
N GLU E 119 18.41 -19.96 7.98
CA GLU E 119 17.34 -19.21 7.33
C GLU E 119 17.59 -17.70 7.43
N ARG E 120 17.99 -17.21 8.60
CA ARG E 120 18.23 -15.78 8.75
CA ARG E 120 18.23 -15.79 8.76
C ARG E 120 19.38 -15.32 7.87
N ALA E 121 20.49 -16.05 7.89
CA ALA E 121 21.64 -15.68 7.05
C ALA E 121 21.24 -15.59 5.59
N LEU E 122 20.52 -16.60 5.08
CA LEU E 122 20.10 -16.56 3.68
C LEU E 122 19.12 -15.44 3.41
N ASN E 123 18.18 -15.18 4.32
CA ASN E 123 17.25 -14.09 4.08
C ASN E 123 17.93 -12.73 4.15
N LEU E 124 19.06 -12.62 4.86
CA LEU E 124 19.77 -11.36 4.85
C LEU E 124 20.33 -11.00 3.49
N LEU E 125 20.41 -11.98 2.57
CA LEU E 125 20.93 -11.76 1.22
C LEU E 125 19.85 -11.36 0.23
N ASP E 126 18.58 -11.39 0.62
CA ASP E 126 17.51 -10.96 -0.28
C ASP E 126 17.73 -9.49 -0.65
N GLY E 127 17.57 -9.18 -1.93
CA GLY E 127 17.74 -7.84 -2.39
C GLY E 127 19.18 -7.47 -2.75
N THR E 128 20.13 -8.35 -2.52
CA THR E 128 21.49 -8.03 -2.94
C THR E 128 21.62 -8.19 -4.46
N PRO E 129 22.64 -7.53 -5.06
CA PRO E 129 22.87 -7.67 -6.52
C PRO E 129 23.12 -9.10 -7.00
N ALA E 130 23.43 -10.09 -6.16
CA ALA E 130 23.54 -11.45 -6.69
C ALA E 130 22.20 -12.18 -6.75
N THR E 131 21.25 -11.81 -5.90
CA THR E 131 19.95 -12.49 -5.84
C THR E 131 18.84 -11.82 -6.66
N GLN E 132 19.17 -10.81 -7.46
CA GLN E 132 18.17 -10.09 -8.23
C GLN E 132 17.51 -11.00 -9.23
N GLY E 133 16.19 -10.93 -9.28
CA GLY E 133 15.41 -11.78 -10.17
C GLY E 133 15.28 -13.22 -9.72
N LYS E 134 15.85 -13.58 -8.57
CA LYS E 134 15.76 -14.96 -8.09
C LYS E 134 14.82 -15.02 -6.88
N ASP E 135 14.01 -16.08 -6.83
CA ASP E 135 13.09 -16.29 -5.72
C ASP E 135 13.92 -16.56 -4.47
N TRP E 136 13.83 -15.66 -3.50
CA TRP E 136 14.71 -15.75 -2.34
C TRP E 136 13.94 -15.53 -1.04
N ASN E 137 12.65 -15.87 -1.03
CA ASN E 137 11.86 -15.87 0.21
C ASN E 137 12.09 -17.20 0.93
N ILE E 138 13.12 -17.24 1.77
CA ILE E 138 13.57 -18.47 2.38
C ILE E 138 12.77 -18.76 3.64
N GLY E 139 12.31 -20.00 3.79
CA GLY E 139 11.63 -20.42 4.99
C GLY E 139 12.07 -21.82 5.40
N VAL E 140 11.50 -22.29 6.50
CA VAL E 140 11.92 -23.55 7.10
C VAL E 140 10.68 -24.40 7.37
N SER E 141 10.79 -25.68 7.09
CA SER E 141 9.77 -26.64 7.50
C SER E 141 10.43 -27.79 8.23
N ILE E 142 9.90 -28.14 9.39
CA ILE E 142 10.51 -29.14 10.27
C ILE E 142 9.50 -30.21 10.54
N LEU E 143 9.92 -31.47 10.42
CA LEU E 143 9.11 -32.65 10.61
C LEU E 143 9.72 -33.51 11.71
N SER E 144 8.87 -34.01 12.61
CA SER E 144 9.22 -34.90 13.71
C SER E 144 8.43 -36.20 13.62
N PRO E 145 8.81 -37.24 14.38
CA PRO E 145 8.00 -38.47 14.36
C PRO E 145 6.60 -38.23 14.91
N ARG E 146 5.69 -39.10 14.50
CA ARG E 146 4.35 -39.07 15.07
C ARG E 146 4.41 -39.44 16.54
N SER E 147 3.30 -39.22 17.24
CA SER E 147 3.24 -39.58 18.67
C SER E 147 3.55 -41.06 18.85
N GLY E 148 4.54 -41.34 19.71
CA GLY E 148 4.88 -42.69 20.06
C GLY E 148 5.86 -43.39 19.14
N ALA E 149 6.32 -42.72 18.10
CA ALA E 149 7.18 -43.34 17.11
C ALA E 149 8.62 -42.91 17.35
N ALA E 150 9.56 -43.84 17.18
CA ALA E 150 10.98 -43.52 17.34
C ALA E 150 11.56 -42.79 16.13
N MET E 151 10.93 -42.87 14.98
CA MET E 151 11.49 -42.25 13.80
C MET E 151 10.37 -41.86 12.84
N ILE E 152 10.76 -41.10 11.84
CA ILE E 152 9.90 -40.69 10.74
C ILE E 152 9.88 -41.81 9.71
N THR E 153 8.68 -42.23 9.30
CA THR E 153 8.59 -43.34 8.35
C THR E 153 8.50 -42.89 6.90
N GLN E 154 8.14 -41.63 6.66
CA GLN E 154 8.00 -41.08 5.31
C GLN E 154 8.09 -39.55 5.37
N VAL E 155 8.86 -38.98 4.45
CA VAL E 155 8.95 -37.54 4.24
C VAL E 155 8.44 -37.27 2.83
N THR E 156 7.47 -36.37 2.72
CA THR E 156 6.92 -35.99 1.41
C THR E 156 7.19 -34.51 1.16
N LEU E 157 7.95 -34.23 0.11
CA LEU E 157 8.23 -32.86 -0.29
C LEU E 157 7.01 -32.23 -0.95
N PRO E 158 6.81 -30.93 -0.76
CA PRO E 158 5.77 -30.23 -1.52
C PRO E 158 6.13 -30.16 -2.99
N ALA E 159 5.17 -29.71 -3.81
CA ALA E 159 5.52 -29.34 -5.17
C ALA E 159 6.52 -28.19 -5.14
N LEU E 160 7.62 -28.33 -5.87
CA LEU E 160 8.75 -27.39 -5.82
C LEU E 160 8.69 -26.28 -6.88
N GLY E 161 7.84 -26.40 -7.89
CA GLY E 161 7.83 -25.38 -8.93
C GLY E 161 9.18 -25.32 -9.63
N ASP E 162 9.70 -24.09 -9.80
CA ASP E 162 11.00 -23.89 -10.45
C ASP E 162 12.12 -23.72 -9.44
N THR E 163 11.87 -24.01 -8.16
CA THR E 163 12.91 -23.91 -7.16
C THR E 163 14.07 -24.86 -7.50
N ASP E 164 15.29 -24.33 -7.45
CA ASP E 164 16.46 -25.09 -7.91
C ASP E 164 17.54 -25.19 -6.84
N ARG E 165 17.22 -24.89 -5.58
CA ARG E 165 18.22 -24.98 -4.51
C ARG E 165 17.52 -25.19 -3.18
N LEU E 166 18.06 -26.08 -2.36
CA LEU E 166 17.45 -26.46 -1.09
C LEU E 166 18.57 -26.80 -0.11
N ILE E 167 18.26 -26.69 1.18
CA ILE E 167 19.12 -27.18 2.24
C ILE E 167 18.30 -28.08 3.14
N PHE E 168 18.89 -29.19 3.54
CA PHE E 168 18.32 -30.09 4.53
C PHE E 168 19.21 -30.15 5.76
N ASP E 169 18.60 -30.18 6.93
CA ASP E 169 19.22 -30.60 8.18
C ASP E 169 18.52 -31.88 8.60
N VAL E 170 19.26 -32.98 8.67
CA VAL E 170 18.68 -34.28 9.02
C VAL E 170 19.37 -34.80 10.27
N LYS E 171 18.62 -35.46 11.15
CA LYS E 171 19.21 -36.14 12.29
C LYS E 171 18.97 -37.63 12.07
N VAL E 172 20.04 -38.43 12.01
CA VAL E 172 19.95 -39.79 11.50
C VAL E 172 20.59 -40.78 12.46
N GLY E 173 19.86 -41.83 12.79
CA GLY E 173 20.41 -43.03 13.40
C GLY E 173 20.28 -44.20 12.44
N SER E 174 20.77 -45.37 12.90
CA SER E 174 20.65 -46.58 12.10
C SER E 174 20.96 -47.79 12.98
N ASP E 175 20.55 -48.96 12.49
CA ASP E 175 20.90 -50.18 13.21
C ASP E 175 22.40 -50.34 13.30
N ALA E 176 23.12 -50.02 12.22
CA ALA E 176 24.58 -50.13 12.25
C ALA E 176 25.17 -49.17 13.28
N ARG E 177 24.64 -47.94 13.35
CA ARG E 177 25.16 -46.97 14.29
C ARG E 177 24.91 -47.40 15.73
N THR E 178 23.74 -47.94 16.03
CA THR E 178 23.48 -48.50 17.35
C THR E 178 24.40 -49.67 17.67
N ALA E 179 24.66 -50.53 16.68
CA ALA E 179 25.55 -51.66 16.90
C ALA E 179 26.97 -51.21 17.19
N ALA E 180 27.41 -50.11 16.59
CA ALA E 180 28.74 -49.57 16.78
C ALA E 180 28.83 -48.60 17.97
N GLY E 181 27.73 -48.34 18.67
CA GLY E 181 27.75 -47.38 19.76
C GLY E 181 27.91 -45.94 19.36
N ALA E 182 27.58 -45.59 18.11
CA ALA E 182 27.76 -44.25 17.58
C ALA E 182 26.52 -43.38 17.79
N ASP E 183 26.74 -42.13 18.19
CA ASP E 183 25.64 -41.20 18.37
C ASP E 183 24.95 -40.93 17.04
N ASP E 184 23.73 -40.40 17.11
CA ASP E 184 23.06 -39.92 15.90
C ASP E 184 23.89 -38.82 15.26
N ILE E 185 23.84 -38.76 13.93
CA ILE E 185 24.50 -37.68 13.19
C ILE E 185 23.45 -36.63 12.81
N ASP E 186 23.79 -35.37 13.03
CA ASP E 186 22.96 -34.21 12.74
C ASP E 186 23.75 -33.38 11.73
N HIS E 187 23.22 -33.22 10.51
CA HIS E 187 24.05 -32.82 9.37
C HIS E 187 23.24 -31.99 8.38
N PHE E 188 23.88 -30.95 7.82
CA PHE E 188 23.32 -30.14 6.75
C PHE E 188 23.85 -30.61 5.39
N VAL E 189 22.98 -30.67 4.39
CA VAL E 189 23.41 -30.86 3.00
C VAL E 189 22.67 -29.85 2.14
N ALA E 190 23.14 -29.71 0.89
CA ALA E 190 22.49 -28.84 -0.08
C ALA E 190 22.08 -29.66 -1.30
N PHE E 191 21.07 -29.16 -2.02
CA PHE E 191 20.68 -29.71 -3.32
C PHE E 191 20.63 -28.58 -4.33
N ARG E 192 21.05 -28.87 -5.58
CA ARG E 192 21.03 -27.92 -6.68
C ARG E 192 20.61 -28.62 -7.98
N LYS E 193 19.90 -27.88 -8.85
CA LYS E 193 19.58 -28.37 -10.18
C LYS E 193 20.68 -27.94 -11.15
N ASP E 194 21.08 -28.85 -12.04
CA ASP E 194 22.09 -28.49 -13.02
C ASP E 194 21.41 -27.85 -14.23
N ASP E 195 22.18 -27.57 -15.30
CA ASP E 195 21.66 -26.93 -16.50
C ASP E 195 20.69 -27.80 -17.28
N GLN E 196 20.64 -29.09 -17.00
CA GLN E 196 19.69 -29.97 -17.66
C GLN E 196 18.43 -30.16 -16.83
N GLY E 197 18.35 -29.52 -15.66
CA GLY E 197 17.23 -29.67 -14.76
C GLY E 197 17.35 -30.81 -13.78
N ALA E 198 18.48 -31.51 -13.73
CA ALA E 198 18.66 -32.65 -12.83
C ALA E 198 19.15 -32.21 -11.47
N TRP E 199 18.57 -32.83 -10.44
CA TRP E 199 18.93 -32.54 -9.06
C TRP E 199 20.21 -33.25 -8.65
N TRP E 200 21.04 -32.55 -7.87
CA TRP E 200 22.29 -33.08 -7.33
C TRP E 200 22.38 -32.81 -5.84
N LEU E 201 22.67 -33.86 -5.07
CA LEU E 201 23.05 -33.70 -3.68
C LEU E 201 24.48 -33.18 -3.60
N LEU E 202 24.70 -32.11 -2.83
CA LEU E 202 26.03 -31.54 -2.63
C LEU E 202 26.31 -31.59 -1.13
N ASP E 203 27.19 -32.52 -0.73
CA ASP E 203 27.49 -32.81 0.68
C ASP E 203 28.97 -32.54 0.97
N SER E 204 29.23 -31.81 2.06
CA SER E 204 30.63 -31.53 2.42
C SER E 204 31.34 -32.75 2.99
N ARG E 205 30.61 -33.73 3.49
CA ARG E 205 31.19 -34.98 3.98
C ARG E 205 31.45 -35.92 2.82
N SER E 206 32.40 -36.83 3.01
CA SER E 206 32.74 -37.70 1.88
C SER E 206 31.89 -38.96 1.82
N SER E 207 31.08 -39.23 2.83
CA SER E 207 30.20 -40.39 2.83
C SER E 207 28.78 -39.95 3.16
N GLU E 208 27.81 -40.76 2.72
CA GLU E 208 26.40 -40.47 2.94
C GLU E 208 26.08 -40.38 4.42
N VAL E 209 25.08 -39.56 4.75
CA VAL E 209 24.71 -39.39 6.14
C VAL E 209 24.20 -40.70 6.73
N HIS E 210 23.62 -41.56 5.91
CA HIS E 210 23.06 -42.83 6.36
C HIS E 210 23.99 -44.00 6.07
N ALA E 211 25.23 -43.74 5.71
CA ALA E 211 26.16 -44.83 5.47
C ALA E 211 26.58 -45.46 6.78
N PRO E 212 27.05 -46.71 6.75
CA PRO E 212 27.54 -47.32 7.97
C PRO E 212 28.65 -46.50 8.56
N PRO E 213 28.75 -46.44 9.90
CA PRO E 213 29.69 -45.48 10.51
C PRO E 213 31.15 -45.80 10.29
N GLY E 214 31.49 -47.06 10.03
CA GLY E 214 32.87 -47.42 9.80
C GLY E 214 33.30 -47.36 8.35
N GLN E 215 32.74 -46.42 7.58
CA GLN E 215 33.04 -46.36 6.15
C GLN E 215 34.20 -45.41 5.89
N GLU E 216 35.19 -45.91 5.15
CA GLU E 216 36.34 -45.13 4.67
C GLU E 216 36.03 -44.47 3.33
N SER E 217 36.61 -43.30 3.12
CA SER E 217 36.42 -42.54 1.90
C SER E 217 37.72 -41.81 1.58
N SER E 218 37.69 -41.01 0.52
CA SER E 218 38.87 -40.28 0.10
C SER E 218 38.96 -38.88 0.69
N GLY E 219 37.90 -38.42 1.36
CA GLY E 219 37.83 -37.06 1.84
C GLY E 219 37.20 -36.08 0.89
N SER E 220 37.02 -36.44 -0.37
CA SER E 220 36.41 -35.51 -1.34
C SER E 220 34.92 -35.34 -1.08
N PRO E 221 34.39 -34.13 -1.20
CA PRO E 221 32.95 -33.92 -0.97
C PRO E 221 32.10 -34.74 -1.93
N LEU E 222 30.91 -35.10 -1.45
CA LEU E 222 29.97 -35.90 -2.22
C LEU E 222 29.22 -35.04 -3.23
N ARG E 223 29.16 -35.52 -4.46
CA ARG E 223 28.42 -34.87 -5.55
C ARG E 223 27.62 -35.98 -6.22
N ARG E 224 26.33 -36.09 -5.92
CA ARG E 224 25.55 -37.25 -6.34
C ARG E 224 24.24 -36.84 -7.03
N GLN E 225 23.99 -37.38 -8.21
CA GLN E 225 22.76 -37.06 -8.94
C GLN E 225 21.59 -37.86 -8.37
N ILE E 226 20.69 -37.18 -7.64
CA ILE E 226 19.54 -37.87 -7.07
C ILE E 226 18.46 -36.84 -6.72
N GLU E 227 17.20 -37.20 -6.96
CA GLU E 227 16.11 -36.33 -6.55
C GLU E 227 16.07 -36.21 -5.02
N PRO E 228 15.82 -35.02 -4.48
CA PRO E 228 15.75 -34.91 -3.01
C PRO E 228 14.71 -35.84 -2.41
N GLN E 229 13.59 -36.07 -3.09
CA GLN E 229 12.57 -36.98 -2.59
C GLN E 229 13.12 -38.42 -2.50
N ALA E 230 13.87 -38.86 -3.52
CA ALA E 230 14.46 -40.19 -3.50
C ALA E 230 15.56 -40.29 -2.45
N TRP E 231 16.33 -39.21 -2.29
CA TRP E 231 17.37 -39.22 -1.26
C TRP E 231 16.75 -39.36 0.11
N LEU E 232 15.66 -38.63 0.35
CA LEU E 232 14.93 -38.78 1.61
C LEU E 232 14.38 -40.20 1.77
N ASN E 233 13.81 -40.76 0.70
CA ASN E 233 13.29 -42.12 0.80
C ASN E 233 14.39 -43.12 1.13
N GLU E 234 15.62 -42.91 0.64
CA GLU E 234 16.71 -43.81 1.00
C GLU E 234 17.00 -43.78 2.49
N ILE E 235 16.93 -42.59 3.11
CA ILE E 235 17.20 -42.47 4.54
C ILE E 235 16.12 -43.17 5.36
N THR E 236 14.84 -42.88 5.07
CA THR E 236 13.78 -43.49 5.86
C THR E 236 13.65 -44.99 5.61
N THR E 237 14.14 -45.48 4.46
CA THR E 237 14.07 -46.92 4.18
C THR E 237 15.25 -47.68 4.79
N THR E 238 16.45 -47.09 4.80
CA THR E 238 17.64 -47.80 5.26
C THR E 238 18.12 -47.39 6.64
N ALA E 239 17.65 -46.27 7.19
CA ALA E 239 18.15 -45.78 8.46
C ALA E 239 16.97 -45.27 9.29
N HIS E 240 17.27 -44.53 10.36
CA HIS E 240 16.26 -44.03 11.30
C HIS E 240 16.32 -42.51 11.26
N LEU E 241 15.40 -41.90 10.52
CA LEU E 241 15.33 -40.45 10.42
C LEU E 241 14.61 -39.94 11.66
N LYS E 242 15.34 -39.21 12.52
CA LYS E 242 14.80 -38.71 13.78
C LYS E 242 14.10 -37.36 13.64
N THR E 243 14.64 -36.48 12.78
CA THR E 243 14.13 -35.14 12.55
C THR E 243 14.62 -34.70 11.19
N VAL E 244 13.86 -33.86 10.51
CA VAL E 244 14.34 -33.27 9.27
C VAL E 244 13.84 -31.84 9.18
N ALA E 245 14.72 -30.92 8.77
CA ALA E 245 14.32 -29.57 8.43
C ALA E 245 14.68 -29.30 6.97
N LEU E 246 13.74 -28.71 6.25
CA LEU E 246 13.94 -28.29 4.87
C LEU E 246 13.96 -26.77 4.83
N ILE E 247 15.01 -26.21 4.23
CA ILE E 247 15.20 -24.76 4.11
C ILE E 247 15.31 -24.42 2.64
N GLY E 248 14.54 -23.43 2.18
CA GLY E 248 14.65 -23.01 0.80
C GLY E 248 13.62 -21.98 0.39
N PRO E 249 13.73 -21.52 -0.85
CA PRO E 249 12.77 -20.52 -1.34
C PRO E 249 11.37 -21.09 -1.42
N GLY E 250 10.38 -20.31 -1.01
CA GLY E 250 9.02 -20.78 -1.07
C GLY E 250 8.66 -21.84 -0.03
N ILE E 251 9.59 -22.26 0.82
CA ILE E 251 9.31 -23.23 1.89
C ILE E 251 8.72 -22.49 3.09
N THR E 252 7.66 -23.04 3.67
CA THR E 252 7.05 -22.51 4.89
C THR E 252 6.82 -23.65 5.88
N GLY E 253 6.24 -23.31 7.05
CA GLY E 253 6.18 -24.27 8.15
C GLY E 253 5.47 -25.57 7.79
N GLN E 254 4.40 -25.47 6.99
CA GLN E 254 3.57 -26.62 6.61
C GLN E 254 4.04 -27.31 5.33
N SER E 255 5.25 -27.01 4.84
CA SER E 255 5.68 -27.56 3.55
C SER E 255 5.89 -29.07 3.59
N LEU E 256 6.56 -29.58 4.62
CA LEU E 256 6.81 -31.02 4.70
C LEU E 256 5.59 -31.75 5.26
N THR E 257 5.27 -32.90 4.69
CA THR E 257 4.26 -33.79 5.28
C THR E 257 4.89 -35.17 5.45
N ASP E 258 4.17 -36.05 6.15
CA ASP E 258 4.67 -37.41 6.40
C ASP E 258 3.74 -38.49 5.85
N VAL E 259 2.90 -38.15 4.88
CA VAL E 259 2.08 -39.14 4.18
C VAL E 259 2.44 -39.11 2.69
N PRO E 260 2.30 -40.24 1.96
CA PRO E 260 2.61 -40.32 0.52
C PRO E 260 1.84 -39.38 -0.41
N MET F 1 -4.24 -12.62 27.57
CA MET F 1 -3.08 -11.74 27.68
C MET F 1 -2.09 -12.07 26.55
N GLN F 2 -1.23 -11.11 26.21
CA GLN F 2 -0.25 -11.27 25.13
C GLN F 2 1.13 -11.60 25.71
N ILE F 3 1.83 -12.56 25.09
CA ILE F 3 3.25 -12.75 25.35
C ILE F 3 3.95 -12.83 24.01
N PHE F 4 5.28 -12.66 24.05
CA PHE F 4 6.11 -12.60 22.85
C PHE F 4 7.15 -13.71 22.89
N VAL F 5 7.45 -14.29 21.74
CA VAL F 5 8.42 -15.39 21.62
C VAL F 5 9.42 -15.03 20.52
N LYS F 6 10.68 -14.80 20.90
CA LYS F 6 11.76 -14.51 19.96
C LYS F 6 12.38 -15.80 19.43
N THR F 7 12.77 -15.79 18.15
CA THR F 7 13.54 -16.89 17.56
C THR F 7 14.80 -16.35 16.87
N LEU F 8 15.72 -17.25 16.59
CA LEU F 8 16.98 -16.89 15.92
C LEU F 8 16.81 -16.62 14.43
N THR F 9 15.60 -16.78 13.89
CA THR F 9 15.35 -16.21 12.57
C THR F 9 15.22 -14.70 12.63
N GLY F 10 15.20 -14.10 13.81
CA GLY F 10 14.94 -12.67 13.94
C GLY F 10 13.47 -12.30 14.06
N LYS F 11 12.58 -13.26 13.97
CA LYS F 11 11.16 -12.98 14.08
C LYS F 11 10.71 -13.10 15.54
N THR F 12 9.77 -12.26 15.93
CA THR F 12 9.14 -12.37 17.24
C THR F 12 7.69 -12.80 17.02
N ILE F 13 7.29 -13.86 17.68
CA ILE F 13 5.93 -14.39 17.57
C ILE F 13 5.07 -13.81 18.68
N THR F 14 3.86 -13.37 18.35
CA THR F 14 2.89 -12.90 19.34
C THR F 14 1.87 -14.00 19.59
N LEU F 15 1.68 -14.38 20.87
CA LEU F 15 0.76 -15.43 21.27
C LEU F 15 -0.30 -14.87 22.21
N GLU F 16 -1.52 -15.39 22.08
CA GLU F 16 -2.63 -15.12 22.99
C GLU F 16 -2.75 -16.26 23.99
N VAL F 17 -2.47 -15.97 25.27
CA VAL F 17 -2.37 -17.00 26.29
C VAL F 17 -3.16 -16.59 27.53
N GLU F 18 -3.22 -17.51 28.47
CA GLU F 18 -3.81 -17.33 29.78
C GLU F 18 -2.81 -17.76 30.84
N PRO F 19 -2.87 -17.18 32.04
CA PRO F 19 -1.89 -17.58 33.07
C PRO F 19 -1.90 -19.07 33.35
N SER F 20 -3.05 -19.73 33.19
CA SER F 20 -3.19 -21.15 33.49
C SER F 20 -2.78 -22.07 32.34
N ASP F 21 -2.37 -21.55 31.19
CA ASP F 21 -1.89 -22.39 30.09
C ASP F 21 -0.60 -23.13 30.46
N THR F 22 -0.54 -24.41 30.10
CA THR F 22 0.68 -25.19 30.30
C THR F 22 1.74 -24.82 29.25
N ILE F 23 2.99 -25.16 29.53
CA ILE F 23 4.02 -24.94 28.52
C ILE F 23 3.70 -25.74 27.26
N GLU F 24 3.15 -26.96 27.43
CA GLU F 24 2.70 -27.75 26.30
C GLU F 24 1.64 -27.02 25.48
N ASN F 25 0.65 -26.40 26.15
CA ASN F 25 -0.34 -25.60 25.42
C ASN F 25 0.34 -24.48 24.63
N VAL F 26 1.36 -23.84 25.22
CA VAL F 26 2.07 -22.76 24.54
C VAL F 26 2.83 -23.30 23.33
N LYS F 27 3.48 -24.44 23.47
CA LYS F 27 4.15 -25.02 22.32
C LYS F 27 3.16 -25.38 21.20
N ALA F 28 1.94 -25.83 21.55
CA ALA F 28 0.95 -26.12 20.52
C ALA F 28 0.54 -24.84 19.78
N LYS F 29 0.43 -23.73 20.52
CA LYS F 29 0.09 -22.47 19.87
C LYS F 29 1.21 -22.03 18.91
N ILE F 30 2.47 -22.25 19.28
CA ILE F 30 3.58 -21.93 18.39
C ILE F 30 3.55 -22.83 17.15
N GLN F 31 3.23 -24.12 17.34
CA GLN F 31 3.10 -25.00 16.18
C GLN F 31 2.01 -24.50 15.24
N ASP F 32 0.89 -24.04 15.81
CA ASP F 32 -0.21 -23.55 14.99
C ASP F 32 0.21 -22.33 14.18
N LYS F 33 1.08 -21.47 14.73
CA LYS F 33 1.46 -20.26 14.01
C LYS F 33 2.60 -20.50 13.03
N GLU F 34 3.64 -21.23 13.45
CA GLU F 34 4.88 -21.38 12.71
C GLU F 34 5.16 -22.78 12.19
N GLY F 35 4.38 -23.78 12.62
CA GLY F 35 4.56 -25.13 12.14
C GLY F 35 5.69 -25.90 12.81
N ILE F 36 6.34 -25.35 13.82
CA ILE F 36 7.43 -26.06 14.50
C ILE F 36 6.85 -27.12 15.42
N PRO F 37 7.21 -28.40 15.27
CA PRO F 37 6.66 -29.43 16.15
C PRO F 37 7.04 -29.17 17.60
N PRO F 38 6.13 -29.41 18.55
CA PRO F 38 6.48 -29.10 19.94
C PRO F 38 7.73 -29.82 20.43
N ASP F 39 8.02 -31.03 19.96
CA ASP F 39 9.21 -31.68 20.48
C ASP F 39 10.50 -31.06 19.96
N GLN F 40 10.44 -30.20 18.96
CA GLN F 40 11.61 -29.48 18.52
C GLN F 40 11.74 -28.12 19.18
N GLN F 41 10.77 -27.71 19.99
CA GLN F 41 10.81 -26.40 20.64
C GLN F 41 11.46 -26.52 22.01
N ARG F 42 12.44 -25.67 22.28
CA ARG F 42 12.97 -25.49 23.63
C ARG F 42 12.69 -24.05 24.04
N LEU F 43 11.86 -23.86 25.06
CA LEU F 43 11.44 -22.53 25.47
C LEU F 43 12.21 -22.09 26.72
N ILE F 44 12.62 -20.82 26.75
CA ILE F 44 13.45 -20.26 27.81
C ILE F 44 12.84 -18.94 28.27
N PHE F 45 12.74 -18.74 29.59
CA PHE F 45 12.29 -17.46 30.14
C PHE F 45 13.32 -16.96 31.14
N ALA F 46 13.93 -15.82 30.81
CA ALA F 46 14.95 -15.21 31.67
C ALA F 46 16.01 -16.22 32.06
N GLY F 47 16.44 -17.05 31.10
CA GLY F 47 17.51 -18.01 31.31
C GLY F 47 17.06 -19.34 31.88
N LYS F 48 15.77 -19.52 32.14
CA LYS F 48 15.23 -20.73 32.75
C LYS F 48 14.50 -21.52 31.68
N GLN F 49 14.86 -22.80 31.53
CA GLN F 49 14.18 -23.66 30.58
C GLN F 49 12.79 -24.08 31.11
N LEU F 50 11.78 -24.03 30.25
CA LEU F 50 10.40 -24.30 30.67
C LEU F 50 10.01 -25.75 30.45
N GLU F 51 9.38 -26.34 31.48
CA GLU F 51 8.93 -27.73 31.49
C GLU F 51 7.50 -27.83 30.98
N ASP F 52 7.23 -28.86 30.16
CA ASP F 52 5.95 -28.93 29.45
C ASP F 52 4.75 -28.97 30.39
N GLY F 53 4.85 -29.68 31.51
CA GLY F 53 3.73 -29.85 32.40
C GLY F 53 3.41 -28.67 33.29
N ARG F 54 4.28 -27.67 33.33
CA ARG F 54 4.04 -26.53 34.19
C ARG F 54 3.26 -25.44 33.45
N THR F 55 2.78 -24.46 34.21
CA THR F 55 1.98 -23.39 33.63
C THR F 55 2.80 -22.11 33.54
N LEU F 56 2.29 -21.17 32.74
CA LEU F 56 2.90 -19.85 32.68
C LEU F 56 2.95 -19.20 34.04
N SER F 57 1.89 -19.38 34.82
CA SER F 57 1.82 -18.79 36.15
C SER F 57 2.90 -19.34 37.06
N ASP F 58 3.21 -20.64 36.93
CA ASP F 58 4.25 -21.25 37.76
C ASP F 58 5.59 -20.56 37.59
N TYR F 59 5.87 -20.05 36.39
CA TYR F 59 7.12 -19.36 36.10
C TYR F 59 7.01 -17.86 36.25
N ASN F 60 5.87 -17.37 36.73
CA ASN F 60 5.57 -15.94 36.84
C ASN F 60 5.74 -15.26 35.49
N ILE F 61 5.29 -15.93 34.44
CA ILE F 61 5.24 -15.33 33.11
C ILE F 61 3.93 -14.53 33.04
N GLN F 62 4.03 -13.20 32.93
CA GLN F 62 2.85 -12.35 32.92
C GLN F 62 2.71 -11.66 31.55
N LYS F 63 1.71 -10.80 31.44
CA LYS F 63 1.48 -10.15 30.15
C LYS F 63 2.72 -9.38 29.69
N GLU F 64 2.94 -9.38 28.38
CA GLU F 64 4.02 -8.69 27.72
C GLU F 64 5.39 -9.30 28.05
N SER F 65 5.42 -10.48 28.67
CA SER F 65 6.67 -11.20 28.85
C SER F 65 7.23 -11.65 27.51
N THR F 66 8.55 -11.81 27.45
CA THR F 66 9.22 -12.25 26.23
C THR F 66 9.89 -13.57 26.53
N LEU F 67 9.57 -14.58 25.72
CA LEU F 67 10.18 -15.89 25.80
C LEU F 67 11.18 -16.04 24.64
N HIS F 68 12.14 -16.94 24.83
CA HIS F 68 13.11 -17.27 23.79
C HIS F 68 12.88 -18.71 23.34
N LEU F 69 12.77 -18.91 22.04
CA LEU F 69 12.57 -20.22 21.42
C LEU F 69 13.82 -20.59 20.61
N VAL F 70 14.42 -21.72 20.95
CA VAL F 70 15.47 -22.29 20.10
C VAL F 70 15.10 -23.73 19.75
N LEU F 71 15.63 -24.18 18.62
CA LEU F 71 15.41 -25.55 18.18
C LEU F 71 16.36 -26.49 18.90
N ARG F 72 16.02 -27.76 18.87
CA ARG F 72 16.96 -28.80 19.30
C ARG F 72 17.86 -29.26 18.16
N LEU F 73 17.42 -29.12 16.92
CA LEU F 73 18.27 -29.44 15.77
C LEU F 73 19.49 -28.54 15.75
N ARG F 74 20.66 -29.11 15.44
CA ARG F 74 21.89 -28.32 15.38
C ARG F 74 22.86 -29.05 14.44
N GLY F 75 22.66 -28.87 13.14
CA GLY F 75 23.43 -29.63 12.17
C GLY F 75 24.92 -29.31 12.08
N GLY G 26 -4.12 -44.04 -35.07
CA GLY G 26 -3.82 -42.62 -35.20
C GLY G 26 -2.36 -42.28 -35.45
N ALA G 27 -1.94 -41.10 -34.98
CA ALA G 27 -0.54 -40.65 -35.04
C ALA G 27 -0.29 -39.79 -33.80
N ALA G 28 0.99 -39.52 -33.51
CA ALA G 28 1.30 -38.71 -32.34
C ALA G 28 0.83 -37.27 -32.48
N ARG G 29 1.00 -36.67 -33.65
CA ARG G 29 0.53 -35.32 -33.91
C ARG G 29 0.24 -35.21 -35.39
N SER G 30 -0.10 -34.02 -35.85
CA SER G 30 -0.34 -33.84 -37.28
C SER G 30 0.93 -34.13 -38.08
N PRO G 31 0.79 -34.67 -39.29
CA PRO G 31 1.99 -34.99 -40.07
C PRO G 31 2.89 -33.79 -40.34
N TRP G 32 2.34 -32.59 -40.57
CA TRP G 32 3.24 -31.48 -40.90
C TRP G 32 3.98 -30.99 -39.68
N ASP G 33 3.35 -31.03 -38.51
CA ASP G 33 4.06 -30.68 -37.29
C ASP G 33 5.11 -31.74 -36.96
N GLN G 34 4.82 -33.02 -37.20
CA GLN G 34 5.81 -34.06 -36.95
C GLN G 34 7.04 -33.85 -37.82
N ALA G 35 6.85 -33.44 -39.08
CA ALA G 35 7.97 -33.20 -39.98
C ALA G 35 8.88 -32.08 -39.48
N LEU G 36 8.31 -30.99 -38.98
CA LEU G 36 9.10 -29.90 -38.45
C LEU G 36 9.91 -30.37 -37.26
N ARG G 37 9.27 -31.13 -36.38
CA ARG G 37 9.97 -31.63 -35.20
C ARG G 37 11.08 -32.58 -35.58
N ASP G 38 10.84 -33.46 -36.57
CA ASP G 38 11.88 -34.41 -36.96
C ASP G 38 13.10 -33.67 -37.48
N ARG G 39 12.88 -32.62 -38.27
CA ARG G 39 13.98 -31.80 -38.74
C ARG G 39 14.75 -31.20 -37.58
N PHE G 40 14.05 -30.70 -36.55
CA PHE G 40 14.74 -30.14 -35.40
C PHE G 40 15.53 -31.18 -34.63
N ASP G 41 14.95 -32.37 -34.42
CA ASP G 41 15.62 -33.40 -33.64
C ASP G 41 16.88 -33.89 -34.30
N ALA G 42 16.98 -33.78 -35.62
CA ALA G 42 18.15 -34.25 -36.33
C ALA G 42 19.24 -33.18 -36.51
N ALA G 43 18.98 -31.94 -36.12
CA ALA G 43 19.93 -30.87 -36.38
C ALA G 43 21.08 -30.90 -35.38
N LEU G 44 22.23 -30.38 -35.82
CA LEU G 44 23.33 -30.10 -34.89
C LEU G 44 23.16 -28.69 -34.37
N LEU G 45 23.17 -28.52 -33.05
CA LEU G 45 22.86 -27.25 -32.41
C LEU G 45 24.03 -26.86 -31.50
N PRO G 46 25.16 -26.46 -32.08
CA PRO G 46 26.35 -26.18 -31.24
C PRO G 46 26.16 -25.03 -30.27
N ALA G 47 25.22 -24.12 -30.52
CA ALA G 47 24.95 -23.03 -29.61
C ALA G 47 23.61 -23.20 -28.91
N LEU G 48 23.23 -24.45 -28.62
CA LEU G 48 21.98 -24.71 -27.91
C LEU G 48 21.94 -24.02 -26.57
N GLY G 49 23.03 -24.12 -25.80
CA GLY G 49 23.14 -23.45 -24.53
C GLY G 49 23.99 -22.18 -24.63
N PRO G 50 24.17 -21.48 -23.51
CA PRO G 50 25.05 -20.31 -23.54
C PRO G 50 26.46 -20.72 -23.93
N VAL G 51 27.05 -19.98 -24.87
CA VAL G 51 28.41 -20.23 -25.37
C VAL G 51 29.13 -18.90 -25.55
N PRO G 52 30.46 -18.92 -25.68
CA PRO G 52 31.17 -17.70 -26.09
C PRO G 52 30.60 -17.21 -27.41
N HIS G 53 30.58 -15.87 -27.59
CA HIS G 53 29.80 -15.27 -28.66
C HIS G 53 30.23 -15.72 -30.05
N ASP G 54 31.51 -16.07 -30.23
CA ASP G 54 31.95 -16.52 -31.55
C ASP G 54 31.31 -17.84 -31.94
N GLN G 55 30.81 -18.60 -30.97
CA GLN G 55 30.15 -19.87 -31.24
C GLN G 55 28.64 -19.77 -31.41
N PHE G 56 28.06 -18.57 -31.25
CA PHE G 56 26.65 -18.37 -31.57
C PHE G 56 26.38 -18.71 -33.03
N HIS G 57 25.22 -19.27 -33.29
CA HIS G 57 24.81 -19.53 -34.67
C HIS G 57 24.13 -18.27 -35.20
N VAL G 58 24.66 -17.70 -36.30
CA VAL G 58 24.01 -16.57 -36.98
C VAL G 58 24.10 -16.81 -38.48
N GLU G 59 22.99 -16.66 -39.19
CA GLU G 59 23.02 -16.97 -40.61
C GLU G 59 22.96 -15.70 -41.43
N PRO G 60 23.72 -15.60 -42.50
CA PRO G 60 23.56 -14.44 -43.38
C PRO G 60 22.18 -14.47 -44.05
N GLN G 61 21.60 -13.28 -44.21
CA GLN G 61 20.24 -13.13 -44.70
C GLN G 61 20.06 -13.71 -46.11
N VAL G 62 18.99 -14.47 -46.30
CA VAL G 62 18.61 -14.96 -47.62
C VAL G 62 17.21 -14.44 -47.93
N ALA G 63 17.06 -13.73 -49.07
CA ALA G 63 15.75 -13.20 -49.48
C ALA G 63 15.15 -12.46 -48.30
N SER G 64 13.91 -12.75 -47.87
CA SER G 64 13.26 -12.18 -46.68
C SER G 64 12.97 -13.25 -45.65
N ALA G 65 13.91 -14.17 -45.47
CA ALA G 65 13.73 -15.31 -44.57
C ALA G 65 14.23 -15.05 -43.16
N CYS G 66 14.22 -13.81 -42.69
CA CYS G 66 14.79 -13.48 -41.37
C CYS G 66 14.11 -14.21 -40.23
N ALA G 67 12.82 -14.57 -40.38
CA ALA G 67 12.16 -15.36 -39.34
C ALA G 67 12.88 -16.69 -39.14
N ILE G 68 13.27 -17.34 -40.22
CA ILE G 68 13.97 -18.61 -40.11
C ILE G 68 15.37 -18.41 -39.57
N HIS G 69 16.07 -17.38 -40.06
CA HIS G 69 17.40 -17.09 -39.51
C HIS G 69 17.34 -16.82 -38.01
N SER G 70 16.33 -16.06 -37.57
CA SER G 70 16.23 -15.75 -36.15
C SER G 70 15.87 -16.99 -35.31
N ILE G 71 14.94 -17.81 -35.79
CA ILE G 71 14.63 -19.03 -35.07
C ILE G 71 15.88 -19.87 -34.91
N ASN G 72 16.68 -19.99 -35.98
CA ASN G 72 17.88 -20.81 -35.91
C ASN G 72 18.87 -20.26 -34.89
N ALA G 73 19.01 -18.93 -34.84
CA ALA G 73 19.88 -18.32 -33.82
C ALA G 73 19.29 -18.48 -32.43
N PHE G 74 17.96 -18.39 -32.32
CA PHE G 74 17.27 -18.61 -31.04
C PHE G 74 17.57 -20.00 -30.49
N VAL G 75 17.42 -21.04 -31.32
CA VAL G 75 17.64 -22.41 -30.84
C VAL G 75 19.13 -22.76 -30.83
N GLY G 76 19.93 -22.10 -31.69
CA GLY G 76 21.36 -22.27 -31.66
C GLY G 76 21.99 -23.18 -32.70
N GLY G 77 21.44 -23.23 -33.90
CA GLY G 77 22.01 -24.06 -34.93
C GLY G 77 21.17 -24.02 -36.18
N PRO G 78 21.65 -24.62 -37.26
CA PRO G 78 20.90 -24.62 -38.54
C PRO G 78 19.73 -25.60 -38.52
N ALA G 79 18.81 -25.38 -37.59
CA ALA G 79 17.71 -26.32 -37.39
C ALA G 79 16.78 -26.38 -38.59
N PHE G 80 16.35 -25.22 -39.08
CA PHE G 80 15.38 -25.16 -40.16
C PHE G 80 15.99 -24.49 -41.38
N ASP G 81 15.78 -25.08 -42.54
CA ASP G 81 16.07 -24.41 -43.80
C ASP G 81 14.78 -23.87 -44.37
N ILE G 82 14.94 -23.07 -45.41
CA ILE G 82 13.79 -22.43 -46.03
C ILE G 82 12.77 -23.44 -46.55
N PRO G 83 13.17 -24.52 -47.25
CA PRO G 83 12.15 -25.49 -47.71
C PRO G 83 11.34 -26.12 -46.60
N THR G 84 11.99 -26.52 -45.49
CA THR G 84 11.28 -27.16 -44.39
C THR G 84 10.29 -26.19 -43.73
N PHE G 85 10.73 -24.96 -43.46
CA PHE G 85 9.85 -23.99 -42.81
C PHE G 85 8.69 -23.60 -43.71
N THR G 86 8.97 -23.39 -45.00
CA THR G 86 7.92 -22.99 -45.94
C THR G 86 6.86 -24.08 -46.12
N THR G 87 7.30 -25.33 -46.17
CA THR G 87 6.40 -26.46 -46.33
C THR G 87 5.47 -26.58 -45.11
N TRP G 88 6.05 -26.45 -43.90
CA TRP G 88 5.26 -26.47 -42.68
C TRP G 88 4.28 -25.30 -42.64
N SER G 89 4.75 -24.12 -43.05
CA SER G 89 3.89 -22.93 -43.02
C SER G 89 2.69 -23.08 -43.95
N THR G 90 2.90 -23.60 -45.16
CA THR G 90 1.80 -23.77 -46.11
C THR G 90 0.78 -24.79 -45.59
N ALA G 91 1.25 -25.91 -45.08
CA ALA G 91 0.33 -26.90 -44.53
C ALA G 91 -0.42 -26.33 -43.31
N SER G 92 0.27 -25.53 -42.49
CA SER G 92 -0.37 -24.89 -41.35
C SER G 92 -1.47 -23.92 -41.78
N THR G 93 -1.26 -23.22 -42.90
CA THR G 93 -2.30 -22.33 -43.43
C THR G 93 -3.55 -23.10 -43.83
N ALA G 94 -3.35 -24.24 -44.51
CA ALA G 94 -4.47 -25.08 -44.88
C ALA G 94 -5.23 -25.56 -43.64
N ALA G 95 -4.50 -25.88 -42.56
CA ALA G 95 -5.20 -26.34 -41.35
C ALA G 95 -5.93 -25.19 -40.66
N PHE G 96 -5.38 -23.98 -40.77
CA PHE G 96 -5.89 -22.79 -40.10
C PHE G 96 -7.18 -22.32 -40.74
N ILE G 97 -7.21 -22.23 -42.07
CA ILE G 97 -8.31 -21.53 -42.73
C ILE G 97 -8.79 -22.29 -43.98
N GLY G 98 -8.12 -23.39 -44.33
CA GLY G 98 -8.70 -24.28 -45.34
C GLY G 98 -8.93 -23.59 -46.68
N ASP G 99 -10.14 -23.72 -47.22
CA ASP G 99 -10.42 -23.24 -48.56
C ASP G 99 -10.42 -21.73 -48.68
N ASP G 100 -10.41 -21.01 -47.56
CA ASP G 100 -10.34 -19.57 -47.62
C ASP G 100 -8.93 -19.03 -47.53
N ALA G 101 -7.93 -19.86 -47.86
CA ALA G 101 -6.54 -19.42 -47.78
C ALA G 101 -6.26 -18.22 -48.67
N ASP G 102 -7.04 -18.03 -49.74
CA ASP G 102 -6.85 -16.89 -50.62
C ASP G 102 -7.16 -15.56 -49.93
N ALA G 103 -7.65 -15.56 -48.69
CA ALA G 103 -7.88 -14.31 -47.98
C ALA G 103 -6.65 -13.77 -47.27
N LEU G 104 -5.57 -14.55 -47.18
CA LEU G 104 -4.39 -14.13 -46.44
C LEU G 104 -3.35 -13.51 -47.37
N ALA G 105 -2.62 -12.54 -46.85
CA ALA G 105 -1.47 -12.02 -47.57
C ALA G 105 -0.39 -13.10 -47.63
N PRO G 106 0.30 -13.23 -48.76
CA PRO G 106 1.24 -14.35 -48.95
C PRO G 106 2.37 -14.30 -47.93
N GLU G 107 2.67 -15.44 -47.34
CA GLU G 107 3.81 -15.57 -46.43
C GLU G 107 4.79 -16.57 -47.02
N SER G 108 6.04 -16.15 -47.19
CA SER G 108 7.04 -16.97 -47.86
C SER G 108 8.41 -16.37 -47.55
N ALA G 109 9.45 -17.03 -48.07
CA ALA G 109 10.79 -16.48 -47.96
C ALA G 109 10.90 -15.17 -48.73
N ALA G 110 10.03 -14.95 -49.73
CA ALA G 110 10.10 -13.71 -50.49
C ALA G 110 9.33 -12.56 -49.83
N SER G 111 8.45 -12.85 -48.89
CA SER G 111 7.59 -11.83 -48.31
C SER G 111 7.60 -11.76 -46.80
N GLY G 112 8.16 -12.76 -46.11
CA GLY G 112 8.25 -12.74 -44.66
C GLY G 112 7.12 -13.52 -44.01
N PHE G 113 7.18 -13.61 -42.68
CA PHE G 113 6.28 -14.46 -41.92
C PHE G 113 5.74 -13.73 -40.69
N SER G 114 4.52 -14.08 -40.29
CA SER G 114 3.90 -13.48 -39.11
C SER G 114 4.56 -13.97 -37.84
N PRO G 115 4.71 -13.10 -36.83
CA PRO G 115 5.23 -13.55 -35.52
C PRO G 115 4.44 -14.68 -34.90
N HIS G 116 3.15 -14.81 -35.23
CA HIS G 116 2.37 -15.92 -34.68
C HIS G 116 2.92 -17.24 -35.17
N ARG G 117 3.39 -17.29 -36.43
CA ARG G 117 3.98 -18.54 -36.92
C ARG G 117 5.29 -18.86 -36.22
N VAL G 118 6.10 -17.84 -35.91
CA VAL G 118 7.34 -18.07 -35.17
C VAL G 118 7.03 -18.63 -33.79
N GLU G 119 6.06 -18.03 -33.09
CA GLU G 119 5.68 -18.54 -31.78
C GLU G 119 5.27 -20.00 -31.86
N ARG G 120 4.43 -20.35 -32.84
CA ARG G 120 3.97 -21.73 -32.92
C ARG G 120 5.11 -22.68 -33.22
N ALA G 121 5.98 -22.32 -34.16
CA ALA G 121 7.08 -23.21 -34.51
C ALA G 121 7.96 -23.49 -33.30
N LEU G 122 8.29 -22.45 -32.52
CA LEU G 122 9.13 -22.66 -31.34
C LEU G 122 8.41 -23.50 -30.30
N ASN G 123 7.11 -23.26 -30.08
CA ASN G 123 6.39 -24.07 -29.11
C ASN G 123 6.29 -25.52 -29.53
N LEU G 124 6.31 -25.80 -30.83
CA LEU G 124 6.33 -27.19 -31.26
C LEU G 124 7.62 -27.92 -30.88
N LEU G 125 8.64 -27.21 -30.43
CA LEU G 125 9.89 -27.83 -29.98
C LEU G 125 9.89 -28.13 -28.49
N ASP G 126 8.87 -27.69 -27.75
CA ASP G 126 8.75 -28.00 -26.32
C ASP G 126 8.62 -29.49 -26.12
N GLY G 127 9.38 -30.02 -25.16
CA GLY G 127 9.36 -31.44 -24.91
C GLY G 127 10.36 -32.25 -25.72
N THR G 128 11.08 -31.64 -26.68
CA THR G 128 12.09 -32.36 -27.43
C THR G 128 13.34 -32.58 -26.57
N PRO G 129 14.20 -33.54 -26.93
CA PRO G 129 15.38 -33.76 -26.10
C PRO G 129 16.27 -32.54 -25.98
N ALA G 130 16.24 -31.62 -26.96
CA ALA G 130 17.11 -30.46 -26.92
C ALA G 130 16.62 -29.40 -25.95
N THR G 131 15.33 -29.31 -25.71
CA THR G 131 14.83 -28.28 -24.81
C THR G 131 14.69 -28.78 -23.37
N GLN G 132 15.19 -29.98 -23.05
CA GLN G 132 15.03 -30.50 -21.71
C GLN G 132 15.78 -29.63 -20.70
N GLY G 133 15.09 -29.29 -19.61
CA GLY G 133 15.63 -28.42 -18.59
C GLY G 133 15.59 -26.94 -18.94
N LYS G 134 15.02 -26.58 -20.09
CA LYS G 134 14.97 -25.19 -20.49
C LYS G 134 13.54 -24.68 -20.41
N ASP G 135 13.41 -23.41 -20.05
CA ASP G 135 12.12 -22.73 -20.12
C ASP G 135 11.73 -22.59 -21.58
N TRP G 136 10.60 -23.17 -21.95
CA TRP G 136 10.21 -23.16 -23.35
C TRP G 136 8.70 -22.94 -23.51
N ASN G 137 8.07 -22.23 -22.57
CA ASN G 137 6.70 -21.79 -22.74
C ASN G 137 6.74 -20.49 -23.54
N ILE G 138 6.72 -20.60 -24.87
CA ILE G 138 6.98 -19.44 -25.72
C ILE G 138 5.68 -18.67 -25.92
N GLY G 139 5.73 -17.36 -25.73
CA GLY G 139 4.60 -16.48 -26.00
C GLY G 139 5.05 -15.20 -26.68
N VAL G 140 4.07 -14.36 -27.00
CA VAL G 140 4.29 -13.16 -27.82
C VAL G 140 3.61 -11.97 -27.14
N SER G 141 4.29 -10.83 -27.16
CA SER G 141 3.74 -9.54 -26.76
C SER G 141 3.94 -8.55 -27.89
N ILE G 142 2.90 -7.80 -28.23
CA ILE G 142 2.94 -6.88 -29.36
C ILE G 142 2.54 -5.50 -28.85
N LEU G 143 3.32 -4.50 -29.24
CA LEU G 143 3.08 -3.12 -28.85
C LEU G 143 2.89 -2.31 -30.12
N SER G 144 1.87 -1.45 -30.14
CA SER G 144 1.57 -0.54 -31.24
C SER G 144 1.56 0.88 -30.69
N PRO G 145 1.59 1.92 -31.54
CA PRO G 145 1.51 3.29 -31.03
C PRO G 145 0.17 3.58 -30.37
N ARG G 146 0.19 4.49 -29.41
CA ARG G 146 -1.04 4.95 -28.80
C ARG G 146 -1.85 5.77 -29.80
N SER G 147 -3.11 6.03 -29.44
CA SER G 147 -4.00 6.79 -30.30
C SER G 147 -3.36 8.11 -30.69
N GLY G 148 -3.48 8.45 -31.98
CA GLY G 148 -2.98 9.71 -32.51
C GLY G 148 -1.49 9.75 -32.78
N ALA G 149 -0.72 8.80 -32.25
CA ALA G 149 0.72 8.78 -32.38
C ALA G 149 1.11 8.05 -33.65
N ALA G 150 2.16 8.54 -34.32
CA ALA G 150 2.69 7.86 -35.49
C ALA G 150 3.66 6.74 -35.14
N MET G 151 4.15 6.69 -33.91
CA MET G 151 5.19 5.73 -33.56
C MET G 151 5.12 5.44 -32.07
N ILE G 152 5.84 4.41 -31.68
CA ILE G 152 6.04 4.09 -30.28
C ILE G 152 7.17 4.96 -29.75
N THR G 153 6.95 5.64 -28.64
CA THR G 153 7.96 6.57 -28.14
C THR G 153 8.96 5.98 -27.16
N GLN G 154 8.64 4.87 -26.51
CA GLN G 154 9.55 4.18 -25.59
C GLN G 154 9.00 2.78 -25.40
N VAL G 155 9.87 1.80 -25.29
CA VAL G 155 9.47 0.41 -25.01
C VAL G 155 10.05 0.01 -23.67
N THR G 156 9.25 -0.58 -22.81
CA THR G 156 9.72 -1.06 -21.51
C THR G 156 9.69 -2.58 -21.54
N LEU G 157 10.87 -3.21 -21.47
CA LEU G 157 10.89 -4.66 -21.43
C LEU G 157 10.42 -5.15 -20.07
N PRO G 158 9.82 -6.33 -20.00
CA PRO G 158 9.49 -6.90 -18.69
C PRO G 158 10.77 -7.34 -18.00
N ALA G 159 10.63 -7.67 -16.72
CA ALA G 159 11.71 -8.32 -16.02
C ALA G 159 12.03 -9.64 -16.72
N LEU G 160 13.30 -9.85 -17.07
CA LEU G 160 13.66 -11.01 -17.85
C LEU G 160 14.03 -12.22 -17.02
N GLY G 161 14.33 -12.02 -15.73
CA GLY G 161 14.72 -13.17 -14.92
C GLY G 161 15.96 -13.84 -15.47
N ASP G 162 15.87 -15.16 -15.65
CA ASP G 162 16.97 -15.94 -16.18
C ASP G 162 16.84 -16.23 -17.66
N THR G 163 15.90 -15.60 -18.34
CA THR G 163 15.69 -15.81 -19.77
C THR G 163 16.94 -15.45 -20.56
N ASP G 164 17.36 -16.35 -21.48
CA ASP G 164 18.60 -16.17 -22.20
C ASP G 164 18.43 -16.21 -23.72
N ARG G 165 17.20 -16.11 -24.22
CA ARG G 165 16.96 -16.11 -25.66
C ARG G 165 15.64 -15.39 -25.94
N LEU G 166 15.64 -14.56 -26.98
CA LEU G 166 14.47 -13.78 -27.35
C LEU G 166 14.50 -13.57 -28.86
N ILE G 167 13.33 -13.31 -29.44
CA ILE G 167 13.21 -12.86 -30.83
C ILE G 167 12.38 -11.59 -30.83
N PHE G 168 12.81 -10.61 -31.62
CA PHE G 168 12.06 -9.41 -31.90
C PHE G 168 11.65 -9.37 -33.36
N ASP G 169 10.43 -8.91 -33.62
CA ASP G 169 10.01 -8.44 -34.92
C ASP G 169 9.79 -6.95 -34.73
N VAL G 170 10.53 -6.12 -35.44
CA VAL G 170 10.40 -4.67 -35.31
C VAL G 170 10.05 -4.12 -36.67
N LYS G 171 9.14 -3.15 -36.70
CA LYS G 171 8.87 -2.39 -37.92
C LYS G 171 9.34 -0.96 -37.69
N VAL G 172 10.30 -0.51 -38.52
CA VAL G 172 11.05 0.72 -38.23
C VAL G 172 11.08 1.63 -39.46
N GLY G 173 10.70 2.90 -39.25
CA GLY G 173 10.95 3.96 -40.19
C GLY G 173 11.94 4.94 -39.56
N SER G 174 12.28 5.98 -40.32
CA SER G 174 13.21 6.99 -39.83
C SER G 174 13.13 8.22 -40.71
N ASP G 175 13.68 9.33 -40.21
CA ASP G 175 13.77 10.53 -41.05
C ASP G 175 14.59 10.23 -42.30
N ALA G 176 15.68 9.47 -42.16
CA ALA G 176 16.51 9.13 -43.31
C ALA G 176 15.74 8.31 -44.33
N ARG G 177 14.93 7.34 -43.87
CA ARG G 177 14.15 6.55 -44.83
C ARG G 177 13.10 7.39 -45.54
N THR G 178 12.39 8.27 -44.80
CA THR G 178 11.42 9.13 -45.47
C THR G 178 12.08 10.04 -46.47
N ALA G 179 13.24 10.59 -46.13
CA ALA G 179 13.94 11.45 -47.07
C ALA G 179 14.33 10.70 -48.33
N ALA G 180 14.63 9.42 -48.19
CA ALA G 180 15.00 8.61 -49.35
C ALA G 180 13.79 8.02 -50.05
N GLY G 181 12.58 8.22 -49.51
CA GLY G 181 11.38 7.62 -50.06
C GLY G 181 11.29 6.12 -49.90
N ALA G 182 11.98 5.56 -48.92
CA ALA G 182 12.02 4.12 -48.70
C ALA G 182 10.93 3.67 -47.73
N ASP G 183 10.46 2.44 -47.92
CA ASP G 183 9.44 1.92 -47.03
C ASP G 183 10.06 1.56 -45.69
N ASP G 184 9.20 1.41 -44.68
CA ASP G 184 9.64 0.91 -43.39
C ASP G 184 10.21 -0.50 -43.55
N ILE G 185 11.15 -0.85 -42.68
CA ILE G 185 11.71 -2.20 -42.65
C ILE G 185 11.00 -3.00 -41.56
N ASP G 186 10.60 -4.22 -41.89
CA ASP G 186 9.90 -5.15 -41.00
C ASP G 186 10.83 -6.35 -40.88
N HIS G 187 11.38 -6.59 -39.68
CA HIS G 187 12.56 -7.45 -39.59
C HIS G 187 12.58 -8.22 -38.28
N PHE G 188 12.93 -9.50 -38.36
CA PHE G 188 13.17 -10.35 -37.20
C PHE G 188 14.66 -10.34 -36.84
N VAL G 189 14.97 -10.28 -35.54
CA VAL G 189 16.32 -10.52 -35.04
C VAL G 189 16.21 -11.42 -33.82
N ALA G 190 17.35 -11.97 -33.38
CA ALA G 190 17.41 -12.77 -32.16
C ALA G 190 18.38 -12.15 -31.16
N PHE G 191 18.16 -12.45 -29.87
CA PHE G 191 19.06 -12.11 -28.78
C PHE G 191 19.41 -13.37 -28.00
N ARG G 192 20.68 -13.46 -27.58
CA ARG G 192 21.17 -14.59 -26.79
C ARG G 192 22.17 -14.10 -25.75
N LYS G 193 22.16 -14.77 -24.58
CA LYS G 193 23.16 -14.58 -23.55
C LYS G 193 24.32 -15.54 -23.79
N ASP G 194 25.55 -15.03 -23.64
CA ASP G 194 26.74 -15.87 -23.81
C ASP G 194 27.05 -16.57 -22.49
N ASP G 195 28.19 -17.29 -22.44
CA ASP G 195 28.56 -18.04 -21.25
C ASP G 195 28.90 -17.19 -20.05
N GLN G 196 29.09 -15.88 -20.22
CA GLN G 196 29.34 -14.98 -19.10
C GLN G 196 28.10 -14.24 -18.67
N GLY G 197 26.97 -14.47 -19.32
CA GLY G 197 25.72 -13.79 -19.02
C GLY G 197 25.49 -12.50 -19.79
N ALA G 198 26.34 -12.16 -20.75
CA ALA G 198 26.17 -10.93 -21.52
C ALA G 198 25.28 -11.15 -22.75
N TRP G 199 24.39 -10.19 -23.00
CA TRP G 199 23.47 -10.25 -24.12
C TRP G 199 24.12 -9.88 -25.43
N TRP G 200 23.72 -10.57 -26.50
CA TRP G 200 24.20 -10.30 -27.84
C TRP G 200 23.03 -10.25 -28.81
N LEU G 201 22.99 -9.21 -29.64
CA LEU G 201 22.10 -9.15 -30.79
C LEU G 201 22.69 -10.02 -31.91
N LEU G 202 21.89 -10.89 -32.49
CA LEU G 202 22.31 -11.74 -33.60
C LEU G 202 21.39 -11.43 -34.77
N ASP G 203 21.91 -10.73 -35.78
CA ASP G 203 21.08 -10.25 -36.88
C ASP G 203 21.60 -10.84 -38.18
N SER G 204 20.68 -11.34 -39.02
CA SER G 204 21.08 -11.87 -40.32
C SER G 204 21.51 -10.79 -41.29
N ARG G 205 21.12 -9.54 -41.07
CA ARG G 205 21.65 -8.47 -41.92
C ARG G 205 22.97 -7.97 -41.34
N SER G 206 23.73 -7.25 -42.18
CA SER G 206 24.99 -6.70 -41.69
C SER G 206 24.87 -5.25 -41.23
N SER G 207 23.72 -4.61 -41.39
CA SER G 207 23.50 -3.25 -40.90
C SER G 207 22.29 -3.22 -39.96
N GLU G 208 22.32 -2.29 -39.00
CA GLU G 208 21.24 -2.17 -38.02
C GLU G 208 19.91 -1.84 -38.71
N VAL G 209 18.81 -2.34 -38.14
CA VAL G 209 17.49 -2.03 -38.69
C VAL G 209 17.30 -0.54 -38.79
N HIS G 210 17.90 0.23 -37.90
CA HIS G 210 17.71 1.67 -37.89
C HIS G 210 18.86 2.42 -38.52
N ALA G 211 19.76 1.74 -39.23
CA ALA G 211 20.79 2.45 -39.96
C ALA G 211 20.20 3.14 -41.19
N PRO G 212 20.89 4.14 -41.73
CA PRO G 212 20.40 4.78 -42.95
C PRO G 212 20.22 3.76 -44.05
N PRO G 213 19.21 3.96 -44.90
CA PRO G 213 18.82 2.91 -45.87
C PRO G 213 19.82 2.64 -46.98
N GLY G 214 20.71 3.57 -47.29
CA GLY G 214 21.62 3.27 -48.37
C GLY G 214 22.88 2.53 -48.01
N GLN G 215 23.04 2.12 -46.75
CA GLN G 215 24.24 1.42 -46.33
CA GLN G 215 24.24 1.41 -46.31
C GLN G 215 24.12 -0.07 -46.64
N GLU G 216 25.26 -0.70 -46.93
CA GLU G 216 25.34 -2.12 -47.19
C GLU G 216 24.63 -2.93 -46.10
N SER G 217 24.04 -4.06 -46.51
CA SER G 217 23.32 -4.89 -45.55
C SER G 217 23.47 -6.39 -45.81
N SER G 218 24.22 -6.80 -46.83
CA SER G 218 24.46 -8.19 -47.21
C SER G 218 25.74 -8.80 -46.65
N GLY G 219 26.62 -8.04 -46.01
CA GLY G 219 27.91 -8.56 -45.57
C GLY G 219 27.88 -9.54 -44.42
N SER G 220 28.84 -9.46 -43.50
CA SER G 220 28.82 -10.42 -42.40
C SER G 220 27.67 -10.14 -41.43
N PRO G 221 26.95 -11.18 -41.00
CA PRO G 221 25.81 -10.95 -40.10
C PRO G 221 26.25 -10.23 -38.84
N LEU G 222 25.33 -9.45 -38.30
CA LEU G 222 25.63 -8.59 -37.17
C LEU G 222 25.63 -9.43 -35.88
N ARG G 223 26.68 -9.28 -35.08
CA ARG G 223 26.80 -9.93 -33.77
C ARG G 223 27.23 -8.81 -32.82
N ARG G 224 26.31 -8.24 -32.06
CA ARG G 224 26.65 -7.04 -31.30
C ARG G 224 26.31 -7.20 -29.83
N GLN G 225 27.26 -6.90 -28.97
CA GLN G 225 27.00 -7.04 -27.54
C GLN G 225 26.21 -5.82 -27.06
N ILE G 226 24.92 -6.02 -26.80
CA ILE G 226 24.04 -4.96 -26.32
C ILE G 226 22.83 -5.60 -25.64
N GLU G 227 22.39 -5.00 -24.54
CA GLU G 227 21.15 -5.43 -23.89
C GLU G 227 19.96 -5.20 -24.81
N PRO G 228 18.96 -6.08 -24.80
CA PRO G 228 17.77 -5.79 -25.61
C PRO G 228 17.09 -4.48 -25.22
N GLN G 229 17.08 -4.09 -23.94
CA GLN G 229 16.48 -2.81 -23.58
C GLN G 229 17.25 -1.63 -24.20
N ALA G 230 18.57 -1.68 -24.18
CA ALA G 230 19.36 -0.60 -24.77
C ALA G 230 19.22 -0.55 -26.28
N TRP G 231 19.11 -1.70 -26.94
CA TRP G 231 18.92 -1.73 -28.39
C TRP G 231 17.57 -1.12 -28.78
N LEU G 232 16.51 -1.47 -28.06
CA LEU G 232 15.21 -0.86 -28.32
C LEU G 232 15.27 0.66 -28.09
N ASN G 233 15.92 1.09 -26.99
CA ASN G 233 16.04 2.53 -26.73
C ASN G 233 16.82 3.22 -27.83
N GLU G 234 17.83 2.54 -28.39
CA GLU G 234 18.56 3.12 -29.51
C GLU G 234 17.65 3.32 -30.72
N ILE G 235 16.73 2.37 -30.95
CA ILE G 235 15.80 2.50 -32.07
C ILE G 235 14.83 3.65 -31.85
N THR G 236 14.18 3.71 -30.66
CA THR G 236 13.16 4.73 -30.43
C THR G 236 13.75 6.13 -30.32
N THR G 237 15.02 6.27 -29.97
CA THR G 237 15.61 7.59 -29.87
C THR G 237 16.15 8.09 -31.21
N THR G 238 16.61 7.20 -32.10
CA THR G 238 17.20 7.60 -33.38
C THR G 238 16.31 7.33 -34.60
N ALA G 239 15.24 6.53 -34.47
CA ALA G 239 14.39 6.21 -35.61
C ALA G 239 12.93 6.22 -35.16
N HIS G 240 12.04 5.65 -35.99
CA HIS G 240 10.60 5.61 -35.73
C HIS G 240 10.15 4.15 -35.64
N LEU G 241 9.99 3.67 -34.41
CA LEU G 241 9.51 2.30 -34.18
C LEU G 241 8.00 2.29 -34.35
N LYS G 242 7.53 1.62 -35.40
CA LYS G 242 6.11 1.57 -35.71
C LYS G 242 5.38 0.49 -34.93
N THR G 243 6.03 -0.66 -34.73
CA THR G 243 5.44 -1.80 -34.08
C THR G 243 6.59 -2.64 -33.54
N VAL G 244 6.37 -3.33 -32.44
CA VAL G 244 7.35 -4.32 -32.00
C VAL G 244 6.62 -5.52 -31.40
N ALA G 245 7.08 -6.71 -31.76
CA ALA G 245 6.63 -7.94 -31.14
C ALA G 245 7.82 -8.59 -30.45
N LEU G 246 7.61 -9.00 -29.21
CA LEU G 246 8.62 -9.73 -28.45
C LEU G 246 8.14 -11.17 -28.33
N ILE G 247 9.00 -12.11 -28.70
CA ILE G 247 8.71 -13.54 -28.63
C ILE G 247 9.78 -14.21 -27.77
N GLY G 248 9.36 -15.01 -26.80
CA GLY G 248 10.34 -15.72 -26.00
C GLY G 248 9.77 -16.51 -24.84
N PRO G 249 10.64 -17.20 -24.10
CA PRO G 249 10.16 -17.97 -22.95
C PRO G 249 9.59 -17.04 -21.89
N GLY G 250 8.46 -17.42 -21.31
CA GLY G 250 7.85 -16.63 -20.27
C GLY G 250 7.17 -15.35 -20.72
N ILE G 251 7.17 -15.04 -22.00
CA ILE G 251 6.53 -13.82 -22.50
C ILE G 251 5.04 -14.09 -22.65
N THR G 252 4.21 -13.12 -22.23
CA THR G 252 2.77 -13.20 -22.48
C THR G 252 2.32 -11.90 -23.10
N GLY G 253 1.02 -11.81 -23.40
CA GLY G 253 0.53 -10.67 -24.17
C GLY G 253 0.83 -9.33 -23.52
N GLN G 254 0.81 -9.27 -22.19
CA GLN G 254 1.02 -7.99 -21.51
C GLN G 254 2.48 -7.74 -21.14
N SER G 255 3.42 -8.54 -21.65
CA SER G 255 4.83 -8.38 -21.26
C SER G 255 5.37 -7.00 -21.63
N LEU G 256 5.14 -6.55 -22.86
CA LEU G 256 5.64 -5.25 -23.30
C LEU G 256 4.70 -4.13 -22.86
N THR G 257 5.27 -3.03 -22.36
CA THR G 257 4.54 -1.80 -22.09
C THR G 257 5.34 -0.63 -22.66
N ASP G 258 4.75 0.56 -22.65
CA ASP G 258 5.45 1.77 -23.09
C ASP G 258 5.49 2.83 -22.00
N VAL G 259 5.19 2.44 -20.77
CA VAL G 259 5.30 3.27 -19.56
C VAL G 259 6.23 2.55 -18.60
N PRO G 260 6.89 3.23 -17.67
CA PRO G 260 7.74 2.52 -16.70
C PRO G 260 6.91 1.52 -15.91
N ARG G 261 7.60 0.52 -15.34
CA ARG G 261 6.91 -0.56 -14.62
C ARG G 261 7.21 -0.51 -13.11
N MET H 1 -23.70 -13.93 -26.46
CA MET H 1 -23.43 -15.18 -27.15
C MET H 1 -21.91 -15.40 -27.25
N GLN H 2 -21.48 -16.65 -27.41
CA GLN H 2 -20.07 -16.97 -27.49
C GLN H 2 -19.64 -17.13 -28.95
N ILE H 3 -18.48 -16.57 -29.29
CA ILE H 3 -17.85 -16.84 -30.57
C ILE H 3 -16.41 -17.24 -30.32
N PHE H 4 -15.78 -17.84 -31.33
CA PHE H 4 -14.41 -18.30 -31.23
C PHE H 4 -13.54 -17.55 -32.23
N VAL H 5 -12.28 -17.31 -31.86
CA VAL H 5 -11.32 -16.59 -32.70
C VAL H 5 -10.05 -17.44 -32.75
N LYS H 6 -9.74 -18.00 -33.94
CA LYS H 6 -8.54 -18.80 -34.19
C LYS H 6 -7.37 -17.90 -34.61
N THR H 7 -6.16 -18.26 -34.19
CA THR H 7 -4.93 -17.58 -34.66
C THR H 7 -3.92 -18.59 -35.18
N LEU H 8 -2.92 -18.09 -35.89
CA LEU H 8 -1.86 -18.98 -36.38
C LEU H 8 -0.95 -19.48 -35.28
N THR H 9 -1.16 -19.07 -34.03
CA THR H 9 -0.48 -19.78 -32.96
C THR H 9 -1.10 -21.16 -32.68
N GLY H 10 -2.22 -21.49 -33.30
CA GLY H 10 -2.94 -22.70 -32.95
C GLY H 10 -3.90 -22.53 -31.79
N LYS H 11 -3.91 -21.36 -31.16
CA LYS H 11 -4.77 -21.04 -30.04
C LYS H 11 -6.11 -20.51 -30.52
N THR H 12 -7.16 -20.88 -29.79
CA THR H 12 -8.51 -20.37 -30.02
C THR H 12 -8.96 -19.51 -28.83
N ILE H 13 -9.43 -18.31 -29.12
CA ILE H 13 -9.93 -17.35 -28.13
C ILE H 13 -11.45 -17.50 -28.08
N THR H 14 -12.04 -17.48 -26.89
CA THR H 14 -13.49 -17.44 -26.74
C THR H 14 -13.93 -16.04 -26.30
N LEU H 15 -14.87 -15.44 -27.03
CA LEU H 15 -15.34 -14.10 -26.69
C LEU H 15 -16.83 -14.13 -26.37
N GLU H 16 -17.22 -13.27 -25.43
CA GLU H 16 -18.63 -13.03 -25.13
C GLU H 16 -19.05 -11.73 -25.81
N VAL H 17 -19.94 -11.83 -26.79
CA VAL H 17 -20.33 -10.71 -27.64
C VAL H 17 -21.85 -10.68 -27.79
N GLU H 18 -22.32 -9.63 -28.45
CA GLU H 18 -23.71 -9.47 -28.85
C GLU H 18 -23.76 -9.22 -30.36
N PRO H 19 -24.83 -9.64 -31.04
CA PRO H 19 -24.88 -9.47 -32.50
C PRO H 19 -24.69 -8.03 -32.93
N SER H 20 -25.06 -7.06 -32.09
CA SER H 20 -24.95 -5.65 -32.42
C SER H 20 -23.58 -5.04 -32.15
N ASP H 21 -22.62 -5.81 -31.59
CA ASP H 21 -21.29 -5.28 -31.34
C ASP H 21 -20.57 -4.97 -32.65
N THR H 22 -19.91 -3.82 -32.71
CA THR H 22 -19.13 -3.50 -33.91
C THR H 22 -17.82 -4.31 -33.95
N ILE H 23 -17.27 -4.44 -35.16
CA ILE H 23 -15.98 -5.11 -35.31
C ILE H 23 -14.91 -4.40 -34.49
N GLU H 24 -14.97 -3.06 -34.42
CA GLU H 24 -14.06 -2.31 -33.55
C GLU H 24 -14.16 -2.77 -32.09
N ASN H 25 -15.40 -3.00 -31.64
CA ASN H 25 -15.60 -3.45 -30.26
C ASN H 25 -15.07 -4.86 -30.04
N VAL H 26 -15.21 -5.74 -31.04
CA VAL H 26 -14.65 -7.09 -30.91
C VAL H 26 -13.12 -7.05 -30.83
N LYS H 27 -12.45 -6.22 -31.65
CA LYS H 27 -10.99 -6.13 -31.56
C LYS H 27 -10.53 -5.61 -30.21
N ALA H 28 -11.29 -4.68 -29.63
CA ALA H 28 -11.00 -4.22 -28.27
C ALA H 28 -11.16 -5.35 -27.27
N LYS H 29 -12.18 -6.20 -27.43
CA LYS H 29 -12.32 -7.34 -26.53
C LYS H 29 -11.14 -8.30 -26.70
N ILE H 30 -10.71 -8.52 -27.94
CA ILE H 30 -9.53 -9.36 -28.17
C ILE H 30 -8.30 -8.74 -27.56
N GLN H 31 -8.19 -7.41 -27.63
CA GLN H 31 -7.08 -6.74 -26.97
C GLN H 31 -7.12 -6.97 -25.46
N ASP H 32 -8.31 -6.91 -24.86
CA ASP H 32 -8.41 -7.09 -23.41
C ASP H 32 -8.01 -8.50 -22.97
N LYS H 33 -8.32 -9.50 -23.79
CA LYS H 33 -8.04 -10.89 -23.45
C LYS H 33 -6.61 -11.28 -23.78
N GLU H 34 -6.12 -10.92 -24.98
CA GLU H 34 -4.84 -11.40 -25.49
C GLU H 34 -3.76 -10.33 -25.64
N GLY H 35 -4.10 -9.05 -25.51
CA GLY H 35 -3.10 -8.00 -25.59
C GLY H 35 -2.68 -7.58 -26.99
N ILE H 36 -3.31 -8.12 -28.03
CA ILE H 36 -2.99 -7.74 -29.39
C ILE H 36 -3.61 -6.38 -29.67
N PRO H 37 -2.84 -5.36 -30.04
CA PRO H 37 -3.43 -4.05 -30.34
C PRO H 37 -4.39 -4.16 -31.51
N PRO H 38 -5.51 -3.41 -31.47
CA PRO H 38 -6.50 -3.52 -32.56
C PRO H 38 -5.93 -3.22 -33.93
N ASP H 39 -5.00 -2.26 -34.04
CA ASP H 39 -4.50 -1.91 -35.35
C ASP H 39 -3.63 -3.02 -35.96
N GLN H 40 -3.27 -4.05 -35.19
CA GLN H 40 -2.58 -5.24 -35.67
C GLN H 40 -3.53 -6.39 -36.02
N GLN H 41 -4.81 -6.28 -35.68
CA GLN H 41 -5.76 -7.36 -35.92
C GLN H 41 -6.41 -7.22 -37.27
N ARG H 42 -6.33 -8.29 -38.06
CA ARG H 42 -7.09 -8.44 -39.30
C ARG H 42 -8.03 -9.62 -39.06
N LEU H 43 -9.32 -9.35 -38.99
CA LEU H 43 -10.31 -10.37 -38.68
C LEU H 43 -10.98 -10.86 -39.95
N ILE H 44 -11.21 -12.17 -40.03
CA ILE H 44 -11.75 -12.77 -41.23
C ILE H 44 -12.87 -13.71 -40.82
N PHE H 45 -14.00 -13.64 -41.52
CA PHE H 45 -15.11 -14.57 -41.31
C PHE H 45 -15.51 -15.17 -42.66
N ALA H 46 -15.41 -16.50 -42.77
CA ALA H 46 -15.78 -17.23 -43.99
C ALA H 46 -15.10 -16.63 -45.23
N GLY H 47 -13.81 -16.34 -45.09
CA GLY H 47 -13.04 -15.83 -46.21
C GLY H 47 -13.17 -14.34 -46.45
N LYS H 48 -13.93 -13.64 -45.61
CA LYS H 48 -14.24 -12.23 -45.76
C LYS H 48 -13.57 -11.37 -44.71
N GLN H 49 -12.89 -10.30 -45.13
CA GLN H 49 -12.31 -9.40 -44.15
C GLN H 49 -13.40 -8.54 -43.51
N LEU H 50 -13.32 -8.37 -42.19
CA LEU H 50 -14.36 -7.65 -41.45
C LEU H 50 -13.95 -6.19 -41.32
N GLU H 51 -14.88 -5.28 -41.61
CA GLU H 51 -14.61 -3.86 -41.52
C GLU H 51 -15.04 -3.34 -40.14
N ASP H 52 -14.22 -2.44 -39.58
CA ASP H 52 -14.37 -2.04 -38.18
C ASP H 52 -15.75 -1.47 -37.88
N GLY H 53 -16.34 -0.72 -38.81
CA GLY H 53 -17.58 -0.01 -38.57
C GLY H 53 -18.83 -0.84 -38.62
N ARG H 54 -18.75 -2.08 -39.10
CA ARG H 54 -19.92 -2.92 -39.22
C ARG H 54 -20.14 -3.75 -37.95
N THR H 55 -21.27 -4.43 -37.88
CA THR H 55 -21.60 -5.25 -36.73
C THR H 55 -21.36 -6.72 -37.03
N LEU H 56 -21.33 -7.52 -35.96
CA LEU H 56 -21.28 -8.97 -36.11
C LEU H 56 -22.48 -9.49 -36.89
N SER H 57 -23.66 -8.90 -36.65
CA SER H 57 -24.84 -9.38 -37.35
C SER H 57 -24.77 -9.09 -38.85
N ASP H 58 -24.09 -8.01 -39.24
CA ASP H 58 -23.94 -7.70 -40.67
C ASP H 58 -23.26 -8.84 -41.41
N TYR H 59 -22.38 -9.58 -40.75
CA TYR H 59 -21.71 -10.70 -41.37
C TYR H 59 -22.39 -12.03 -41.07
N ASN H 60 -23.58 -12.01 -40.46
CA ASN H 60 -24.28 -13.23 -40.03
C ASN H 60 -23.38 -14.09 -39.14
N ILE H 61 -22.65 -13.41 -38.25
CA ILE H 61 -21.84 -14.11 -37.23
C ILE H 61 -22.78 -14.45 -36.07
N GLN H 62 -22.99 -15.75 -35.83
CA GLN H 62 -23.96 -16.29 -34.86
C GLN H 62 -23.24 -16.98 -33.71
N LYS H 63 -24.03 -17.54 -32.78
CA LYS H 63 -23.43 -18.18 -31.62
C LYS H 63 -22.57 -19.35 -32.10
N GLU H 64 -21.42 -19.52 -31.46
CA GLU H 64 -20.47 -20.58 -31.77
C GLU H 64 -19.81 -20.40 -33.15
N SER H 65 -19.95 -19.26 -33.80
CA SER H 65 -19.19 -19.02 -35.02
C SER H 65 -17.70 -18.90 -34.71
N THR H 66 -16.87 -19.18 -35.70
CA THR H 66 -15.43 -19.07 -35.55
C THR H 66 -14.90 -18.02 -36.52
N LEU H 67 -14.13 -17.06 -35.99
CA LEU H 67 -13.43 -16.07 -36.80
C LEU H 67 -11.94 -16.40 -36.85
N HIS H 68 -11.29 -15.85 -37.87
CA HIS H 68 -9.86 -16.01 -38.08
C HIS H 68 -9.18 -14.67 -37.87
N LEU H 69 -8.14 -14.67 -37.04
CA LEU H 69 -7.37 -13.48 -36.70
C LEU H 69 -5.95 -13.64 -37.21
N VAL H 70 -5.49 -12.72 -38.07
CA VAL H 70 -4.08 -12.71 -38.48
C VAL H 70 -3.53 -11.32 -38.20
N LEU H 71 -2.21 -11.27 -37.98
CA LEU H 71 -1.51 -10.01 -37.71
C LEU H 71 -1.13 -9.28 -38.99
N ARG H 72 -0.89 -7.98 -38.86
CA ARG H 72 -0.30 -7.25 -39.98
C ARG H 72 1.23 -7.31 -40.01
N LEU H 73 1.89 -7.47 -38.85
CA LEU H 73 3.34 -7.63 -38.85
C LEU H 73 3.76 -8.83 -39.68
N ARG H 74 4.83 -8.67 -40.46
CA ARG H 74 5.33 -9.76 -41.32
C ARG H 74 6.83 -9.52 -41.53
N GLY H 75 7.63 -9.92 -40.54
CA GLY H 75 9.04 -9.66 -40.53
C GLY H 75 9.72 -10.43 -41.66
N ALA I 28 -49.60 30.40 33.02
CA ALA I 28 -48.16 30.25 32.81
C ALA I 28 -47.65 28.90 33.33
N ARG I 29 -46.73 28.29 32.59
CA ARG I 29 -46.14 27.03 32.97
C ARG I 29 -45.16 27.21 34.11
N SER I 30 -45.09 26.23 35.02
CA SER I 30 -44.20 26.33 36.17
C SER I 30 -42.74 26.31 35.73
N PRO I 31 -41.83 26.96 36.46
CA PRO I 31 -40.42 26.96 36.02
C PRO I 31 -39.85 25.57 35.86
N TRP I 32 -40.22 24.63 36.73
CA TRP I 32 -39.64 23.29 36.62
C TRP I 32 -40.22 22.52 35.42
N ASP I 33 -41.50 22.72 35.12
CA ASP I 33 -42.05 22.08 33.92
C ASP I 33 -41.47 22.70 32.64
N GLN I 34 -41.26 24.02 32.64
CA GLN I 34 -40.68 24.69 31.49
C GLN I 34 -39.29 24.18 31.19
N ALA I 35 -38.50 23.90 32.23
CA ALA I 35 -37.15 23.36 32.05
C ALA I 35 -37.17 22.00 31.36
N LEU I 36 -38.11 21.15 31.73
CA LEU I 36 -38.25 19.84 31.08
C LEU I 36 -38.60 20.00 29.62
N ARG I 37 -39.57 20.86 29.32
CA ARG I 37 -39.93 21.10 27.92
C ARG I 37 -38.77 21.69 27.15
N ASP I 38 -38.01 22.59 27.78
CA ASP I 38 -36.86 23.18 27.09
C ASP I 38 -35.81 22.14 26.74
N ARG I 39 -35.54 21.21 27.64
CA ARG I 39 -34.57 20.14 27.35
C ARG I 39 -35.05 19.28 26.18
N PHE I 40 -36.34 18.96 26.14
CA PHE I 40 -36.86 18.17 25.03
C PHE I 40 -36.68 18.90 23.71
N ASP I 41 -36.93 20.20 23.70
CA ASP I 41 -36.85 20.97 22.46
C ASP I 41 -35.44 21.02 21.89
N ALA I 42 -34.44 20.84 22.72
CA ALA I 42 -33.05 20.85 22.28
C ALA I 42 -32.53 19.44 21.97
N ALA I 43 -33.35 18.41 22.13
CA ALA I 43 -32.87 17.05 21.94
C ALA I 43 -32.80 16.70 20.46
N LEU I 44 -31.89 15.77 20.14
CA LEU I 44 -31.88 15.11 18.83
C LEU I 44 -32.73 13.87 18.95
N LEU I 45 -33.69 13.68 18.04
CA LEU I 45 -34.64 12.58 18.09
C LEU I 45 -34.63 11.82 16.77
N PRO I 46 -33.54 11.09 16.47
CA PRO I 46 -33.46 10.42 15.16
C PRO I 46 -34.51 9.35 14.92
N ALA I 47 -35.09 8.79 15.98
CA ALA I 47 -36.12 7.77 15.88
C ALA I 47 -37.50 8.30 16.28
N LEU I 48 -37.76 9.59 16.04
CA LEU I 48 -39.06 10.17 16.40
C LEU I 48 -40.20 9.49 15.66
N GLY I 49 -40.03 9.25 14.36
CA GLY I 49 -41.02 8.54 13.59
C GLY I 49 -40.66 7.07 13.45
N PRO I 50 -41.50 6.31 12.76
CA PRO I 50 -41.16 4.92 12.48
C PRO I 50 -39.87 4.86 11.66
N VAL I 51 -38.95 3.98 12.08
CA VAL I 51 -37.66 3.83 11.39
C VAL I 51 -37.36 2.34 11.30
N PRO I 52 -36.40 1.89 10.49
CA PRO I 52 -35.95 0.50 10.59
C PRO I 52 -35.50 0.20 12.01
N HIS I 53 -35.64 -1.07 12.42
CA HIS I 53 -35.46 -1.40 13.83
C HIS I 53 -34.07 -1.06 14.35
N ASP I 54 -33.05 -1.17 13.49
CA ASP I 54 -31.70 -0.84 13.92
CA ASP I 54 -31.69 -0.83 13.90
C ASP I 54 -31.54 0.64 14.25
N GLN I 55 -32.44 1.50 13.80
CA GLN I 55 -32.34 2.93 14.08
C GLN I 55 -33.12 3.37 15.32
N PHE I 56 -33.85 2.47 15.98
CA PHE I 56 -34.48 2.82 17.24
C PHE I 56 -33.41 3.24 18.25
N HIS I 57 -33.76 4.22 19.08
CA HIS I 57 -32.87 4.67 20.13
C HIS I 57 -33.18 3.90 21.40
N VAL I 58 -32.26 3.03 21.85
CA VAL I 58 -32.45 2.29 23.08
CA VAL I 58 -32.44 2.24 23.07
C VAL I 58 -31.18 2.37 23.91
N GLU I 59 -31.31 2.90 25.13
CA GLU I 59 -30.18 3.17 26.02
C GLU I 59 -29.94 2.00 26.96
N PRO I 60 -28.68 1.63 27.16
CA PRO I 60 -28.36 0.62 28.17
C PRO I 60 -28.62 1.19 29.56
N GLN I 61 -29.09 0.32 30.46
CA GLN I 61 -29.64 0.79 31.71
C GLN I 61 -28.57 1.41 32.60
N VAL I 62 -28.91 2.49 33.28
CA VAL I 62 -28.02 3.12 34.26
C VAL I 62 -28.75 3.11 35.59
N ALA I 63 -28.16 2.49 36.61
CA ALA I 63 -28.77 2.40 37.94
C ALA I 63 -30.19 1.87 37.76
N SER I 64 -31.23 2.54 38.29
CA SER I 64 -32.61 2.13 38.13
C SER I 64 -33.39 3.18 37.36
N ALA I 65 -32.78 3.77 36.33
CA ALA I 65 -33.37 4.85 35.56
C ALA I 65 -34.18 4.35 34.37
N CYS I 66 -34.77 3.15 34.46
CA CYS I 66 -35.47 2.56 33.32
C CYS I 66 -36.65 3.40 32.86
N ALA I 67 -37.29 4.18 33.75
CA ALA I 67 -38.35 5.07 33.30
C ALA I 67 -37.82 6.11 32.32
N ILE I 68 -36.64 6.66 32.58
CA ILE I 68 -36.05 7.65 31.68
C ILE I 68 -35.62 7.00 30.37
N HIS I 69 -34.96 5.85 30.44
CA HIS I 69 -34.58 5.14 29.22
C HIS I 69 -35.82 4.81 28.38
N SER I 70 -36.91 4.36 29.02
CA SER I 70 -38.11 4.01 28.26
C SER I 70 -38.76 5.25 27.64
N ILE I 71 -38.81 6.37 28.37
CA ILE I 71 -39.29 7.61 27.78
C ILE I 71 -38.45 7.96 26.57
N ASN I 72 -37.12 7.82 26.68
CA ASN I 72 -36.27 8.20 25.54
C ASN I 72 -36.53 7.30 24.34
N ALA I 73 -36.71 5.98 24.56
CA ALA I 73 -37.02 5.10 23.44
C ALA I 73 -38.39 5.40 22.84
N PHE I 74 -39.38 5.74 23.71
CA PHE I 74 -40.72 6.12 23.28
C PHE I 74 -40.71 7.32 22.36
N VAL I 75 -40.00 8.39 22.75
CA VAL I 75 -39.96 9.58 21.92
C VAL I 75 -38.97 9.44 20.77
N GLY I 76 -37.97 8.58 20.90
CA GLY I 76 -37.06 8.29 19.80
C GLY I 76 -35.70 8.97 19.84
N GLY I 77 -35.16 9.25 21.03
CA GLY I 77 -33.86 9.89 21.10
C GLY I 77 -33.51 10.21 22.54
N PRO I 78 -32.30 10.71 22.78
CA PRO I 78 -31.92 11.06 24.15
C PRO I 78 -32.61 12.34 24.62
N ALA I 79 -33.94 12.29 24.77
CA ALA I 79 -34.71 13.50 25.09
C ALA I 79 -34.34 14.06 26.45
N PHE I 80 -34.29 13.19 27.47
CA PHE I 80 -34.01 13.58 28.83
C PHE I 80 -32.80 12.84 29.34
N ASP I 81 -31.90 13.56 30.01
CA ASP I 81 -30.84 12.90 30.74
C ASP I 81 -31.28 12.74 32.17
N ILE I 82 -30.53 11.92 32.90
CA ILE I 82 -30.92 11.63 34.28
C ILE I 82 -30.92 12.89 35.15
N PRO I 83 -29.93 13.79 35.08
CA PRO I 83 -30.02 15.00 35.91
C PRO I 83 -31.26 15.85 35.61
N THR I 84 -31.60 16.01 34.33
CA THR I 84 -32.76 16.83 33.97
C THR I 84 -34.03 16.24 34.51
N PHE I 85 -34.22 14.93 34.32
CA PHE I 85 -35.45 14.29 34.77
C PHE I 85 -35.54 14.27 36.29
N THR I 86 -34.44 13.95 36.98
CA THR I 86 -34.47 13.88 38.44
C THR I 86 -34.73 15.25 39.05
N THR I 87 -34.17 16.31 38.47
CA THR I 87 -34.44 17.65 39.00
C THR I 87 -35.92 18.00 38.84
N TRP I 88 -36.49 17.67 37.67
CA TRP I 88 -37.91 17.90 37.43
C TRP I 88 -38.78 17.08 38.39
N SER I 89 -38.43 15.80 38.58
CA SER I 89 -39.22 14.94 39.46
C SER I 89 -39.20 15.48 40.89
N THR I 90 -38.04 15.95 41.37
CA THR I 90 -37.94 16.46 42.73
C THR I 90 -38.78 17.73 42.90
N ALA I 91 -38.68 18.67 41.96
CA ALA I 91 -39.51 19.87 42.03
C ALA I 91 -40.97 19.50 41.96
N SER I 92 -41.32 18.51 41.13
CA SER I 92 -42.71 18.07 41.04
C SER I 92 -43.20 17.49 42.36
N THR I 93 -42.34 16.75 43.06
CA THR I 93 -42.72 16.27 44.40
C THR I 93 -42.98 17.44 45.34
N ALA I 94 -42.11 18.44 45.32
CA ALA I 94 -42.27 19.61 46.19
C ALA I 94 -43.61 20.31 45.95
N ALA I 95 -43.99 20.46 44.69
CA ALA I 95 -45.29 21.09 44.39
C ALA I 95 -46.46 20.20 44.76
N PHE I 96 -46.29 18.89 44.68
CA PHE I 96 -47.38 17.93 44.88
C PHE I 96 -47.76 17.89 46.36
N ILE I 97 -46.77 17.73 47.24
CA ILE I 97 -47.06 17.39 48.63
C ILE I 97 -46.19 18.20 49.58
N GLY I 98 -45.28 19.00 49.03
CA GLY I 98 -44.61 20.00 49.85
C GLY I 98 -43.85 19.42 51.04
N ASP I 99 -44.02 20.04 52.20
CA ASP I 99 -43.21 19.61 53.33
C ASP I 99 -43.63 18.25 53.89
N ASP I 100 -44.74 17.66 53.42
CA ASP I 100 -45.06 16.28 53.78
C ASP I 100 -44.48 15.27 52.80
N ALA I 101 -43.47 15.67 52.03
CA ALA I 101 -42.86 14.75 51.08
C ALA I 101 -42.22 13.56 51.79
N ASP I 102 -41.86 13.70 53.07
CA ASP I 102 -41.27 12.58 53.78
C ASP I 102 -42.24 11.42 53.96
N ALA I 103 -43.50 11.56 53.52
CA ALA I 103 -44.46 10.46 53.59
C ALA I 103 -44.42 9.53 52.39
N LEU I 104 -43.70 9.91 51.33
CA LEU I 104 -43.61 9.13 50.11
C LEU I 104 -42.35 8.27 50.12
N ALA I 105 -42.44 7.11 49.49
CA ALA I 105 -41.22 6.34 49.26
C ALA I 105 -40.33 7.08 48.26
N PRO I 106 -39.00 7.04 48.42
CA PRO I 106 -38.13 7.81 47.52
C PRO I 106 -38.25 7.35 46.08
N GLU I 107 -38.29 8.32 45.18
CA GLU I 107 -38.26 8.09 43.74
C GLU I 107 -37.05 8.83 43.17
N SER I 108 -36.21 8.10 42.44
CA SER I 108 -34.93 8.63 41.95
C SER I 108 -34.41 7.67 40.91
N ALA I 109 -33.26 8.02 40.33
CA ALA I 109 -32.59 7.10 39.44
C ALA I 109 -32.14 5.87 40.19
N ALA I 110 -31.93 5.95 41.50
CA ALA I 110 -31.55 4.76 42.22
C ALA I 110 -32.75 3.92 42.67
N SER I 111 -33.96 4.49 42.80
CA SER I 111 -35.09 3.74 43.32
CA SER I 111 -35.10 3.77 43.33
C SER I 111 -36.24 3.55 42.33
N GLY I 112 -36.25 4.24 41.20
CA GLY I 112 -37.35 4.12 40.25
C GLY I 112 -38.41 5.20 40.43
N PHE I 113 -39.39 5.17 39.53
CA PHE I 113 -40.39 6.24 39.43
C PHE I 113 -41.78 5.65 39.20
N SER I 114 -42.78 6.38 39.68
CA SER I 114 -44.17 6.00 39.51
C SER I 114 -44.61 6.20 38.07
N PRO I 115 -45.49 5.31 37.55
CA PRO I 115 -46.06 5.52 36.20
C PRO I 115 -46.76 6.84 36.03
N HIS I 116 -47.30 7.42 37.12
CA HIS I 116 -47.98 8.71 37.00
C HIS I 116 -47.00 9.81 36.59
N ARG I 117 -45.74 9.74 37.06
CA ARG I 117 -44.74 10.72 36.65
C ARG I 117 -44.38 10.58 35.18
N VAL I 118 -44.34 9.35 34.65
CA VAL I 118 -44.04 9.15 33.23
C VAL I 118 -45.16 9.75 32.38
N GLU I 119 -46.41 9.45 32.76
CA GLU I 119 -47.54 10.09 32.08
C GLU I 119 -47.40 11.60 32.08
N ARG I 120 -47.07 12.21 33.24
CA ARG I 120 -47.09 13.67 33.25
C ARG I 120 -45.95 14.24 32.41
N ALA I 121 -44.78 13.62 32.51
CA ALA I 121 -43.65 14.06 31.69
C ALA I 121 -43.99 14.01 30.20
N LEU I 122 -44.59 12.90 29.74
CA LEU I 122 -44.90 12.82 28.31
C LEU I 122 -45.99 13.82 27.93
N ASN I 123 -47.00 14.02 28.78
CA ASN I 123 -48.03 15.01 28.44
C ASN I 123 -47.47 16.44 28.44
N LEU I 124 -46.39 16.71 29.18
CA LEU I 124 -45.78 18.04 29.11
C LEU I 124 -45.19 18.32 27.74
N LEU I 125 -44.99 17.29 26.93
CA LEU I 125 -44.45 17.44 25.58
C LEU I 125 -45.52 17.68 24.53
N ASP I 126 -46.80 17.59 24.91
CA ASP I 126 -47.86 17.86 23.95
C ASP I 126 -47.77 19.31 23.44
N GLY I 127 -47.91 19.50 22.13
CA GLY I 127 -47.88 20.82 21.56
C GLY I 127 -46.52 21.35 21.19
N THR I 128 -45.43 20.64 21.51
CA THR I 128 -44.08 21.07 21.11
C THR I 128 -43.82 20.82 19.64
N PRO I 129 -42.83 21.52 19.07
CA PRO I 129 -42.46 21.27 17.66
C PRO I 129 -42.03 19.84 17.36
N ALA I 130 -41.73 18.99 18.33
CA ALA I 130 -41.47 17.61 17.93
C ALA I 130 -42.75 16.80 17.82
N THR I 131 -43.80 17.10 18.60
CA THR I 131 -45.00 16.26 18.62
C THR I 131 -46.17 16.74 17.74
N GLN I 132 -46.01 17.79 16.91
CA GLN I 132 -47.15 18.29 16.12
C GLN I 132 -47.57 17.21 15.13
N GLY I 133 -48.88 17.07 15.00
CA GLY I 133 -49.44 16.08 14.13
C GLY I 133 -49.41 14.67 14.65
N LYS I 134 -48.90 14.46 15.85
CA LYS I 134 -48.83 13.12 16.42
C LYS I 134 -49.86 12.99 17.54
N ASP I 135 -50.51 11.82 17.62
CA ASP I 135 -51.40 11.54 18.75
CA ASP I 135 -51.39 11.56 18.75
C ASP I 135 -50.56 11.61 20.02
N TRP I 136 -50.82 12.60 20.88
CA TRP I 136 -50.01 12.69 22.08
C TRP I 136 -50.88 12.91 23.32
N ASN I 137 -52.06 12.32 23.32
CA ASN I 137 -52.91 12.36 24.50
C ASN I 137 -52.60 11.11 25.34
N ILE I 138 -51.64 11.23 26.25
CA ILE I 138 -51.10 10.08 26.95
C ILE I 138 -51.92 9.80 28.21
N GLY I 139 -52.28 8.52 28.42
CA GLY I 139 -52.98 8.12 29.62
C GLY I 139 -52.39 6.82 30.12
N VAL I 140 -52.93 6.34 31.23
CA VAL I 140 -52.39 5.18 31.93
C VAL I 140 -53.51 4.21 32.25
N SER I 141 -53.24 2.93 32.09
CA SER I 141 -54.16 1.90 32.53
C SER I 141 -53.42 0.92 33.42
N ILE I 142 -54.00 0.55 34.55
CA ILE I 142 -53.30 -0.29 35.53
C ILE I 142 -54.16 -1.50 35.84
N LEU I 143 -53.56 -2.68 35.77
CA LEU I 143 -54.26 -3.94 36.03
C LEU I 143 -53.60 -4.63 37.20
N SER I 144 -54.43 -5.17 38.09
CA SER I 144 -54.05 -5.92 39.29
C SER I 144 -54.64 -7.33 39.23
N PRO I 145 -54.18 -8.26 40.08
CA PRO I 145 -54.77 -9.59 40.10
C PRO I 145 -56.23 -9.54 40.57
N ARG I 146 -56.97 -10.58 40.23
CA ARG I 146 -58.33 -10.72 40.73
C ARG I 146 -58.29 -10.78 42.25
N SER I 147 -59.38 -10.29 42.87
CA SER I 147 -59.54 -10.39 44.31
C SER I 147 -59.28 -11.82 44.77
N GLY I 148 -58.39 -11.97 45.76
CA GLY I 148 -58.02 -13.29 46.23
C GLY I 148 -57.13 -14.09 45.29
N ALA I 149 -56.35 -13.42 44.43
CA ALA I 149 -55.42 -14.07 43.53
C ALA I 149 -54.04 -13.45 43.71
N ALA I 150 -53.02 -14.29 43.59
CA ALA I 150 -51.62 -13.91 43.77
C ALA I 150 -51.01 -13.27 42.53
N MET I 151 -51.51 -13.57 41.33
CA MET I 151 -50.91 -13.05 40.11
CA MET I 151 -50.91 -13.05 40.11
C MET I 151 -51.98 -12.85 39.05
N ILE I 152 -51.63 -12.07 38.03
CA ILE I 152 -52.49 -11.87 36.88
C ILE I 152 -52.38 -13.08 35.96
N THR I 153 -53.51 -13.67 35.60
CA THR I 153 -53.45 -14.85 34.73
C THR I 153 -53.58 -14.49 33.26
N GLN I 154 -54.10 -13.31 32.92
CA GLN I 154 -54.23 -12.90 31.54
C GLN I 154 -54.34 -11.38 31.47
N VAL I 155 -53.60 -10.78 30.54
CA VAL I 155 -53.69 -9.36 30.22
C VAL I 155 -54.16 -9.25 28.78
N THR I 156 -55.21 -8.49 28.56
CA THR I 156 -55.72 -8.25 27.22
C THR I 156 -55.55 -6.77 26.87
N LEU I 157 -54.75 -6.50 25.85
CA LEU I 157 -54.57 -5.12 25.42
C LEU I 157 -55.83 -4.62 24.71
N PRO I 158 -56.11 -3.32 24.77
CA PRO I 158 -57.18 -2.78 23.95
C PRO I 158 -56.78 -2.84 22.49
N ALA I 159 -57.75 -2.63 21.59
CA ALA I 159 -57.41 -2.42 20.19
C ALA I 159 -56.52 -1.20 20.07
N LEU I 160 -55.38 -1.35 19.41
CA LEU I 160 -54.36 -0.29 19.39
C LEU I 160 -54.55 0.72 18.26
N GLY I 161 -55.38 0.42 17.27
CA GLY I 161 -55.54 1.34 16.15
C GLY I 161 -54.21 1.57 15.46
N ASP I 162 -53.86 2.84 15.25
CA ASP I 162 -52.61 3.21 14.62
C ASP I 162 -51.53 3.61 15.62
N THR I 163 -51.75 3.38 16.90
CA THR I 163 -50.74 3.69 17.91
C THR I 163 -49.45 2.93 17.63
N ASP I 164 -48.32 3.65 17.69
CA ASP I 164 -47.02 3.08 17.33
C ASP I 164 -45.99 3.24 18.43
N ARG I 165 -46.39 3.55 19.66
CA ARG I 165 -45.44 3.67 20.77
C ARG I 165 -46.17 3.48 22.09
N LEU I 166 -45.56 2.72 23.00
CA LEU I 166 -46.17 2.38 24.27
C LEU I 166 -45.07 2.23 25.29
N ILE I 167 -45.44 2.41 26.56
CA ILE I 167 -44.57 2.07 27.67
C ILE I 167 -45.33 1.15 28.62
N PHE I 168 -44.64 0.11 29.12
CA PHE I 168 -45.17 -0.73 30.17
C PHE I 168 -44.37 -0.58 31.46
N ASP I 169 -45.08 -0.64 32.59
CA ASP I 169 -44.45 -0.87 33.89
C ASP I 169 -44.98 -2.21 34.38
N VAL I 170 -44.10 -3.18 34.59
CA VAL I 170 -44.50 -4.51 35.02
C VAL I 170 -43.78 -4.84 36.30
N LYS I 171 -44.49 -5.49 37.22
CA LYS I 171 -43.92 -6.06 38.44
C LYS I 171 -44.04 -7.57 38.33
N VAL I 172 -42.91 -8.28 38.37
CA VAL I 172 -42.84 -9.68 37.98
C VAL I 172 -42.10 -10.47 39.04
N GLY I 173 -42.69 -11.59 39.47
CA GLY I 173 -41.98 -12.62 40.20
C GLY I 173 -41.88 -13.89 39.36
N SER I 174 -41.17 -14.87 39.89
CA SER I 174 -40.97 -16.12 39.17
C SER I 174 -40.41 -17.17 40.11
N ASP I 175 -40.50 -18.44 39.69
CA ASP I 175 -39.91 -19.52 40.47
C ASP I 175 -38.42 -19.29 40.68
N ALA I 176 -37.72 -18.83 39.64
CA ALA I 176 -36.29 -18.58 39.76
C ALA I 176 -35.99 -17.48 40.78
N ARG I 177 -36.82 -16.42 40.80
CA ARG I 177 -36.60 -15.35 41.79
C ARG I 177 -36.85 -15.85 43.21
N THR I 178 -37.93 -16.60 43.41
CA THR I 178 -38.17 -17.19 44.73
C THR I 178 -37.05 -18.13 45.13
N ALA I 179 -36.55 -18.94 44.20
CA ALA I 179 -35.45 -19.86 44.51
C ALA I 179 -34.19 -19.10 44.89
N ALA I 180 -33.94 -17.95 44.29
CA ALA I 180 -32.77 -17.14 44.61
C ALA I 180 -33.01 -16.19 45.78
N GLY I 181 -34.23 -16.14 46.32
CA GLY I 181 -34.58 -15.19 47.36
C GLY I 181 -34.64 -13.74 46.91
N ALA I 182 -34.84 -13.49 45.62
CA ALA I 182 -34.82 -12.13 45.11
C ALA I 182 -36.21 -11.51 45.13
N ASP I 183 -36.26 -10.21 45.34
CA ASP I 183 -37.51 -9.48 45.29
C ASP I 183 -38.06 -9.49 43.86
N ASP I 184 -39.35 -9.19 43.74
CA ASP I 184 -39.93 -9.00 42.42
C ASP I 184 -39.24 -7.86 41.70
N ILE I 185 -39.20 -7.95 40.39
CA ILE I 185 -38.63 -6.87 39.59
C ILE I 185 -39.78 -5.99 39.15
N ASP I 186 -39.59 -4.67 39.28
CA ASP I 186 -40.54 -3.64 38.88
C ASP I 186 -39.82 -2.81 37.85
N HIS I 187 -40.30 -2.82 36.61
CA HIS I 187 -39.47 -2.42 35.48
C HIS I 187 -40.29 -1.79 34.36
N PHE I 188 -39.75 -0.72 33.77
CA PHE I 188 -40.29 -0.06 32.59
C PHE I 188 -39.60 -0.55 31.31
N VAL I 189 -40.39 -0.74 30.25
CA VAL I 189 -39.88 -0.98 28.88
C VAL I 189 -40.70 -0.12 27.93
N ALA I 190 -40.24 -0.01 26.70
CA ALA I 190 -40.98 0.70 25.67
C ALA I 190 -41.23 -0.24 24.49
N PHE I 191 -42.26 0.08 23.71
CA PHE I 191 -42.54 -0.59 22.44
C PHE I 191 -42.67 0.45 21.35
N ARG I 192 -42.20 0.12 20.14
CA ARG I 192 -42.31 0.98 18.96
C ARG I 192 -42.57 0.13 17.72
N LYS I 193 -43.32 0.71 16.77
CA LYS I 193 -43.50 0.12 15.44
C LYS I 193 -42.42 0.63 14.50
N ASP I 194 -41.85 -0.29 13.71
CA ASP I 194 -40.79 0.09 12.79
C ASP I 194 -41.41 0.60 11.51
N ASP I 195 -40.59 0.87 10.49
CA ASP I 195 -41.12 1.40 9.23
C ASP I 195 -41.96 0.37 8.47
N GLN I 196 -41.90 -0.90 8.83
CA GLN I 196 -42.70 -1.94 8.19
C GLN I 196 -43.98 -2.26 8.94
N GLY I 197 -44.22 -1.60 10.07
CA GLY I 197 -45.38 -1.87 10.89
C GLY I 197 -45.21 -2.94 11.94
N ALA I 198 -44.00 -3.48 12.12
CA ALA I 198 -43.75 -4.52 13.10
C ALA I 198 -43.40 -3.93 14.46
N TRP I 199 -43.94 -4.54 15.52
CA TRP I 199 -43.67 -4.11 16.88
C TRP I 199 -42.32 -4.62 17.38
N TRP I 200 -41.61 -3.76 18.11
CA TRP I 200 -40.33 -4.10 18.73
C TRP I 200 -40.36 -3.69 20.19
N LEU I 201 -39.97 -4.61 21.07
CA LEU I 201 -39.66 -4.32 22.46
C LEU I 201 -38.30 -3.65 22.55
N LEU I 202 -38.24 -2.53 23.27
CA LEU I 202 -37.01 -1.78 23.47
C LEU I 202 -36.80 -1.71 24.97
N ASP I 203 -35.86 -2.51 25.48
CA ASP I 203 -35.67 -2.68 26.92
C ASP I 203 -34.25 -2.25 27.28
N SER I 204 -34.12 -1.41 28.31
CA SER I 204 -32.79 -0.98 28.67
C SER I 204 -32.00 -2.09 29.34
N ARG I 205 -32.68 -3.11 29.91
CA ARG I 205 -31.93 -4.24 30.45
C ARG I 205 -31.57 -5.23 29.34
N SER I 206 -30.58 -6.07 29.64
CA SER I 206 -30.05 -7.00 28.64
C SER I 206 -30.61 -8.41 28.78
N SER I 207 -31.63 -8.60 29.62
CA SER I 207 -32.33 -9.85 29.84
C SER I 207 -33.81 -9.54 30.02
N GLU I 208 -34.65 -10.51 29.73
CA GLU I 208 -36.10 -10.31 29.83
C GLU I 208 -36.52 -10.10 31.28
N VAL I 209 -37.61 -9.35 31.48
CA VAL I 209 -38.09 -9.10 32.84
C VAL I 209 -38.39 -10.42 33.56
N HIS I 210 -38.76 -11.46 32.82
CA HIS I 210 -39.08 -12.74 33.45
C HIS I 210 -37.90 -13.71 33.51
N ALA I 211 -36.70 -13.26 33.17
CA ALA I 211 -35.53 -14.13 33.22
C ALA I 211 -35.03 -14.32 34.65
N PRO I 212 -34.29 -15.39 34.91
CA PRO I 212 -33.68 -15.57 36.23
C PRO I 212 -32.75 -14.42 36.55
N PRO I 213 -32.67 -14.01 37.82
CA PRO I 213 -31.90 -12.80 38.16
C PRO I 213 -30.39 -12.99 38.02
N GLY I 214 -29.89 -14.21 38.11
CA GLY I 214 -28.47 -14.45 37.97
C GLY I 214 -28.00 -14.71 36.55
N GLN I 215 -28.81 -14.35 35.56
CA GLN I 215 -28.54 -14.75 34.18
C GLN I 215 -27.38 -13.94 33.58
N GLU I 216 -26.49 -14.63 32.88
CA GLU I 216 -25.36 -13.98 32.21
C GLU I 216 -25.84 -13.21 30.98
N SER I 217 -25.24 -12.04 30.73
CA SER I 217 -25.64 -11.22 29.60
C SER I 217 -24.46 -10.43 29.06
N SER I 218 -24.66 -9.82 27.89
CA SER I 218 -23.61 -8.99 27.29
C SER I 218 -23.72 -7.53 27.70
N GLY I 219 -24.82 -7.13 28.34
CA GLY I 219 -25.09 -5.75 28.67
C GLY I 219 -25.79 -4.96 27.59
N SER I 220 -25.89 -5.50 26.36
CA SER I 220 -26.56 -4.82 25.26
C SER I 220 -28.05 -4.76 25.54
N PRO I 221 -28.70 -3.61 25.34
CA PRO I 221 -30.15 -3.52 25.58
C PRO I 221 -30.91 -4.48 24.67
N LEU I 222 -32.09 -4.90 25.11
CA LEU I 222 -32.90 -5.82 24.33
C LEU I 222 -33.56 -5.02 23.21
N ARG I 223 -33.45 -5.52 21.99
CA ARG I 223 -34.15 -4.98 20.82
C ARG I 223 -34.80 -6.19 20.18
N ARG I 224 -36.08 -6.43 20.43
CA ARG I 224 -36.69 -7.70 20.08
C ARG I 224 -38.00 -7.50 19.33
N GLN I 225 -38.14 -8.17 18.19
CA GLN I 225 -39.37 -8.07 17.40
C GLN I 225 -40.44 -8.98 18.00
N ILE I 226 -41.43 -8.38 18.66
CA ILE I 226 -42.53 -9.13 19.27
C ILE I 226 -43.71 -8.18 19.50
N GLU I 227 -44.91 -8.69 19.26
CA GLU I 227 -46.13 -7.94 19.54
C GLU I 227 -46.25 -7.70 21.04
N PRO I 228 -46.69 -6.52 21.47
CA PRO I 228 -46.81 -6.29 22.92
C PRO I 228 -47.75 -7.28 23.60
N GLN I 229 -48.82 -7.71 22.93
CA GLN I 229 -49.71 -8.73 23.52
C GLN I 229 -48.97 -10.04 23.72
N ALA I 230 -48.16 -10.44 22.74
CA ALA I 230 -47.40 -11.68 22.82
C ALA I 230 -46.34 -11.61 23.91
N TRP I 231 -45.75 -10.43 24.09
CA TRP I 231 -44.79 -10.24 25.18
C TRP I 231 -45.47 -10.40 26.54
N LEU I 232 -46.66 -9.81 26.69
CA LEU I 232 -47.40 -9.95 27.93
C LEU I 232 -47.80 -11.39 28.17
N ASN I 233 -48.32 -12.07 27.14
CA ASN I 233 -48.66 -13.48 27.30
C ASN I 233 -47.43 -14.30 27.68
N GLU I 234 -46.25 -13.94 27.15
CA GLU I 234 -45.02 -14.65 27.52
C GLU I 234 -44.72 -14.47 28.99
N ILE I 235 -44.97 -13.27 29.55
CA ILE I 235 -44.72 -13.04 30.97
C ILE I 235 -45.66 -13.88 31.81
N THR I 236 -46.97 -13.83 31.52
CA THR I 236 -47.93 -14.57 32.35
C THR I 236 -47.78 -16.09 32.19
N THR I 237 -47.19 -16.55 31.08
CA THR I 237 -46.96 -17.97 30.88
C THR I 237 -45.69 -18.44 31.56
N THR I 238 -44.67 -17.58 31.63
CA THR I 238 -43.36 -18.01 32.10
C THR I 238 -43.09 -17.61 33.55
N ALA I 239 -43.77 -16.59 34.05
CA ALA I 239 -43.46 -16.04 35.36
C ALA I 239 -44.76 -15.64 36.04
N HIS I 240 -44.65 -14.77 37.04
CA HIS I 240 -45.76 -14.33 37.88
C HIS I 240 -45.96 -12.83 37.73
N LEU I 241 -46.91 -12.41 36.91
CA LEU I 241 -47.19 -10.99 36.73
C LEU I 241 -48.05 -10.45 37.87
N LYS I 242 -47.48 -9.59 38.72
CA LYS I 242 -48.17 -9.05 39.89
C LYS I 242 -48.97 -7.80 39.56
N THR I 243 -48.46 -6.92 38.70
CA THR I 243 -49.12 -5.67 38.34
C THR I 243 -48.59 -5.26 36.98
N VAL I 244 -49.42 -4.60 36.19
CA VAL I 244 -48.94 -4.02 34.93
C VAL I 244 -49.61 -2.68 34.69
N ALA I 245 -48.82 -1.68 34.30
CA ALA I 245 -49.35 -0.41 33.84
C ALA I 245 -49.01 -0.24 32.37
N LEU I 246 -49.99 0.18 31.58
CA LEU I 246 -49.82 0.53 30.18
C LEU I 246 -49.94 2.04 30.05
N ILE I 247 -48.95 2.65 29.41
CA ILE I 247 -48.89 4.09 29.22
C ILE I 247 -48.77 4.37 27.73
N GLY I 248 -49.61 5.26 27.21
CA GLY I 248 -49.48 5.60 25.82
C GLY I 248 -50.57 6.50 25.28
N PRO I 249 -50.43 6.86 24.01
CA PRO I 249 -51.42 7.72 23.36
C PRO I 249 -52.74 6.99 23.29
N GLY I 250 -53.83 7.69 23.60
CA GLY I 250 -55.15 7.09 23.54
C GLY I 250 -55.46 6.07 24.61
N ILE I 251 -54.52 5.80 25.51
CA ILE I 251 -54.73 4.86 26.61
C ILE I 251 -55.46 5.59 27.73
N THR I 252 -56.46 4.92 28.33
CA THR I 252 -57.22 5.46 29.46
C THR I 252 -57.36 4.39 30.55
N GLY I 253 -58.02 4.76 31.66
CA GLY I 253 -58.03 3.89 32.83
C GLY I 253 -58.57 2.50 32.54
N GLN I 254 -59.56 2.39 31.67
CA GLN I 254 -60.19 1.12 31.34
C GLN I 254 -59.56 0.39 30.13
N SER I 255 -58.40 0.83 29.64
CA SER I 255 -57.84 0.23 28.42
C SER I 255 -57.52 -1.26 28.62
N LEU I 256 -56.86 -1.60 29.74
CA LEU I 256 -56.48 -2.97 30.04
C LEU I 256 -57.64 -3.77 30.63
N THR I 257 -57.80 -5.01 30.16
CA THR I 257 -58.76 -5.95 30.73
C THR I 257 -58.06 -7.27 31.00
N ASP I 258 -58.74 -8.18 31.71
CA ASP I 258 -58.16 -9.48 32.02
C ASP I 258 -59.01 -10.64 31.51
N VAL I 259 -59.89 -10.38 30.55
CA VAL I 259 -60.71 -11.38 29.86
C VAL I 259 -60.37 -11.36 28.38
N PRO I 260 -60.53 -12.48 27.64
CA PRO I 260 -60.25 -12.54 26.19
C PRO I 260 -61.04 -11.55 25.34
N MET J 1 -70.77 15.44 50.43
CA MET J 1 -69.74 16.48 50.51
C MET J 1 -68.62 16.21 49.50
N GLN J 2 -67.91 17.24 49.10
CA GLN J 2 -66.84 17.11 48.12
C GLN J 2 -65.49 17.04 48.81
N ILE J 3 -64.63 16.15 48.31
CA ILE J 3 -63.22 16.16 48.67
C ILE J 3 -62.42 16.10 47.37
N PHE J 4 -61.14 16.45 47.47
CA PHE J 4 -60.27 16.54 46.31
C PHE J 4 -59.11 15.56 46.48
N VAL J 5 -58.69 14.93 45.39
CA VAL J 5 -57.60 13.94 45.44
C VAL J 5 -56.56 14.31 44.37
N LYS J 6 -55.38 14.74 44.81
CA LYS J 6 -54.28 15.10 43.90
C LYS J 6 -53.48 13.86 43.55
N THR J 7 -53.01 13.81 42.30
CA THR J 7 -52.12 12.72 41.88
C THR J 7 -50.88 13.31 41.21
N LEU J 8 -49.87 12.47 41.08
CA LEU J 8 -48.64 12.93 40.43
C LEU J 8 -48.78 13.10 38.94
N THR J 9 -49.92 12.79 38.34
CA THR J 9 -50.15 13.21 36.96
C THR J 9 -50.47 14.69 36.89
N GLY J 10 -50.64 15.36 38.03
CA GLY J 10 -51.08 16.74 38.02
C GLY J 10 -52.59 16.91 37.98
N LYS J 11 -53.34 15.83 37.86
CA LYS J 11 -54.78 15.92 37.86
C LYS J 11 -55.28 15.86 39.29
N THR J 12 -56.32 16.62 39.57
CA THR J 12 -57.02 16.51 40.83
C THR J 12 -58.39 15.91 40.55
N ILE J 13 -58.71 14.85 41.28
CA ILE J 13 -60.00 14.17 41.17
C ILE J 13 -60.95 14.77 42.22
N THR J 14 -62.19 15.04 41.82
CA THR J 14 -63.24 15.47 42.75
C THR J 14 -64.19 14.31 43.03
N LEU J 15 -64.41 14.02 44.31
CA LEU J 15 -65.25 12.92 44.76
C LEU J 15 -66.42 13.44 45.56
N GLU J 16 -67.58 12.79 45.40
CA GLU J 16 -68.74 13.02 46.25
C GLU J 16 -68.77 11.89 47.28
N VAL J 17 -68.60 12.25 48.55
CA VAL J 17 -68.47 11.29 49.64
C VAL J 17 -69.34 11.75 50.79
N GLU J 18 -69.43 10.89 51.80
CA GLU J 18 -70.04 11.12 53.10
C GLU J 18 -69.04 10.76 54.19
N PRO J 19 -69.15 11.40 55.36
CA PRO J 19 -68.19 11.10 56.45
C PRO J 19 -68.13 9.64 56.84
N SER J 20 -69.19 8.88 56.65
CA SER J 20 -69.19 7.47 57.03
C SER J 20 -68.58 6.57 55.96
N ASP J 21 -68.15 7.10 54.83
CA ASP J 21 -67.52 6.26 53.80
C ASP J 21 -66.20 5.68 54.31
N THR J 22 -66.01 4.38 54.13
CA THR J 22 -64.73 3.78 54.44
C THR J 22 -63.70 4.16 53.38
N ILE J 23 -62.42 4.05 53.75
CA ILE J 23 -61.37 4.28 52.78
C ILE J 23 -61.51 3.31 51.61
N GLU J 24 -61.89 2.06 51.87
CA GLU J 24 -62.14 1.12 50.77
C GLU J 24 -63.22 1.64 49.82
N ASN J 25 -64.26 2.27 50.36
CA ASN J 25 -65.30 2.81 49.49
C ASN J 25 -64.78 4.01 48.70
N VAL J 26 -64.01 4.89 49.35
CA VAL J 26 -63.38 6.01 48.66
C VAL J 26 -62.47 5.52 47.52
N LYS J 27 -61.67 4.49 47.80
CA LYS J 27 -60.83 3.92 46.75
C LYS J 27 -61.67 3.32 45.63
N ALA J 28 -62.82 2.76 45.98
CA ALA J 28 -63.76 2.26 44.96
C ALA J 28 -64.28 3.40 44.10
N LYS J 29 -64.55 4.57 44.71
CA LYS J 29 -64.99 5.71 43.92
C LYS J 29 -63.87 6.22 43.01
N ILE J 30 -62.62 6.19 43.48
CA ILE J 30 -61.49 6.59 42.64
C ILE J 30 -61.32 5.64 41.45
N GLN J 31 -61.52 4.34 41.69
CA GLN J 31 -61.45 3.37 40.61
C GLN J 31 -62.55 3.60 39.58
N ASP J 32 -63.75 3.95 40.04
CA ASP J 32 -64.84 4.22 39.11
C ASP J 32 -64.51 5.39 38.21
N LYS J 33 -63.82 6.41 38.75
CA LYS J 33 -63.53 7.62 37.99
C LYS J 33 -62.29 7.47 37.12
N GLU J 34 -61.23 6.89 37.67
CA GLU J 34 -59.93 6.84 37.00
C GLU J 34 -59.44 5.44 36.65
N GLY J 35 -60.09 4.39 37.12
CA GLY J 35 -59.69 3.05 36.78
C GLY J 35 -58.50 2.52 37.57
N ILE J 36 -58.00 3.25 38.54
CA ILE J 36 -56.88 2.73 39.33
C ILE J 36 -57.40 1.65 40.27
N PRO J 37 -56.88 0.42 40.20
CA PRO J 37 -57.34 -0.62 41.11
C PRO J 37 -57.07 -0.21 42.55
N PRO J 38 -57.99 -0.50 43.48
CA PRO J 38 -57.77 -0.05 44.87
C PRO J 38 -56.48 -0.53 45.51
N ASP J 39 -56.00 -1.73 45.18
CA ASP J 39 -54.77 -2.17 45.83
C ASP J 39 -53.54 -1.44 45.31
N GLN J 40 -53.66 -0.65 44.24
CA GLN J 40 -52.54 0.16 43.82
C GLN J 40 -52.58 1.54 44.41
N GLN J 41 -53.69 1.91 45.06
CA GLN J 41 -53.88 3.24 45.59
C GLN J 41 -53.32 3.29 47.00
N ARG J 42 -52.44 4.26 47.24
CA ARG J 42 -51.99 4.59 48.58
C ARG J 42 -52.48 6.00 48.85
N LEU J 43 -53.40 6.16 49.82
CA LEU J 43 -54.01 7.45 50.11
C LEU J 43 -53.38 8.10 51.33
N ILE J 44 -53.14 9.41 51.23
CA ILE J 44 -52.44 10.15 52.27
C ILE J 44 -53.22 11.41 52.58
N PHE J 45 -53.43 11.67 53.86
CA PHE J 45 -54.05 12.91 54.30
C PHE J 45 -53.13 13.59 55.28
N ALA J 46 -52.60 14.76 54.89
CA ALA J 46 -51.72 15.53 55.76
C ALA J 46 -50.56 14.69 56.27
N GLY J 47 -49.93 13.91 55.40
CA GLY J 47 -48.79 13.12 55.79
C GLY J 47 -49.13 11.79 56.40
N LYS J 48 -50.41 11.45 56.52
CA LYS J 48 -50.87 10.22 57.13
C LYS J 48 -51.47 9.25 56.11
N GLN J 49 -50.96 8.02 56.11
CA GLN J 49 -51.52 6.99 55.22
C GLN J 49 -52.83 6.48 55.77
N LEU J 50 -53.82 6.30 54.90
CA LEU J 50 -55.16 5.94 55.30
C LEU J 50 -55.38 4.43 55.18
N GLU J 51 -55.98 3.82 56.22
CA GLU J 51 -56.26 2.38 56.24
C GLU J 51 -57.66 2.07 55.73
N ASP J 52 -57.77 0.96 54.97
CA ASP J 52 -58.98 0.68 54.21
C ASP J 52 -60.21 0.57 55.11
N GLY J 53 -60.04 0.00 56.31
CA GLY J 53 -61.16 -0.27 57.18
C GLY J 53 -61.71 0.92 57.93
N ARG J 54 -61.02 2.05 57.92
CA ARG J 54 -61.51 3.21 58.64
C ARG J 54 -62.36 4.07 57.74
N THR J 55 -63.03 5.03 58.34
CA THR J 55 -63.84 5.97 57.58
C THR J 55 -63.15 7.30 57.49
N LEU J 56 -63.66 8.15 56.58
CA LEU J 56 -63.17 9.51 56.48
C LEU J 56 -63.29 10.22 57.83
N SER J 57 -64.37 9.95 58.55
CA SER J 57 -64.60 10.58 59.85
C SER J 57 -63.52 10.22 60.86
N ASP J 58 -63.00 8.98 60.78
CA ASP J 58 -61.91 8.58 61.68
C ASP J 58 -60.68 9.45 61.52
N TYR J 59 -60.42 9.95 60.30
CA TYR J 59 -59.29 10.82 60.07
C TYR J 59 -59.67 12.29 60.12
N ASN J 60 -60.92 12.60 60.50
CA ASN J 60 -61.43 13.97 60.51
C ASN J 60 -61.24 14.63 59.13
N ILE J 61 -61.53 13.87 58.08
CA ILE J 61 -61.56 14.43 56.72
C ILE J 61 -62.94 15.06 56.53
N GLN J 62 -62.98 16.37 56.35
CA GLN J 62 -64.24 17.08 56.18
C GLN J 62 -64.34 17.67 54.77
N LYS J 63 -65.40 18.46 54.55
CA LYS J 63 -65.66 18.98 53.21
C LYS J 63 -64.48 19.78 52.68
N GLU J 64 -64.21 19.58 51.39
CA GLU J 64 -63.18 20.29 50.64
C GLU J 64 -61.76 19.99 51.14
N SER J 65 -61.56 18.91 51.89
CA SER J 65 -60.21 18.45 52.19
C SER J 65 -59.50 17.96 50.93
N THR J 66 -58.16 17.98 50.98
CA THR J 66 -57.36 17.48 49.86
C THR J 66 -56.56 16.27 50.31
N LEU J 67 -56.72 15.17 49.60
CA LEU J 67 -55.94 13.97 49.81
C LEU J 67 -54.88 13.84 48.70
N HIS J 68 -53.83 13.08 49.00
CA HIS J 68 -52.75 12.81 48.05
C HIS J 68 -52.79 11.33 47.70
N LEU J 69 -52.79 11.03 46.41
CA LEU J 69 -52.84 9.66 45.92
C LEU J 69 -51.56 9.32 45.17
N VAL J 70 -50.84 8.30 45.62
CA VAL J 70 -49.68 7.80 44.89
C VAL J 70 -49.89 6.31 44.65
N LEU J 71 -49.28 5.80 43.60
CA LEU J 71 -49.35 4.38 43.29
C LEU J 71 -48.32 3.62 44.11
N ARG J 72 -48.51 2.30 44.20
CA ARG J 72 -47.46 1.46 44.74
C ARG J 72 -46.44 1.07 43.69
N LEU J 73 -46.80 1.08 42.42
CA LEU J 73 -45.84 0.79 41.36
C LEU J 73 -44.71 1.82 41.35
N ARG J 74 -43.48 1.35 41.17
CA ARG J 74 -42.31 2.23 41.11
C ARG J 74 -41.27 1.55 40.21
N GLY J 75 -41.45 1.67 38.91
CA GLY J 75 -40.60 0.96 37.99
C GLY J 75 -39.15 1.42 37.92
N ALA K 28 -10.66 30.67 39.28
CA ALA K 28 -10.78 31.60 38.14
C ALA K 28 -11.15 30.85 36.87
N ARG K 29 -12.01 29.84 37.01
CA ARG K 29 -12.45 29.03 35.88
C ARG K 29 -13.50 29.76 35.05
N SER K 30 -13.45 29.60 33.74
CA SER K 30 -14.46 30.26 32.90
C SER K 30 -15.85 29.68 33.19
N PRO K 31 -16.91 30.50 33.06
CA PRO K 31 -18.26 29.99 33.33
C PRO K 31 -18.62 28.78 32.48
N TRP K 32 -18.23 28.73 31.20
CA TRP K 32 -18.63 27.58 30.39
C TRP K 32 -17.85 26.33 30.79
N ASP K 33 -16.59 26.46 31.19
CA ASP K 33 -15.86 25.29 31.72
C ASP K 33 -16.45 24.85 33.06
N GLN K 34 -16.86 25.81 33.89
CA GLN K 34 -17.45 25.47 35.18
C GLN K 34 -18.74 24.67 34.99
N ALA K 35 -19.54 25.02 33.97
CA ALA K 35 -20.76 24.27 33.68
C ALA K 35 -20.46 22.83 33.28
N LEU K 36 -19.40 22.62 32.49
CA LEU K 36 -19.01 21.26 32.11
C LEU K 36 -18.59 20.45 33.34
N ARG K 37 -17.78 21.05 34.21
CA ARG K 37 -17.39 20.35 35.43
C ARG K 37 -18.58 20.08 36.35
N ASP K 38 -19.51 21.03 36.44
CA ASP K 38 -20.68 20.83 37.29
C ASP K 38 -21.51 19.66 36.82
N ARG K 39 -21.70 19.52 35.50
CA ARG K 39 -22.46 18.41 34.94
C ARG K 39 -21.80 17.08 35.28
N PHE K 40 -20.46 17.03 35.17
CA PHE K 40 -19.76 15.81 35.50
C PHE K 40 -19.95 15.42 36.96
N ASP K 41 -19.92 16.40 37.86
CA ASP K 41 -20.04 16.10 39.28
C ASP K 41 -21.42 15.55 39.64
N ALA K 42 -22.43 15.84 38.83
CA ALA K 42 -23.77 15.33 39.09
C ALA K 42 -24.06 14.02 38.36
N ALA K 43 -23.10 13.50 37.60
CA ALA K 43 -23.34 12.31 36.81
C ALA K 43 -23.23 11.04 37.66
N LEU K 44 -23.96 10.01 37.23
CA LEU K 44 -23.80 8.65 37.77
C LEU K 44 -22.76 7.92 36.95
N LEU K 45 -21.78 7.30 37.62
CA LEU K 45 -20.66 6.66 36.92
C LEU K 45 -20.48 5.21 37.38
N PRO K 46 -21.37 4.31 36.96
CA PRO K 46 -21.25 2.91 37.43
C PRO K 46 -20.01 2.18 36.93
N ALA K 47 -19.43 2.57 35.80
CA ALA K 47 -18.24 1.92 35.28
C ALA K 47 -16.99 2.79 35.42
N LEU K 48 -16.92 3.61 36.47
CA LEU K 48 -15.76 4.46 36.69
C LEU K 48 -14.49 3.63 36.86
N GLY K 49 -14.57 2.55 37.63
CA GLY K 49 -13.44 1.66 37.80
C GLY K 49 -13.58 0.45 36.90
N PRO K 50 -12.61 -0.44 36.93
CA PRO K 50 -12.73 -1.69 36.16
C PRO K 50 -13.92 -2.49 36.68
N VAL K 51 -14.75 -2.96 35.76
CA VAL K 51 -15.96 -3.71 36.10
C VAL K 51 -16.03 -4.88 35.11
N PRO K 52 -16.87 -5.89 35.35
CA PRO K 52 -17.11 -6.91 34.32
C PRO K 52 -17.63 -6.27 33.05
N HIS K 53 -17.36 -6.90 31.91
CA HIS K 53 -17.57 -6.25 30.62
C HIS K 53 -19.03 -5.82 30.46
N ASP K 54 -19.96 -6.64 30.94
CA ASP K 54 -21.38 -6.29 30.77
C ASP K 54 -21.78 -5.07 31.58
N GLN K 55 -20.95 -4.60 32.51
CA GLN K 55 -21.29 -3.42 33.26
C GLN K 55 -20.65 -2.15 32.72
N PHE K 56 -19.80 -2.24 31.68
CA PHE K 56 -19.32 -1.04 31.04
C PHE K 56 -20.49 -0.20 30.55
N HIS K 57 -20.35 1.11 30.60
CA HIS K 57 -21.32 2.04 30.03
C HIS K 57 -20.94 2.32 28.58
N VAL K 58 -21.85 2.00 27.66
CA VAL K 58 -21.59 2.26 26.25
C VAL K 58 -22.90 2.63 25.56
N GLU K 59 -22.96 3.84 25.01
CA GLU K 59 -24.15 4.50 24.46
C GLU K 59 -24.31 4.22 22.98
N PRO K 60 -25.53 3.97 22.53
CA PRO K 60 -25.77 3.85 21.09
C PRO K 60 -25.50 5.18 20.42
N GLN K 61 -24.97 5.11 19.19
CA GLN K 61 -24.64 6.33 18.46
C GLN K 61 -25.88 7.18 18.23
N VAL K 62 -25.72 8.49 18.42
CA VAL K 62 -26.73 9.48 18.04
C VAL K 62 -26.05 10.46 17.09
N ALA K 63 -26.59 10.60 15.89
CA ALA K 63 -26.04 11.52 14.86
C ALA K 63 -24.55 11.24 14.72
N SER K 64 -23.68 12.23 14.82
CA SER K 64 -22.24 11.97 14.78
C SER K 64 -21.58 12.33 16.10
N ALA K 65 -22.22 11.99 17.21
CA ALA K 65 -21.74 12.39 18.52
C ALA K 65 -20.78 11.38 19.14
N CYS K 66 -20.01 10.63 18.33
CA CYS K 66 -19.15 9.58 18.87
C CYS K 66 -18.09 10.09 19.84
N ALA K 67 -17.62 11.34 19.70
CA ALA K 67 -16.70 11.89 20.70
C ALA K 67 -17.36 11.90 22.09
N ILE K 68 -18.63 12.29 22.17
CA ILE K 68 -19.33 12.36 23.44
C ILE K 68 -19.58 10.96 24.00
N HIS K 69 -20.05 10.05 23.15
CA HIS K 69 -20.23 8.66 23.59
C HIS K 69 -18.91 8.08 24.08
N SER K 70 -17.82 8.34 23.35
CA SER K 70 -16.53 7.76 23.73
C SER K 70 -16.04 8.32 25.05
N ILE K 71 -16.20 9.63 25.25
CA ILE K 71 -15.90 10.22 26.55
C ILE K 71 -16.71 9.53 27.66
N ASN K 72 -17.99 9.31 27.42
CA ASN K 72 -18.84 8.72 28.47
C ASN K 72 -18.39 7.29 28.80
N ALA K 73 -17.98 6.52 27.79
CA ALA K 73 -17.47 5.18 28.05
C ALA K 73 -16.10 5.22 28.74
N PHE K 74 -15.25 6.18 28.35
CA PHE K 74 -13.94 6.38 28.97
C PHE K 74 -14.11 6.65 30.45
N VAL K 75 -15.05 7.53 30.79
CA VAL K 75 -15.25 7.90 32.18
C VAL K 75 -16.10 6.86 32.92
N GLY K 76 -16.99 6.17 32.22
CA GLY K 76 -17.77 5.11 32.86
C GLY K 76 -19.20 5.44 33.25
N GLY K 77 -19.87 6.34 32.53
CA GLY K 77 -21.24 6.68 32.84
C GLY K 77 -21.72 7.79 31.93
N PRO K 78 -22.99 8.12 31.98
CA PRO K 78 -23.49 9.21 31.10
C PRO K 78 -23.08 10.58 31.61
N ALA K 79 -21.78 10.86 31.60
CA ALA K 79 -21.26 12.09 32.20
C ALA K 79 -21.79 13.32 31.47
N PHE K 80 -21.71 13.31 30.14
CA PHE K 80 -22.12 14.45 29.34
C PHE K 80 -23.27 14.06 28.42
N ASP K 81 -24.28 14.91 28.33
CA ASP K 81 -25.26 14.75 27.27
C ASP K 81 -24.88 15.68 26.13
N ILE K 82 -25.50 15.47 24.97
CA ILE K 82 -25.16 16.25 23.79
C ILE K 82 -25.43 17.74 23.99
N PRO K 83 -26.58 18.16 24.55
CA PRO K 83 -26.79 19.60 24.77
C PRO K 83 -25.71 20.24 25.64
N THR K 84 -25.30 19.57 26.70
CA THR K 84 -24.27 20.12 27.57
C THR K 84 -22.94 20.25 26.84
N PHE K 85 -22.54 19.19 26.14
CA PHE K 85 -21.25 19.20 25.46
C PHE K 85 -21.22 20.21 24.30
N THR K 86 -22.29 20.27 23.51
CA THR K 86 -22.30 21.19 22.38
C THR K 86 -22.28 22.63 22.85
N THR K 87 -22.95 22.92 23.96
CA THR K 87 -22.91 24.28 24.52
C THR K 87 -21.50 24.64 24.96
N TRP K 88 -20.82 23.71 25.63
CA TRP K 88 -19.45 23.94 26.06
C TRP K 88 -18.52 24.10 24.85
N SER K 89 -18.72 23.26 23.83
CA SER K 89 -17.88 23.32 22.65
C SER K 89 -18.02 24.65 21.91
N THR K 90 -19.26 25.14 21.76
CA THR K 90 -19.47 26.43 21.10
C THR K 90 -18.86 27.58 21.90
N ALA K 91 -19.09 27.59 23.21
CA ALA K 91 -18.47 28.62 24.01
C ALA K 91 -16.94 28.53 23.93
N SER K 92 -16.40 27.31 23.90
CA SER K 92 -14.96 27.14 23.76
C SER K 92 -14.47 27.66 22.41
N THR K 93 -15.24 27.47 21.34
CA THR K 93 -14.86 28.04 20.06
C THR K 93 -14.81 29.55 20.10
N ALA K 94 -15.83 30.16 20.72
CA ALA K 94 -15.89 31.61 20.82
C ALA K 94 -14.68 32.16 21.56
N ALA K 95 -14.27 31.50 22.66
CA ALA K 95 -13.07 31.97 23.36
C ALA K 95 -11.81 31.69 22.56
N PHE K 96 -11.81 30.63 21.76
CA PHE K 96 -10.62 30.25 21.01
C PHE K 96 -10.33 31.26 19.90
N ILE K 97 -11.33 31.61 19.10
CA ILE K 97 -11.05 32.31 17.85
C ILE K 97 -12.09 33.40 17.61
N GLY K 98 -13.09 33.49 18.49
CA GLY K 98 -13.93 34.67 18.52
C GLY K 98 -14.66 34.91 17.21
N ASP K 99 -14.60 36.15 16.73
CA ASP K 99 -15.37 36.50 15.54
C ASP K 99 -14.80 35.94 14.25
N ASP K 100 -13.61 35.36 14.27
CA ASP K 100 -13.12 34.62 13.10
C ASP K 100 -13.50 33.14 13.15
N ALA K 101 -14.52 32.80 13.94
CA ALA K 101 -14.95 31.41 14.02
C ALA K 101 -15.46 30.89 12.68
N ASP K 102 -15.90 31.78 11.80
CA ASP K 102 -16.39 31.37 10.49
C ASP K 102 -15.30 30.80 9.60
N ALA K 103 -14.03 30.82 10.04
CA ALA K 103 -12.94 30.21 9.31
C ALA K 103 -12.78 28.73 9.63
N LEU K 104 -13.47 28.21 10.64
CA LEU K 104 -13.32 26.81 11.02
C LEU K 104 -14.40 25.99 10.36
N ALA K 105 -14.06 24.74 10.03
CA ALA K 105 -15.10 23.81 9.62
C ALA K 105 -16.01 23.51 10.82
N PRO K 106 -17.30 23.33 10.60
CA PRO K 106 -18.22 23.16 11.73
C PRO K 106 -17.91 21.92 12.56
N GLU K 107 -18.01 22.08 13.88
CA GLU K 107 -17.91 20.97 14.83
C GLU K 107 -19.18 20.95 15.68
N SER K 108 -19.89 19.83 15.70
CA SER K 108 -21.16 19.68 16.38
C SER K 108 -21.50 18.20 16.46
N ALA K 109 -22.64 17.91 17.10
CA ALA K 109 -23.14 16.55 17.14
C ALA K 109 -23.44 16.03 15.74
N ALA K 110 -23.70 16.90 14.79
CA ALA K 110 -23.98 16.48 13.43
C ALA K 110 -22.73 16.29 12.58
N SER K 111 -21.60 16.92 12.93
CA SER K 111 -20.43 16.83 12.07
C SER K 111 -19.16 16.32 12.78
N GLY K 112 -19.17 16.15 14.09
CA GLY K 112 -18.03 15.57 14.79
C GLY K 112 -17.16 16.62 15.44
N PHE K 113 -16.13 16.17 16.18
CA PHE K 113 -15.34 17.06 17.02
C PHE K 113 -13.85 16.73 16.92
N SER K 114 -13.01 17.74 17.13
CA SER K 114 -11.55 17.54 17.09
C SER K 114 -11.06 16.80 18.34
N PRO K 115 -10.09 15.90 18.20
CA PRO K 115 -9.46 15.26 19.38
C PRO K 115 -8.91 16.24 20.38
N HIS K 116 -8.52 17.44 19.92
CA HIS K 116 -8.07 18.46 20.86
C HIS K 116 -9.19 18.83 21.84
N ARG K 117 -10.44 18.84 21.38
CA ARG K 117 -11.54 19.16 22.30
C ARG K 117 -11.77 18.04 23.31
N VAL K 118 -11.58 16.78 22.88
CA VAL K 118 -11.77 15.66 23.81
C VAL K 118 -10.74 15.73 24.92
N GLU K 119 -9.46 16.00 24.57
CA GLU K 119 -8.43 16.13 25.58
C GLU K 119 -8.74 17.23 26.59
N ARG K 120 -9.22 18.39 26.10
CA ARG K 120 -9.50 19.48 27.02
C ARG K 120 -10.67 19.14 27.95
N ALA K 121 -11.74 18.57 27.39
CA ALA K 121 -12.88 18.20 28.24
C ALA K 121 -12.45 17.24 29.34
N LEU K 122 -11.67 16.21 28.99
CA LEU K 122 -11.23 15.25 30.00
C LEU K 122 -10.29 15.90 31.00
N ASN K 123 -9.38 16.77 30.53
CA ASN K 123 -8.47 17.44 31.46
C ASN K 123 -9.22 18.38 32.41
N LEU K 124 -10.36 18.91 31.99
CA LEU K 124 -11.16 19.75 32.90
C LEU K 124 -11.74 18.96 34.06
N LEU K 125 -11.77 17.62 33.99
CA LEU K 125 -12.27 16.79 35.08
C LEU K 125 -11.19 16.40 36.07
N ASP K 126 -9.92 16.67 35.77
CA ASP K 126 -8.85 16.35 36.69
C ASP K 126 -9.07 17.12 37.98
N GLY K 127 -8.92 16.43 39.11
CA GLY K 127 -9.10 17.05 40.41
C GLY K 127 -10.53 17.04 40.92
N THR K 128 -11.49 16.57 40.14
CA THR K 128 -12.85 16.50 40.63
C THR K 128 -13.02 15.30 41.56
N PRO K 129 -14.04 15.36 42.44
CA PRO K 129 -14.31 14.25 43.36
C PRO K 129 -14.56 12.91 42.69
N ALA K 130 -14.93 12.85 41.41
CA ALA K 130 -15.05 11.53 40.79
C ALA K 130 -13.71 10.95 40.35
N THR K 131 -12.75 11.79 39.96
CA THR K 131 -11.47 11.30 39.45
C THR K 131 -10.36 11.26 40.48
N GLN K 132 -10.67 11.45 41.76
CA GLN K 132 -9.64 11.47 42.79
C GLN K 132 -8.94 10.13 42.84
N GLY K 133 -7.61 10.18 42.96
CA GLY K 133 -6.78 8.99 43.00
C GLY K 133 -6.54 8.33 41.66
N LYS K 134 -7.04 8.88 40.58
CA LYS K 134 -6.87 8.30 39.26
C LYS K 134 -5.91 9.14 38.42
N ASP K 135 -5.00 8.46 37.72
CA ASP K 135 -4.17 9.11 36.71
C ASP K 135 -5.04 9.80 35.68
N TRP K 136 -4.85 11.10 35.51
CA TRP K 136 -5.77 11.85 34.64
C TRP K 136 -5.07 13.00 33.94
N ASN K 137 -3.76 12.88 33.72
CA ASN K 137 -3.02 13.84 32.91
C ASN K 137 -3.20 13.41 31.46
N ILE K 138 -4.27 13.86 30.83
CA ILE K 138 -4.66 13.36 29.52
C ILE K 138 -3.85 14.05 28.43
N GLY K 139 -3.34 13.27 27.47
CA GLY K 139 -2.64 13.81 26.33
C GLY K 139 -3.06 13.13 25.05
N VAL K 140 -2.51 13.62 23.93
CA VAL K 140 -2.90 13.18 22.59
C VAL K 140 -1.64 12.90 21.80
N SER K 141 -1.65 11.79 21.06
CA SER K 141 -0.58 11.49 20.13
C SER K 141 -1.22 11.22 18.77
N ILE K 142 -0.67 11.81 17.71
CA ILE K 142 -1.29 11.70 16.39
C ILE K 142 -0.26 11.20 15.38
N LEU K 143 -0.65 10.19 14.61
CA LEU K 143 0.22 9.56 13.60
C LEU K 143 -0.38 9.72 12.22
N SER K 144 0.47 10.10 11.26
CA SER K 144 0.10 10.27 9.85
C SER K 144 0.93 9.35 8.96
N PRO K 145 0.57 9.14 7.70
CA PRO K 145 1.40 8.29 6.84
C PRO K 145 2.78 8.91 6.60
N ARG K 146 3.72 8.05 6.25
CA ARG K 146 5.06 8.50 5.85
C ARG K 146 4.95 9.36 4.59
N SER K 147 5.97 10.17 4.35
CA SER K 147 5.99 11.01 3.17
C SER K 147 5.78 10.18 1.91
N GLY K 148 4.85 10.62 1.07
CA GLY K 148 4.59 9.93 -0.18
C GLY K 148 3.77 8.67 -0.08
N ALA K 149 3.27 8.32 1.11
CA ALA K 149 2.42 7.16 1.31
C ALA K 149 0.97 7.59 1.46
N ALA K 150 0.07 6.77 0.94
CA ALA K 150 -1.36 7.05 1.04
C ALA K 150 -1.97 6.60 2.37
N MET K 151 -1.32 5.68 3.08
CA MET K 151 -1.88 5.22 4.34
C MET K 151 -0.76 4.85 5.30
N ILE K 152 -1.15 4.65 6.54
CA ILE K 152 -0.25 4.18 7.60
C ILE K 152 -0.12 2.66 7.47
N THR K 153 1.11 2.17 7.43
CA THR K 153 1.33 0.74 7.28
C THR K 153 1.47 0.02 8.61
N GLN K 154 1.77 0.73 9.70
CA GLN K 154 1.91 0.12 11.02
C GLN K 154 1.78 1.20 12.08
N VAL K 155 0.99 0.93 13.12
CA VAL K 155 0.93 1.80 14.29
C VAL K 155 1.34 0.96 15.48
N THR K 156 2.29 1.46 16.27
CA THR K 156 2.78 0.75 17.45
C THR K 156 2.36 1.51 18.70
N LEU K 157 1.59 0.86 19.58
CA LEU K 157 1.22 1.51 20.83
C LEU K 157 2.43 1.65 21.75
N PRO K 158 2.47 2.69 22.58
CA PRO K 158 3.50 2.76 23.61
C PRO K 158 3.24 1.73 24.68
N ALA K 159 4.22 1.54 25.56
CA ALA K 159 3.98 0.77 26.77
C ALA K 159 2.91 1.47 27.59
N LEU K 160 1.86 0.73 27.94
CA LEU K 160 0.68 1.32 28.58
C LEU K 160 0.75 1.32 30.10
N GLY K 161 1.66 0.56 30.69
CA GLY K 161 1.73 0.53 32.15
C GLY K 161 0.41 0.06 32.76
N ASP K 162 -0.10 0.81 33.72
CA ASP K 162 -1.35 0.46 34.39
C ASP K 162 -2.56 1.20 33.83
N THR K 163 -2.38 1.92 32.74
CA THR K 163 -3.48 2.65 32.12
C THR K 163 -4.60 1.69 31.75
N ASP K 164 -5.84 2.07 32.08
CA ASP K 164 -6.96 1.19 31.83
C ASP K 164 -8.03 1.86 30.99
N ARG K 165 -7.74 2.98 30.34
CA ARG K 165 -8.74 3.62 29.50
C ARG K 165 -8.08 4.48 28.44
N LEU K 166 -8.62 4.43 27.22
CA LEU K 166 -8.08 5.11 26.06
C LEU K 166 -9.21 5.51 25.13
N ILE K 167 -8.95 6.51 24.30
CA ILE K 167 -9.84 6.85 23.21
C ILE K 167 -8.99 6.90 21.94
N PHE K 168 -9.53 6.38 20.83
CA PHE K 168 -8.90 6.53 19.54
C PHE K 168 -9.79 7.37 18.65
N ASP K 169 -9.20 8.23 17.85
CA ASP K 169 -9.86 8.79 16.68
C ASP K 169 -9.11 8.23 15.48
N VAL K 170 -9.80 7.46 14.64
CA VAL K 170 -9.22 6.82 13.46
C VAL K 170 -9.96 7.34 12.24
N LYS K 171 -9.22 7.60 11.16
CA LYS K 171 -9.79 7.92 9.86
C LYS K 171 -9.43 6.78 8.93
N VAL K 172 -10.45 6.12 8.35
CA VAL K 172 -10.27 4.82 7.71
C VAL K 172 -10.91 4.81 6.33
N GLY K 173 -10.16 4.37 5.33
CA GLY K 173 -10.69 3.99 4.04
C GLY K 173 -10.49 2.50 3.82
N SER K 174 -10.94 2.03 2.65
CA SER K 174 -10.68 0.64 2.31
C SER K 174 -10.98 0.45 0.83
N ASP K 175 -10.49 -0.67 0.29
CA ASP K 175 -10.82 -1.01 -1.09
C ASP K 175 -12.32 -1.18 -1.24
N ALA K 176 -12.97 -1.81 -0.25
CA ALA K 176 -14.41 -2.00 -0.32
C ALA K 176 -15.14 -0.66 -0.30
N ARG K 177 -14.69 0.27 0.54
CA ARG K 177 -15.33 1.58 0.58
C ARG K 177 -15.12 2.33 -0.72
N THR K 178 -13.91 2.23 -1.30
CA THR K 178 -13.67 2.83 -2.60
C THR K 178 -14.54 2.20 -3.69
N ALA K 179 -14.71 0.88 -3.66
CA ALA K 179 -15.56 0.21 -4.64
C ALA K 179 -17.02 0.64 -4.50
N ALA K 180 -17.45 0.94 -3.28
CA ALA K 180 -18.81 1.40 -3.03
C ALA K 180 -18.97 2.90 -3.20
N GLY K 181 -17.90 3.63 -3.51
CA GLY K 181 -17.99 5.07 -3.61
C GLY K 181 -18.24 5.78 -2.30
N ALA K 182 -17.91 5.15 -1.17
CA ALA K 182 -18.16 5.72 0.14
C ALA K 182 -16.96 6.52 0.60
N ASP K 183 -17.22 7.62 1.29
CA ASP K 183 -16.16 8.44 1.84
C ASP K 183 -15.48 7.73 3.01
N ASP K 184 -14.29 8.23 3.38
CA ASP K 184 -13.60 7.70 4.54
C ASP K 184 -14.43 7.98 5.80
N ILE K 185 -14.32 7.09 6.78
CA ILE K 185 -15.00 7.27 8.07
C ILE K 185 -14.00 7.86 9.05
N ASP K 186 -14.45 8.83 9.83
CA ASP K 186 -13.64 9.48 10.85
C ASP K 186 -14.42 9.29 12.17
N HIS K 187 -13.84 8.54 13.11
CA HIS K 187 -14.64 7.95 14.17
C HIS K 187 -13.88 7.83 15.48
N PHE K 188 -14.54 8.16 16.60
CA PHE K 188 -14.01 7.98 17.95
C PHE K 188 -14.49 6.66 18.55
N VAL K 189 -13.59 5.95 19.24
CA VAL K 189 -13.98 4.79 20.04
C VAL K 189 -13.28 4.90 21.39
N ALA K 190 -13.74 4.09 22.34
CA ALA K 190 -13.12 3.99 23.64
C ALA K 190 -12.63 2.56 23.87
N PHE K 191 -11.62 2.42 24.73
CA PHE K 191 -11.15 1.14 25.23
C PHE K 191 -11.12 1.21 26.74
N ARG K 192 -11.50 0.11 27.40
CA ARG K 192 -11.45 0.01 28.84
C ARG K 192 -10.97 -1.41 29.21
N LYS K 193 -10.23 -1.52 30.30
CA LYS K 193 -9.90 -2.82 30.86
C LYS K 193 -10.97 -3.25 31.85
N ASP K 194 -11.36 -4.52 31.79
CA ASP K 194 -12.33 -5.01 32.73
C ASP K 194 -11.65 -5.43 34.03
N ASP K 195 -12.43 -6.01 34.95
CA ASP K 195 -11.90 -6.40 36.24
C ASP K 195 -10.90 -7.54 36.17
N GLN K 196 -10.78 -8.22 35.02
CA GLN K 196 -9.83 -9.30 34.80
C GLN K 196 -8.55 -8.81 34.13
N GLY K 197 -8.47 -7.53 33.81
CA GLY K 197 -7.36 -6.97 33.10
C GLY K 197 -7.47 -7.06 31.60
N ALA K 198 -8.59 -7.55 31.06
CA ALA K 198 -8.74 -7.72 29.62
C ALA K 198 -9.29 -6.44 28.99
N TRP K 199 -8.73 -6.08 27.84
CA TRP K 199 -9.15 -4.89 27.13
C TRP K 199 -10.44 -5.12 26.34
N TRP K 200 -11.30 -4.11 26.32
CA TRP K 200 -12.55 -4.17 25.57
C TRP K 200 -12.67 -2.94 24.69
N LEU K 201 -12.94 -3.15 23.41
CA LEU K 201 -13.36 -2.07 22.53
C LEU K 201 -14.81 -1.75 22.82
N LEU K 202 -15.11 -0.47 23.05
CA LEU K 202 -16.47 0.01 23.33
C LEU K 202 -16.80 1.04 22.27
N ASP K 203 -17.63 0.66 21.31
CA ASP K 203 -17.90 1.49 20.13
C ASP K 203 -19.39 1.83 20.10
N SER K 204 -19.69 3.11 19.91
CA SER K 204 -21.09 3.52 19.87
C SER K 204 -21.76 3.04 18.58
N ARG K 205 -20.99 2.77 17.53
CA ARG K 205 -21.55 2.17 16.32
C ARG K 205 -21.71 0.67 16.51
N SER K 206 -22.61 0.08 15.72
CA SER K 206 -22.87 -1.35 15.83
C SER K 206 -22.01 -2.21 14.90
N SER K 207 -21.12 -1.60 14.10
CA SER K 207 -20.21 -2.37 13.26
C SER K 207 -18.84 -1.69 13.21
N GLU K 208 -17.81 -2.49 12.92
CA GLU K 208 -16.43 -2.02 12.98
C GLU K 208 -16.17 -0.87 12.01
N VAL K 209 -15.32 0.06 12.42
CA VAL K 209 -14.90 1.16 11.54
C VAL K 209 -14.42 0.61 10.21
N HIS K 210 -13.68 -0.49 10.23
CA HIS K 210 -13.11 -1.03 9.00
C HIS K 210 -14.01 -2.09 8.36
N ALA K 211 -15.26 -2.21 8.79
CA ALA K 211 -16.16 -3.17 8.18
C ALA K 211 -16.54 -2.70 6.78
N PRO K 212 -16.98 -3.61 5.93
CA PRO K 212 -17.48 -3.21 4.62
C PRO K 212 -18.63 -2.22 4.80
N PRO K 213 -18.78 -1.28 3.86
CA PRO K 213 -19.77 -0.23 4.05
C PRO K 213 -21.20 -0.76 4.00
N GLY K 214 -21.43 -1.91 3.37
CA GLY K 214 -22.74 -2.50 3.28
C GLY K 214 -23.07 -3.36 4.48
N GLN K 215 -22.27 -3.24 5.55
CA GLN K 215 -22.47 -4.05 6.74
C GLN K 215 -23.62 -3.48 7.56
N GLU K 216 -24.64 -4.29 7.76
CA GLU K 216 -25.84 -3.91 8.47
C GLU K 216 -25.87 -4.73 9.75
N SER K 217 -26.35 -4.14 10.85
CA SER K 217 -26.33 -4.85 12.12
C SER K 217 -27.58 -4.49 12.90
N SER K 218 -27.54 -4.67 14.23
CA SER K 218 -28.71 -4.49 15.09
C SER K 218 -28.82 -3.10 15.73
N GLY K 219 -27.79 -2.25 15.62
CA GLY K 219 -27.79 -0.99 16.29
C GLY K 219 -27.24 -1.02 17.71
N SER K 220 -27.03 -2.21 18.28
CA SER K 220 -26.48 -2.32 19.62
C SER K 220 -25.00 -1.93 19.62
N PRO K 221 -24.55 -1.16 20.60
CA PRO K 221 -23.16 -0.71 20.59
C PRO K 221 -22.22 -1.89 20.67
N LEU K 222 -21.06 -1.74 20.06
CA LEU K 222 -20.08 -2.82 19.98
C LEU K 222 -19.31 -2.92 21.30
N ARG K 223 -19.24 -4.13 21.86
CA ARG K 223 -18.41 -4.45 23.02
C ARG K 223 -17.60 -5.67 22.61
N ARG K 224 -16.32 -5.48 22.28
CA ARG K 224 -15.51 -6.55 21.70
C ARG K 224 -14.24 -6.69 22.54
N GLN K 225 -13.92 -7.92 22.96
CA GLN K 225 -12.71 -8.15 23.72
C GLN K 225 -11.56 -8.27 22.74
N ILE K 226 -10.72 -7.24 22.71
CA ILE K 226 -9.57 -7.23 21.82
C ILE K 226 -8.56 -6.23 22.36
N GLU K 227 -7.28 -6.58 22.29
CA GLU K 227 -6.22 -5.64 22.66
C GLU K 227 -6.26 -4.45 21.71
N PRO K 228 -6.01 -3.24 22.21
CA PRO K 228 -5.99 -2.08 21.31
C PRO K 228 -4.95 -2.22 20.20
N GLN K 229 -3.80 -2.87 20.48
CA GLN K 229 -2.79 -3.12 19.44
C GLN K 229 -3.31 -4.06 18.37
N ALA K 230 -4.00 -5.13 18.76
CA ALA K 230 -4.51 -6.07 17.76
C ALA K 230 -5.61 -5.41 16.93
N TRP K 231 -6.41 -4.56 17.57
CA TRP K 231 -7.46 -3.86 16.84
C TRP K 231 -6.86 -2.94 15.79
N LEU K 232 -5.82 -2.18 16.16
CA LEU K 232 -5.16 -1.32 15.18
C LEU K 232 -4.53 -2.14 14.07
N ASN K 233 -3.86 -3.25 14.43
CA ASN K 233 -3.24 -4.10 13.40
C ASN K 233 -4.29 -4.69 12.48
N GLU K 234 -5.46 -5.02 13.00
CA GLU K 234 -6.53 -5.50 12.14
C GLU K 234 -6.94 -4.41 11.15
N ILE K 235 -6.93 -3.14 11.57
CA ILE K 235 -7.29 -2.06 10.66
C ILE K 235 -6.22 -1.89 9.56
N THR K 236 -4.94 -1.83 9.94
CA THR K 236 -3.92 -1.55 8.93
C THR K 236 -3.68 -2.71 7.99
N THR K 237 -3.98 -3.93 8.39
CA THR K 237 -3.81 -5.06 7.50
C THR K 237 -5.01 -5.27 6.61
N THR K 238 -6.21 -4.88 7.06
CA THR K 238 -7.47 -5.14 6.37
C THR K 238 -8.05 -3.92 5.64
N ALA K 239 -7.60 -2.72 5.98
CA ALA K 239 -8.16 -1.47 5.45
C ALA K 239 -7.04 -0.45 5.24
N HIS K 240 -7.41 0.83 5.06
CA HIS K 240 -6.47 1.93 4.81
C HIS K 240 -6.60 2.93 5.96
N LEU K 241 -5.69 2.88 6.93
CA LEU K 241 -5.70 3.81 8.05
C LEU K 241 -5.04 5.11 7.57
N LYS K 242 -5.81 6.19 7.48
CA LYS K 242 -5.26 7.44 6.97
C LYS K 242 -4.61 8.23 8.07
N THR K 243 -5.19 8.18 9.27
CA THR K 243 -4.74 8.94 10.43
C THR K 243 -5.24 8.24 11.67
N VAL K 244 -4.49 8.37 12.77
CA VAL K 244 -4.95 7.89 14.07
C VAL K 244 -4.50 8.86 15.15
N ALA K 245 -5.39 9.21 16.07
CA ALA K 245 -5.05 9.93 17.29
C ALA K 245 -5.35 9.04 18.49
N LEU K 246 -4.42 8.98 19.43
CA LEU K 246 -4.60 8.25 20.69
C LEU K 246 -4.70 9.27 21.82
N ILE K 247 -5.76 9.17 22.62
CA ILE K 247 -5.99 10.09 23.73
C ILE K 247 -6.10 9.27 25.01
N GLY K 248 -5.37 9.67 26.06
CA GLY K 248 -5.49 8.96 27.31
C GLY K 248 -4.53 9.43 28.40
N PRO K 249 -4.61 8.83 29.59
CA PRO K 249 -3.69 9.24 30.66
C PRO K 249 -2.27 8.86 30.28
N GLY K 250 -1.34 9.77 30.57
CA GLY K 250 0.05 9.51 30.33
C GLY K 250 0.48 9.55 28.88
N ILE K 251 -0.44 9.78 27.97
CA ILE K 251 -0.14 9.87 26.55
C ILE K 251 0.39 11.27 26.25
N THR K 252 1.46 11.35 25.44
CA THR K 252 2.06 12.61 24.98
C THR K 252 2.29 12.51 23.46
N GLY K 253 2.81 13.59 22.86
CA GLY K 253 2.88 13.65 21.40
C GLY K 253 3.67 12.50 20.78
N GLN K 254 4.69 12.00 21.47
CA GLN K 254 5.55 10.96 20.90
C GLN K 254 5.12 9.54 21.27
N SER K 255 3.91 9.37 21.83
CA SER K 255 3.49 8.05 22.31
C SER K 255 3.37 7.04 21.17
N LEU K 256 2.71 7.43 20.07
CA LEU K 256 2.53 6.56 18.92
C LEU K 256 3.77 6.53 18.04
N THR K 257 4.14 5.34 17.57
CA THR K 257 5.23 5.17 16.60
C THR K 257 4.72 4.34 15.43
N ASP K 258 5.49 4.28 14.35
CA ASP K 258 5.08 3.50 13.19
C ASP K 258 6.08 2.41 12.83
N VAL K 259 6.94 2.05 13.79
CA VAL K 259 7.90 0.95 13.69
C VAL K 259 7.61 -0.08 14.76
N PRO K 260 7.97 -1.35 14.55
CA PRO K 260 7.79 -2.38 15.59
C PRO K 260 8.58 -2.01 16.85
N ARG K 261 8.33 -2.77 17.91
CA ARG K 261 8.99 -2.46 19.18
C ARG K 261 9.75 -3.64 19.76
N MET L 1 12.31 35.93 16.70
CA MET L 1 11.16 36.57 17.33
C MET L 1 10.19 35.50 17.81
N GLN L 2 9.39 35.81 18.83
CA GLN L 2 8.44 34.84 19.36
C GLN L 2 7.05 35.08 18.78
N ILE L 3 6.37 33.99 18.41
CA ILE L 3 4.95 34.07 18.08
C ILE L 3 4.26 33.00 18.91
N PHE L 4 2.94 33.13 18.99
CA PHE L 4 2.12 32.25 19.83
C PHE L 4 1.16 31.47 18.93
N VAL L 5 0.91 30.20 19.27
CA VAL L 5 0.02 29.35 18.49
C VAL L 5 -0.99 28.75 19.48
N LYS L 6 -2.26 29.17 19.35
CA LYS L 6 -3.33 28.66 20.21
C LYS L 6 -3.91 27.37 19.62
N THR L 7 -4.32 26.45 20.50
CA THR L 7 -5.00 25.23 20.09
C THR L 7 -6.28 25.07 20.90
N LEU L 8 -7.15 24.19 20.43
CA LEU L 8 -8.42 23.91 21.12
C LEU L 8 -8.24 23.03 22.34
N THR L 9 -7.03 22.58 22.62
CA THR L 9 -6.74 22.00 23.91
C THR L 9 -6.68 23.08 24.99
N GLY L 10 -6.70 24.35 24.59
CA GLY L 10 -6.53 25.44 25.53
C GLY L 10 -5.09 25.81 25.79
N LYS L 11 -4.13 25.10 25.22
CA LYS L 11 -2.73 25.46 25.42
C LYS L 11 -2.26 26.39 24.31
N THR L 12 -1.38 27.30 24.66
CA THR L 12 -0.76 28.19 23.71
C THR L 12 0.68 27.76 23.58
N ILE L 13 1.11 27.54 22.35
CA ILE L 13 2.50 27.18 22.05
C ILE L 13 3.27 28.44 21.74
N THR L 14 4.46 28.57 22.29
CA THR L 14 5.37 29.66 21.97
C THR L 14 6.45 29.15 21.03
N LEU L 15 6.64 29.83 19.90
CA LEU L 15 7.61 29.42 18.89
C LEU L 15 8.65 30.53 18.71
N GLU L 16 9.90 30.14 18.48
CA GLU L 16 10.95 31.07 18.10
C GLU L 16 11.12 30.95 16.58
N VAL L 17 10.78 32.01 15.86
CA VAL L 17 10.76 31.97 14.39
C VAL L 17 11.49 33.20 13.86
N GLU L 18 11.63 33.25 12.53
CA GLU L 18 12.14 34.40 11.80
C GLU L 18 11.13 34.80 10.73
N PRO L 19 11.06 36.08 10.35
CA PRO L 19 10.07 36.51 9.35
C PRO L 19 10.16 35.72 8.04
N SER L 20 11.34 35.23 7.69
CA SER L 20 11.54 34.48 6.45
C SER L 20 11.21 32.99 6.55
N ASP L 21 10.81 32.49 7.72
CA ASP L 21 10.45 31.08 7.84
C ASP L 21 9.20 30.76 7.02
N THR L 22 9.24 29.66 6.27
CA THR L 22 8.03 29.22 5.59
C THR L 22 7.04 28.63 6.59
N ILE L 23 5.77 28.61 6.18
CA ILE L 23 4.75 27.95 6.99
C ILE L 23 5.11 26.49 7.18
N GLU L 24 5.74 25.88 6.17
CA GLU L 24 6.23 24.51 6.31
C GLU L 24 7.25 24.41 7.42
N ASN L 25 8.16 25.40 7.55
CA ASN L 25 9.11 25.41 8.67
C ASN L 25 8.41 25.56 10.02
N VAL L 26 7.38 26.43 10.09
CA VAL L 26 6.64 26.64 11.32
C VAL L 26 5.95 25.35 11.76
N LYS L 27 5.36 24.62 10.81
CA LYS L 27 4.74 23.34 11.14
C LYS L 27 5.75 22.30 11.62
N ALA L 28 6.99 22.33 11.10
CA ALA L 28 8.01 21.43 11.63
C ALA L 28 8.37 21.77 13.07
N LYS L 29 8.43 23.05 13.40
CA LYS L 29 8.70 23.45 14.79
C LYS L 29 7.56 23.01 15.72
N ILE L 30 6.32 23.11 15.25
CA ILE L 30 5.20 22.65 16.08
C ILE L 30 5.28 21.13 16.29
N GLN L 31 5.67 20.39 15.23
CA GLN L 31 5.84 18.95 15.38
C GLN L 31 6.95 18.64 16.38
N ASP L 32 8.04 19.41 16.34
CA ASP L 32 9.15 19.16 17.26
C ASP L 32 8.72 19.40 18.69
N LYS L 33 7.86 20.39 18.91
CA LYS L 33 7.42 20.75 20.26
C LYS L 33 6.26 19.88 20.74
N GLU L 34 5.25 19.67 19.91
CA GLU L 34 4.01 19.04 20.32
C GLU L 34 3.74 17.68 19.70
N GLY L 35 4.53 17.26 18.72
CA GLY L 35 4.38 15.95 18.10
C GLY L 35 3.29 15.83 17.05
N ILE L 36 2.62 16.91 16.70
CA ILE L 36 1.56 16.89 15.68
C ILE L 36 2.16 16.82 14.28
N PRO L 37 1.80 15.84 13.46
CA PRO L 37 2.35 15.79 12.09
C PRO L 37 1.92 17.01 11.31
N PRO L 38 2.79 17.57 10.45
CA PRO L 38 2.42 18.80 9.72
C PRO L 38 1.17 18.67 8.85
N ASP L 39 0.95 17.51 8.23
CA ASP L 39 -0.24 17.35 7.38
C ASP L 39 -1.54 17.28 8.20
N GLN L 40 -1.47 17.18 9.52
CA GLN L 40 -2.66 17.34 10.36
C GLN L 40 -2.83 18.75 10.87
N GLN L 41 -1.85 19.64 10.64
CA GLN L 41 -1.89 21.00 11.15
C GLN L 41 -2.56 21.91 10.14
N ARG L 42 -3.56 22.64 10.59
CA ARG L 42 -4.14 23.70 9.78
C ARG L 42 -3.92 25.01 10.53
N LEU L 43 -3.07 25.88 9.98
CA LEU L 43 -2.72 27.13 10.63
C LEU L 43 -3.56 28.26 10.04
N ILE L 44 -4.01 29.16 10.92
CA ILE L 44 -4.90 30.25 10.57
C ILE L 44 -4.36 31.51 11.24
N PHE L 45 -4.26 32.60 10.49
CA PHE L 45 -3.86 33.89 11.04
C PHE L 45 -4.92 34.91 10.66
N ALA L 46 -5.60 35.46 11.68
CA ALA L 46 -6.62 36.48 11.49
C ALA L 46 -7.67 36.04 10.47
N GLY L 47 -8.05 34.77 10.57
CA GLY L 47 -9.09 34.19 9.74
C GLY L 47 -8.63 33.64 8.40
N LYS L 48 -7.34 33.73 8.09
CA LYS L 48 -6.85 33.32 6.78
C LYS L 48 -6.01 32.06 6.95
N GLN L 49 -6.30 31.05 6.14
CA GLN L 49 -5.52 29.82 6.18
C GLN L 49 -4.14 30.04 5.56
N LEU L 50 -3.11 29.50 6.21
CA LEU L 50 -1.72 29.70 5.80
C LEU L 50 -1.26 28.55 4.91
N GLU L 51 -0.63 28.89 3.78
CA GLU L 51 -0.16 27.90 2.81
C GLU L 51 1.29 27.51 3.12
N ASP L 52 1.61 26.22 2.94
CA ASP L 52 2.89 25.68 3.40
C ASP L 52 4.07 26.38 2.73
N GLY L 53 3.95 26.74 1.45
CA GLY L 53 5.03 27.33 0.70
C GLY L 53 5.28 28.81 0.93
N ARG L 54 4.38 29.51 1.58
CA ARG L 54 4.51 30.94 1.84
C ARG L 54 5.27 31.15 3.15
N THR L 55 5.66 32.40 3.41
CA THR L 55 6.42 32.74 4.62
C THR L 55 5.57 33.49 5.63
N LEU L 56 6.07 33.55 6.86
CA LEU L 56 5.44 34.37 7.87
C LEU L 56 5.34 35.82 7.42
N SER L 57 6.39 36.31 6.74
CA SER L 57 6.41 37.68 6.24
C SER L 57 5.32 37.94 5.19
N ASP L 58 5.04 36.95 4.34
CA ASP L 58 3.98 37.11 3.34
C ASP L 58 2.62 37.42 3.96
N TYR L 59 2.34 36.90 5.15
CA TYR L 59 1.09 37.16 5.86
C TYR L 59 1.22 38.31 6.86
N ASN L 60 2.33 39.02 6.86
CA ASN L 60 2.58 40.12 7.81
C ASN L 60 2.42 39.65 9.26
N ILE L 61 2.90 38.43 9.53
CA ILE L 61 2.96 37.88 10.89
C ILE L 61 4.22 38.42 11.55
N GLN L 62 4.06 39.20 12.62
CA GLN L 62 5.19 39.86 13.26
C GLN L 62 5.39 39.32 14.68
N LYS L 63 6.34 39.93 15.41
CA LYS L 63 6.62 39.41 16.73
C LYS L 63 5.37 39.50 17.60
N GLU L 64 5.16 38.45 18.40
CA GLU L 64 4.05 38.31 19.33
C GLU L 64 2.70 38.20 18.63
N SER L 65 2.67 37.94 17.33
CA SER L 65 1.43 37.58 16.69
C SER L 65 0.92 36.24 17.24
N THR L 66 -0.39 36.06 17.15
CA THR L 66 -1.03 34.84 17.60
C THR L 66 -1.63 34.11 16.43
N LEU L 67 -1.26 32.85 16.26
CA LEU L 67 -1.87 31.99 15.25
C LEU L 67 -2.84 31.02 15.93
N HIS L 68 -3.73 30.46 15.12
CA HIS L 68 -4.67 29.44 15.55
C HIS L 68 -4.37 28.15 14.83
N LEU L 69 -4.25 27.07 15.58
CA LEU L 69 -3.97 25.76 15.03
C LEU L 69 -5.17 24.85 15.28
N VAL L 70 -5.74 24.28 14.22
CA VAL L 70 -6.76 23.25 14.38
C VAL L 70 -6.32 22.00 13.61
N LEU L 71 -6.77 20.84 14.07
CA LEU L 71 -6.48 19.57 13.42
C LEU L 71 -7.40 19.36 12.24
N ARG L 72 -6.99 18.46 11.34
CA ARG L 72 -7.94 18.06 10.29
C ARG L 72 -8.84 16.91 10.73
N LEU L 73 -8.39 16.10 11.68
CA LEU L 73 -9.22 15.03 12.25
C LEU L 73 -10.47 15.63 12.90
N ARG L 74 -11.62 14.99 12.70
CA ARG L 74 -12.90 15.45 13.25
C ARG L 74 -13.82 14.23 13.41
N GLY L 75 -13.57 13.45 14.45
CA GLY L 75 -14.23 12.16 14.63
C GLY L 75 -15.72 12.25 14.90
N ILE M 25 -40.78 -70.94 20.18
CA ILE M 25 -40.86 -70.29 21.49
C ILE M 25 -40.48 -68.82 21.35
N GLY M 26 -39.25 -68.52 20.94
CA GLY M 26 -38.86 -67.12 20.74
C GLY M 26 -37.35 -66.94 20.75
N ALA M 27 -36.93 -65.75 21.18
CA ALA M 27 -35.53 -65.34 21.21
C ALA M 27 -35.30 -64.45 22.42
N ALA M 28 -34.04 -64.20 22.75
CA ALA M 28 -33.77 -63.42 23.95
C ALA M 28 -34.10 -61.95 23.74
N ARG M 29 -33.85 -61.42 22.55
CA ARG M 29 -33.99 -60.00 22.24
C ARG M 29 -34.49 -59.87 20.81
N SER M 30 -34.91 -58.66 20.45
CA SER M 30 -35.21 -58.42 19.04
C SER M 30 -33.95 -58.70 18.20
N PRO M 31 -34.11 -59.22 16.99
CA PRO M 31 -32.93 -59.52 16.15
C PRO M 31 -32.03 -58.32 15.89
N TRP M 32 -32.58 -57.12 15.66
CA TRP M 32 -31.69 -56.00 15.37
C TRP M 32 -30.92 -55.59 16.61
N ASP M 33 -31.54 -55.67 17.79
CA ASP M 33 -30.78 -55.40 19.01
C ASP M 33 -29.73 -56.48 19.29
N GLN M 34 -30.06 -57.76 19.01
CA GLN M 34 -29.08 -58.82 19.23
C GLN M 34 -27.84 -58.65 18.36
N ALA M 35 -28.03 -58.23 17.11
CA ALA M 35 -26.88 -58.03 16.22
C ALA M 35 -25.97 -56.90 16.72
N LEU M 36 -26.54 -55.80 17.23
CA LEU M 36 -25.73 -54.70 17.76
C LEU M 36 -24.93 -55.17 18.96
N ARG M 37 -25.56 -55.92 19.87
CA ARG M 37 -24.86 -56.45 21.04
C ARG M 37 -23.77 -57.44 20.64
N ASP M 38 -24.04 -58.28 19.63
CA ASP M 38 -23.02 -59.24 19.18
C ASP M 38 -21.79 -58.52 18.66
N ARG M 39 -21.99 -57.42 17.95
CA ARG M 39 -20.88 -56.61 17.47
C ARG M 39 -20.06 -56.06 18.65
N PHE M 40 -20.73 -55.52 19.67
CA PHE M 40 -20.02 -54.98 20.83
C PHE M 40 -19.24 -56.07 21.56
N ASP M 41 -19.82 -57.25 21.74
CA ASP M 41 -19.14 -58.31 22.49
C ASP M 41 -17.89 -58.82 21.78
N ALA M 42 -17.80 -58.68 20.47
CA ALA M 42 -16.61 -59.13 19.77
C ALA M 42 -15.54 -58.05 19.68
N ALA M 43 -15.80 -56.84 20.18
CA ALA M 43 -14.86 -55.74 20.04
C ALA M 43 -13.74 -55.79 21.08
N LEU M 44 -12.58 -55.28 20.68
CA LEU M 44 -11.45 -55.04 21.57
C LEU M 44 -11.61 -53.64 22.15
N LEU M 45 -11.53 -53.52 23.48
CA LEU M 45 -11.80 -52.25 24.15
C LEU M 45 -10.64 -51.86 25.05
N PRO M 46 -9.52 -51.42 24.46
CA PRO M 46 -8.33 -51.13 25.30
C PRO M 46 -8.51 -49.95 26.24
N ALA M 47 -9.44 -49.03 25.97
CA ALA M 47 -9.69 -47.89 26.86
C ALA M 47 -11.03 -47.99 27.58
N LEU M 48 -11.46 -49.22 27.89
CA LEU M 48 -12.72 -49.44 28.58
C LEU M 48 -12.72 -48.78 29.95
N GLY M 49 -11.66 -48.97 30.71
CA GLY M 49 -11.50 -48.32 31.99
C GLY M 49 -10.62 -47.08 31.86
N PRO M 50 -10.38 -46.39 32.97
CA PRO M 50 -9.47 -45.23 32.95
C PRO M 50 -8.09 -45.68 32.52
N VAL M 51 -7.49 -44.95 31.58
CA VAL M 51 -6.13 -45.21 31.06
C VAL M 51 -5.39 -43.89 30.87
N PRO M 52 -4.06 -43.89 30.67
CA PRO M 52 -3.38 -42.65 30.26
C PRO M 52 -4.00 -42.14 28.96
N HIS M 53 -3.96 -40.80 28.80
CA HIS M 53 -4.75 -40.16 27.75
C HIS M 53 -4.33 -40.60 26.35
N ASP M 54 -3.05 -40.91 26.15
CA ASP M 54 -2.59 -41.37 24.84
C ASP M 54 -3.16 -42.73 24.47
N GLN M 55 -3.75 -43.45 25.41
CA GLN M 55 -4.36 -44.75 25.15
C GLN M 55 -5.87 -44.68 25.00
N PHE M 56 -6.49 -43.52 25.17
CA PHE M 56 -7.91 -43.36 24.85
C PHE M 56 -8.15 -43.68 23.38
N HIS M 57 -9.32 -44.25 23.10
CA HIS M 57 -9.75 -44.50 21.73
C HIS M 57 -10.42 -43.24 21.20
N VAL M 58 -9.90 -42.67 20.12
CA VAL M 58 -10.49 -41.52 19.44
C VAL M 58 -10.41 -41.74 17.94
N GLU M 59 -11.52 -41.59 17.25
CA GLU M 59 -11.50 -41.86 15.80
C GLU M 59 -11.54 -40.56 15.02
N PRO M 60 -10.78 -40.46 13.94
CA PRO M 60 -10.95 -39.31 13.05
C PRO M 60 -12.33 -39.31 12.41
N GLN M 61 -12.90 -38.11 12.28
CA GLN M 61 -14.28 -37.98 11.82
C GLN M 61 -14.44 -38.58 10.42
N VAL M 62 -15.52 -39.34 10.22
CA VAL M 62 -15.90 -39.84 8.89
C VAL M 62 -17.31 -39.35 8.59
N ALA M 63 -17.47 -38.63 7.47
CA ALA M 63 -18.77 -38.08 7.03
C ALA M 63 -19.37 -37.31 8.21
N SER M 64 -20.61 -37.58 8.62
CA SER M 64 -21.21 -36.96 9.80
C SER M 64 -21.51 -38.01 10.86
N ALA M 65 -20.60 -38.97 11.02
CA ALA M 65 -20.79 -40.09 11.93
C ALA M 65 -20.28 -39.80 13.34
N CYS M 66 -20.30 -38.54 13.77
CA CYS M 66 -19.73 -38.22 15.08
C CYS M 66 -20.46 -38.95 16.22
N ALA M 67 -21.75 -39.30 16.04
CA ALA M 67 -22.41 -40.08 17.08
C ALA M 67 -21.71 -41.42 17.30
N ILE M 68 -21.33 -42.08 16.22
CA ILE M 68 -20.65 -43.36 16.35
C ILE M 68 -19.25 -43.17 16.92
N HIS M 69 -18.52 -42.17 16.42
CA HIS M 69 -17.18 -41.91 16.98
C HIS M 69 -17.27 -41.61 18.48
N SER M 70 -18.27 -40.83 18.90
CA SER M 70 -18.40 -40.50 20.33
C SER M 70 -18.78 -41.72 21.18
N ILE M 71 -19.69 -42.56 20.70
CA ILE M 71 -19.99 -43.80 21.41
C ILE M 71 -18.74 -44.65 21.58
N ASN M 72 -17.93 -44.78 20.52
CA ASN M 72 -16.73 -45.61 20.62
C ASN M 72 -15.72 -45.04 21.61
N ALA M 73 -15.57 -43.71 21.66
CA ALA M 73 -14.67 -43.12 22.66
C ALA M 73 -15.24 -43.28 24.06
N PHE M 74 -16.56 -43.16 24.21
CA PHE M 74 -17.24 -43.36 25.47
C PHE M 74 -16.97 -44.74 26.05
N VAL M 75 -17.13 -45.78 25.22
CA VAL M 75 -16.94 -47.15 25.72
C VAL M 75 -15.47 -47.54 25.72
N GLY M 76 -14.64 -46.91 24.89
CA GLY M 76 -13.20 -47.17 24.92
C GLY M 76 -12.65 -48.12 23.87
N GLY M 77 -13.25 -48.16 22.68
CA GLY M 77 -12.72 -49.00 21.63
C GLY M 77 -13.61 -48.95 20.41
N PRO M 78 -13.16 -49.58 19.31
CA PRO M 78 -13.98 -49.59 18.08
C PRO M 78 -15.18 -50.51 18.16
N ALA M 79 -16.09 -50.21 19.09
CA ALA M 79 -17.22 -51.09 19.33
C ALA M 79 -18.10 -51.18 18.10
N PHE M 80 -18.46 -50.04 17.53
CA PHE M 80 -19.39 -49.98 16.42
C PHE M 80 -18.74 -49.33 15.22
N ASP M 81 -19.02 -49.87 14.06
CA ASP M 81 -18.69 -49.16 12.83
C ASP M 81 -19.96 -48.60 12.22
N ILE M 82 -19.79 -47.81 11.17
CA ILE M 82 -20.92 -47.15 10.53
C ILE M 82 -21.94 -48.16 10.00
N PRO M 83 -21.54 -49.23 9.30
CA PRO M 83 -22.58 -50.16 8.80
C PRO M 83 -23.39 -50.81 9.90
N THR M 84 -22.74 -51.25 10.98
CA THR M 84 -23.48 -51.91 12.05
C THR M 84 -24.46 -50.96 12.72
N PHE M 85 -24.01 -49.74 13.03
CA PHE M 85 -24.89 -48.78 13.69
C PHE M 85 -26.03 -48.36 12.77
N THR M 86 -25.73 -48.13 11.49
CA THR M 86 -26.75 -47.67 10.56
C THR M 86 -27.83 -48.73 10.34
N THR M 87 -27.42 -49.99 10.25
CA THR M 87 -28.36 -51.08 10.07
C THR M 87 -29.29 -51.20 11.30
N TRP M 88 -28.72 -51.09 12.50
CA TRP M 88 -29.51 -51.10 13.73
C TRP M 88 -30.48 -49.92 13.77
N SER M 89 -30.00 -48.74 13.38
CA SER M 89 -30.79 -47.51 13.40
C SER M 89 -32.00 -47.62 12.47
N THR M 90 -31.80 -48.18 11.29
CA THR M 90 -32.87 -48.34 10.30
C THR M 90 -33.92 -49.33 10.80
N ALA M 91 -33.47 -50.48 11.30
CA ALA M 91 -34.43 -51.43 11.84
C ALA M 91 -35.17 -50.84 13.04
N SER M 92 -34.45 -50.09 13.88
CA SER M 92 -35.07 -49.46 15.04
C SER M 92 -36.15 -48.47 14.61
N THR M 93 -35.95 -47.76 13.49
CA THR M 93 -36.97 -46.85 12.98
C THR M 93 -38.23 -47.60 12.60
N ALA M 94 -38.07 -48.76 11.94
CA ALA M 94 -39.21 -49.58 11.56
C ALA M 94 -40.01 -50.01 12.80
N ALA M 95 -39.33 -50.39 13.89
CA ALA M 95 -40.08 -50.75 15.11
C ALA M 95 -40.71 -49.52 15.76
N PHE M 96 -40.07 -48.36 15.61
CA PHE M 96 -40.54 -47.15 16.26
C PHE M 96 -41.82 -46.62 15.64
N ILE M 97 -41.86 -46.54 14.31
CA ILE M 97 -42.90 -45.74 13.69
C ILE M 97 -43.45 -46.45 12.45
N GLY M 98 -42.89 -47.59 12.11
CA GLY M 98 -43.52 -48.45 11.11
C GLY M 98 -43.70 -47.76 9.76
N ASP M 99 -44.92 -47.86 9.22
CA ASP M 99 -45.23 -47.37 7.89
C ASP M 99 -45.18 -45.84 7.79
N ASP M 100 -45.05 -45.12 8.90
CA ASP M 100 -44.89 -43.68 8.88
C ASP M 100 -43.43 -43.23 8.95
N ALA M 101 -42.47 -44.11 8.62
CA ALA M 101 -41.06 -43.73 8.71
C ALA M 101 -40.74 -42.52 7.83
N ASP M 102 -41.53 -42.31 6.76
CA ASP M 102 -41.29 -41.18 5.88
C ASP M 102 -41.56 -39.83 6.55
N ALA M 103 -42.10 -39.82 7.78
CA ALA M 103 -42.30 -38.57 8.51
C ALA M 103 -41.06 -38.10 9.24
N LEU M 104 -40.00 -38.90 9.31
CA LEU M 104 -38.81 -38.52 10.07
C LEU M 104 -37.75 -37.87 9.18
N ALA M 105 -36.99 -36.95 9.76
CA ALA M 105 -35.84 -36.43 9.03
C ALA M 105 -34.79 -37.53 8.90
N PRO M 106 -34.09 -37.61 7.77
CA PRO M 106 -33.13 -38.71 7.57
C PRO M 106 -32.05 -38.70 8.64
N GLU M 107 -31.79 -39.87 9.20
CA GLU M 107 -30.69 -40.05 10.13
C GLU M 107 -29.77 -41.11 9.54
N SER M 108 -28.50 -40.74 9.36
CA SER M 108 -27.55 -41.58 8.66
C SER M 108 -26.17 -41.05 8.98
N ALA M 109 -25.16 -41.73 8.45
CA ALA M 109 -23.81 -41.21 8.57
C ALA M 109 -23.64 -39.89 7.84
N ALA M 110 -24.48 -39.62 6.83
CA ALA M 110 -24.36 -38.36 6.09
C ALA M 110 -25.11 -37.21 6.74
N SER M 111 -26.03 -37.48 7.67
CA SER M 111 -26.82 -36.41 8.24
C SER M 111 -26.81 -36.34 9.76
N GLY M 112 -26.30 -37.35 10.46
CA GLY M 112 -26.26 -37.36 11.91
C GLY M 112 -27.41 -38.17 12.51
N PHE M 113 -27.38 -38.27 13.84
CA PHE M 113 -28.29 -39.13 14.60
C PHE M 113 -28.80 -38.40 15.82
N SER M 114 -30.00 -38.78 16.24
CA SER M 114 -30.58 -38.18 17.44
C SER M 114 -29.90 -38.68 18.70
N PRO M 115 -29.74 -37.81 19.73
CA PRO M 115 -29.24 -38.27 21.04
C PRO M 115 -30.06 -39.41 21.66
N HIS M 116 -31.33 -39.50 21.31
CA HIS M 116 -32.14 -40.58 21.86
C HIS M 116 -31.64 -41.93 21.38
N ARG M 117 -31.19 -42.02 20.13
CA ARG M 117 -30.63 -43.27 19.62
C ARG M 117 -29.28 -43.56 20.26
N VAL M 118 -28.47 -42.54 20.54
CA VAL M 118 -27.22 -42.76 21.26
C VAL M 118 -27.50 -43.30 22.65
N GLU M 119 -28.48 -42.70 23.35
CA GLU M 119 -28.89 -43.24 24.65
C GLU M 119 -29.33 -44.70 24.55
N ARG M 120 -30.20 -45.03 23.59
CA ARG M 120 -30.68 -46.41 23.51
C ARG M 120 -29.54 -47.38 23.25
N ALA M 121 -28.65 -47.05 22.31
CA ALA M 121 -27.57 -47.98 21.95
C ALA M 121 -26.65 -48.21 23.14
N LEU M 122 -26.29 -47.15 23.86
CA LEU M 122 -25.46 -47.35 25.05
C LEU M 122 -26.19 -48.18 26.09
N ASN M 123 -27.50 -47.96 26.28
CA ASN M 123 -28.19 -48.79 27.27
C ASN M 123 -28.28 -50.24 26.84
N LEU M 124 -28.26 -50.53 25.54
CA LEU M 124 -28.25 -51.93 25.13
C LEU M 124 -26.98 -52.66 25.54
N LEU M 125 -25.96 -51.95 26.00
CA LEU M 125 -24.74 -52.57 26.51
C LEU M 125 -24.80 -52.87 28.00
N ASP M 126 -25.85 -52.44 28.70
CA ASP M 126 -26.00 -52.77 30.11
C ASP M 126 -26.12 -54.29 30.31
N GLY M 127 -25.39 -54.82 31.29
CA GLY M 127 -25.45 -56.24 31.56
C GLY M 127 -24.48 -57.10 30.78
N THR M 128 -23.69 -56.50 29.88
CA THR M 128 -22.65 -57.23 29.13
C THR M 128 -21.41 -57.43 29.98
N PRO M 129 -20.56 -58.41 29.61
CA PRO M 129 -19.34 -58.60 30.40
C PRO M 129 -18.46 -57.38 30.46
N ALA M 130 -18.56 -56.50 29.47
CA ALA M 130 -17.68 -55.34 29.44
C ALA M 130 -18.11 -54.26 30.41
N THR M 131 -19.41 -54.10 30.63
CA THR M 131 -19.88 -53.02 31.48
C THR M 131 -20.06 -53.47 32.94
N GLN M 132 -19.64 -54.68 33.26
CA GLN M 132 -19.82 -55.19 34.62
C GLN M 132 -19.00 -54.35 35.58
N GLY M 133 -19.61 -54.01 36.72
CA GLY M 133 -18.98 -53.21 37.75
C GLY M 133 -18.93 -51.72 37.45
N LYS M 134 -19.48 -51.29 36.32
CA LYS M 134 -19.53 -49.89 35.95
C LYS M 134 -20.96 -49.38 36.03
N ASP M 135 -21.11 -48.10 36.40
CA ASP M 135 -22.42 -47.47 36.37
C ASP M 135 -22.87 -47.34 34.92
N TRP M 136 -23.98 -48.00 34.57
CA TRP M 136 -24.37 -47.97 33.17
C TRP M 136 -25.87 -47.70 33.00
N ASN M 137 -26.46 -46.95 33.92
CA ASN M 137 -27.84 -46.47 33.78
C ASN M 137 -27.77 -45.15 33.02
N ILE M 138 -27.74 -45.26 31.68
CA ILE M 138 -27.51 -44.10 30.83
C ILE M 138 -28.81 -43.34 30.65
N GLY M 139 -28.74 -42.00 30.77
CA GLY M 139 -29.86 -41.13 30.51
C GLY M 139 -29.42 -39.86 29.82
N VAL M 140 -30.39 -39.01 29.50
CA VAL M 140 -30.19 -37.81 28.71
C VAL M 140 -30.85 -36.63 29.40
N SER M 141 -30.16 -35.50 29.40
CA SER M 141 -30.69 -34.22 29.84
C SER M 141 -30.48 -33.21 28.73
N ILE M 142 -31.52 -32.45 28.39
CA ILE M 142 -31.43 -31.51 27.27
C ILE M 142 -31.80 -30.12 27.76
N LEU M 143 -31.02 -29.14 27.35
CA LEU M 143 -31.22 -27.75 27.71
C LEU M 143 -31.42 -26.92 26.45
N SER M 144 -32.42 -26.05 26.47
CA SER M 144 -32.74 -25.14 25.39
C SER M 144 -32.77 -23.72 25.93
N PRO M 145 -32.78 -22.71 25.07
CA PRO M 145 -32.89 -21.33 25.57
C PRO M 145 -34.24 -21.08 26.22
N ARG M 146 -34.25 -20.13 27.14
CA ARG M 146 -35.49 -19.67 27.73
C ARG M 146 -36.33 -18.89 26.71
N SER M 147 -37.61 -18.66 27.06
CA SER M 147 -38.49 -17.87 26.21
C SER M 147 -37.84 -16.53 25.87
N GLY M 148 -37.85 -16.20 24.58
CA GLY M 148 -37.36 -14.91 24.11
C GLY M 148 -35.88 -14.85 23.85
N ALA M 149 -35.12 -15.87 24.24
CA ALA M 149 -33.68 -15.90 24.10
C ALA M 149 -33.29 -16.74 22.90
N ALA M 150 -32.28 -16.26 22.15
CA ALA M 150 -31.76 -17.02 21.04
C ALA M 150 -30.72 -18.06 21.45
N MET M 151 -30.23 -18.03 22.69
CA MET M 151 -29.18 -18.97 23.06
C MET M 151 -29.24 -19.24 24.55
N ILE M 152 -28.51 -20.28 24.95
CA ILE M 152 -28.30 -20.60 26.35
C ILE M 152 -27.19 -19.70 26.88
N THR M 153 -27.44 -19.01 27.99
CA THR M 153 -26.46 -18.07 28.51
C THR M 153 -25.45 -18.70 29.44
N GLN M 154 -25.79 -19.82 30.08
CA GLN M 154 -24.92 -20.48 31.03
C GLN M 154 -25.40 -21.92 31.18
N VAL M 155 -24.48 -22.87 31.26
CA VAL M 155 -24.83 -24.26 31.52
C VAL M 155 -24.23 -24.67 32.85
N THR M 156 -25.05 -25.25 33.73
CA THR M 156 -24.59 -25.76 35.01
C THR M 156 -24.71 -27.28 34.98
N LEU M 157 -23.57 -27.99 35.00
CA LEU M 157 -23.60 -29.44 35.04
C LEU M 157 -24.06 -29.91 36.42
N PRO M 158 -24.69 -31.07 36.50
CA PRO M 158 -25.00 -31.65 37.82
C PRO M 158 -23.71 -32.09 38.49
N ALA M 159 -23.82 -32.39 39.77
CA ALA M 159 -22.72 -33.04 40.46
C ALA M 159 -22.44 -34.37 39.78
N LEU M 160 -21.18 -34.58 39.38
CA LEU M 160 -20.85 -35.74 38.58
C LEU M 160 -20.47 -36.95 39.41
N GLY M 161 -20.14 -36.76 40.69
CA GLY M 161 -19.74 -37.89 41.52
C GLY M 161 -18.51 -38.57 40.95
N ASP M 162 -18.60 -39.89 40.79
CA ASP M 162 -17.53 -40.71 40.27
C ASP M 162 -17.70 -41.02 38.79
N THR M 163 -18.66 -40.37 38.12
CA THR M 163 -18.88 -40.59 36.69
C THR M 163 -17.61 -40.24 35.91
N ASP M 164 -17.20 -41.14 35.00
CA ASP M 164 -15.94 -40.96 34.29
C ASP M 164 -16.09 -40.99 32.77
N ARG M 165 -17.31 -40.86 32.25
CA ARG M 165 -17.55 -40.83 30.82
C ARG M 165 -18.86 -40.11 30.55
N LEU M 166 -18.86 -39.26 29.52
CA LEU M 166 -20.03 -38.48 29.15
C LEU M 166 -20.01 -38.29 27.64
N ILE M 167 -21.18 -38.03 27.07
CA ILE M 167 -21.28 -37.58 25.69
C ILE M 167 -22.09 -36.29 25.70
N PHE M 168 -21.63 -35.31 24.92
CA PHE M 168 -22.39 -34.11 24.67
C PHE M 168 -22.79 -34.07 23.22
N ASP M 169 -24.01 -33.62 22.96
CA ASP M 169 -24.42 -33.15 21.65
C ASP M 169 -24.66 -31.66 21.83
N VAL M 170 -23.91 -30.85 21.11
CA VAL M 170 -24.01 -29.41 21.23
C VAL M 170 -24.37 -28.86 19.87
N LYS M 171 -25.26 -27.88 19.83
CA LYS M 171 -25.54 -27.11 18.63
C LYS M 171 -25.06 -25.67 18.87
N VAL M 172 -24.13 -25.22 18.02
CA VAL M 172 -23.36 -24.01 18.29
C VAL M 172 -23.36 -23.10 17.07
N GLY M 173 -23.71 -21.83 17.28
CA GLY M 173 -23.47 -20.76 16.34
C GLY M 173 -22.47 -19.79 16.97
N SER M 174 -22.13 -18.75 16.20
CA SER M 174 -21.17 -17.77 16.69
C SER M 174 -21.21 -16.52 15.82
N ASP M 175 -20.62 -15.43 16.32
CA ASP M 175 -20.52 -14.23 15.50
C ASP M 175 -19.73 -14.52 14.22
N ALA M 176 -18.68 -15.33 14.33
CA ALA M 176 -17.89 -15.70 13.16
C ALA M 176 -18.72 -16.51 12.15
N ARG M 177 -19.53 -17.45 12.64
CA ARG M 177 -20.35 -18.26 11.72
C ARG M 177 -21.41 -17.41 11.01
N THR M 178 -22.09 -16.51 11.74
CA THR M 178 -23.05 -15.62 11.10
C THR M 178 -22.36 -14.72 10.09
N ALA M 179 -21.16 -14.21 10.40
CA ALA M 179 -20.45 -13.37 9.45
C ALA M 179 -20.07 -14.14 8.19
N ALA M 180 -19.80 -15.44 8.32
CA ALA M 180 -19.48 -16.27 7.18
C ALA M 180 -20.70 -16.82 6.48
N GLY M 181 -21.89 -16.65 7.05
CA GLY M 181 -23.08 -17.27 6.49
C GLY M 181 -23.15 -18.76 6.68
N ALA M 182 -22.46 -19.29 7.69
CA ALA M 182 -22.40 -20.73 7.92
C ALA M 182 -23.53 -21.16 8.85
N ASP M 183 -24.02 -22.39 8.63
CA ASP M 183 -25.01 -22.94 9.53
C ASP M 183 -24.38 -23.19 10.89
N ASP M 184 -25.26 -23.29 11.90
CA ASP M 184 -24.80 -23.77 13.20
C ASP M 184 -24.25 -25.19 13.03
N ILE M 185 -23.29 -25.55 13.88
CA ILE M 185 -22.79 -26.92 13.89
C ILE M 185 -23.51 -27.69 15.00
N ASP M 186 -23.92 -28.91 14.68
CA ASP M 186 -24.59 -29.84 15.57
C ASP M 186 -23.67 -31.04 15.67
N HIS M 187 -23.10 -31.30 16.85
CA HIS M 187 -21.92 -32.17 16.92
C HIS M 187 -21.88 -32.93 18.24
N PHE M 188 -21.54 -34.22 18.15
CA PHE M 188 -21.28 -35.09 19.30
C PHE M 188 -19.79 -35.14 19.65
N VAL M 189 -19.47 -35.09 20.95
CA VAL M 189 -18.12 -35.36 21.46
C VAL M 189 -18.26 -36.25 22.68
N ALA M 190 -17.12 -36.80 23.12
CA ALA M 190 -17.08 -37.60 24.33
C ALA M 190 -16.09 -36.96 25.32
N PHE M 191 -16.28 -37.28 26.60
CA PHE M 191 -15.35 -36.94 27.67
C PHE M 191 -15.05 -38.22 28.43
N ARG M 192 -13.78 -38.35 28.88
CA ARG M 192 -13.33 -39.49 29.68
C ARG M 192 -12.34 -38.99 30.73
N LYS M 193 -12.35 -39.63 31.89
CA LYS M 193 -11.33 -39.40 32.90
C LYS M 193 -10.16 -40.34 32.66
N ASP M 194 -8.93 -39.82 32.79
CA ASP M 194 -7.77 -40.69 32.61
C ASP M 194 -7.49 -41.41 33.94
N ASP M 195 -6.39 -42.15 33.99
CA ASP M 195 -6.05 -42.95 35.16
C ASP M 195 -5.67 -42.09 36.37
N GLN M 196 -5.41 -40.81 36.17
CA GLN M 196 -5.10 -39.91 37.27
C GLN M 196 -6.33 -39.10 37.70
N GLY M 197 -7.47 -39.32 37.04
CA GLY M 197 -8.71 -38.62 37.34
C GLY M 197 -8.94 -37.33 36.60
N ALA M 198 -8.06 -36.95 35.66
CA ALA M 198 -8.21 -35.71 34.91
C ALA M 198 -9.10 -35.95 33.69
N TRP M 199 -10.02 -35.00 33.43
CA TRP M 199 -10.96 -35.10 32.34
C TRP M 199 -10.31 -34.74 31.00
N TRP M 200 -10.74 -35.45 29.95
CA TRP M 200 -10.25 -35.23 28.60
C TRP M 200 -11.42 -35.16 27.61
N LEU M 201 -11.42 -34.11 26.78
CA LEU M 201 -12.30 -34.02 25.62
C LEU M 201 -11.74 -34.86 24.50
N LEU M 202 -12.58 -35.73 23.91
CA LEU M 202 -12.18 -36.59 22.80
C LEU M 202 -13.12 -36.27 21.64
N ASP M 203 -12.62 -35.58 20.64
CA ASP M 203 -13.43 -35.08 19.54
C ASP M 203 -12.94 -35.69 18.25
N SER M 204 -13.87 -36.15 17.42
CA SER M 204 -13.47 -36.71 16.14
C SER M 204 -12.98 -35.66 15.16
N ARG M 205 -13.32 -34.39 15.35
CA ARG M 205 -12.82 -33.32 14.50
C ARG M 205 -11.52 -32.77 15.06
N SER M 206 -10.76 -32.10 14.20
CA SER M 206 -9.47 -31.59 14.65
C SER M 206 -9.53 -30.14 15.14
N SER M 207 -10.70 -29.50 15.11
CA SER M 207 -10.88 -28.17 15.69
C SER M 207 -12.12 -28.17 16.58
N GLU M 208 -12.16 -27.21 17.50
CA GLU M 208 -13.26 -27.10 18.45
C GLU M 208 -14.58 -26.75 17.74
N VAL M 209 -15.69 -27.21 18.32
CA VAL M 209 -17.00 -26.89 17.78
C VAL M 209 -17.20 -25.39 17.70
N HIS M 210 -16.60 -24.64 18.61
CA HIS M 210 -16.78 -23.19 18.60
C HIS M 210 -15.64 -22.44 17.91
N ALA M 211 -14.76 -23.13 17.19
CA ALA M 211 -13.72 -22.44 16.47
C ALA M 211 -14.30 -21.75 15.25
N PRO M 212 -13.59 -20.77 14.68
CA PRO M 212 -14.03 -20.17 13.43
C PRO M 212 -14.18 -21.22 12.36
N PRO M 213 -15.17 -21.06 11.47
CA PRO M 213 -15.50 -22.14 10.54
C PRO M 213 -14.45 -22.44 9.48
N GLY M 214 -13.55 -21.50 9.18
CA GLY M 214 -12.60 -21.78 8.12
C GLY M 214 -11.37 -22.55 8.55
N GLN M 215 -11.21 -22.82 9.84
CA GLN M 215 -10.06 -23.56 10.29
C GLN M 215 -10.14 -25.01 9.84
N GLU M 216 -9.06 -25.74 10.07
CA GLU M 216 -9.02 -27.14 9.71
C GLU M 216 -9.83 -27.96 10.70
N SER M 217 -10.45 -29.04 10.21
CA SER M 217 -11.27 -29.92 11.04
C SER M 217 -11.16 -31.40 10.67
N SER M 218 -10.50 -31.74 9.56
CA SER M 218 -10.34 -33.12 9.11
C SER M 218 -9.05 -33.78 9.59
N GLY M 219 -8.17 -33.04 10.26
CA GLY M 219 -6.85 -33.52 10.67
C GLY M 219 -6.88 -34.53 11.82
N SER M 220 -5.89 -34.45 12.70
CA SER M 220 -5.79 -35.40 13.82
C SER M 220 -6.89 -35.14 14.86
N PRO M 221 -7.58 -36.19 15.36
CA PRO M 221 -8.67 -35.96 16.32
C PRO M 221 -8.20 -35.24 17.57
N LEU M 222 -9.10 -34.46 18.14
CA LEU M 222 -8.78 -33.60 19.27
C LEU M 222 -8.78 -34.41 20.56
N ARG M 223 -7.71 -34.28 21.35
CA ARG M 223 -7.58 -34.90 22.67
C ARG M 223 -7.15 -33.79 23.63
N ARG M 224 -8.08 -33.22 24.39
CA ARG M 224 -7.76 -32.02 25.15
C ARG M 224 -8.12 -32.22 26.62
N GLN M 225 -7.18 -31.91 27.50
CA GLN M 225 -7.42 -32.03 28.94
C GLN M 225 -8.18 -30.79 29.39
N ILE M 226 -9.48 -30.95 29.65
CA ILE M 226 -10.30 -29.85 30.14
C ILE M 226 -11.54 -30.46 30.81
N GLU M 227 -11.94 -29.84 31.92
CA GLU M 227 -13.18 -30.24 32.58
C GLU M 227 -14.37 -30.00 31.66
N PRO M 228 -15.38 -30.87 31.67
CA PRO M 228 -16.55 -30.62 30.83
C PRO M 228 -17.25 -29.30 31.16
N GLN M 229 -17.30 -28.91 32.45
CA GLN M 229 -17.89 -27.61 32.80
C GLN M 229 -17.09 -26.46 32.19
N ALA M 230 -15.76 -26.54 32.26
CA ALA M 230 -14.92 -25.47 31.70
C ALA M 230 -15.06 -25.40 30.18
N TRP M 231 -15.20 -26.55 29.52
CA TRP M 231 -15.42 -26.59 28.07
C TRP M 231 -16.74 -25.93 27.69
N LEU M 232 -17.80 -26.24 28.43
CA LEU M 232 -19.10 -25.61 28.18
C LEU M 232 -19.03 -24.11 28.41
N ASN M 233 -18.39 -23.69 29.50
CA ASN M 233 -18.25 -22.26 29.76
C ASN M 233 -17.47 -21.57 28.66
N GLU M 234 -16.51 -22.28 28.08
CA GLU M 234 -15.77 -21.72 26.96
C GLU M 234 -16.70 -21.49 25.76
N ILE M 235 -17.63 -22.43 25.51
CA ILE M 235 -18.57 -22.26 24.40
C ILE M 235 -19.50 -21.09 24.66
N THR M 236 -20.12 -21.03 25.85
CA THR M 236 -21.08 -19.97 26.11
C THR M 236 -20.45 -18.60 26.23
N THR M 237 -19.16 -18.51 26.55
CA THR M 237 -18.53 -17.19 26.64
C THR M 237 -18.02 -16.70 25.30
N THR M 238 -17.64 -17.61 24.39
CA THR M 238 -17.04 -17.28 23.10
C THR M 238 -18.00 -17.47 21.92
N ALA M 239 -19.07 -18.27 22.06
CA ALA M 239 -19.94 -18.60 20.94
C ALA M 239 -21.39 -18.57 21.41
N HIS M 240 -22.27 -19.15 20.60
CA HIS M 240 -23.72 -19.15 20.84
C HIS M 240 -24.19 -20.60 20.98
N LEU M 241 -24.35 -21.08 22.20
CA LEU M 241 -24.83 -22.44 22.41
C LEU M 241 -26.34 -22.44 22.26
N LYS M 242 -26.84 -23.10 21.22
CA LYS M 242 -28.26 -23.12 20.91
C LYS M 242 -29.01 -24.19 21.69
N THR M 243 -28.37 -25.34 21.87
CA THR M 243 -28.94 -26.50 22.52
C THR M 243 -27.81 -27.35 23.03
N VAL M 244 -28.03 -28.04 24.13
CA VAL M 244 -27.04 -29.01 24.58
C VAL M 244 -27.77 -30.22 25.15
N ALA M 245 -27.32 -31.41 24.75
CA ALA M 245 -27.78 -32.64 25.36
C ALA M 245 -26.60 -33.29 26.06
N LEU M 246 -26.79 -33.66 27.32
CA LEU M 246 -25.80 -34.40 28.08
C LEU M 246 -26.27 -35.85 28.19
N ILE M 247 -25.41 -36.80 27.80
CA ILE M 247 -25.71 -38.22 27.86
C ILE M 247 -24.66 -38.89 28.74
N GLY M 248 -25.11 -39.68 29.72
CA GLY M 248 -24.15 -40.39 30.51
C GLY M 248 -24.75 -41.18 31.66
N PRO M 249 -23.90 -41.92 32.37
CA PRO M 249 -24.39 -42.71 33.51
C PRO M 249 -24.93 -41.78 34.59
N GLY M 250 -26.09 -42.15 35.13
CA GLY M 250 -26.72 -41.37 36.18
C GLY M 250 -27.37 -40.07 35.75
N ILE M 251 -27.34 -39.75 34.47
CA ILE M 251 -27.96 -38.51 33.98
C ILE M 251 -29.46 -38.74 33.80
N THR M 252 -30.27 -37.77 34.23
CA THR M 252 -31.72 -37.82 33.99
C THR M 252 -32.17 -36.49 33.40
N GLY M 253 -33.47 -36.37 33.15
CA GLY M 253 -33.97 -35.21 32.44
C GLY M 253 -33.64 -33.90 33.13
N GLN M 254 -33.62 -33.90 34.47
CA GLN M 254 -33.40 -32.66 35.20
C GLN M 254 -31.94 -32.40 35.55
N SER M 255 -30.99 -33.15 34.97
CA SER M 255 -29.58 -32.97 35.35
C SER M 255 -29.05 -31.60 34.96
N LEU M 256 -29.30 -31.18 33.73
CA LEU M 256 -28.80 -29.89 33.27
C LEU M 256 -29.73 -28.79 33.72
N THR M 257 -29.15 -27.71 34.25
CA THR M 257 -29.91 -26.50 34.52
C THR M 257 -29.10 -25.34 33.95
N ASP M 258 -29.67 -24.15 33.96
CA ASP M 258 -28.92 -22.97 33.54
C ASP M 258 -28.83 -21.94 34.65
N VAL M 259 -29.14 -22.34 35.88
CA VAL M 259 -28.97 -21.54 37.10
C VAL M 259 -28.08 -22.32 38.06
N PRO M 260 -27.28 -21.66 38.90
CA PRO M 260 -26.43 -22.37 39.88
C PRO M 260 -27.21 -23.19 40.92
N MET N 1 -58.20 -38.51 30.08
CA MET N 1 -57.92 -39.70 29.29
C MET N 1 -56.42 -39.95 29.21
N GLN N 2 -56.04 -41.19 28.93
CA GLN N 2 -54.64 -41.58 28.81
C GLN N 2 -54.22 -41.57 27.35
N ILE N 3 -53.04 -41.03 27.08
CA ILE N 3 -52.37 -41.24 25.79
C ILE N 3 -50.94 -41.68 26.07
N PHE N 4 -50.30 -42.22 25.03
CA PHE N 4 -48.95 -42.75 25.09
C PHE N 4 -48.06 -42.00 24.13
N VAL N 5 -46.80 -41.77 24.53
CA VAL N 5 -45.82 -41.04 23.73
C VAL N 5 -44.57 -41.92 23.64
N LYS N 6 -44.28 -42.43 22.44
CA LYS N 6 -43.08 -43.24 22.17
C LYS N 6 -41.92 -42.34 21.80
N THR N 7 -40.71 -42.73 22.23
CA THR N 7 -39.48 -42.09 21.82
C THR N 7 -38.51 -43.13 21.29
N LEU N 8 -37.48 -42.65 20.61
CA LEU N 8 -36.47 -43.55 20.08
C LEU N 8 -35.55 -44.10 21.16
N THR N 9 -35.71 -43.68 22.43
CA THR N 9 -35.05 -44.44 23.49
C THR N 9 -35.69 -45.80 23.73
N GLY N 10 -36.83 -46.09 23.11
CA GLY N 10 -37.55 -47.31 23.44
C GLY N 10 -38.51 -47.16 24.61
N LYS N 11 -38.53 -46.01 25.24
CA LYS N 11 -39.39 -45.76 26.38
C LYS N 11 -40.71 -45.14 25.89
N THR N 12 -41.79 -45.52 26.55
CA THR N 12 -43.12 -44.95 26.31
C THR N 12 -43.56 -44.15 27.53
N ILE N 13 -43.99 -42.91 27.29
CA ILE N 13 -44.45 -41.98 28.32
C ILE N 13 -45.97 -42.08 28.40
N THR N 14 -46.51 -42.11 29.59
CA THR N 14 -47.96 -42.06 29.75
C THR N 14 -48.38 -40.66 30.20
N LEU N 15 -49.31 -40.06 29.47
CA LEU N 15 -49.80 -38.72 29.80
C LEU N 15 -51.28 -38.79 30.10
N GLU N 16 -51.71 -37.97 31.06
CA GLU N 16 -53.12 -37.77 31.35
C GLU N 16 -53.55 -36.45 30.71
N VAL N 17 -54.42 -36.52 29.71
CA VAL N 17 -54.80 -35.35 28.91
C VAL N 17 -56.32 -35.33 28.75
N GLU N 18 -56.80 -34.25 28.13
CA GLU N 18 -58.18 -34.03 27.70
C GLU N 18 -58.19 -33.65 26.23
N PRO N 19 -59.27 -33.97 25.51
CA PRO N 19 -59.31 -33.69 24.06
C PRO N 19 -59.06 -32.23 23.72
N SER N 20 -59.40 -31.30 24.60
CA SER N 20 -59.25 -29.86 24.39
C SER N 20 -57.85 -29.35 24.70
N ASP N 21 -56.93 -30.19 25.18
CA ASP N 21 -55.58 -29.72 25.42
C ASP N 21 -54.90 -29.34 24.12
N THR N 22 -54.23 -28.18 24.11
CA THR N 22 -53.46 -27.81 22.94
C THR N 22 -52.18 -28.65 22.86
N ILE N 23 -51.63 -28.77 21.66
CA ILE N 23 -50.37 -29.49 21.51
C ILE N 23 -49.27 -28.83 22.33
N GLU N 24 -49.27 -27.50 22.38
CA GLU N 24 -48.29 -26.82 23.20
C GLU N 24 -48.45 -27.18 24.67
N ASN N 25 -49.69 -27.43 25.10
CA ASN N 25 -49.92 -27.91 26.45
C ASN N 25 -49.40 -29.33 26.64
N VAL N 26 -49.59 -30.20 25.63
CA VAL N 26 -49.08 -31.56 25.75
C VAL N 26 -47.55 -31.54 25.87
N LYS N 27 -46.89 -30.70 25.09
CA LYS N 27 -45.44 -30.61 25.21
C LYS N 27 -45.00 -30.13 26.58
N ALA N 28 -45.80 -29.27 27.23
CA ALA N 28 -45.49 -28.86 28.59
C ALA N 28 -45.58 -30.06 29.54
N LYS N 29 -46.59 -30.93 29.35
CA LYS N 29 -46.71 -32.13 30.18
C LYS N 29 -45.54 -33.10 29.94
N ILE N 30 -45.07 -33.21 28.69
CA ILE N 30 -43.90 -34.06 28.44
C ILE N 30 -42.67 -33.49 29.14
N GLN N 31 -42.52 -32.17 29.11
CA GLN N 31 -41.40 -31.57 29.81
C GLN N 31 -41.46 -31.87 31.30
N ASP N 32 -42.66 -31.84 31.89
CA ASP N 32 -42.77 -32.08 33.33
C ASP N 32 -42.34 -33.49 33.70
N LYS N 33 -42.66 -34.48 32.86
CA LYS N 33 -42.32 -35.86 33.15
C LYS N 33 -40.88 -36.21 32.76
N GLU N 34 -40.44 -35.79 31.56
CA GLU N 34 -39.17 -36.24 31.01
C GLU N 34 -38.11 -35.16 30.90
N GLY N 35 -38.44 -33.90 31.11
CA GLY N 35 -37.47 -32.82 31.09
C GLY N 35 -37.06 -32.31 29.72
N ILE N 36 -37.64 -32.83 28.64
CA ILE N 36 -37.34 -32.40 27.28
C ILE N 36 -37.96 -31.02 27.07
N PRO N 37 -37.19 -29.98 26.75
CA PRO N 37 -37.79 -28.67 26.52
C PRO N 37 -38.75 -28.71 25.36
N PRO N 38 -39.85 -27.94 25.42
CA PRO N 38 -40.85 -28.00 24.34
C PRO N 38 -40.30 -27.66 22.96
N ASP N 39 -39.36 -26.71 22.86
CA ASP N 39 -38.86 -26.38 21.52
C ASP N 39 -37.98 -27.48 20.90
N GLN N 40 -37.59 -28.50 21.66
CA GLN N 40 -36.90 -29.66 21.09
C GLN N 40 -37.85 -30.80 20.72
N GLN N 41 -39.11 -30.73 21.12
CA GLN N 41 -40.06 -31.79 20.87
C GLN N 41 -40.72 -31.60 19.52
N ARG N 42 -40.65 -32.62 18.68
CA ARG N 42 -41.42 -32.68 17.45
C ARG N 42 -42.37 -33.86 17.62
N LEU N 43 -43.66 -33.57 17.71
CA LEU N 43 -44.66 -34.61 17.97
C LEU N 43 -45.32 -35.00 16.65
N ILE N 44 -45.55 -36.30 16.50
CA ILE N 44 -46.10 -36.86 15.27
C ILE N 44 -47.24 -37.78 15.66
N PHE N 45 -48.38 -37.66 14.98
CA PHE N 45 -49.50 -38.58 15.16
C PHE N 45 -49.86 -39.13 13.80
N ALA N 46 -49.72 -40.45 13.64
CA ALA N 46 -50.09 -41.14 12.42
C ALA N 46 -49.44 -40.49 11.20
N GLY N 47 -48.17 -40.13 11.33
CA GLY N 47 -47.40 -39.57 10.24
C GLY N 47 -47.52 -38.08 10.03
N LYS N 48 -48.31 -37.37 10.84
CA LYS N 48 -48.53 -35.94 10.69
C LYS N 48 -47.91 -35.19 11.85
N GLN N 49 -47.12 -34.14 11.55
CA GLN N 49 -46.56 -33.32 12.61
C GLN N 49 -47.66 -32.47 13.26
N LEU N 50 -47.62 -32.36 14.60
CA LEU N 50 -48.66 -31.62 15.32
C LEU N 50 -48.18 -30.19 15.55
N GLU N 51 -49.05 -29.21 15.26
CA GLU N 51 -48.72 -27.80 15.43
C GLU N 51 -49.19 -27.27 16.79
N ASP N 52 -48.34 -26.42 17.38
CA ASP N 52 -48.48 -26.02 18.79
C ASP N 52 -49.83 -25.37 19.07
N GLY N 53 -50.38 -24.59 18.14
CA GLY N 53 -51.61 -23.86 18.38
C GLY N 53 -52.89 -24.68 18.31
N ARG N 54 -52.80 -25.92 17.82
CA ARG N 54 -53.94 -26.79 17.62
C ARG N 54 -54.21 -27.62 18.88
N THR N 55 -55.36 -28.29 18.92
CA THR N 55 -55.73 -29.14 20.05
C THR N 55 -55.59 -30.61 19.69
N LEU N 56 -55.57 -31.46 20.71
CA LEU N 56 -55.58 -32.91 20.47
C LEU N 56 -56.81 -33.33 19.67
N SER N 57 -57.97 -32.73 19.94
CA SER N 57 -59.16 -33.11 19.20
C SER N 57 -59.06 -32.73 17.72
N ASP N 58 -58.34 -31.65 17.39
CA ASP N 58 -58.18 -31.28 15.98
C ASP N 58 -57.54 -32.40 15.17
N TYR N 59 -56.71 -33.22 15.80
CA TYR N 59 -56.05 -34.33 15.12
C TYR N 59 -56.74 -35.68 15.34
N ASN N 60 -57.93 -35.70 15.94
CA ASN N 60 -58.60 -36.97 16.28
C ASN N 60 -57.70 -37.87 17.14
N ILE N 61 -56.97 -37.27 18.07
CA ILE N 61 -56.22 -38.06 19.03
C ILE N 61 -57.18 -38.48 20.12
N GLN N 62 -57.40 -39.78 20.26
CA GLN N 62 -58.44 -40.31 21.14
C GLN N 62 -57.80 -41.01 22.32
N LYS N 63 -58.64 -41.63 23.15
CA LYS N 63 -58.14 -42.36 24.31
C LYS N 63 -57.22 -43.49 23.88
N GLU N 64 -56.08 -43.60 24.58
CA GLU N 64 -55.06 -44.63 24.37
C GLU N 64 -54.41 -44.56 22.99
N SER N 65 -54.53 -43.43 22.29
CA SER N 65 -53.73 -43.20 21.10
C SER N 65 -52.25 -43.09 21.46
N THR N 66 -51.40 -43.33 20.47
CA THR N 66 -49.95 -43.22 20.64
C THR N 66 -49.40 -42.15 19.72
N LEU N 67 -48.64 -41.24 20.30
CA LEU N 67 -47.93 -40.17 19.61
C LEU N 67 -46.47 -40.59 19.51
N HIS N 68 -45.76 -40.04 18.54
CA HIS N 68 -44.34 -40.31 18.37
C HIS N 68 -43.58 -39.01 18.61
N LEU N 69 -42.58 -39.08 19.48
CA LEU N 69 -41.80 -37.91 19.81
C LEU N 69 -40.35 -38.07 19.32
N VAL N 70 -39.89 -37.14 18.49
CA VAL N 70 -38.49 -37.11 18.10
C VAL N 70 -37.91 -35.75 18.42
N LEU N 71 -36.61 -35.73 18.66
CA LEU N 71 -35.89 -34.50 18.96
C LEU N 71 -35.55 -33.78 17.66
N ARG N 72 -35.27 -32.49 17.78
CA ARG N 72 -34.71 -31.74 16.66
C ARG N 72 -33.19 -31.84 16.59
N LEU N 73 -32.54 -32.09 17.74
CA LEU N 73 -31.10 -32.31 17.75
C LEU N 73 -30.76 -33.51 16.87
N ARG N 74 -29.67 -33.36 16.11
CA ARG N 74 -29.23 -34.45 15.22
C ARG N 74 -27.73 -34.24 15.00
N GLY N 75 -26.92 -34.64 15.98
CA GLY N 75 -25.50 -34.38 15.93
C GLY N 75 -24.78 -35.18 14.86
N ALA O 28 57.65 -2.05 11.99
CA ALA O 28 56.37 -2.67 12.31
C ALA O 28 55.73 -3.18 11.04
N ARG O 29 54.90 -4.22 11.18
CA ARG O 29 54.23 -4.79 10.02
C ARG O 29 53.29 -3.78 9.38
N SER O 30 53.25 -3.78 8.05
CA SER O 30 52.29 -2.93 7.35
C SER O 30 50.87 -3.36 7.71
N PRO O 31 49.90 -2.44 7.68
CA PRO O 31 48.51 -2.84 7.98
C PRO O 31 48.02 -3.97 7.08
N TRP O 32 48.41 -4.02 5.80
CA TRP O 32 47.84 -5.06 4.93
C TRP O 32 48.44 -6.42 5.23
N ASP O 33 49.75 -6.47 5.55
CA ASP O 33 50.35 -7.73 5.98
C ASP O 33 49.80 -8.19 7.32
N GLN O 34 49.53 -7.24 8.23
CA GLN O 34 48.94 -7.59 9.53
C GLN O 34 47.56 -8.21 9.34
N ALA O 35 46.78 -7.73 8.37
CA ALA O 35 45.46 -8.30 8.11
C ALA O 35 45.56 -9.76 7.67
N LEU O 36 46.55 -10.05 6.81
CA LEU O 36 46.75 -11.42 6.34
C LEU O 36 47.13 -12.33 7.51
N ARG O 37 48.03 -11.86 8.35
CA ARG O 37 48.46 -12.63 9.52
C ARG O 37 47.30 -12.84 10.47
N ASP O 38 46.46 -11.81 10.64
CA ASP O 38 45.31 -11.91 11.53
C ASP O 38 44.32 -12.98 11.05
N ARG O 39 44.05 -13.02 9.75
CA ARG O 39 43.16 -14.04 9.19
C ARG O 39 43.73 -15.44 9.42
N PHE O 40 45.03 -15.60 9.23
CA PHE O 40 45.65 -16.89 9.48
C PHE O 40 45.48 -17.29 10.94
N ASP O 41 45.67 -16.34 11.85
CA ASP O 41 45.57 -16.65 13.28
C ASP O 41 44.16 -17.06 13.68
N ALA O 42 43.15 -16.68 12.92
CA ALA O 42 41.76 -17.05 13.24
C ALA O 42 41.29 -18.31 12.52
N ALA O 43 42.14 -18.94 11.70
CA ALA O 43 41.70 -20.07 10.90
C ALA O 43 41.70 -21.37 11.70
N LEU O 44 40.84 -22.29 11.27
CA LEU O 44 40.89 -23.69 11.72
C LEU O 44 41.86 -24.43 10.81
N LEU O 45 42.78 -25.16 11.41
CA LEU O 45 43.82 -25.86 10.64
C LEU O 45 43.83 -27.32 11.05
N PRO O 46 42.80 -28.09 10.64
CA PRO O 46 42.77 -29.50 11.08
C PRO O 46 43.90 -30.34 10.50
N ALA O 47 44.44 -29.98 9.35
CA ALA O 47 45.54 -30.73 8.74
C ALA O 47 46.87 -30.00 8.85
N LEU O 48 47.08 -29.25 9.93
CA LEU O 48 48.34 -28.53 10.09
C LEU O 48 49.52 -29.49 10.13
N GLY O 49 49.40 -30.56 10.91
CA GLY O 49 50.43 -31.56 10.99
C GLY O 49 50.12 -32.76 10.11
N PRO O 50 50.97 -33.78 10.18
CA PRO O 50 50.68 -35.00 9.43
C PRO O 50 49.39 -35.65 9.92
N VAL O 51 48.53 -36.00 8.97
CA VAL O 51 47.23 -36.62 9.23
C VAL O 51 47.00 -37.70 8.19
N PRO O 52 46.04 -38.62 8.43
CA PRO O 52 45.66 -39.56 7.37
C PRO O 52 45.20 -38.81 6.13
N HIS O 53 45.40 -39.42 4.96
CA HIS O 53 45.24 -38.68 3.69
C HIS O 53 43.84 -38.12 3.52
N ASP O 54 42.81 -38.83 4.02
CA ASP O 54 41.46 -38.31 3.88
C ASP O 54 41.20 -37.10 4.76
N GLN O 55 42.06 -36.79 5.73
CA GLN O 55 41.89 -35.62 6.57
C GLN O 55 42.65 -34.40 6.05
N PHE O 56 43.40 -34.52 4.96
CA PHE O 56 44.00 -33.36 4.33
C PHE O 56 42.92 -32.38 3.91
N HIS O 57 43.21 -31.09 3.99
CA HIS O 57 42.30 -30.05 3.52
C HIS O 57 42.63 -29.70 2.08
N VAL O 58 41.76 -30.09 1.15
CA VAL O 58 41.97 -29.86 -0.26
C VAL O 58 40.69 -29.23 -0.80
N GLU O 59 40.78 -27.96 -1.25
CA GLU O 59 39.62 -27.20 -1.72
C GLU O 59 39.36 -27.38 -3.21
N PRO O 60 38.11 -27.56 -3.64
CA PRO O 60 37.82 -27.56 -5.08
C PRO O 60 38.05 -26.19 -5.67
N GLN O 61 38.47 -26.17 -6.93
CA GLN O 61 38.96 -24.93 -7.51
C GLN O 61 37.81 -23.94 -7.68
N VAL O 62 38.09 -22.68 -7.37
CA VAL O 62 37.18 -21.56 -7.61
C VAL O 62 37.87 -20.64 -8.61
N ALA O 63 37.24 -20.38 -9.75
CA ALA O 63 37.85 -19.47 -10.75
C ALA O 63 39.28 -19.95 -11.05
N SER O 64 40.29 -19.09 -10.95
CA SER O 64 41.69 -19.45 -11.11
C SER O 64 42.46 -19.23 -9.82
N ALA O 65 41.87 -19.56 -8.66
CA ALA O 65 42.50 -19.26 -7.37
C ALA O 65 43.39 -20.38 -6.87
N CYS O 66 43.97 -21.18 -7.77
CA CYS O 66 44.73 -22.35 -7.32
C CYS O 66 45.88 -21.96 -6.38
N ALA O 67 46.44 -20.75 -6.49
CA ALA O 67 47.48 -20.36 -5.54
C ALA O 67 46.95 -20.36 -4.12
N ILE O 68 45.74 -19.84 -3.93
CA ILE O 68 45.12 -19.79 -2.61
C ILE O 68 44.75 -21.19 -2.13
N HIS O 69 44.16 -22.00 -3.01
CA HIS O 69 43.84 -23.37 -2.61
C HIS O 69 45.10 -24.12 -2.19
N SER O 70 46.20 -23.93 -2.94
CA SER O 70 47.44 -24.64 -2.62
C SER O 70 48.03 -24.19 -1.29
N ILE O 71 48.02 -22.88 -1.04
CA ILE O 71 48.46 -22.39 0.26
C ILE O 71 47.63 -23.05 1.35
N ASN O 72 46.32 -23.15 1.14
CA ASN O 72 45.45 -23.71 2.17
C ASN O 72 45.75 -25.18 2.41
N ALA O 73 46.05 -25.95 1.35
CA ALA O 73 46.42 -27.35 1.55
C ALA O 73 47.78 -27.49 2.21
N PHE O 74 48.71 -26.62 1.82
CA PHE O 74 50.06 -26.56 2.39
C PHE O 74 50.00 -26.32 3.89
N VAL O 75 49.18 -25.36 4.33
CA VAL O 75 49.13 -25.06 5.76
C VAL O 75 48.19 -26.01 6.49
N GLY O 76 47.19 -26.57 5.81
CA GLY O 76 46.31 -27.57 6.40
C GLY O 76 44.94 -27.12 6.87
N GLY O 77 44.33 -26.14 6.22
CA GLY O 77 43.03 -25.65 6.59
C GLY O 77 42.63 -24.46 5.74
N PRO O 78 41.40 -23.98 5.91
CA PRO O 78 40.98 -22.80 5.12
C PRO O 78 41.61 -21.53 5.67
N ALA O 79 42.94 -21.43 5.55
CA ALA O 79 43.65 -20.32 6.18
C ALA O 79 43.26 -18.98 5.57
N PHE O 80 43.24 -18.90 4.25
CA PHE O 80 42.92 -17.66 3.54
C PHE O 80 41.70 -17.87 2.66
N ASP O 81 40.79 -16.92 2.70
CA ASP O 81 39.73 -16.90 1.71
C ASP O 81 40.14 -15.99 0.58
N ILE O 82 39.42 -16.09 -0.54
CA ILE O 82 39.81 -15.31 -1.72
C ILE O 82 39.74 -13.81 -1.45
N PRO O 83 38.70 -13.26 -0.81
CA PRO O 83 38.71 -11.81 -0.54
C PRO O 83 39.89 -11.36 0.29
N THR O 84 40.24 -12.13 1.32
CA THR O 84 41.37 -11.75 2.16
C THR O 84 42.65 -11.73 1.35
N PHE O 85 42.87 -12.79 0.57
CA PHE O 85 44.10 -12.88 -0.21
C PHE O 85 44.13 -11.84 -1.33
N THR O 86 43.01 -11.64 -2.03
CA THR O 86 43.00 -10.65 -3.10
C THR O 86 43.21 -9.25 -2.55
N THR O 87 42.62 -8.93 -1.40
CA THR O 87 42.84 -7.61 -0.80
C THR O 87 44.32 -7.41 -0.43
N TRP O 88 44.94 -8.42 0.17
CA TRP O 88 46.35 -8.36 0.52
C TRP O 88 47.23 -8.21 -0.71
N SER O 89 46.94 -8.98 -1.76
CA SER O 89 47.74 -8.97 -2.99
C SER O 89 47.71 -7.59 -3.66
N THR O 90 46.52 -6.98 -3.71
CA THR O 90 46.40 -5.65 -4.32
C THR O 90 47.18 -4.61 -3.53
N ALA O 91 47.06 -4.62 -2.20
CA ALA O 91 47.84 -3.67 -1.39
C ALA O 91 49.34 -3.91 -1.57
N SER O 92 49.73 -5.18 -1.69
CA SER O 92 51.14 -5.51 -1.92
C SER O 92 51.60 -4.95 -3.25
N THR O 93 50.73 -5.02 -4.28
CA THR O 93 51.07 -4.41 -5.56
C THR O 93 51.25 -2.91 -5.43
N ALA O 94 50.34 -2.26 -4.68
CA ALA O 94 50.44 -0.82 -4.47
C ALA O 94 51.74 -0.45 -3.76
N ALA O 95 52.16 -1.26 -2.76
CA ALA O 95 53.45 -1.00 -2.10
C ALA O 95 54.64 -1.32 -3.00
N PHE O 96 54.49 -2.32 -3.87
CA PHE O 96 55.59 -2.77 -4.69
C PHE O 96 55.94 -1.72 -5.74
N ILE O 97 54.94 -1.22 -6.45
CA ILE O 97 55.25 -0.48 -7.66
C ILE O 97 54.35 0.76 -7.78
N GLY O 98 53.42 0.93 -6.85
CA GLY O 98 52.73 2.22 -6.75
C GLY O 98 51.94 2.60 -8.01
N ASP O 99 52.12 3.83 -8.47
CA ASP O 99 51.35 4.32 -9.60
C ASP O 99 51.77 3.75 -10.95
N ASP O 100 52.89 3.03 -11.03
CA ASP O 100 53.20 2.31 -12.25
C ASP O 100 52.63 0.90 -12.26
N ALA O 101 51.62 0.63 -11.43
CA ALA O 101 51.06 -0.72 -11.37
C ALA O 101 50.44 -1.12 -12.69
N ASP O 102 50.01 -0.16 -13.50
CA ASP O 102 49.43 -0.47 -14.81
C ASP O 102 50.46 -1.09 -15.76
N ALA O 103 51.72 -1.22 -15.35
CA ALA O 103 52.72 -1.88 -16.18
C ALA O 103 52.73 -3.39 -15.98
N LEU O 104 52.01 -3.91 -14.99
CA LEU O 104 52.01 -5.33 -14.69
C LEU O 104 50.81 -6.03 -15.31
N ALA O 105 51.00 -7.30 -15.64
CA ALA O 105 49.85 -8.12 -16.02
C ALA O 105 48.94 -8.34 -14.80
N PRO O 106 47.62 -8.39 -15.00
CA PRO O 106 46.72 -8.54 -13.84
C PRO O 106 46.95 -9.86 -13.11
N GLU O 107 46.94 -9.78 -11.78
CA GLU O 107 46.99 -10.95 -10.92
C GLU O 107 45.76 -10.88 -10.01
N SER O 108 44.95 -11.92 -10.04
CA SER O 108 43.68 -11.91 -9.32
C SER O 108 43.19 -13.34 -9.27
N ALA O 109 42.05 -13.54 -8.61
CA ALA O 109 41.46 -14.86 -8.62
C ALA O 109 41.09 -15.29 -10.02
N ALA O 110 40.89 -14.35 -10.93
CA ALA O 110 40.49 -14.67 -12.30
C ALA O 110 41.68 -14.97 -13.21
N SER O 111 42.87 -14.44 -12.95
CA SER O 111 43.99 -14.74 -13.83
C SER O 111 45.19 -15.42 -13.17
N GLY O 112 45.23 -15.59 -11.85
CA GLY O 112 46.35 -16.27 -11.21
C GLY O 112 47.31 -15.31 -10.54
N PHE O 113 48.32 -15.90 -9.90
CA PHE O 113 49.26 -15.14 -9.06
C PHE O 113 50.67 -15.64 -9.27
N SER O 114 51.66 -14.73 -9.09
CA SER O 114 53.05 -15.09 -9.22
C SER O 114 53.51 -15.95 -8.04
N PRO O 115 54.40 -16.91 -8.29
CA PRO O 115 55.00 -17.68 -7.18
C PRO O 115 55.67 -16.83 -6.12
N HIS O 116 56.19 -15.65 -6.48
CA HIS O 116 56.81 -14.78 -5.48
C HIS O 116 55.80 -14.31 -4.44
N ARG O 117 54.54 -14.10 -4.85
CA ARG O 117 53.54 -13.70 -3.87
C ARG O 117 53.23 -14.85 -2.92
N VAL O 118 53.24 -16.09 -3.43
CA VAL O 118 52.98 -17.24 -2.57
C VAL O 118 54.08 -17.34 -1.53
N GLU O 119 55.34 -17.19 -1.95
CA GLU O 119 56.45 -17.23 -0.99
C GLU O 119 56.28 -16.16 0.09
N ARG O 120 55.90 -14.94 -0.31
CA ARG O 120 55.84 -13.88 0.70
C ARG O 120 54.68 -14.11 1.67
N ALA O 121 53.54 -14.56 1.16
CA ALA O 121 52.38 -14.81 2.02
C ALA O 121 52.69 -15.86 3.08
N LEU O 122 53.30 -16.97 2.68
CA LEU O 122 53.68 -18.00 3.62
C LEU O 122 54.75 -17.50 4.60
N ASN O 123 55.73 -16.70 4.11
CA ASN O 123 56.75 -16.19 5.03
C ASN O 123 56.17 -15.21 6.05
N LEU O 124 55.06 -14.54 5.72
CA LEU O 124 54.41 -13.69 6.72
C LEU O 124 53.81 -14.47 7.87
N LEU O 125 53.68 -15.79 7.72
CA LEU O 125 53.13 -16.63 8.80
C LEU O 125 54.20 -17.15 9.75
N ASP O 126 55.48 -16.92 9.46
CA ASP O 126 56.55 -17.33 10.35
C ASP O 126 56.41 -16.62 11.68
N GLY O 127 56.54 -17.37 12.77
CA GLY O 127 56.43 -16.80 14.10
C GLY O 127 55.03 -16.73 14.66
N THR O 128 54.01 -17.08 13.89
CA THR O 128 52.65 -17.10 14.42
C THR O 128 52.46 -18.33 15.29
N PRO O 129 51.46 -18.31 16.18
CA PRO O 129 51.24 -19.46 17.06
C PRO O 129 51.03 -20.78 16.35
N ALA O 130 50.54 -20.81 15.10
CA ALA O 130 50.35 -22.10 14.45
C ALA O 130 51.65 -22.69 13.89
N THR O 131 52.60 -21.87 13.50
CA THR O 131 53.82 -22.41 12.90
C THR O 131 54.94 -22.60 13.91
N GLN O 132 54.69 -22.40 15.20
CA GLN O 132 55.79 -22.46 16.16
C GLN O 132 56.33 -23.89 16.23
N GLY O 133 57.66 -24.00 16.25
CA GLY O 133 58.34 -25.26 16.26
C GLY O 133 58.45 -25.92 14.89
N LYS O 134 57.93 -25.29 13.84
CA LYS O 134 57.95 -25.83 12.49
C LYS O 134 58.95 -25.06 11.63
N ASP O 135 59.68 -25.79 10.79
CA ASP O 135 60.51 -25.17 9.76
C ASP O 135 59.60 -24.35 8.86
N TRP O 136 59.72 -23.03 8.88
CA TRP O 136 58.88 -22.19 8.06
C TRP O 136 59.70 -21.11 7.38
N ASN O 137 60.91 -21.46 6.98
CA ASN O 137 61.80 -20.58 6.21
C ASN O 137 61.54 -20.88 4.73
N ILE O 138 60.55 -20.18 4.17
CA ILE O 138 60.05 -20.50 2.83
C ILE O 138 60.89 -19.81 1.78
N GLY O 139 61.26 -20.54 0.73
CA GLY O 139 61.95 -19.97 -0.42
C GLY O 139 61.41 -20.57 -1.68
N VAL O 140 61.94 -20.11 -2.82
CA VAL O 140 61.46 -20.47 -4.14
C VAL O 140 62.65 -20.85 -5.03
N SER O 141 62.50 -21.94 -5.80
CA SER O 141 63.48 -22.33 -6.82
C SER O 141 62.75 -22.50 -8.15
N ILE O 142 63.31 -21.93 -9.21
CA ILE O 142 62.64 -21.86 -10.50
C ILE O 142 63.55 -22.44 -11.57
N LEU O 143 63.01 -23.34 -12.40
CA LEU O 143 63.77 -24.00 -13.45
C LEU O 143 63.13 -23.72 -14.80
N SER O 144 63.97 -23.45 -15.80
CA SER O 144 63.60 -23.18 -17.19
C SER O 144 64.32 -24.16 -18.12
N PRO O 145 63.89 -24.28 -19.37
CA PRO O 145 64.60 -25.19 -20.29
C PRO O 145 66.00 -24.67 -20.56
N ARG O 146 66.86 -25.56 -21.01
CA ARG O 146 68.19 -25.16 -21.44
C ARG O 146 68.09 -24.20 -22.63
N SER O 147 69.19 -23.52 -22.91
CA SER O 147 69.21 -22.58 -24.02
C SER O 147 68.92 -23.31 -25.32
N GLY O 148 68.00 -22.76 -26.10
CA GLY O 148 67.61 -23.39 -27.35
C GLY O 148 66.74 -24.62 -27.22
N ALA O 149 66.16 -24.87 -26.06
CA ALA O 149 65.29 -26.02 -25.85
C ALA O 149 63.85 -25.55 -25.64
N ALA O 150 62.90 -26.42 -26.02
CA ALA O 150 61.48 -26.09 -25.94
C ALA O 150 60.86 -26.50 -24.62
N MET O 151 61.40 -27.53 -23.98
CA MET O 151 60.89 -27.99 -22.70
C MET O 151 62.04 -28.40 -21.80
N ILE O 152 61.70 -28.61 -20.54
CA ILE O 152 62.61 -29.15 -19.56
C ILE O 152 62.61 -30.66 -19.71
N THR O 153 63.80 -31.25 -19.84
CA THR O 153 63.85 -32.69 -20.02
C THR O 153 64.00 -33.44 -18.71
N GLN O 154 64.42 -32.77 -17.63
CA GLN O 154 64.53 -33.49 -16.36
C GLN O 154 64.52 -32.46 -15.24
N VAL O 155 63.76 -32.75 -14.17
CA VAL O 155 63.75 -31.93 -12.98
C VAL O 155 64.22 -32.80 -11.82
N THR O 156 65.22 -32.33 -11.08
CA THR O 156 65.73 -33.07 -9.93
C THR O 156 65.48 -32.29 -8.65
N LEU O 157 64.70 -32.88 -7.74
CA LEU O 157 64.44 -32.23 -6.47
C LEU O 157 65.68 -32.28 -5.57
N PRO O 158 65.84 -31.29 -4.69
CA PRO O 158 66.92 -31.36 -3.70
C PRO O 158 66.61 -32.43 -2.67
N ALA O 159 67.61 -32.72 -1.85
CA ALA O 159 67.38 -33.53 -0.66
C ALA O 159 66.38 -32.80 0.23
N LEU O 160 65.28 -33.49 0.57
CA LEU O 160 64.18 -32.86 1.27
C LEU O 160 64.30 -32.92 2.77
N GLY O 161 65.17 -33.76 3.29
CA GLY O 161 65.26 -33.91 4.73
C GLY O 161 63.92 -34.41 5.27
N ASP O 162 63.43 -33.73 6.31
CA ASP O 162 62.15 -34.09 6.90
C ASP O 162 61.04 -33.17 6.47
N THR O 163 61.29 -32.33 5.47
CA THR O 163 60.26 -31.44 4.96
C THR O 163 59.04 -32.24 4.51
N ASP O 164 57.85 -31.78 4.93
CA ASP O 164 56.63 -32.52 4.70
C ASP O 164 55.57 -31.69 3.99
N ARG O 165 55.95 -30.56 3.40
CA ARG O 165 54.97 -29.77 2.66
C ARG O 165 55.70 -28.94 1.62
N LEU O 166 55.14 -28.91 0.40
CA LEU O 166 55.72 -28.21 -0.74
C LEU O 166 54.60 -27.70 -1.62
N ILE O 167 54.89 -26.65 -2.38
CA ILE O 167 53.99 -26.17 -3.42
C ILE O 167 54.76 -26.08 -4.71
N PHE O 168 54.15 -26.53 -5.81
CA PHE O 168 54.69 -26.38 -7.15
C PHE O 168 53.82 -25.43 -7.96
N ASP O 169 54.48 -24.61 -8.78
CA ASP O 169 53.86 -23.91 -9.90
C ASP O 169 54.49 -24.47 -11.16
N VAL O 170 53.69 -25.11 -12.02
CA VAL O 170 54.17 -25.74 -13.23
C VAL O 170 53.44 -25.15 -14.43
N LYS O 171 54.17 -24.93 -15.51
CA LYS O 171 53.62 -24.54 -16.79
C LYS O 171 53.84 -25.71 -17.74
N VAL O 172 52.75 -26.26 -18.28
CA VAL O 172 52.76 -27.56 -18.94
C VAL O 172 52.09 -27.46 -20.29
N GLY O 173 52.76 -27.95 -21.33
CA GLY O 173 52.14 -28.25 -22.59
C GLY O 173 52.12 -29.76 -22.80
N SER O 174 51.52 -30.18 -23.91
CA SER O 174 51.45 -31.60 -24.21
C SER O 174 50.99 -31.75 -25.65
N ASP O 175 51.16 -32.96 -26.19
CA ASP O 175 50.67 -33.25 -27.53
C ASP O 175 49.15 -33.07 -27.62
N ALA O 176 48.42 -33.48 -26.58
CA ALA O 176 46.97 -33.30 -26.61
C ALA O 176 46.59 -31.82 -26.68
N ARG O 177 47.28 -30.97 -25.89
CA ARG O 177 46.98 -29.54 -25.92
C ARG O 177 47.34 -28.92 -27.26
N THR O 178 48.47 -29.32 -27.85
CA THR O 178 48.78 -28.83 -29.18
C THR O 178 47.72 -29.27 -30.19
N ALA O 179 47.24 -30.51 -30.08
CA ALA O 179 46.21 -30.99 -31.01
C ALA O 179 44.93 -30.19 -30.91
N ALA O 180 44.58 -29.71 -29.71
CA ALA O 180 43.38 -28.91 -29.49
C ALA O 180 43.59 -27.41 -29.67
N GLY O 181 44.81 -26.97 -29.94
CA GLY O 181 45.06 -25.55 -30.07
C GLY O 181 44.93 -24.77 -28.78
N ALA O 182 45.05 -25.45 -27.64
CA ALA O 182 44.88 -24.83 -26.33
C ALA O 182 46.22 -24.35 -25.78
N ASP O 183 46.18 -23.23 -25.07
CA ASP O 183 47.40 -22.72 -24.48
C ASP O 183 47.91 -23.66 -23.40
N ASP O 184 49.19 -23.49 -23.05
CA ASP O 184 49.73 -24.19 -21.90
C ASP O 184 48.94 -23.84 -20.64
N ILE O 185 48.89 -24.78 -19.71
CA ILE O 185 48.29 -24.55 -18.40
C ILE O 185 49.39 -24.14 -17.44
N ASP O 186 49.10 -23.12 -16.64
CA ASP O 186 49.98 -22.60 -15.60
C ASP O 186 49.22 -22.75 -14.29
N HIS O 187 49.71 -23.59 -13.39
CA HIS O 187 48.87 -24.15 -12.33
C HIS O 187 49.69 -24.44 -11.06
N PHE O 188 49.11 -24.13 -9.90
CA PHE O 188 49.66 -24.44 -8.58
C PHE O 188 49.07 -25.74 -8.01
N VAL O 189 49.92 -26.57 -7.39
CA VAL O 189 49.47 -27.73 -6.62
C VAL O 189 50.23 -27.76 -5.29
N ALA O 190 49.76 -28.60 -4.36
CA ALA O 190 50.46 -28.78 -3.10
C ALA O 190 50.81 -30.25 -2.91
N PHE O 191 51.84 -30.51 -2.11
CA PHE O 191 52.22 -31.85 -1.66
C PHE O 191 52.31 -31.88 -0.14
N ARG O 192 51.85 -32.98 0.46
CA ARG O 192 51.90 -33.18 1.90
C ARG O 192 52.21 -34.65 2.21
N LYS O 193 52.94 -34.90 3.30
CA LYS O 193 53.15 -36.25 3.80
C LYS O 193 52.07 -36.59 4.83
N ASP O 194 51.54 -37.80 4.74
CA ASP O 194 50.50 -38.23 5.67
C ASP O 194 51.13 -38.79 6.94
N ASP O 195 50.29 -39.35 7.82
CA ASP O 195 50.78 -39.86 9.09
C ASP O 195 51.66 -41.09 8.92
N GLN O 196 51.69 -41.69 7.73
CA GLN O 196 52.56 -42.82 7.47
C GLN O 196 53.85 -42.41 6.77
N GLY O 197 54.01 -41.13 6.45
CA GLY O 197 55.17 -40.65 5.76
C GLY O 197 55.08 -40.69 4.25
N ALA O 198 53.92 -41.05 3.70
CA ALA O 198 53.72 -41.13 2.25
C ALA O 198 53.34 -39.76 1.70
N TRP O 199 53.93 -39.42 0.55
CA TRP O 199 53.64 -38.15 -0.12
C TRP O 199 52.29 -38.20 -0.86
N TRP O 200 51.57 -37.09 -0.84
CA TRP O 200 50.30 -36.97 -1.57
C TRP O 200 50.28 -35.66 -2.36
N LEU O 201 49.93 -35.76 -3.65
CA LEU O 201 49.58 -34.61 -4.45
C LEU O 201 48.16 -34.15 -4.10
N LEU O 202 48.01 -32.86 -3.79
CA LEU O 202 46.71 -32.26 -3.45
C LEU O 202 46.47 -31.12 -4.43
N ASP O 203 45.58 -31.35 -5.39
CA ASP O 203 45.32 -30.44 -6.51
C ASP O 203 43.86 -29.98 -6.46
N SER O 204 43.63 -28.67 -6.62
CA SER O 204 42.27 -28.14 -6.60
C SER O 204 41.50 -28.46 -7.88
N ARG O 205 42.18 -28.83 -8.96
CA ARG O 205 41.53 -29.29 -10.18
C ARG O 205 41.24 -30.79 -10.09
N SER O 206 40.27 -31.22 -10.89
CA SER O 206 39.85 -32.63 -10.95
C SER O 206 40.51 -33.39 -12.10
N SER O 207 41.60 -32.89 -12.66
CA SER O 207 42.36 -33.55 -13.71
C SER O 207 43.83 -33.20 -13.54
N GLU O 208 44.71 -34.11 -13.97
CA GLU O 208 46.13 -33.83 -13.94
C GLU O 208 46.49 -32.62 -14.79
N VAL O 209 47.52 -31.87 -14.33
CA VAL O 209 48.01 -30.70 -15.06
C VAL O 209 48.34 -31.03 -16.52
N HIS O 210 48.77 -32.26 -16.80
CA HIS O 210 49.18 -32.64 -18.14
C HIS O 210 48.10 -33.41 -18.90
N ALA O 211 46.88 -33.42 -18.40
CA ALA O 211 45.79 -34.08 -19.10
C ALA O 211 45.30 -33.23 -20.28
N PRO O 212 44.64 -33.87 -21.26
CA PRO O 212 44.06 -33.11 -22.37
C PRO O 212 43.06 -32.08 -21.88
N PRO O 213 42.97 -30.92 -22.55
CA PRO O 213 42.12 -29.84 -22.03
C PRO O 213 40.62 -30.11 -22.14
N GLY O 214 40.17 -30.96 -23.05
CA GLY O 214 38.76 -31.26 -23.22
C GLY O 214 38.26 -32.40 -22.37
N GLN O 215 39.12 -32.99 -21.54
CA GLN O 215 38.72 -34.11 -20.70
C GLN O 215 37.62 -33.68 -19.73
N GLU O 216 36.48 -34.34 -19.81
CA GLU O 216 35.39 -34.12 -18.88
C GLU O 216 35.92 -34.31 -17.45
N SER O 217 35.26 -33.64 -16.50
CA SER O 217 35.73 -33.62 -15.13
C SER O 217 34.58 -33.75 -14.14
N SER O 218 34.89 -34.29 -12.97
CA SER O 218 33.91 -34.47 -11.91
C SER O 218 33.87 -33.29 -10.93
N GLY O 219 34.87 -32.39 -10.97
CA GLY O 219 34.95 -31.29 -10.04
C GLY O 219 35.59 -31.58 -8.70
N SER O 220 35.70 -32.84 -8.31
CA SER O 220 36.31 -33.20 -7.03
C SER O 220 37.83 -33.01 -7.09
N PRO O 221 38.42 -32.43 -6.05
CA PRO O 221 39.87 -32.20 -6.08
C PRO O 221 40.67 -33.50 -6.12
N LEU O 222 41.81 -33.44 -6.78
CA LEU O 222 42.67 -34.61 -6.94
C LEU O 222 43.48 -34.83 -5.68
N ARG O 223 43.50 -36.07 -5.21
CA ARG O 223 44.31 -36.48 -4.06
C ARG O 223 45.03 -37.74 -4.52
N ARG O 224 46.32 -37.68 -4.83
CA ARG O 224 46.98 -38.83 -5.41
C ARG O 224 48.25 -39.15 -4.61
N GLN O 225 48.39 -40.40 -4.19
CA GLN O 225 49.58 -40.80 -3.44
C GLN O 225 50.72 -41.01 -4.43
N ILE O 226 51.65 -40.05 -4.47
CA ILE O 226 52.79 -40.11 -5.37
C ILE O 226 53.89 -39.19 -4.84
N GLU O 227 55.13 -39.65 -4.96
CA GLU O 227 56.27 -38.83 -4.55
C GLU O 227 56.39 -37.62 -5.47
N PRO O 228 56.75 -36.45 -4.95
CA PRO O 228 56.89 -35.27 -5.83
C PRO O 228 57.92 -35.48 -6.93
N GLN O 229 59.02 -36.20 -6.67
CA GLN O 229 59.99 -36.49 -7.73
C GLN O 229 59.37 -37.33 -8.82
N ALA O 230 58.60 -38.35 -8.44
CA ALA O 230 57.95 -39.21 -9.43
C ALA O 230 56.87 -38.45 -10.19
N TRP O 231 56.15 -37.56 -9.52
CA TRP O 231 55.14 -36.76 -10.21
C TRP O 231 55.79 -35.90 -11.29
N LEU O 232 56.90 -35.25 -10.94
CA LEU O 232 57.63 -34.43 -11.91
C LEU O 232 58.13 -35.25 -13.08
N ASN O 233 58.70 -36.42 -12.81
CA ASN O 233 59.20 -37.29 -13.89
C ASN O 233 58.07 -37.71 -14.82
N GLU O 234 56.87 -37.92 -14.29
CA GLU O 234 55.74 -38.26 -15.16
C GLU O 234 55.41 -37.11 -16.11
N ILE O 235 55.52 -35.87 -15.64
CA ILE O 235 55.20 -34.72 -16.50
C ILE O 235 56.24 -34.57 -17.62
N THR O 236 57.53 -34.63 -17.29
CA THR O 236 58.52 -34.40 -18.35
C THR O 236 58.56 -35.52 -19.39
N THR O 237 58.18 -36.75 -19.03
CA THR O 237 58.15 -37.86 -19.97
C THR O 237 56.85 -37.95 -20.77
N THR O 238 55.72 -37.50 -20.21
CA THR O 238 54.41 -37.62 -20.85
C THR O 238 53.93 -36.32 -21.50
N ALA O 239 54.48 -35.19 -21.10
CA ALA O 239 54.03 -33.89 -21.57
C ALA O 239 55.25 -32.99 -21.75
N HIS O 240 55.00 -31.69 -21.90
CA HIS O 240 56.04 -30.70 -22.18
C HIS O 240 56.10 -29.74 -21.00
N LEU O 241 57.04 -29.96 -20.08
CA LEU O 241 57.19 -29.08 -18.94
C LEU O 241 57.99 -27.86 -19.38
N LYS O 242 57.36 -26.69 -19.37
CA LYS O 242 57.98 -25.44 -19.82
C LYS O 242 58.72 -24.71 -18.71
N THR O 243 58.16 -24.71 -17.49
CA THR O 243 58.72 -24.00 -16.37
C THR O 243 58.24 -24.71 -15.11
N VAL O 244 59.06 -24.70 -14.07
CA VAL O 244 58.61 -25.21 -12.78
C VAL O 244 59.18 -24.34 -11.69
N ALA O 245 58.34 -23.97 -10.73
CA ALA O 245 58.75 -23.31 -9.51
C ALA O 245 58.42 -24.24 -8.36
N LEU O 246 59.39 -24.43 -7.47
CA LEU O 246 59.22 -25.18 -6.22
C LEU O 246 59.26 -24.21 -5.07
N ILE O 247 58.25 -24.27 -4.20
CA ILE O 247 58.14 -23.40 -3.04
C ILE O 247 58.02 -24.26 -1.80
N GLY O 248 58.81 -23.96 -0.76
CA GLY O 248 58.66 -24.73 0.45
C GLY O 248 59.67 -24.37 1.51
N PRO O 249 59.55 -24.99 2.69
CA PRO O 249 60.51 -24.72 3.76
C PRO O 249 61.88 -25.23 3.34
N GLY O 250 62.90 -24.42 3.62
CA GLY O 250 64.26 -24.80 3.28
C GLY O 250 64.63 -24.75 1.81
N ILE O 251 63.70 -24.38 0.94
CA ILE O 251 63.97 -24.27 -0.50
C ILE O 251 64.64 -22.92 -0.76
N THR O 252 65.67 -22.92 -1.62
CA THR O 252 66.36 -21.70 -2.05
C THR O 252 66.55 -21.72 -3.57
N GLY O 253 67.13 -20.64 -4.11
CA GLY O 253 67.18 -20.52 -5.56
C GLY O 253 67.85 -21.69 -6.23
N GLN O 254 68.87 -22.25 -5.61
CA GLN O 254 69.67 -23.34 -6.17
CA GLN O 254 69.64 -23.34 -6.20
C GLN O 254 69.12 -24.73 -5.83
N SER O 255 67.89 -24.83 -5.30
CA SER O 255 67.38 -26.13 -4.88
C SER O 255 67.14 -27.07 -6.07
N LEU O 256 66.51 -26.57 -7.12
CA LEU O 256 66.20 -27.39 -8.28
C LEU O 256 67.40 -27.51 -9.22
N THR O 257 67.61 -28.72 -9.73
CA THR O 257 68.60 -28.95 -10.77
C THR O 257 67.93 -29.70 -11.91
N ASP O 258 68.63 -29.82 -13.04
CA ASP O 258 68.12 -30.55 -14.20
C ASP O 258 69.08 -31.64 -14.68
N VAL O 259 70.00 -32.05 -13.81
CA VAL O 259 70.93 -33.13 -14.02
C VAL O 259 70.67 -34.19 -12.95
N PRO O 260 71.05 -35.43 -13.19
CA PRO O 260 70.84 -36.47 -12.17
C PRO O 260 71.52 -36.11 -10.86
N ARG O 261 71.10 -36.78 -9.79
CA ARG O 261 71.56 -36.44 -8.45
C ARG O 261 73.08 -36.63 -8.33
N ALA O 262 73.69 -35.87 -7.43
CA ALA O 262 75.13 -35.88 -7.25
C ALA O 262 75.60 -37.03 -6.35
N MET P 1 78.85 0.48 -9.89
CA MET P 1 77.79 1.23 -9.21
C MET P 1 76.72 0.27 -8.75
N GLN P 2 75.96 0.67 -7.74
CA GLN P 2 74.93 -0.19 -7.17
C GLN P 2 73.56 0.19 -7.70
N ILE P 3 72.76 -0.81 -8.04
CA ILE P 3 71.34 -0.62 -8.30
C ILE P 3 70.57 -1.63 -7.47
N PHE P 4 69.27 -1.36 -7.31
CA PHE P 4 68.39 -2.17 -6.47
C PHE P 4 67.29 -2.76 -7.34
N VAL P 5 66.92 -4.00 -7.06
CA VAL P 5 65.91 -4.71 -7.82
C VAL P 5 64.91 -5.23 -6.80
N LYS P 6 63.71 -4.65 -6.80
CA LYS P 6 62.64 -5.07 -5.91
C LYS P 6 61.90 -6.25 -6.54
N THR P 7 61.43 -7.20 -5.71
CA THR P 7 60.58 -8.29 -6.17
C THR P 7 59.35 -8.40 -5.28
N LEU P 8 58.36 -9.17 -5.74
CA LEU P 8 57.15 -9.35 -4.95
C LEU P 8 57.36 -10.28 -3.75
N THR P 9 58.56 -10.86 -3.58
CA THR P 9 58.84 -11.47 -2.28
C THR P 9 59.05 -10.42 -1.21
N GLY P 10 59.12 -9.14 -1.59
CA GLY P 10 59.45 -8.11 -0.63
C GLY P 10 60.94 -7.92 -0.41
N LYS P 11 61.76 -8.79 -0.98
CA LYS P 11 63.19 -8.66 -0.81
C LYS P 11 63.72 -7.82 -1.95
N THR P 12 64.70 -6.98 -1.64
CA THR P 12 65.34 -6.15 -2.63
C THR P 12 66.73 -6.74 -2.89
N ILE P 13 67.07 -6.90 -4.17
CA ILE P 13 68.37 -7.40 -4.57
C ILE P 13 69.27 -6.20 -4.83
N THR P 14 70.48 -6.23 -4.30
CA THR P 14 71.47 -5.21 -4.59
C THR P 14 72.47 -5.78 -5.58
N LEU P 15 72.66 -5.09 -6.69
CA LEU P 15 73.55 -5.53 -7.76
C LEU P 15 74.69 -4.54 -7.95
N GLU P 16 75.88 -5.06 -8.27
CA GLU P 16 77.00 -4.24 -8.69
C GLU P 16 77.05 -4.28 -10.22
N VAL P 17 76.84 -3.13 -10.86
CA VAL P 17 76.71 -3.04 -12.30
C VAL P 17 77.54 -1.86 -12.81
N GLU P 18 77.60 -1.76 -14.13
CA GLU P 18 78.19 -0.63 -14.86
C GLU P 18 77.15 -0.09 -15.85
N PRO P 19 77.24 1.19 -16.19
CA PRO P 19 76.25 1.76 -17.14
C PRO P 19 76.23 1.06 -18.49
N SER P 20 77.32 0.45 -18.92
CA SER P 20 77.40 -0.23 -20.20
C SER P 20 76.92 -1.69 -20.14
N ASP P 21 76.50 -2.18 -18.98
CA ASP P 21 75.99 -3.55 -18.91
C ASP P 21 74.69 -3.68 -19.71
N THR P 22 74.59 -4.75 -20.50
CA THR P 22 73.32 -5.02 -21.16
C THR P 22 72.31 -5.57 -20.16
N ILE P 23 71.02 -5.42 -20.51
CA ILE P 23 69.95 -5.98 -19.69
C ILE P 23 70.11 -7.49 -19.61
N GLU P 24 70.57 -8.11 -20.68
CA GLU P 24 70.91 -9.52 -20.66
C GLU P 24 71.93 -9.83 -19.57
N ASN P 25 72.97 -9.00 -19.42
CA ASN P 25 73.98 -9.22 -18.38
CA ASN P 25 73.98 -9.24 -18.39
C ASN P 25 73.40 -9.00 -17.00
N VAL P 26 72.54 -7.99 -16.85
CA VAL P 26 71.92 -7.76 -15.55
C VAL P 26 71.09 -8.96 -15.15
N LYS P 27 70.35 -9.54 -16.10
CA LYS P 27 69.57 -10.74 -15.79
C LYS P 27 70.49 -11.91 -15.44
N ALA P 28 71.67 -11.97 -16.04
CA ALA P 28 72.65 -13.00 -15.69
C ALA P 28 73.15 -12.82 -14.25
N LYS P 29 73.38 -11.57 -13.81
CA LYS P 29 73.79 -11.36 -12.42
C LYS P 29 72.65 -11.70 -11.46
N ILE P 30 71.40 -11.39 -11.84
CA ILE P 30 70.26 -11.78 -11.01
C ILE P 30 70.16 -13.29 -10.92
N GLN P 31 70.39 -14.00 -12.03
CA GLN P 31 70.37 -15.45 -11.96
C GLN P 31 71.45 -15.97 -11.03
N ASP P 32 72.64 -15.37 -11.10
CA ASP P 32 73.74 -15.77 -10.23
C ASP P 32 73.40 -15.53 -8.77
N LYS P 33 72.70 -14.43 -8.47
CA LYS P 33 72.41 -14.08 -7.08
C LYS P 33 71.17 -14.78 -6.54
N GLU P 34 70.11 -14.86 -7.33
CA GLU P 34 68.83 -15.36 -6.84
C GLU P 34 68.38 -16.67 -7.48
N GLY P 35 69.06 -17.11 -8.54
CA GLY P 35 68.71 -18.36 -9.19
C GLY P 35 67.52 -18.28 -10.13
N ILE P 36 66.97 -17.10 -10.35
CA ILE P 36 65.83 -16.94 -11.25
C ILE P 36 66.35 -17.05 -12.67
N PRO P 37 65.83 -17.98 -13.50
CA PRO P 37 66.30 -18.06 -14.88
C PRO P 37 66.01 -16.76 -15.62
N PRO P 38 66.92 -16.32 -16.51
CA PRO P 38 66.70 -15.03 -17.19
C PRO P 38 65.41 -14.97 -18.00
N ASP P 39 64.99 -16.07 -18.63
CA ASP P 39 63.77 -15.99 -19.42
C ASP P 39 62.52 -15.86 -18.53
N GLN P 40 62.65 -16.08 -17.22
CA GLN P 40 61.51 -15.83 -16.34
C GLN P 40 61.51 -14.42 -15.79
N GLN P 41 62.58 -13.66 -16.01
CA GLN P 41 62.72 -12.33 -15.46
C GLN P 41 62.13 -11.31 -16.43
N ARG P 42 61.21 -10.50 -15.94
CA ARG P 42 60.72 -9.33 -16.66
C ARG P 42 61.10 -8.11 -15.85
N LEU P 43 62.01 -7.30 -16.38
CA LEU P 43 62.55 -6.14 -15.69
C LEU P 43 61.83 -4.88 -16.15
N ILE P 44 61.54 -4.02 -15.18
CA ILE P 44 60.75 -2.81 -15.39
C ILE P 44 61.49 -1.66 -14.70
N PHE P 45 61.66 -0.54 -15.41
CA PHE P 45 62.24 0.66 -14.82
C PHE P 45 61.28 1.82 -15.08
N ALA P 46 60.74 2.39 -14.01
CA ALA P 46 59.80 3.52 -14.11
C ALA P 46 58.68 3.22 -15.10
N GLY P 47 58.13 2.00 -15.04
CA GLY P 47 57.00 1.63 -15.87
C GLY P 47 57.34 1.14 -17.28
N LYS P 48 58.61 1.11 -17.65
CA LYS P 48 59.03 0.70 -18.99
C LYS P 48 59.72 -0.65 -18.90
N GLN P 49 59.30 -1.60 -19.73
CA GLN P 49 59.95 -2.90 -19.76
C GLN P 49 61.31 -2.80 -20.45
N LEU P 50 62.31 -3.48 -19.89
CA LEU P 50 63.67 -3.39 -20.38
C LEU P 50 63.94 -4.55 -21.34
N GLU P 51 64.55 -4.24 -22.49
CA GLU P 51 64.85 -5.26 -23.49
C GLU P 51 66.28 -5.76 -23.43
N ASP P 52 66.43 -7.06 -23.66
CA ASP P 52 67.68 -7.76 -23.34
C ASP P 52 68.88 -7.14 -24.06
N GLY P 53 68.69 -6.68 -25.30
CA GLY P 53 69.78 -6.21 -26.15
C GLY P 53 70.30 -4.81 -25.86
N ARG P 54 69.60 -4.05 -25.04
CA ARG P 54 69.93 -2.69 -24.65
C ARG P 54 70.78 -2.69 -23.39
N THR P 55 71.34 -1.53 -23.07
CA THR P 55 72.15 -1.36 -21.88
C THR P 55 71.38 -0.62 -20.79
N LEU P 56 71.91 -0.68 -19.57
CA LEU P 56 71.36 0.15 -18.49
C LEU P 56 71.42 1.63 -18.86
N SER P 57 72.50 2.04 -19.54
CA SER P 57 72.65 3.44 -19.91
C SER P 57 71.57 3.91 -20.88
N ASP P 58 71.11 3.03 -21.79
CA ASP P 58 70.04 3.41 -22.71
C ASP P 58 68.78 3.84 -21.98
N TYR P 59 68.54 3.29 -20.80
CA TYR P 59 67.36 3.64 -20.02
C TYR P 59 67.66 4.69 -18.96
N ASN P 60 68.86 5.29 -18.98
CA ASN P 60 69.25 6.32 -18.01
C ASN P 60 69.13 5.79 -16.58
N ILE P 61 69.51 4.53 -16.40
CA ILE P 61 69.60 3.91 -15.07
C ILE P 61 70.95 4.26 -14.47
N GLN P 62 70.93 5.03 -13.38
CA GLN P 62 72.16 5.50 -12.77
C GLN P 62 72.31 4.88 -11.37
N LYS P 63 73.34 5.30 -10.65
CA LYS P 63 73.60 4.72 -9.34
C LYS P 63 72.38 4.90 -8.43
N GLU P 64 72.12 3.88 -7.59
CA GLU P 64 71.02 3.84 -6.62
C GLU P 64 69.64 3.82 -7.27
N SER P 65 69.55 3.60 -8.58
CA SER P 65 68.27 3.43 -9.21
C SER P 65 67.61 2.13 -8.71
N THR P 66 66.29 2.11 -8.75
CA THR P 66 65.51 0.94 -8.35
C THR P 66 64.77 0.39 -9.54
N LEU P 67 64.98 -0.89 -9.84
CA LEU P 67 64.23 -1.59 -10.86
C LEU P 67 63.20 -2.49 -10.19
N HIS P 68 62.19 -2.90 -10.96
CA HIS P 68 61.17 -3.83 -10.49
C HIS P 68 61.26 -5.13 -11.27
N LEU P 69 61.31 -6.26 -10.56
CA LEU P 69 61.41 -7.57 -11.21
C LEU P 69 60.14 -8.38 -10.94
N VAL P 70 59.48 -8.82 -12.01
CA VAL P 70 58.36 -9.75 -11.83
C VAL P 70 58.63 -10.97 -12.70
N LEU P 71 58.06 -12.10 -12.28
CA LEU P 71 58.16 -13.33 -13.04
C LEU P 71 57.14 -13.36 -14.16
N ARG P 72 57.36 -14.26 -15.12
CA ARG P 72 56.34 -14.56 -16.12
C ARG P 72 55.38 -15.66 -15.65
N LEU P 73 55.81 -16.53 -14.74
CA LEU P 73 54.91 -17.55 -14.17
C LEU P 73 53.75 -16.90 -13.44
N ARG P 74 52.54 -17.41 -13.67
CA ARG P 74 51.35 -16.85 -13.00
C ARG P 74 50.30 -17.97 -12.89
N GLY P 75 50.47 -18.85 -11.90
CA GLY P 75 49.68 -20.04 -11.78
C GLY P 75 48.24 -19.75 -11.41
N GLY Q 26 -11.96 -47.75 -27.02
CA GLY Q 26 -12.57 -46.71 -26.20
C GLY Q 26 -14.08 -46.85 -26.00
N ALA Q 27 -14.70 -45.82 -25.42
CA ALA Q 27 -16.15 -45.76 -25.25
C ALA Q 27 -16.63 -44.37 -25.68
N ALA Q 28 -17.95 -44.20 -25.73
CA ALA Q 28 -18.50 -42.91 -26.14
C ALA Q 28 -18.29 -41.87 -25.05
N ARG Q 29 -18.51 -42.23 -23.80
CA ARG Q 29 -18.24 -41.32 -22.69
C ARG Q 29 -17.93 -42.17 -21.46
N SER Q 30 -17.74 -41.50 -20.34
CA SER Q 30 -17.37 -42.23 -19.14
C SER Q 30 -18.48 -43.21 -18.77
N PRO Q 31 -18.13 -44.35 -18.20
CA PRO Q 31 -19.17 -45.35 -17.87
C PRO Q 31 -20.23 -44.80 -16.93
N TRP Q 32 -19.86 -43.97 -15.94
CA TRP Q 32 -20.89 -43.51 -15.00
C TRP Q 32 -21.81 -42.50 -15.66
N ASP Q 33 -21.30 -41.65 -16.56
CA ASP Q 33 -22.18 -40.75 -17.30
C ASP Q 33 -23.05 -41.54 -18.26
N GLN Q 34 -22.50 -42.59 -18.88
CA GLN Q 34 -23.31 -43.39 -19.79
C GLN Q 34 -24.48 -44.05 -19.05
N ALA Q 35 -24.25 -44.54 -17.82
CA ALA Q 35 -25.33 -45.17 -17.05
C ALA Q 35 -26.46 -44.19 -16.75
N LEU Q 36 -26.12 -42.96 -16.40
CA LEU Q 36 -27.15 -41.96 -16.17
C LEU Q 36 -27.93 -41.67 -17.44
N ARG Q 37 -27.23 -41.54 -18.59
CA ARG Q 37 -27.93 -41.27 -19.84
C ARG Q 37 -28.84 -42.42 -20.25
N ASP Q 38 -28.39 -43.66 -20.06
CA ASP Q 38 -29.20 -44.81 -20.44
C ASP Q 38 -30.49 -44.82 -19.61
N ARG Q 39 -30.40 -44.53 -18.30
CA ARG Q 39 -31.63 -44.45 -17.51
C ARG Q 39 -32.56 -43.36 -18.03
N PHE Q 40 -32.01 -42.20 -18.38
CA PHE Q 40 -32.83 -41.12 -18.88
C PHE Q 40 -33.50 -41.50 -20.19
N ASP Q 41 -32.79 -42.17 -21.08
CA ASP Q 41 -33.32 -42.55 -22.38
C ASP Q 41 -34.48 -43.55 -22.27
N ALA Q 42 -34.53 -44.34 -21.22
CA ALA Q 42 -35.60 -45.34 -21.09
C ALA Q 42 -36.81 -44.83 -20.32
N ALA Q 43 -36.78 -43.62 -19.81
CA ALA Q 43 -37.86 -43.12 -18.97
C ALA Q 43 -39.02 -42.57 -19.82
N LEU Q 44 -40.22 -42.62 -19.27
CA LEU Q 44 -41.37 -41.95 -19.86
C LEU Q 44 -41.47 -40.53 -19.36
N LEU Q 45 -41.64 -39.59 -20.29
CA LEU Q 45 -41.63 -38.16 -19.99
C LEU Q 45 -42.91 -37.53 -20.49
N PRO Q 46 -44.05 -37.77 -19.81
CA PRO Q 46 -45.32 -37.24 -20.29
C PRO Q 46 -45.41 -35.72 -20.24
N ALA Q 47 -44.60 -35.08 -19.41
CA ALA Q 47 -44.55 -33.63 -19.32
C ALA Q 47 -43.28 -33.07 -19.94
N LEU Q 48 -42.76 -33.74 -20.98
CA LEU Q 48 -41.54 -33.26 -21.63
C LEU Q 48 -41.75 -31.87 -22.21
N GLY Q 49 -42.85 -31.67 -22.92
CA GLY Q 49 -43.20 -30.38 -23.46
C GLY Q 49 -44.21 -29.68 -22.56
N PRO Q 50 -44.64 -28.48 -22.96
CA PRO Q 50 -45.71 -27.81 -22.22
C PRO Q 50 -46.97 -28.66 -22.22
N VAL Q 51 -47.57 -28.84 -21.05
CA VAL Q 51 -48.76 -29.67 -20.89
C VAL Q 51 -49.73 -28.97 -19.95
N PRO Q 52 -51.00 -29.39 -19.88
CA PRO Q 52 -51.89 -28.88 -18.83
C PRO Q 52 -51.28 -29.14 -17.45
N HIS Q 53 -51.61 -28.26 -16.50
CA HIS Q 53 -50.89 -28.24 -15.24
C HIS Q 53 -51.00 -29.57 -14.50
N ASP Q 54 -52.16 -30.22 -14.58
CA ASP Q 54 -52.38 -31.47 -13.87
C ASP Q 54 -51.48 -32.58 -14.41
N GLN Q 55 -50.97 -32.41 -15.61
CA GLN Q 55 -50.11 -33.42 -16.23
C GLN Q 55 -48.63 -33.18 -15.98
N PHE Q 56 -48.25 -32.10 -15.30
CA PHE Q 56 -46.86 -31.94 -14.88
C PHE Q 56 -46.43 -33.09 -13.99
N HIS Q 57 -45.17 -33.49 -14.11
CA HIS Q 57 -44.61 -34.53 -13.26
C HIS Q 57 -44.07 -33.86 -12.01
N VAL Q 58 -44.67 -34.15 -10.84
CA VAL Q 58 -44.19 -33.64 -9.56
C VAL Q 58 -44.21 -34.80 -8.56
N GLU Q 59 -43.06 -35.10 -7.98
CA GLU Q 59 -42.84 -36.21 -7.07
C GLU Q 59 -42.96 -35.73 -5.62
N PRO Q 60 -43.62 -36.50 -4.77
CA PRO Q 60 -43.62 -36.16 -3.34
C PRO Q 60 -42.21 -36.29 -2.76
N GLN Q 61 -41.91 -35.41 -1.81
CA GLN Q 61 -40.56 -35.36 -1.25
C GLN Q 61 -40.19 -36.68 -0.57
N VAL Q 62 -38.96 -37.15 -0.80
CA VAL Q 62 -38.41 -38.35 -0.17
C VAL Q 62 -37.06 -37.97 0.44
N ALA Q 63 -36.93 -38.14 1.74
CA ALA Q 63 -35.69 -37.78 2.47
C ALA Q 63 -35.33 -36.33 2.09
N SER Q 64 -34.10 -36.05 1.70
CA SER Q 64 -33.71 -34.71 1.28
C SER Q 64 -33.33 -34.69 -0.19
N ALA Q 65 -34.06 -35.46 -1.01
CA ALA Q 65 -33.72 -35.64 -2.42
C ALA Q 65 -34.38 -34.62 -3.35
N CYS Q 66 -34.61 -33.38 -2.89
CA CYS Q 66 -35.31 -32.40 -3.72
C CYS Q 66 -34.57 -32.09 -5.02
N ALA Q 67 -33.24 -32.23 -5.03
CA ALA Q 67 -32.50 -32.06 -6.26
C ALA Q 67 -32.99 -33.03 -7.31
N ILE Q 68 -33.23 -34.28 -6.91
CA ILE Q 68 -33.68 -35.27 -7.86
C ILE Q 68 -35.11 -35.01 -8.28
N HIS Q 69 -35.99 -34.69 -7.31
CA HIS Q 69 -37.38 -34.36 -7.63
C HIS Q 69 -37.46 -33.19 -8.58
N SER Q 70 -36.62 -32.17 -8.36
CA SER Q 70 -36.65 -30.99 -9.22
C SER Q 70 -36.16 -31.31 -10.64
N ILE Q 71 -35.12 -32.14 -10.76
CA ILE Q 71 -34.68 -32.53 -12.08
C ILE Q 71 -35.81 -33.25 -12.82
N ASN Q 72 -36.47 -34.18 -12.14
CA ASN Q 72 -37.53 -34.95 -12.81
C ASN Q 72 -38.67 -34.05 -13.27
N ALA Q 73 -39.03 -33.05 -12.47
CA ALA Q 73 -40.04 -32.09 -12.91
C ALA Q 73 -39.52 -31.23 -14.06
N PHE Q 74 -38.23 -30.87 -14.00
CA PHE Q 74 -37.62 -30.07 -15.05
C PHE Q 74 -37.71 -30.78 -16.39
N VAL Q 75 -37.33 -32.07 -16.43
CA VAL Q 75 -37.38 -32.79 -17.69
C VAL Q 75 -38.79 -33.27 -18.00
N GLY Q 76 -39.62 -33.47 -16.98
CA GLY Q 76 -41.01 -33.82 -17.18
C GLY Q 76 -41.39 -35.28 -16.99
N GLY Q 77 -40.74 -36.00 -16.08
CA GLY Q 77 -41.05 -37.40 -15.84
C GLY Q 77 -40.10 -38.05 -14.86
N PRO Q 78 -40.37 -39.31 -14.49
CA PRO Q 78 -39.51 -40.02 -13.52
C PRO Q 78 -38.20 -40.52 -14.13
N ALA Q 79 -37.38 -39.57 -14.62
CA ALA Q 79 -36.15 -39.93 -15.31
C ALA Q 79 -35.19 -40.61 -14.36
N PHE Q 80 -34.94 -39.99 -13.22
CA PHE Q 80 -33.93 -40.46 -12.30
C PHE Q 80 -34.58 -40.86 -10.99
N ASP Q 81 -34.18 -42.00 -10.48
CA ASP Q 81 -34.50 -42.36 -9.11
C ASP Q 81 -33.26 -42.13 -8.24
N ILE Q 82 -33.48 -42.23 -6.94
CA ILE Q 82 -32.42 -41.96 -5.98
C ILE Q 82 -31.22 -42.88 -6.15
N PRO Q 83 -31.38 -44.20 -6.33
CA PRO Q 83 -30.18 -45.04 -6.48
C PRO Q 83 -29.31 -44.69 -7.67
N THR Q 84 -29.92 -44.47 -8.84
CA THR Q 84 -29.11 -44.13 -10.00
C THR Q 84 -28.45 -42.76 -9.83
N PHE Q 85 -29.19 -41.79 -9.30
CA PHE Q 85 -28.56 -40.48 -9.13
C PHE Q 85 -27.41 -40.54 -8.13
N THR Q 86 -27.61 -41.22 -7.00
CA THR Q 86 -26.54 -41.27 -5.99
C THR Q 86 -25.33 -42.03 -6.52
N THR Q 87 -25.56 -43.13 -7.25
CA THR Q 87 -24.45 -43.92 -7.80
C THR Q 87 -23.63 -43.07 -8.78
N TRP Q 88 -24.31 -42.32 -9.65
CA TRP Q 88 -23.63 -41.41 -10.56
C TRP Q 88 -22.86 -40.34 -9.79
N SER Q 89 -23.49 -39.80 -8.74
CA SER Q 89 -22.89 -38.74 -7.95
C SER Q 89 -21.62 -39.22 -7.23
N THR Q 90 -21.64 -40.42 -6.64
CA THR Q 90 -20.45 -40.92 -5.97
C THR Q 90 -19.35 -41.20 -6.98
N ALA Q 91 -19.67 -41.76 -8.14
CA ALA Q 91 -18.64 -41.95 -9.15
C ALA Q 91 -18.08 -40.61 -9.61
N SER Q 92 -18.94 -39.59 -9.73
CA SER Q 92 -18.50 -38.27 -10.15
C SER Q 92 -17.55 -37.64 -9.14
N THR Q 93 -17.79 -37.87 -7.84
CA THR Q 93 -16.86 -37.39 -6.82
C THR Q 93 -15.50 -38.06 -6.95
N ALA Q 94 -15.48 -39.37 -7.19
CA ALA Q 94 -14.20 -40.05 -7.40
C ALA Q 94 -13.44 -39.44 -8.56
N ALA Q 95 -14.12 -39.09 -9.65
CA ALA Q 95 -13.46 -38.46 -10.80
C ALA Q 95 -13.04 -37.03 -10.48
N PHE Q 96 -13.82 -36.35 -9.64
CA PHE Q 96 -13.59 -34.94 -9.31
C PHE Q 96 -12.37 -34.77 -8.41
N ILE Q 97 -12.28 -35.54 -7.34
CA ILE Q 97 -11.31 -35.21 -6.30
C ILE Q 97 -10.59 -36.45 -5.82
N GLY Q 98 -10.96 -37.62 -6.35
CA GLY Q 98 -10.15 -38.81 -6.14
C GLY Q 98 -9.98 -39.16 -4.67
N ASP Q 99 -8.73 -39.40 -4.27
CA ASP Q 99 -8.45 -39.88 -2.92
C ASP Q 99 -8.74 -38.86 -1.84
N ASP Q 100 -8.97 -37.60 -2.20
CA ASP Q 100 -9.37 -36.60 -1.22
C ASP Q 100 -10.88 -36.46 -1.11
N ALA Q 101 -11.65 -37.50 -1.48
CA ALA Q 101 -13.10 -37.40 -1.43
C ALA Q 101 -13.62 -37.11 -0.03
N ASP Q 102 -12.88 -37.52 1.00
CA ASP Q 102 -13.26 -37.27 2.39
C ASP Q 102 -13.18 -35.80 2.79
N ALA Q 103 -12.68 -34.92 1.91
CA ALA Q 103 -12.64 -33.50 2.20
C ALA Q 103 -13.96 -32.80 1.90
N LEU Q 104 -14.90 -33.47 1.24
CA LEU Q 104 -16.16 -32.84 0.88
C LEU Q 104 -17.23 -33.18 1.93
N ALA Q 105 -18.15 -32.24 2.15
CA ALA Q 105 -19.30 -32.55 3.00
C ALA Q 105 -20.17 -33.59 2.29
N PRO Q 106 -20.80 -34.51 3.02
CA PRO Q 106 -21.56 -35.59 2.35
C PRO Q 106 -22.70 -35.05 1.50
N GLU Q 107 -22.82 -35.58 0.28
CA GLU Q 107 -23.96 -35.30 -0.59
C GLU Q 107 -24.65 -36.62 -0.88
N SER Q 108 -25.94 -36.70 -0.57
CA SER Q 108 -26.69 -37.94 -0.64
C SER Q 108 -28.17 -37.60 -0.61
N ALA Q 109 -29.00 -38.64 -0.73
CA ALA Q 109 -30.43 -38.45 -0.55
C ALA Q 109 -30.77 -37.94 0.85
N ALA Q 110 -29.93 -38.23 1.84
CA ALA Q 110 -30.20 -37.80 3.21
C ALA Q 110 -29.71 -36.39 3.52
N SER Q 111 -28.80 -35.83 2.71
CA SER Q 111 -28.21 -34.53 3.02
C SER Q 111 -28.29 -33.47 1.92
N GLY Q 112 -28.73 -33.81 0.72
CA GLY Q 112 -28.83 -32.86 -0.37
C GLY Q 112 -27.64 -32.89 -1.32
N PHE Q 113 -27.73 -32.10 -2.38
CA PHE Q 113 -26.76 -32.12 -3.46
C PHE Q 113 -26.43 -30.71 -3.90
N SER Q 114 -25.20 -30.52 -4.40
CA SER Q 114 -24.79 -29.20 -4.87
C SER Q 114 -25.47 -28.84 -6.19
N PRO Q 115 -25.83 -27.57 -6.39
CA PRO Q 115 -26.34 -27.17 -7.70
C PRO Q 115 -25.37 -27.42 -8.82
N HIS Q 116 -24.06 -27.47 -8.55
CA HIS Q 116 -23.14 -27.75 -9.65
C HIS Q 116 -23.37 -29.16 -10.19
N ARG Q 117 -23.73 -30.11 -9.32
CA ARG Q 117 -24.05 -31.45 -9.80
C ARG Q 117 -25.34 -31.46 -10.61
N VAL Q 118 -26.33 -30.65 -10.19
CA VAL Q 118 -27.60 -30.61 -10.90
C VAL Q 118 -27.40 -30.11 -12.32
N GLU Q 119 -26.61 -29.04 -12.50
CA GLU Q 119 -26.29 -28.58 -13.84
C GLU Q 119 -25.61 -29.67 -14.66
N ARG Q 120 -24.62 -30.36 -14.09
CA ARG Q 120 -23.88 -31.33 -14.89
CA ARG Q 120 -23.88 -31.33 -14.89
C ARG Q 120 -24.79 -32.47 -15.33
N ALA Q 121 -25.68 -32.92 -14.44
CA ALA Q 121 -26.64 -33.96 -14.80
C ALA Q 121 -27.52 -33.49 -15.94
N LEU Q 122 -28.05 -32.28 -15.85
CA LEU Q 122 -28.92 -31.79 -16.91
C LEU Q 122 -28.16 -31.61 -18.22
N ASN Q 123 -26.93 -31.08 -18.16
CA ASN Q 123 -26.16 -30.94 -19.40
C ASN Q 123 -25.83 -32.29 -20.02
N LEU Q 124 -25.74 -33.35 -19.21
CA LEU Q 124 -25.54 -34.68 -19.77
C LEU Q 124 -26.73 -35.15 -20.59
N LEU Q 125 -27.87 -34.47 -20.53
CA LEU Q 125 -29.02 -34.85 -21.34
C LEU Q 125 -29.04 -34.12 -22.69
N ASP Q 126 -28.17 -33.14 -22.88
CA ASP Q 126 -28.09 -32.44 -24.16
C ASP Q 126 -27.75 -33.42 -25.28
N GLY Q 127 -28.43 -33.26 -26.41
CA GLY Q 127 -28.21 -34.11 -27.55
C GLY Q 127 -29.01 -35.39 -27.55
N THR Q 128 -29.75 -35.69 -26.47
CA THR Q 128 -30.57 -36.88 -26.42
C THR Q 128 -31.83 -36.68 -27.25
N PRO Q 129 -32.47 -37.77 -27.67
CA PRO Q 129 -33.69 -37.62 -28.47
C PRO Q 129 -34.81 -36.85 -27.78
N ALA Q 130 -34.81 -36.81 -26.46
CA ALA Q 130 -35.88 -36.09 -25.78
C ALA Q 130 -35.67 -34.59 -25.84
N THR Q 131 -34.41 -34.13 -25.89
CA THR Q 131 -34.12 -32.72 -25.87
C THR Q 131 -33.95 -32.12 -27.26
N GLN Q 132 -34.24 -32.87 -28.32
CA GLN Q 132 -34.06 -32.34 -29.67
C GLN Q 132 -34.98 -31.14 -29.87
N GLY Q 133 -34.43 -30.08 -30.45
CA GLY Q 133 -35.22 -28.89 -30.67
C GLY Q 133 -35.45 -28.05 -29.44
N LYS Q 134 -34.90 -28.43 -28.30
CA LYS Q 134 -35.05 -27.66 -27.08
C LYS Q 134 -33.73 -26.98 -26.75
N ASP Q 135 -33.81 -25.75 -26.25
CA ASP Q 135 -32.64 -25.08 -25.70
C ASP Q 135 -32.18 -25.85 -24.47
N TRP Q 136 -30.95 -26.38 -24.54
CA TRP Q 136 -30.43 -27.23 -23.48
C TRP Q 136 -28.98 -26.87 -23.13
N ASN Q 137 -28.59 -25.61 -23.31
CA ASN Q 137 -27.28 -25.13 -22.86
C ASN Q 137 -27.40 -24.69 -21.40
N ILE Q 138 -27.42 -25.68 -20.51
CA ILE Q 138 -27.80 -25.43 -19.11
C ILE Q 138 -26.63 -24.80 -18.38
N GLY Q 139 -26.89 -23.71 -17.65
CA GLY Q 139 -25.88 -23.07 -16.83
C GLY Q 139 -26.44 -22.64 -15.49
N VAL Q 140 -25.57 -22.07 -14.67
CA VAL Q 140 -25.91 -21.72 -13.29
C VAL Q 140 -25.48 -20.28 -13.01
N SER Q 141 -26.35 -19.54 -12.30
CA SER Q 141 -26.03 -18.22 -11.78
C SER Q 141 -26.35 -18.22 -10.29
N ILE Q 142 -25.43 -17.70 -9.48
CA ILE Q 142 -25.53 -17.74 -8.02
C ILE Q 142 -25.43 -16.32 -7.48
N LEU Q 143 -26.34 -15.96 -6.56
CA LEU Q 143 -26.38 -14.65 -5.95
C LEU Q 143 -26.25 -14.77 -4.43
N SER Q 144 -25.42 -13.90 -3.84
CA SER Q 144 -25.23 -13.80 -2.40
C SER Q 144 -25.51 -12.37 -1.97
N PRO Q 145 -25.67 -12.13 -0.66
CA PRO Q 145 -25.87 -10.76 -0.18
C PRO Q 145 -24.63 -9.90 -0.42
N ARG Q 146 -24.82 -8.58 -0.39
CA ARG Q 146 -23.67 -7.69 -0.45
C ARG Q 146 -22.77 -7.93 0.75
N SER Q 147 -21.51 -7.54 0.61
CA SER Q 147 -20.52 -7.79 1.65
C SER Q 147 -20.97 -7.17 2.97
N GLY Q 148 -21.12 -8.01 4.00
CA GLY Q 148 -21.60 -7.58 5.28
C GLY Q 148 -23.11 -7.57 5.44
N ALA Q 149 -23.87 -7.61 4.35
CA ALA Q 149 -25.32 -7.73 4.44
C ALA Q 149 -25.71 -9.14 4.89
N ALA Q 150 -26.84 -9.24 5.61
CA ALA Q 150 -27.29 -10.52 6.13
C ALA Q 150 -28.19 -11.28 5.16
N MET Q 151 -28.65 -10.64 4.10
CA MET Q 151 -29.64 -11.24 3.21
C MET Q 151 -29.70 -10.48 1.90
N ILE Q 152 -30.25 -11.13 0.89
CA ILE Q 152 -30.48 -10.51 -0.40
C ILE Q 152 -31.79 -9.74 -0.33
N THR Q 153 -31.74 -8.46 -0.69
CA THR Q 153 -32.95 -7.63 -0.62
C THR Q 153 -33.74 -7.62 -1.92
N GLN Q 154 -33.13 -7.99 -3.05
CA GLN Q 154 -33.83 -8.06 -4.33
C GLN Q 154 -33.05 -8.96 -5.27
N VAL Q 155 -33.79 -9.84 -5.95
CA VAL Q 155 -33.25 -10.70 -7.01
C VAL Q 155 -33.95 -10.37 -8.31
N THR Q 156 -33.18 -10.12 -9.36
CA THR Q 156 -33.72 -9.76 -10.66
C THR Q 156 -33.38 -10.86 -11.65
N LEU Q 157 -34.41 -11.53 -12.14
CA LEU Q 157 -34.21 -12.57 -13.13
C LEU Q 157 -33.85 -11.93 -14.46
N PRO Q 158 -33.06 -12.60 -15.28
CA PRO Q 158 -32.84 -12.12 -16.64
C PRO Q 158 -34.10 -12.32 -17.47
N ALA Q 159 -34.10 -11.70 -18.64
CA ALA Q 159 -35.14 -11.96 -19.63
C ALA Q 159 -35.12 -13.43 -20.03
N LEU Q 160 -36.29 -14.08 -19.95
CA LEU Q 160 -36.38 -15.52 -20.11
C LEU Q 160 -36.58 -15.97 -21.56
N GLY Q 161 -36.99 -15.08 -22.45
CA GLY Q 161 -37.27 -15.50 -23.81
C GLY Q 161 -38.37 -16.54 -23.81
N ASP Q 162 -38.14 -17.63 -24.53
CA ASP Q 162 -39.09 -18.74 -24.61
C ASP Q 162 -38.74 -19.87 -23.66
N THR Q 163 -37.80 -19.64 -22.74
CA THR Q 163 -37.44 -20.66 -21.77
C THR Q 163 -38.67 -21.05 -20.96
N ASP Q 164 -38.90 -22.35 -20.84
CA ASP Q 164 -40.09 -22.88 -20.19
C ASP Q 164 -39.74 -23.82 -19.05
N ARG Q 165 -38.49 -23.85 -18.61
CA ARG Q 165 -38.10 -24.72 -17.51
C ARG Q 165 -36.87 -24.16 -16.82
N LEU Q 166 -36.93 -24.15 -15.48
CA LEU Q 166 -35.88 -23.61 -14.64
C LEU Q 166 -35.86 -24.41 -13.35
N ILE Q 167 -34.72 -24.38 -12.67
CA ILE Q 167 -34.59 -24.89 -11.30
C ILE Q 167 -33.98 -23.79 -10.45
N PHE Q 168 -34.52 -23.59 -9.24
CA PHE Q 168 -33.93 -22.74 -8.23
C PHE Q 168 -33.48 -23.59 -7.04
N ASP Q 169 -32.31 -23.24 -6.49
CA ASP Q 169 -31.90 -23.68 -5.16
C ASP Q 169 -31.87 -22.43 -4.31
N VAL Q 170 -32.67 -22.40 -3.24
CA VAL Q 170 -32.73 -21.24 -2.37
C VAL Q 170 -32.42 -21.65 -0.94
N LYS Q 171 -31.69 -20.79 -0.23
CA LYS Q 171 -31.48 -20.89 1.20
C LYS Q 171 -32.21 -19.74 1.87
N VAL Q 172 -33.17 -20.07 2.73
CA VAL Q 172 -34.13 -19.09 3.24
C VAL Q 172 -34.24 -19.23 4.76
N GLY Q 173 -34.11 -18.10 5.46
CA GLY Q 173 -34.50 -17.96 6.85
C GLY Q 173 -35.66 -16.97 6.93
N SER Q 174 -36.13 -16.75 8.15
CA SER Q 174 -37.24 -15.82 8.38
C SER Q 174 -37.32 -15.50 9.87
N ASP Q 175 -38.08 -14.46 10.20
CA ASP Q 175 -38.29 -14.14 11.60
C ASP Q 175 -38.92 -15.30 12.35
N ALA Q 176 -39.87 -16.00 11.71
CA ALA Q 176 -40.49 -17.15 12.35
C ALA Q 176 -39.49 -18.26 12.61
N ARG Q 177 -38.56 -18.51 11.66
CA ARG Q 177 -37.57 -19.56 11.85
C ARG Q 177 -36.61 -19.25 12.99
N THR Q 178 -36.14 -17.99 13.09
CA THR Q 178 -35.32 -17.61 14.23
C THR Q 178 -36.08 -17.71 15.54
N ALA Q 179 -37.37 -17.34 15.55
CA ALA Q 179 -38.15 -17.45 16.77
C ALA Q 179 -38.29 -18.90 17.23
N ALA Q 180 -38.38 -19.83 16.28
CA ALA Q 180 -38.52 -21.25 16.57
C ALA Q 180 -37.16 -21.93 16.75
N GLY Q 181 -36.07 -21.20 16.55
CA GLY Q 181 -34.76 -21.80 16.65
C GLY Q 181 -34.43 -22.78 15.54
N ALA Q 182 -35.10 -22.67 14.40
CA ALA Q 182 -34.85 -23.60 13.30
C ALA Q 182 -33.76 -23.06 12.39
N ASP Q 183 -33.01 -23.97 11.78
CA ASP Q 183 -32.02 -23.60 10.78
C ASP Q 183 -32.71 -23.00 9.56
N ASP Q 184 -31.90 -22.40 8.69
CA ASP Q 184 -32.36 -22.01 7.37
C ASP Q 184 -32.68 -23.26 6.56
N ILE Q 185 -33.62 -23.13 5.63
CA ILE Q 185 -33.96 -24.24 4.74
C ILE Q 185 -33.23 -24.04 3.41
N ASP Q 186 -32.62 -25.10 2.92
CA ASP Q 186 -31.86 -25.11 1.67
C ASP Q 186 -32.55 -26.12 0.75
N HIS Q 187 -33.17 -25.63 -0.32
CA HIS Q 187 -34.18 -26.39 -1.02
C HIS Q 187 -34.14 -26.11 -2.52
N PHE Q 188 -34.26 -27.19 -3.31
CA PHE Q 188 -34.45 -27.10 -4.76
C PHE Q 188 -35.94 -27.12 -5.10
N VAL Q 189 -36.34 -26.28 -6.05
CA VAL Q 189 -37.66 -26.34 -6.69
C VAL Q 189 -37.46 -26.22 -8.19
N ALA Q 190 -38.54 -26.55 -8.94
CA ALA Q 190 -38.58 -26.42 -10.39
C ALA Q 190 -39.72 -25.50 -10.81
N PHE Q 191 -39.58 -24.90 -11.99
CA PHE Q 191 -40.63 -24.12 -12.63
C PHE Q 191 -40.86 -24.63 -14.04
N ARG Q 192 -42.11 -24.64 -14.48
CA ARG Q 192 -42.42 -25.07 -15.84
C ARG Q 192 -43.55 -24.20 -16.40
N LYS Q 193 -43.51 -23.92 -17.70
CA LYS Q 193 -44.62 -23.26 -18.36
C LYS Q 193 -45.59 -24.28 -18.91
N ASP Q 194 -46.89 -24.01 -18.74
CA ASP Q 194 -47.93 -24.90 -19.26
C ASP Q 194 -48.21 -24.59 -20.73
N ASP Q 195 -49.22 -25.24 -21.29
CA ASP Q 195 -49.56 -25.06 -22.71
C ASP Q 195 -50.10 -23.68 -23.04
N GLN Q 196 -50.47 -22.86 -22.04
CA GLN Q 196 -50.91 -21.49 -22.28
C GLN Q 196 -49.81 -20.47 -22.10
N GLY Q 197 -48.62 -20.90 -21.72
CA GLY Q 197 -47.53 -19.98 -21.47
C GLY Q 197 -47.43 -19.47 -20.04
N ALA Q 198 -48.24 -20.00 -19.11
CA ALA Q 198 -48.22 -19.57 -17.71
C ALA Q 198 -47.22 -20.38 -16.89
N TRP Q 199 -46.50 -19.69 -16.00
CA TRP Q 199 -45.50 -20.34 -15.16
C TRP Q 199 -46.15 -21.06 -13.99
N TRP Q 200 -45.59 -22.22 -13.64
CA TRP Q 200 -46.05 -23.01 -12.52
C TRP Q 200 -44.85 -23.42 -11.67
N LEU Q 201 -44.93 -23.14 -10.37
CA LEU Q 201 -43.98 -23.67 -9.41
C LEU Q 201 -44.31 -25.12 -9.11
N LEU Q 202 -43.31 -25.99 -9.21
CA LEU Q 202 -43.46 -27.41 -8.94
C LEU Q 202 -42.50 -27.75 -7.80
N ASP Q 203 -43.05 -27.97 -6.60
CA ASP Q 203 -42.26 -28.17 -5.38
C ASP Q 203 -42.59 -29.55 -4.80
N SER Q 204 -41.55 -30.30 -4.44
CA SER Q 204 -41.75 -31.62 -3.86
C SER Q 204 -42.31 -31.57 -2.44
N ARG Q 205 -42.23 -30.42 -1.76
CA ARG Q 205 -42.82 -30.21 -0.45
C ARG Q 205 -44.21 -29.63 -0.62
N SER Q 206 -45.08 -29.88 0.37
CA SER Q 206 -46.45 -29.39 0.31
C SER Q 206 -46.63 -28.03 0.99
N SER Q 207 -45.55 -27.31 1.24
CA SER Q 207 -45.60 -25.95 1.77
C SER Q 207 -44.47 -25.11 1.22
N GLU Q 208 -44.71 -23.80 1.17
CA GLU Q 208 -43.73 -22.87 0.62
C GLU Q 208 -42.43 -22.89 1.41
N VAL Q 209 -41.34 -22.61 0.69
CA VAL Q 209 -40.04 -22.64 1.33
C VAL Q 209 -39.97 -21.59 2.44
N HIS Q 210 -40.68 -20.48 2.30
CA HIS Q 210 -40.63 -19.45 3.31
C HIS Q 210 -41.85 -19.47 4.24
N ALA Q 211 -42.61 -20.57 4.24
CA ALA Q 211 -43.72 -20.69 5.17
C ALA Q 211 -43.16 -20.92 6.58
N PRO Q 212 -43.95 -20.67 7.62
CA PRO Q 212 -43.48 -20.92 8.97
C PRO Q 212 -43.00 -22.35 9.13
N PRO Q 213 -41.98 -22.58 9.97
CA PRO Q 213 -41.33 -23.90 10.01
C PRO Q 213 -42.19 -25.02 10.61
N GLY Q 214 -43.20 -24.70 11.38
CA GLY Q 214 -43.97 -25.78 11.96
C GLY Q 214 -45.10 -26.33 11.12
N GLN Q 215 -45.33 -25.80 9.92
CA GLN Q 215 -46.49 -26.21 9.12
C GLN Q 215 -46.24 -27.54 8.40
N GLU Q 216 -47.27 -28.02 7.71
CA GLU Q 216 -47.18 -29.30 7.02
C GLU Q 216 -46.30 -29.17 5.79
N SER Q 217 -45.54 -30.24 5.50
CA SER Q 217 -44.70 -30.18 4.30
C SER Q 217 -44.54 -31.53 3.61
N SER Q 218 -45.07 -32.63 4.16
CA SER Q 218 -44.97 -33.95 3.56
C SER Q 218 -46.20 -34.36 2.73
N GLY Q 219 -47.27 -33.58 2.69
CA GLY Q 219 -48.46 -33.99 1.97
C GLY Q 219 -48.34 -33.98 0.46
N SER Q 220 -49.41 -33.64 -0.25
CA SER Q 220 -49.38 -33.67 -1.72
C SER Q 220 -48.49 -32.55 -2.26
N PRO Q 221 -47.71 -32.82 -3.31
CA PRO Q 221 -46.76 -31.82 -3.80
C PRO Q 221 -47.44 -30.52 -4.21
N LEU Q 222 -46.69 -29.43 -4.08
CA LEU Q 222 -47.18 -28.08 -4.35
C LEU Q 222 -47.15 -27.79 -5.85
N ARG Q 223 -48.26 -27.28 -6.40
CA ARG Q 223 -48.38 -26.79 -7.79
C ARG Q 223 -49.02 -25.41 -7.76
N ARG Q 224 -48.24 -24.36 -7.92
CA ARG Q 224 -48.74 -23.00 -7.75
C ARG Q 224 -48.44 -22.20 -9.01
N GLN Q 225 -49.47 -21.54 -9.54
CA GLN Q 225 -49.29 -20.72 -10.73
C GLN Q 225 -48.72 -19.38 -10.28
N ILE Q 226 -47.44 -19.14 -10.54
CA ILE Q 226 -46.81 -17.89 -10.14
C ILE Q 226 -45.57 -17.69 -10.99
N GLU Q 227 -45.33 -16.44 -11.37
CA GLU Q 227 -44.10 -16.11 -12.07
C GLU Q 227 -42.89 -16.35 -11.18
N PRO Q 228 -41.79 -16.87 -11.73
CA PRO Q 228 -40.60 -17.06 -10.90
C PRO Q 228 -40.10 -15.75 -10.30
N GLN Q 229 -40.17 -14.65 -11.04
CA GLN Q 229 -39.78 -13.36 -10.48
C GLN Q 229 -40.68 -12.98 -9.31
N ALA Q 230 -41.98 -13.21 -9.45
CA ALA Q 230 -42.88 -12.88 -8.33
C ALA Q 230 -42.61 -13.78 -7.14
N TRP Q 231 -42.30 -15.05 -7.38
CA TRP Q 231 -42.02 -15.97 -6.27
C TRP Q 231 -40.76 -15.53 -5.51
N LEU Q 232 -39.71 -15.13 -6.23
CA LEU Q 232 -38.52 -14.57 -5.56
C LEU Q 232 -38.86 -13.30 -4.79
N ASN Q 233 -39.63 -12.41 -5.39
CA ASN Q 233 -40.03 -11.19 -4.69
C ASN Q 233 -40.81 -11.50 -3.43
N GLU Q 234 -41.62 -12.56 -3.47
CA GLU Q 234 -42.36 -12.99 -2.30
C GLU Q 234 -41.43 -13.46 -1.17
N ILE Q 235 -40.33 -14.12 -1.52
CA ILE Q 235 -39.39 -14.57 -0.49
C ILE Q 235 -38.66 -13.38 0.12
N THR Q 236 -38.15 -12.47 -0.70
CA THR Q 236 -37.36 -11.37 -0.17
C THR Q 236 -38.20 -10.36 0.60
N THR Q 237 -39.51 -10.29 0.35
CA THR Q 237 -40.36 -9.37 1.10
C THR Q 237 -40.88 -9.98 2.41
N THR Q 238 -41.11 -11.29 2.46
CA THR Q 238 -41.68 -11.92 3.65
C THR Q 238 -40.65 -12.68 4.49
N ALA Q 239 -39.49 -13.02 3.93
CA ALA Q 239 -38.52 -13.84 4.66
C ALA Q 239 -37.11 -13.32 4.35
N HIS Q 240 -36.10 -14.14 4.66
CA HIS Q 240 -34.69 -13.79 4.52
C HIS Q 240 -34.01 -14.73 3.52
N LEU Q 241 -33.85 -14.26 2.29
CA LEU Q 241 -33.19 -15.03 1.25
C LEU Q 241 -31.68 -14.93 1.46
N LYS Q 242 -31.04 -16.02 1.83
CA LYS Q 242 -29.61 -15.97 2.11
C LYS Q 242 -28.78 -16.16 0.85
N THR Q 243 -29.24 -17.04 -0.04
CA THR Q 243 -28.54 -17.37 -1.27
C THR Q 243 -29.57 -17.87 -2.26
N VAL Q 244 -29.31 -17.64 -3.54
CA VAL Q 244 -30.15 -18.21 -4.58
C VAL Q 244 -29.27 -18.63 -5.75
N ALA Q 245 -29.47 -19.86 -6.23
CA ALA Q 245 -28.86 -20.33 -7.47
C ALA Q 245 -29.98 -20.59 -8.45
N LEU Q 246 -29.79 -20.10 -9.67
CA LEU Q 246 -30.70 -20.31 -10.79
C LEU Q 246 -30.04 -21.23 -11.81
N ILE Q 247 -30.73 -22.31 -12.18
CA ILE Q 247 -30.26 -23.30 -13.14
C ILE Q 247 -31.26 -23.37 -14.29
N GLY Q 248 -30.75 -23.29 -15.52
CA GLY Q 248 -31.65 -23.40 -16.65
C GLY Q 248 -30.98 -23.16 -17.99
N PRO Q 249 -31.75 -23.30 -19.07
CA PRO Q 249 -31.22 -23.06 -20.41
C PRO Q 249 -30.82 -21.60 -20.61
N GLY Q 250 -29.66 -21.39 -21.21
CA GLY Q 250 -29.23 -20.04 -21.49
C GLY Q 250 -28.78 -19.24 -20.29
N ILE Q 251 -28.82 -19.81 -19.08
CA ILE Q 251 -28.35 -19.09 -17.91
C ILE Q 251 -26.84 -19.20 -17.80
N THR Q 252 -26.19 -18.08 -17.50
CA THR Q 252 -24.74 -18.07 -17.28
C THR Q 252 -24.48 -17.35 -15.96
N GLY Q 253 -23.19 -17.26 -15.62
CA GLY Q 253 -22.79 -16.73 -14.32
C GLY Q 253 -23.26 -15.32 -14.02
N GLN Q 254 -23.60 -14.54 -15.05
CA GLN Q 254 -24.03 -13.16 -14.88
C GLN Q 254 -25.54 -12.99 -14.93
N SER Q 255 -26.30 -14.09 -14.96
CA SER Q 255 -27.74 -14.02 -15.22
C SER Q 255 -28.49 -13.32 -14.07
N LEU Q 256 -28.20 -13.69 -12.83
CA LEU Q 256 -28.89 -13.08 -11.70
C LEU Q 256 -28.23 -11.75 -11.32
N THR Q 257 -29.05 -10.74 -11.05
CA THR Q 257 -28.57 -9.47 -10.52
C THR Q 257 -29.43 -9.08 -9.29
N ASP Q 258 -28.95 -8.07 -8.56
CA ASP Q 258 -29.63 -7.57 -7.36
C ASP Q 258 -29.90 -6.06 -7.42
N VAL Q 259 -29.88 -5.49 -8.62
CA VAL Q 259 -30.21 -4.08 -8.80
C VAL Q 259 -31.46 -4.00 -9.66
N PRO Q 260 -32.29 -2.97 -9.48
CA PRO Q 260 -33.52 -2.87 -10.28
C PRO Q 260 -33.21 -2.80 -11.77
N ARG Q 261 -33.96 -3.57 -12.55
CA ARG Q 261 -33.81 -3.64 -14.00
C ARG Q 261 -34.14 -2.30 -14.66
N MET R 1 1.44 -16.35 -13.18
CA MET R 1 1.40 -17.79 -13.43
C MET R 1 -0.05 -18.29 -13.53
N GLN R 2 -0.23 -19.44 -14.19
CA GLN R 2 -1.55 -20.03 -14.37
C GLN R 2 -1.81 -21.18 -13.41
N ILE R 3 -3.02 -21.21 -12.84
CA ILE R 3 -3.49 -22.35 -12.07
C ILE R 3 -4.86 -22.76 -12.58
N PHE R 4 -5.27 -23.98 -12.23
CA PHE R 4 -6.54 -24.54 -12.67
C PHE R 4 -7.43 -24.77 -11.45
N VAL R 5 -8.73 -24.57 -11.64
CA VAL R 5 -9.72 -24.75 -10.57
C VAL R 5 -10.82 -25.65 -11.16
N LYS R 6 -10.93 -26.87 -10.64
CA LYS R 6 -11.95 -27.82 -11.07
C LYS R 6 -13.23 -27.61 -10.26
N THR R 7 -14.37 -27.80 -10.91
CA THR R 7 -15.65 -27.78 -10.20
C THR R 7 -16.44 -29.03 -10.55
N LEU R 8 -17.50 -29.29 -9.77
CA LEU R 8 -18.35 -30.45 -10.03
C LEU R 8 -19.24 -30.26 -11.25
N THR R 9 -19.22 -29.10 -11.93
CA THR R 9 -19.88 -29.03 -13.23
C THR R 9 -19.08 -29.80 -14.26
N GLY R 10 -17.86 -30.24 -13.91
CA GLY R 10 -16.96 -30.84 -14.87
C GLY R 10 -16.11 -29.86 -15.62
N LYS R 11 -16.32 -28.56 -15.43
CA LYS R 11 -15.52 -27.59 -16.14
C LYS R 11 -14.31 -27.19 -15.29
N THR R 12 -13.19 -26.92 -15.94
CA THR R 12 -11.99 -26.41 -15.29
C THR R 12 -11.74 -24.97 -15.70
N ILE R 13 -11.56 -24.10 -14.69
CA ILE R 13 -11.24 -22.68 -14.89
C ILE R 13 -9.73 -22.48 -14.85
N THR R 14 -9.23 -21.68 -15.79
CA THR R 14 -7.83 -21.27 -15.78
C THR R 14 -7.73 -19.85 -15.24
N LEU R 15 -6.91 -19.65 -14.22
CA LEU R 15 -6.74 -18.35 -13.57
C LEU R 15 -5.30 -17.86 -13.71
N GLU R 16 -5.15 -16.55 -13.87
CA GLU R 16 -3.85 -15.89 -13.83
C GLU R 16 -3.67 -15.35 -12.41
N VAL R 17 -2.68 -15.88 -11.71
CA VAL R 17 -2.47 -15.55 -10.30
C VAL R 17 -0.98 -15.30 -10.09
N GLU R 18 -0.65 -14.82 -8.90
CA GLU R 18 0.72 -14.64 -8.46
C GLU R 18 0.91 -15.39 -7.15
N PRO R 19 2.12 -15.86 -6.85
CA PRO R 19 2.32 -16.63 -5.62
C PRO R 19 1.90 -15.87 -4.38
N SER R 20 1.97 -14.55 -4.40
CA SER R 20 1.62 -13.70 -3.26
C SER R 20 0.14 -13.38 -3.19
N ASP R 21 -0.67 -13.86 -4.14
CA ASP R 21 -2.11 -13.59 -4.06
C ASP R 21 -2.70 -14.31 -2.85
N THR R 22 -3.54 -13.59 -2.10
CA THR R 22 -4.25 -14.22 -1.00
C THR R 22 -5.33 -15.11 -1.54
N ILE R 23 -5.76 -16.07 -0.71
CA ILE R 23 -6.88 -16.92 -1.08
C ILE R 23 -8.12 -16.09 -1.30
N GLU R 24 -8.29 -15.02 -0.51
CA GLU R 24 -9.40 -14.10 -0.73
C GLU R 24 -9.31 -13.46 -2.11
N ASN R 25 -8.10 -13.04 -2.52
CA ASN R 25 -7.95 -12.46 -3.85
C ASN R 25 -8.28 -13.47 -4.94
N VAL R 26 -7.89 -14.74 -4.74
CA VAL R 26 -8.17 -15.77 -5.75
C VAL R 26 -9.67 -15.97 -5.91
N LYS R 27 -10.42 -16.00 -4.81
CA LYS R 27 -11.86 -16.12 -4.88
C LYS R 27 -12.47 -14.93 -5.62
N ALA R 28 -11.87 -13.75 -5.50
CA ALA R 28 -12.35 -12.60 -6.25
C ALA R 28 -12.16 -12.81 -7.74
N LYS R 29 -11.02 -13.38 -8.14
CA LYS R 29 -10.78 -13.66 -9.55
C LYS R 29 -11.76 -14.69 -10.08
N ILE R 30 -12.11 -15.67 -9.25
CA ILE R 30 -13.11 -16.66 -9.62
C ILE R 30 -14.49 -16.00 -9.79
N GLN R 31 -14.83 -15.05 -8.90
CA GLN R 31 -16.11 -14.38 -9.04
C GLN R 31 -16.19 -13.62 -10.37
N ASP R 32 -15.13 -12.91 -10.74
CA ASP R 32 -15.18 -12.12 -11.97
C ASP R 32 -15.30 -13.03 -13.21
N LYS R 33 -14.66 -14.19 -13.19
CA LYS R 33 -14.74 -15.04 -14.38
C LYS R 33 -16.03 -15.82 -14.44
N GLU R 34 -16.47 -16.40 -13.32
CA GLU R 34 -17.57 -17.35 -13.31
C GLU R 34 -18.83 -16.83 -12.63
N GLY R 35 -18.74 -15.73 -11.90
CA GLY R 35 -19.91 -15.21 -11.22
C GLY R 35 -20.26 -15.88 -9.91
N ILE R 36 -19.42 -16.80 -9.41
CA ILE R 36 -19.66 -17.43 -8.12
C ILE R 36 -19.27 -16.46 -7.02
N PRO R 37 -20.18 -16.07 -6.12
CA PRO R 37 -19.79 -15.16 -5.03
C PRO R 37 -18.74 -15.80 -4.14
N PRO R 38 -17.78 -15.02 -3.64
CA PRO R 38 -16.69 -15.62 -2.84
C PRO R 38 -17.17 -16.33 -1.59
N ASP R 39 -18.26 -15.86 -0.94
CA ASP R 39 -18.71 -16.55 0.27
C ASP R 39 -19.32 -17.91 -0.02
N GLN R 40 -19.59 -18.20 -1.29
CA GLN R 40 -20.06 -19.52 -1.72
C GLN R 40 -18.93 -20.43 -2.17
N GLN R 41 -17.72 -19.92 -2.28
CA GLN R 41 -16.60 -20.71 -2.74
C GLN R 41 -15.90 -21.38 -1.56
N ARG R 42 -15.75 -22.69 -1.63
CA ARG R 42 -14.88 -23.41 -0.71
C ARG R 42 -13.76 -24.02 -1.55
N LEU R 43 -12.54 -23.53 -1.37
CA LEU R 43 -11.41 -23.95 -2.19
C LEU R 43 -10.59 -24.98 -1.43
N ILE R 44 -10.16 -26.01 -2.14
CA ILE R 44 -9.44 -27.14 -1.56
C ILE R 44 -8.21 -27.39 -2.42
N PHE R 45 -7.06 -27.61 -1.79
CA PHE R 45 -5.85 -27.99 -2.52
C PHE R 45 -5.31 -29.27 -1.91
N ALA R 46 -5.31 -30.34 -2.70
CA ALA R 46 -4.78 -31.64 -2.25
C ALA R 46 -5.40 -32.03 -0.92
N GLY R 47 -6.72 -31.85 -0.80
CA GLY R 47 -7.47 -32.26 0.37
C GLY R 47 -7.48 -31.29 1.54
N LYS R 48 -6.81 -30.15 1.43
CA LYS R 48 -6.72 -29.17 2.50
C LYS R 48 -7.55 -27.97 2.13
N GLN R 49 -8.43 -27.56 3.05
CA GLN R 49 -9.25 -26.39 2.79
C GLN R 49 -8.39 -25.13 2.94
N LEU R 50 -8.54 -24.20 2.00
CA LEU R 50 -7.69 -23.02 1.98
C LEU R 50 -8.38 -21.89 2.72
N GLU R 51 -7.64 -21.21 3.60
CA GLU R 51 -8.18 -20.12 4.41
C GLU R 51 -7.91 -18.77 3.74
N ASP R 52 -8.89 -17.86 3.89
CA ASP R 52 -8.89 -16.64 3.08
C ASP R 52 -7.65 -15.79 3.29
N GLY R 53 -7.12 -15.74 4.53
CA GLY R 53 -6.02 -14.83 4.82
C GLY R 53 -4.64 -15.26 4.36
N ARG R 54 -4.46 -16.52 3.98
CA ARG R 54 -3.14 -17.01 3.58
C ARG R 54 -2.93 -16.84 2.08
N THR R 55 -1.68 -17.03 1.63
CA THR R 55 -1.32 -16.85 0.22
C THR R 55 -1.18 -18.19 -0.48
N LEU R 56 -1.17 -18.14 -1.81
CA LEU R 56 -0.90 -19.35 -2.58
C LEU R 56 0.45 -19.95 -2.20
N SER R 57 1.46 -19.10 -1.99
CA SER R 57 2.79 -19.57 -1.63
C SER R 57 2.82 -20.27 -0.28
N ASP R 58 1.95 -19.86 0.66
CA ASP R 58 1.85 -20.55 1.95
C ASP R 58 1.46 -22.02 1.80
N TYR R 59 0.68 -22.36 0.77
CA TYR R 59 0.24 -23.72 0.53
C TYR R 59 1.09 -24.46 -0.49
N ASN R 60 2.21 -23.87 -0.93
CA ASN R 60 3.06 -24.47 -1.96
C ASN R 60 2.26 -24.80 -3.22
N ILE R 61 1.34 -23.90 -3.58
CA ILE R 61 0.60 -23.94 -4.84
C ILE R 61 1.49 -23.37 -5.93
N GLN R 62 1.79 -24.18 -6.95
CA GLN R 62 2.76 -23.79 -7.97
C GLN R 62 2.08 -23.58 -9.32
N LYS R 63 2.92 -23.28 -10.32
CA LYS R 63 2.42 -23.10 -11.67
C LYS R 63 1.73 -24.37 -12.13
N GLU R 64 0.55 -24.21 -12.73
CA GLU R 64 -0.26 -25.33 -13.24
C GLU R 64 -0.71 -26.30 -12.15
N SER R 65 -0.64 -25.88 -10.89
CA SER R 65 -1.30 -26.64 -9.83
C SER R 65 -2.80 -26.61 -10.05
N THR R 66 -3.49 -27.62 -9.50
CA THR R 66 -4.94 -27.71 -9.63
C THR R 66 -5.61 -27.60 -8.28
N LEU R 67 -6.59 -26.72 -8.19
CA LEU R 67 -7.44 -26.57 -7.01
C LEU R 67 -8.83 -27.13 -7.28
N HIS R 68 -9.52 -27.44 -6.19
CA HIS R 68 -10.90 -27.94 -6.23
C HIS R 68 -11.81 -26.93 -5.57
N LEU R 69 -12.88 -26.57 -6.26
CA LEU R 69 -13.87 -25.60 -5.80
C LEU R 69 -15.24 -26.27 -5.65
N VAL R 70 -15.81 -26.22 -4.46
CA VAL R 70 -17.16 -26.72 -4.23
C VAL R 70 -18.00 -25.62 -3.59
N LEU R 71 -19.31 -25.66 -3.85
CA LEU R 71 -20.21 -24.64 -3.32
C LEU R 71 -20.60 -24.95 -1.88
N ARG R 72 -21.04 -23.93 -1.17
CA ARG R 72 -21.62 -24.20 0.14
C ARG R 72 -23.08 -24.56 0.04
N LEU R 73 -23.76 -24.11 -1.03
CA LEU R 73 -25.15 -24.48 -1.27
C LEU R 73 -25.30 -25.98 -1.39
N ARG R 74 -26.31 -26.52 -0.75
CA ARG R 74 -26.49 -27.97 -0.82
C ARG R 74 -27.98 -28.22 -0.64
N GLY R 75 -28.75 -28.04 -1.71
CA GLY R 75 -30.19 -28.11 -1.64
C GLY R 75 -30.77 -29.47 -1.31
N GLY S 26 50.21 -5.32 -19.82
CA GLY S 26 49.82 -4.01 -19.34
C GLY S 26 48.39 -4.00 -18.83
N ALA S 27 47.97 -2.86 -18.27
CA ALA S 27 46.59 -2.61 -17.83
C ALA S 27 46.28 -1.14 -18.06
N ALA S 28 44.99 -0.80 -17.98
CA ALA S 28 44.60 0.57 -18.29
C ALA S 28 44.98 1.51 -17.17
N ARG S 29 44.88 1.04 -15.94
CA ARG S 29 45.21 1.83 -14.77
C ARG S 29 45.45 0.85 -13.64
N SER S 30 45.74 1.39 -12.46
CA SER S 30 46.09 0.52 -11.34
C SER S 30 44.91 -0.35 -10.93
N PRO S 31 45.15 -1.57 -10.47
CA PRO S 31 44.02 -2.45 -10.15
C PRO S 31 43.05 -1.87 -9.13
N TRP S 32 43.53 -1.18 -8.08
CA TRP S 32 42.61 -0.66 -7.07
C TRP S 32 41.76 0.49 -7.60
N ASP S 33 42.33 1.34 -8.48
CA ASP S 33 41.53 2.38 -9.11
C ASP S 33 40.51 1.78 -10.09
N GLN S 34 40.93 0.76 -10.83
CA GLN S 34 39.99 0.14 -11.77
C GLN S 34 38.79 -0.43 -11.02
N ALA S 35 39.01 -1.03 -9.85
CA ALA S 35 37.91 -1.60 -9.09
C ALA S 35 36.91 -0.54 -8.66
N LEU S 36 37.41 0.63 -8.22
CA LEU S 36 36.51 1.72 -7.84
C LEU S 36 35.70 2.21 -9.03
N ARG S 37 36.35 2.38 -10.20
CA ARG S 37 35.63 2.85 -11.36
C ARG S 37 34.58 1.83 -11.79
N ASP S 38 34.91 0.53 -11.73
CA ASP S 38 33.97 -0.51 -12.12
C ASP S 38 32.73 -0.47 -11.23
N ARG S 39 32.94 -0.23 -9.93
CA ARG S 39 31.80 -0.08 -9.01
C ARG S 39 30.90 1.07 -9.45
N PHE S 40 31.49 2.23 -9.78
CA PHE S 40 30.69 3.36 -10.23
C PHE S 40 29.95 3.06 -11.52
N ASP S 41 30.60 2.40 -12.50
CA ASP S 41 29.98 2.14 -13.79
C ASP S 41 28.79 1.21 -13.67
N ALA S 42 28.74 0.38 -12.65
CA ALA S 42 27.63 -0.54 -12.47
C ALA S 42 26.51 0.02 -11.62
N ALA S 43 26.68 1.23 -11.06
CA ALA S 43 25.69 1.80 -10.17
C ALA S 43 24.55 2.44 -10.95
N LEU S 44 23.37 2.46 -10.33
CA LEU S 44 22.23 3.22 -10.81
C LEU S 44 22.27 4.61 -10.19
N LEU S 45 22.17 5.65 -11.03
CA LEU S 45 22.35 7.04 -10.59
C LEU S 45 21.13 7.86 -10.99
N PRO S 46 19.99 7.64 -10.31
CA PRO S 46 18.77 8.34 -10.69
C PRO S 46 18.83 9.85 -10.50
N ALA S 47 19.73 10.34 -9.65
CA ALA S 47 19.86 11.78 -9.43
C ALA S 47 21.14 12.32 -10.05
N LEU S 48 21.58 11.73 -11.16
CA LEU S 48 22.80 12.19 -11.80
C LEU S 48 22.68 13.64 -12.24
N GLY S 49 21.58 14.00 -12.87
CA GLY S 49 21.37 15.37 -13.26
C GLY S 49 20.47 16.09 -12.28
N PRO S 50 20.20 17.38 -12.54
CA PRO S 50 19.25 18.11 -11.70
C PRO S 50 17.89 17.44 -11.74
N VAL S 51 17.31 17.24 -10.56
CA VAL S 51 16.00 16.57 -10.42
C VAL S 51 15.18 17.31 -9.37
N PRO S 52 13.86 17.09 -9.26
CA PRO S 52 13.11 17.61 -8.11
C PRO S 52 13.72 17.09 -6.82
N HIS S 53 13.61 17.90 -5.76
CA HIS S 53 14.41 17.65 -4.56
C HIS S 53 14.09 16.30 -3.93
N ASP S 54 12.87 15.81 -4.06
CA ASP S 54 12.52 14.50 -3.51
C ASP S 54 13.28 13.36 -4.18
N GLN S 55 13.81 13.57 -5.38
CA GLN S 55 14.54 12.49 -6.02
C GLN S 55 16.05 12.58 -5.81
N PHE S 56 16.54 13.58 -5.10
CA PHE S 56 17.94 13.58 -4.72
C PHE S 56 18.26 12.30 -3.95
N HIS S 57 19.47 11.80 -4.15
CA HIS S 57 19.94 10.65 -3.40
C HIS S 57 20.59 11.17 -2.11
N VAL S 58 20.03 10.77 -0.95
CA VAL S 58 20.63 11.09 0.34
C VAL S 58 20.63 9.83 1.20
N GLU S 59 21.78 9.49 1.75
CA GLU S 59 21.83 8.26 2.54
C GLU S 59 21.85 8.59 4.01
N PRO S 60 21.10 7.86 4.84
CA PRO S 60 21.22 8.08 6.28
C PRO S 60 22.60 7.67 6.79
N GLN S 61 23.06 8.43 7.79
CA GLN S 61 24.41 8.31 8.32
C GLN S 61 24.70 6.92 8.87
N VAL S 62 25.85 6.38 8.49
CA VAL S 62 26.35 5.12 9.04
C VAL S 62 27.74 5.35 9.64
N ALA S 63 27.90 5.06 10.94
CA ALA S 63 29.18 5.26 11.64
C ALA S 63 29.65 6.69 11.37
N SER S 64 30.89 6.89 10.89
CA SER S 64 31.46 8.16 10.49
C SER S 64 31.80 8.14 9.01
N ALA S 65 30.89 7.55 8.21
CA ALA S 65 31.10 7.37 6.78
C ALA S 65 30.52 8.51 5.93
N CYS S 66 30.41 9.73 6.47
CA CYS S 66 29.80 10.84 5.75
C CYS S 66 30.55 11.19 4.46
N ALA S 67 31.86 10.92 4.38
CA ALA S 67 32.57 11.15 3.13
C ALA S 67 31.94 10.34 2.00
N ILE S 68 31.64 9.08 2.30
CA ILE S 68 31.05 8.21 1.30
C ILE S 68 29.61 8.63 1.01
N HIS S 69 28.84 8.95 2.06
CA HIS S 69 27.47 9.43 1.85
C HIS S 69 27.45 10.69 1.01
N SER S 70 28.36 11.62 1.27
CA SER S 70 28.39 12.88 0.51
C SER S 70 28.79 12.66 -0.94
N ILE S 71 29.78 11.79 -1.19
CA ILE S 71 30.12 11.45 -2.57
C ILE S 71 28.90 10.92 -3.30
N ASN S 72 28.13 10.03 -2.67
CA ASN S 72 26.98 9.43 -3.34
C ASN S 72 25.91 10.47 -3.66
N ALA S 73 25.67 11.42 -2.76
CA ALA S 73 24.75 12.51 -3.07
C ALA S 73 25.33 13.41 -4.15
N PHE S 74 26.65 13.64 -4.12
CA PHE S 74 27.30 14.43 -5.15
C PHE S 74 27.06 13.86 -6.53
N VAL S 75 27.26 12.54 -6.69
CA VAL S 75 27.09 11.94 -8.01
C VAL S 75 25.63 11.61 -8.29
N GLY S 76 24.81 11.38 -7.27
CA GLY S 76 23.38 11.17 -7.46
C GLY S 76 22.87 9.74 -7.43
N GLY S 77 23.49 8.87 -6.63
CA GLY S 77 23.05 7.51 -6.51
C GLY S 77 23.98 6.74 -5.61
N PRO S 78 23.62 5.51 -5.29
CA PRO S 78 24.50 4.69 -4.42
C PRO S 78 25.73 4.16 -5.14
N ALA S 79 26.60 5.07 -5.59
CA ALA S 79 27.74 4.66 -6.41
C ALA S 79 28.71 3.80 -5.60
N PHE S 80 29.11 4.29 -4.42
CA PHE S 80 30.11 3.65 -3.59
C PHE S 80 29.46 3.22 -2.28
N ASP S 81 29.82 2.02 -1.81
CA ASP S 81 29.48 1.61 -0.45
C ASP S 81 30.74 1.68 0.42
N ILE S 82 30.54 1.43 1.70
CA ILE S 82 31.63 1.52 2.66
C ILE S 82 32.75 0.53 2.37
N PRO S 83 32.48 -0.77 2.09
CA PRO S 83 33.60 -1.71 1.83
C PRO S 83 34.44 -1.40 0.62
N THR S 84 33.80 -1.06 -0.51
CA THR S 84 34.57 -0.77 -1.72
C THR S 84 35.40 0.51 -1.54
N PHE S 85 34.84 1.55 -0.89
CA PHE S 85 35.60 2.77 -0.68
C PHE S 85 36.77 2.53 0.27
N THR S 86 36.52 1.79 1.36
CA THR S 86 37.56 1.51 2.34
C THR S 86 38.68 0.68 1.75
N THR S 87 38.33 -0.31 0.92
CA THR S 87 39.36 -1.14 0.28
C THR S 87 40.20 -0.30 -0.66
N TRP S 88 39.56 0.58 -1.42
CA TRP S 88 40.27 1.47 -2.33
C TRP S 88 41.21 2.38 -1.56
N SER S 89 40.73 2.88 -0.41
CA SER S 89 41.49 3.80 0.42
C SER S 89 42.74 3.15 0.99
N THR S 90 42.61 1.93 1.52
CA THR S 90 43.79 1.26 2.09
C THR S 90 44.82 0.93 1.01
N ALA S 91 44.37 0.47 -0.17
CA ALA S 91 45.31 0.23 -1.25
C ALA S 91 46.00 1.54 -1.68
N SER S 92 45.25 2.66 -1.70
CA SER S 92 45.84 3.94 -2.06
C SER S 92 46.89 4.39 -1.04
N THR S 93 46.64 4.12 0.25
CA THR S 93 47.64 4.43 1.27
C THR S 93 48.92 3.65 1.01
N ALA S 94 48.78 2.38 0.66
CA ALA S 94 49.94 1.57 0.34
C ALA S 94 50.74 2.18 -0.83
N ALA S 95 50.03 2.66 -1.87
CA ALA S 95 50.72 3.29 -2.99
C ALA S 95 51.32 4.65 -2.59
N PHE S 96 50.67 5.34 -1.66
CA PHE S 96 51.06 6.68 -1.27
C PHE S 96 52.35 6.67 -0.45
N ILE S 97 52.43 5.81 0.58
CA ILE S 97 53.46 5.98 1.60
C ILE S 97 54.10 4.66 1.99
N GLY S 98 53.60 3.55 1.45
CA GLY S 98 54.34 2.29 1.57
C GLY S 98 54.55 1.81 2.99
N ASP S 99 55.80 1.47 3.33
CA ASP S 99 56.07 0.87 4.64
C ASP S 99 55.94 1.84 5.79
N ASP S 100 55.80 3.13 5.51
CA ASP S 100 55.60 4.13 6.54
C ASP S 100 54.11 4.43 6.76
N ALA S 101 53.21 3.51 6.40
CA ALA S 101 51.78 3.76 6.58
C ALA S 101 51.43 4.00 8.05
N ASP S 102 52.22 3.46 8.99
CA ASP S 102 51.96 3.66 10.42
C ASP S 102 52.16 5.10 10.86
N ALA S 103 52.62 5.99 9.97
CA ALA S 103 52.76 7.38 10.31
C ALA S 103 51.48 8.17 10.08
N LEU S 104 50.48 7.59 9.43
CA LEU S 104 49.25 8.32 9.15
C LEU S 104 48.21 8.03 10.22
N ALA S 105 47.38 9.03 10.50
CA ALA S 105 46.23 8.81 11.38
C ALA S 105 45.23 7.87 10.69
N PRO S 106 44.55 7.00 11.44
CA PRO S 106 43.67 6.01 10.80
C PRO S 106 42.52 6.70 10.05
N GLU S 107 42.28 6.24 8.82
CA GLU S 107 41.15 6.71 8.01
C GLU S 107 40.27 5.51 7.68
N SER S 108 39.00 5.60 8.05
CA SER S 108 38.09 4.47 7.92
C SER S 108 36.66 4.99 8.09
N ALA S 109 35.71 4.07 7.96
CA ALA S 109 34.31 4.38 8.27
C ALA S 109 34.13 4.77 9.72
N ALA S 110 35.01 4.32 10.62
CA ALA S 110 34.88 4.65 12.03
C ALA S 110 35.53 5.97 12.41
N SER S 111 36.44 6.49 11.58
CA SER S 111 37.21 7.69 11.93
C SER S 111 37.15 8.81 10.90
N GLY S 112 36.59 8.59 9.72
CA GLY S 112 36.52 9.65 8.73
C GLY S 112 37.65 9.56 7.72
N PHE S 113 37.57 10.44 6.73
CA PHE S 113 38.47 10.41 5.58
C PHE S 113 38.92 11.82 5.24
N SER S 114 40.12 11.92 4.67
CA SER S 114 40.65 13.23 4.29
C SER S 114 39.94 13.77 3.05
N PRO S 115 39.73 15.08 2.97
CA PRO S 115 39.19 15.66 1.73
C PRO S 115 40.01 15.33 0.49
N HIS S 116 41.33 15.11 0.64
CA HIS S 116 42.15 14.80 -0.53
C HIS S 116 41.74 13.47 -1.14
N ARG S 117 41.34 12.49 -0.29
CA ARG S 117 40.85 11.21 -0.83
C ARG S 117 39.53 11.38 -1.55
N VAL S 118 38.66 12.27 -1.06
CA VAL S 118 37.40 12.54 -1.72
C VAL S 118 37.64 13.12 -3.11
N GLU S 119 38.56 14.08 -3.21
CA GLU S 119 38.90 14.65 -4.51
C GLU S 119 39.42 13.58 -5.46
N ARG S 120 40.37 12.74 -5.00
CA ARG S 120 40.90 11.72 -5.91
CA ARG S 120 40.91 11.71 -5.90
C ARG S 120 39.81 10.75 -6.36
N ALA S 121 38.95 10.32 -5.43
CA ALA S 121 37.87 9.39 -5.80
C ALA S 121 36.98 10.00 -6.88
N LEU S 122 36.57 11.27 -6.70
CA LEU S 122 35.72 11.91 -7.68
C LEU S 122 36.44 12.13 -9.02
N ASN S 123 37.72 12.49 -8.97
CA ASN S 123 38.44 12.71 -10.24
C ASN S 123 38.64 11.40 -11.00
N LEU S 124 38.67 10.26 -10.30
CA LEU S 124 38.73 8.97 -10.99
C LEU S 124 37.48 8.70 -11.81
N LEU S 125 36.43 9.49 -11.63
CA LEU S 125 35.18 9.37 -12.38
C LEU S 125 35.14 10.22 -13.63
N ASP S 126 36.15 11.07 -13.84
CA ASP S 126 36.25 11.84 -15.07
C ASP S 126 36.41 10.91 -16.28
N GLY S 127 35.66 11.18 -17.35
CA GLY S 127 35.77 10.36 -18.54
C GLY S 127 34.87 9.14 -18.57
N THR S 128 34.16 8.85 -17.49
CA THR S 128 33.23 7.74 -17.45
C THR S 128 31.94 8.07 -18.21
N PRO S 129 31.19 7.06 -18.64
CA PRO S 129 29.93 7.31 -19.37
C PRO S 129 28.90 8.11 -18.60
N ALA S 130 28.96 8.12 -17.26
CA ALA S 130 27.99 8.88 -16.48
C ALA S 130 28.31 10.36 -16.44
N THR S 131 29.59 10.73 -16.49
CA THR S 131 30.02 12.12 -16.33
C THR S 131 30.21 12.88 -17.63
N GLN S 132 29.85 12.29 -18.77
CA GLN S 132 30.04 12.98 -20.03
C GLN S 132 29.19 14.23 -20.08
N GLY S 133 29.81 15.32 -20.54
CA GLY S 133 29.15 16.62 -20.64
C GLY S 133 29.08 17.43 -19.37
N LYS S 134 29.64 16.92 -18.29
CA LYS S 134 29.65 17.64 -17.04
C LYS S 134 31.07 18.09 -16.78
N ASP S 135 31.21 19.27 -16.18
CA ASP S 135 32.49 19.73 -15.64
C ASP S 135 32.87 18.79 -14.50
N TRP S 136 33.98 18.08 -14.67
CA TRP S 136 34.40 17.11 -13.67
C TRP S 136 35.88 17.27 -13.31
N ASN S 137 36.45 18.45 -13.51
CA ASN S 137 37.80 18.73 -13.01
C ASN S 137 37.67 19.12 -11.53
N ILE S 138 37.75 18.13 -10.65
CA ILE S 138 37.46 18.37 -9.23
C ILE S 138 38.72 18.84 -8.53
N GLY S 139 38.59 19.92 -7.76
CA GLY S 139 39.66 20.40 -6.92
C GLY S 139 39.14 20.74 -5.55
N VAL S 140 40.07 21.16 -4.68
CA VAL S 140 39.81 21.40 -3.28
C VAL S 140 40.39 22.76 -2.91
N SER S 141 39.64 23.53 -2.15
CA SER S 141 40.11 24.78 -1.55
C SER S 141 39.84 24.68 -0.06
N ILE S 142 40.83 25.03 0.76
CA ILE S 142 40.74 24.88 2.20
C ILE S 142 41.03 26.22 2.87
N LEU S 143 40.20 26.57 3.86
CA LEU S 143 40.33 27.81 4.60
C LEU S 143 40.52 27.47 6.08
N SER S 144 41.48 28.13 6.71
CA SER S 144 41.77 28.03 8.13
C SER S 144 41.74 29.43 8.70
N PRO S 145 41.71 29.58 10.03
CA PRO S 145 41.73 30.93 10.61
C PRO S 145 43.05 31.64 10.34
N ARG S 146 42.98 32.97 10.28
CA ARG S 146 44.17 33.80 10.15
C ARG S 146 44.98 33.85 11.46
N MET S 151 39.14 30.97 14.90
CA MET S 151 38.09 30.55 13.98
C MET S 151 37.93 31.49 12.77
N ILE S 152 37.16 31.00 11.80
CA ILE S 152 36.84 31.77 10.60
C ILE S 152 35.60 32.61 10.89
N THR S 153 35.72 33.91 10.61
CA THR S 153 34.62 34.84 10.82
C THR S 153 33.77 35.02 9.57
N GLN S 154 34.29 34.68 8.39
CA GLN S 154 33.52 34.81 7.17
C GLN S 154 34.13 33.93 6.08
N VAL S 155 33.28 33.25 5.33
CA VAL S 155 33.69 32.48 4.16
C VAL S 155 33.03 33.11 2.95
N THR S 156 33.84 33.39 1.93
CA THR S 156 33.34 33.96 0.68
C THR S 156 33.56 32.91 -0.40
N LEU S 157 32.47 32.39 -0.96
CA LEU S 157 32.57 31.41 -2.03
C LEU S 157 32.97 32.09 -3.35
N PRO S 158 33.65 31.36 -4.24
CA PRO S 158 33.91 31.89 -5.57
C PRO S 158 32.64 31.93 -6.40
N ALA S 159 32.73 32.63 -7.54
CA ALA S 159 31.65 32.61 -8.51
C ALA S 159 31.43 31.18 -8.99
N LEU S 160 30.19 30.72 -8.87
CA LEU S 160 29.94 29.31 -9.11
C LEU S 160 29.60 28.98 -10.56
N GLY S 161 29.24 29.98 -11.38
CA GLY S 161 28.86 29.69 -12.76
C GLY S 161 27.64 28.77 -12.79
N ASP S 162 27.73 27.71 -13.59
CA ASP S 162 26.65 26.73 -13.65
C ASP S 162 26.92 25.49 -12.82
N THR S 163 27.96 25.52 -11.99
CA THR S 163 28.26 24.36 -11.15
C THR S 163 27.05 24.03 -10.30
N ASP S 164 26.66 22.75 -10.28
CA ASP S 164 25.44 22.36 -9.60
C ASP S 164 25.68 21.27 -8.56
N ARG S 165 26.94 21.05 -8.16
CA ARG S 165 27.23 20.06 -7.14
C ARG S 165 28.54 20.42 -6.44
N LEU S 166 28.53 20.29 -5.12
CA LEU S 166 29.67 20.63 -4.25
C LEU S 166 29.65 19.68 -3.06
N ILE S 167 30.82 19.52 -2.45
CA ILE S 167 30.95 18.85 -1.15
C ILE S 167 31.72 19.79 -0.23
N PHE S 168 31.23 19.94 1.00
CA PHE S 168 31.95 20.65 2.03
C PHE S 168 32.40 19.67 3.11
N ASP S 169 33.59 19.89 3.62
CA ASP S 169 34.06 19.32 4.88
C ASP S 169 34.22 20.50 5.82
N VAL S 170 33.45 20.52 6.90
CA VAL S 170 33.48 21.63 7.84
C VAL S 170 33.86 21.06 9.21
N LYS S 171 34.67 21.81 9.96
CA LYS S 171 34.93 21.53 11.36
C LYS S 171 34.33 22.65 12.18
N VAL S 172 33.39 22.32 13.06
CA VAL S 172 32.54 23.31 13.70
C VAL S 172 32.50 23.09 15.21
N GLY S 173 32.76 24.17 15.96
CA GLY S 173 32.43 24.24 17.37
C GLY S 173 31.36 25.28 17.61
N SER S 174 31.00 25.44 18.88
CA SER S 174 30.02 26.45 19.26
C SER S 174 30.06 26.62 20.78
N ASP S 175 29.45 27.72 21.23
CA ASP S 175 29.32 27.96 22.66
C ASP S 175 28.50 26.86 23.34
N ALA S 176 27.45 26.38 22.66
CA ALA S 176 26.61 25.35 23.26
C ALA S 176 27.38 24.06 23.48
N ARG S 177 28.22 23.67 22.51
CA ARG S 177 28.99 22.44 22.62
C ARG S 177 30.03 22.50 23.73
N THR S 178 30.72 23.63 23.87
CA THR S 178 31.67 23.81 24.98
C THR S 178 30.97 23.68 26.33
N ALA S 179 29.75 24.20 26.45
CA ALA S 179 29.04 24.06 27.72
C ALA S 179 28.75 22.60 28.04
N ALA S 180 28.52 21.77 27.03
CA ALA S 180 28.30 20.34 27.23
C ALA S 180 29.58 19.53 27.27
N GLY S 181 30.74 20.18 27.04
CA GLY S 181 31.99 19.45 26.99
C GLY S 181 32.13 18.51 25.80
N ALA S 182 31.38 18.73 24.73
CA ALA S 182 31.43 17.87 23.54
C ALA S 182 32.42 18.40 22.52
N ASP S 183 33.19 17.49 21.90
CA ASP S 183 34.21 17.85 20.93
C ASP S 183 33.60 18.52 19.71
N ASP S 184 34.45 19.19 18.93
CA ASP S 184 34.04 19.75 17.64
C ASP S 184 33.61 18.64 16.69
N ILE S 185 32.67 18.97 15.80
CA ILE S 185 32.21 18.02 14.78
C ILE S 185 32.94 18.31 13.47
N ASP S 186 33.43 17.25 12.82
CA ASP S 186 34.15 17.32 11.54
C ASP S 186 33.33 16.49 10.57
N HIS S 187 32.73 17.13 9.57
CA HIS S 187 31.62 16.51 8.88
C HIS S 187 31.60 16.89 7.40
N PHE S 188 31.34 15.90 6.54
CA PHE S 188 31.11 16.12 5.11
C PHE S 188 29.62 16.24 4.83
N VAL S 189 29.26 17.20 3.97
CA VAL S 189 27.92 17.30 3.39
C VAL S 189 28.05 17.56 1.90
N ALA S 190 26.93 17.44 1.21
CA ALA S 190 26.82 17.71 -0.21
C ALA S 190 25.76 18.78 -0.47
N PHE S 191 25.91 19.47 -1.61
CA PHE S 191 24.93 20.41 -2.16
C PHE S 191 24.63 20.04 -3.59
N ARG S 192 23.37 20.20 -4.02
CA ARG S 192 22.94 19.95 -5.38
C ARG S 192 21.89 20.98 -5.79
N LYS S 193 21.89 21.33 -7.09
CA LYS S 193 20.82 22.13 -7.67
C LYS S 193 19.69 21.24 -8.16
N ASP S 194 18.44 21.66 -7.93
CA ASP S 194 17.29 20.90 -8.41
C ASP S 194 16.97 21.31 -9.85
N ASP S 195 15.84 20.81 -10.37
CA ASP S 195 15.42 21.07 -11.74
C ASP S 195 15.01 22.53 -11.98
N GLN S 196 14.77 23.31 -10.93
CA GLN S 196 14.48 24.73 -11.08
C GLN S 196 15.67 25.63 -10.81
N GLY S 197 16.83 25.06 -10.49
CA GLY S 197 18.01 25.84 -10.18
C GLY S 197 18.21 26.19 -8.72
N ALA S 198 17.39 25.67 -7.82
CA ALA S 198 17.55 25.95 -6.39
C ALA S 198 18.54 24.97 -5.75
N TRP S 199 19.39 25.50 -4.89
CA TRP S 199 20.39 24.70 -4.18
C TRP S 199 19.74 23.97 -3.01
N TRP S 200 20.20 22.76 -2.75
CA TRP S 200 19.72 21.97 -1.62
C TRP S 200 20.91 21.40 -0.86
N LEU S 201 20.91 21.58 0.47
CA LEU S 201 21.84 20.87 1.34
C LEU S 201 21.38 19.43 1.50
N LEU S 202 22.30 18.49 1.27
CA LEU S 202 22.05 17.06 1.40
C LEU S 202 23.02 16.53 2.44
N ASP S 203 22.50 16.24 3.64
CA ASP S 203 23.27 15.86 4.81
C ASP S 203 22.81 14.48 5.26
N SER S 204 23.77 13.59 5.52
CA SER S 204 23.44 12.26 5.99
C SER S 204 22.99 12.28 7.44
N ARG S 205 23.28 13.35 8.17
CA ARG S 205 22.77 13.46 9.53
C ARG S 205 21.40 14.12 9.53
N SER S 206 20.67 13.96 10.62
CA SER S 206 19.34 14.55 10.68
C SER S 206 19.31 15.92 11.34
N SER S 207 20.46 16.41 11.84
CA SER S 207 20.55 17.73 12.42
CA SER S 207 20.56 17.73 12.43
C SER S 207 21.69 18.50 11.77
N GLU S 208 21.63 19.83 11.91
CA GLU S 208 22.68 20.65 11.32
C GLU S 208 24.01 20.42 12.02
N VAL S 209 25.10 20.75 11.33
CA VAL S 209 26.40 20.66 11.98
C VAL S 209 26.53 21.70 13.08
N HIS S 210 25.71 22.74 13.06
CA HIS S 210 25.74 23.78 14.08
C HIS S 210 24.52 23.73 14.99
N ALA S 211 23.76 22.63 14.96
CA ALA S 211 22.61 22.47 15.83
C ALA S 211 23.08 22.22 17.27
N PRO S 212 22.19 22.38 18.25
CA PRO S 212 22.57 22.11 19.64
C PRO S 212 23.13 20.71 19.78
N PRO S 213 24.08 20.51 20.72
CA PRO S 213 24.79 19.23 20.78
C PRO S 213 23.92 18.05 21.20
N GLY S 214 22.80 18.30 21.87
CA GLY S 214 21.95 17.20 22.28
C GLY S 214 20.93 16.74 21.26
N GLN S 215 20.70 17.52 20.20
CA GLN S 215 19.71 17.14 19.20
C GLN S 215 20.19 15.93 18.42
N GLU S 216 19.25 15.05 18.06
CA GLU S 216 19.54 13.78 17.40
C GLU S 216 20.07 13.97 15.98
N SER S 217 20.85 12.99 15.53
CA SER S 217 21.53 13.01 14.24
C SER S 217 21.44 11.69 13.48
N SER S 218 20.52 10.82 13.87
CA SER S 218 20.33 9.53 13.24
C SER S 218 19.02 9.38 12.45
N GLY S 219 18.11 10.34 12.53
CA GLY S 219 16.80 10.24 11.91
C GLY S 219 16.78 10.33 10.39
N SER S 220 15.75 10.98 9.83
CA SER S 220 15.69 11.10 8.38
C SER S 220 16.75 12.08 7.89
N PRO S 221 17.50 11.72 6.84
CA PRO S 221 18.58 12.60 6.39
C PRO S 221 18.06 13.98 6.01
N LEU S 222 18.92 14.97 6.20
CA LEU S 222 18.52 16.36 6.00
C LEU S 222 18.50 16.71 4.52
N ARG S 223 17.39 17.28 4.08
CA ARG S 223 17.21 17.83 2.72
C ARG S 223 16.65 19.23 2.96
N ARG S 224 17.48 20.25 2.81
CA ARG S 224 17.10 21.62 3.14
C ARG S 224 17.40 22.55 1.98
N GLN S 225 16.42 23.36 1.60
CA GLN S 225 16.62 24.33 0.52
C GLN S 225 17.32 25.56 1.07
N ILE S 226 18.62 25.70 0.77
CA ILE S 226 19.43 26.83 1.22
C ILE S 226 20.65 26.96 0.30
N GLU S 227 21.02 28.20 -0.02
CA GLU S 227 22.22 28.46 -0.81
C GLU S 227 23.47 28.08 -0.02
N PRO S 228 24.49 27.51 -0.67
CA PRO S 228 25.72 27.18 0.09
C PRO S 228 26.38 28.40 0.71
N GLN S 229 26.34 29.57 0.06
CA GLN S 229 26.87 30.77 0.69
C GLN S 229 26.10 31.12 1.95
N ALA S 230 24.76 31.01 1.91
CA ALA S 230 23.96 31.32 3.09
C ALA S 230 24.17 30.30 4.20
N TRP S 231 24.34 29.04 3.84
CA TRP S 231 24.58 28.00 4.82
C TRP S 231 25.90 28.21 5.54
N LEU S 232 26.95 28.56 4.79
CA LEU S 232 28.21 28.88 5.45
C LEU S 232 28.06 30.08 6.35
N ASN S 233 27.38 31.13 5.86
CA ASN S 233 27.15 32.33 6.66
C ASN S 233 26.39 32.03 7.92
N GLU S 234 25.45 31.09 7.85
CA GLU S 234 24.73 30.66 9.03
C GLU S 234 25.67 30.03 10.05
N ILE S 235 26.68 29.29 9.59
CA ILE S 235 27.62 28.67 10.53
C ILE S 235 28.50 29.72 11.21
N THR S 236 29.08 30.63 10.41
CA THR S 236 30.00 31.62 10.97
C THR S 236 29.32 32.65 11.84
N THR S 237 28.01 32.88 11.66
CA THR S 237 27.30 33.85 12.50
C THR S 237 26.78 33.23 13.80
N THR S 238 26.41 31.96 13.78
CA THR S 238 25.82 31.32 14.94
C THR S 238 26.73 30.35 15.66
N ALA S 239 27.81 29.88 15.03
CA ALA S 239 28.68 28.87 15.64
C ALA S 239 30.13 29.25 15.35
N HIS S 240 31.05 28.30 15.56
CA HIS S 240 32.50 28.51 15.38
C HIS S 240 33.01 27.61 14.27
N LEU S 241 33.19 28.18 13.08
CA LEU S 241 33.74 27.43 11.97
C LEU S 241 35.25 27.38 12.15
N LYS S 242 35.78 26.19 12.42
CA LYS S 242 37.20 26.06 12.67
C LYS S 242 37.98 25.88 11.37
N THR S 243 37.43 25.13 10.43
CA THR S 243 38.07 24.82 9.15
C THR S 243 36.98 24.51 8.15
N VAL S 244 37.22 24.81 6.88
CA VAL S 244 36.31 24.44 5.81
C VAL S 244 37.11 24.05 4.58
N ALA S 245 36.72 22.93 3.96
CA ALA S 245 37.21 22.51 2.67
C ALA S 245 36.05 22.49 1.69
N LEU S 246 36.26 23.07 0.52
CA LEU S 246 35.27 23.04 -0.55
C LEU S 246 35.81 22.13 -1.64
N ILE S 247 35.00 21.15 -2.04
CA ILE S 247 35.37 20.21 -3.08
C ILE S 247 34.33 20.32 -4.18
N GLY S 248 34.78 20.52 -5.43
CA GLY S 248 33.85 20.57 -6.53
C GLY S 248 34.46 20.86 -7.89
N PRO S 249 33.60 20.85 -8.92
CA PRO S 249 34.09 21.13 -10.27
C PRO S 249 34.58 22.57 -10.39
N GLY S 250 35.73 22.73 -11.04
CA GLY S 250 36.30 24.05 -11.23
C GLY S 250 36.91 24.66 -10.00
N ILE S 251 36.86 23.98 -8.87
CA ILE S 251 37.43 24.49 -7.63
C ILE S 251 38.93 24.25 -7.65
N THR S 252 39.69 25.24 -7.21
CA THR S 252 41.14 25.16 -7.08
C THR S 252 41.54 25.70 -5.71
N GLY S 253 42.85 25.66 -5.42
CA GLY S 253 43.31 26.00 -4.08
C GLY S 253 42.90 27.38 -3.62
N GLN S 254 42.87 28.35 -4.54
CA GLN S 254 42.61 29.73 -4.19
C GLN S 254 41.14 30.11 -4.33
N SER S 255 40.24 29.12 -4.37
CA SER S 255 38.83 29.42 -4.58
C SER S 255 38.23 30.14 -3.37
N LEU S 256 38.45 29.61 -2.17
CA LEU S 256 37.89 30.19 -0.96
C LEU S 256 38.73 31.37 -0.50
N THR S 257 38.06 32.44 -0.10
CA THR S 257 38.68 33.58 0.57
C THR S 257 37.85 33.91 1.79
N ASP S 258 38.36 34.81 2.64
CA ASP S 258 37.62 35.25 3.80
C ASP S 258 37.44 36.76 3.82
N VAL S 259 37.66 37.43 2.70
CA VAL S 259 37.43 38.87 2.60
C VAL S 259 36.36 39.09 1.55
N PRO S 260 35.47 40.08 1.71
CA PRO S 260 34.45 40.39 0.70
C PRO S 260 35.07 40.84 -0.62
N MET T 1 67.81 23.83 -4.42
CA MET T 1 67.57 22.43 -4.76
C MET T 1 66.08 22.16 -4.85
N GLN T 2 65.71 21.13 -5.60
CA GLN T 2 64.31 20.75 -5.73
C GLN T 2 64.03 19.59 -4.80
N ILE T 3 62.85 19.64 -4.17
CA ILE T 3 62.28 18.51 -3.44
C ILE T 3 60.85 18.30 -3.93
N PHE T 4 60.30 17.11 -3.65
CA PHE T 4 58.97 16.73 -4.11
C PHE T 4 58.07 16.47 -2.91
N VAL T 5 56.79 16.84 -3.05
CA VAL T 5 55.80 16.69 -1.98
C VAL T 5 54.59 15.95 -2.56
N LYS T 6 54.37 14.70 -2.10
CA LYS T 6 53.24 13.87 -2.53
C LYS T 6 52.03 14.12 -1.63
N THR T 7 50.84 14.10 -2.21
CA THR T 7 49.58 14.16 -1.44
C THR T 7 48.66 13.01 -1.85
N LEU T 8 47.65 12.77 -1.03
CA LEU T 8 46.73 11.68 -1.38
C LEU T 8 45.83 12.04 -2.55
N THR T 9 45.93 13.25 -3.12
CA THR T 9 45.24 13.44 -4.40
C THR T 9 45.91 12.70 -5.54
N GLY T 10 47.10 12.13 -5.31
CA GLY T 10 47.87 11.56 -6.39
C GLY T 10 48.78 12.55 -7.08
N LYS T 11 48.69 13.83 -6.74
CA LYS T 11 49.55 14.82 -7.36
C LYS T 11 50.82 15.04 -6.53
N THR T 12 51.92 15.31 -7.23
CA THR T 12 53.20 15.63 -6.62
C THR T 12 53.49 17.11 -6.84
N ILE T 13 53.85 17.80 -5.76
CA ILE T 13 54.22 19.22 -5.78
C ILE T 13 55.73 19.31 -5.86
N THR T 14 56.24 20.19 -6.71
CA THR T 14 57.68 20.44 -6.79
C THR T 14 58.02 21.75 -6.11
N LEU T 15 58.95 21.72 -5.15
CA LEU T 15 59.36 22.90 -4.41
C LEU T 15 60.83 23.21 -4.63
N GLU T 16 61.16 24.50 -4.69
CA GLU T 16 62.54 25.00 -4.66
C GLU T 16 62.84 25.50 -3.26
N VAL T 17 63.75 24.82 -2.58
CA VAL T 17 64.04 25.06 -1.16
C VAL T 17 65.55 25.07 -0.96
N GLU T 18 65.95 25.41 0.27
CA GLU T 18 67.33 25.35 0.70
C GLU T 18 67.44 24.51 1.97
N PRO T 19 68.58 23.85 2.18
CA PRO T 19 68.71 22.98 3.37
C PRO T 19 68.47 23.70 4.69
N SER T 20 68.75 24.99 4.77
CA SER T 20 68.56 25.76 5.99
C SER T 20 67.13 26.26 6.17
N ASP T 21 66.25 26.04 5.19
CA ASP T 21 64.86 26.46 5.30
C ASP T 21 64.18 25.71 6.42
N THR T 22 63.44 26.43 7.25
CA THR T 22 62.70 25.78 8.30
C THR T 22 61.48 25.06 7.73
N ILE T 23 60.97 24.08 8.50
CA ILE T 23 59.74 23.41 8.08
C ILE T 23 58.58 24.38 7.99
N GLU T 24 58.53 25.34 8.93
CA GLU T 24 57.50 26.38 8.86
C GLU T 24 57.61 27.17 7.56
N ASN T 25 58.84 27.45 7.13
CA ASN T 25 59.05 28.14 5.86
C ASN T 25 58.58 27.28 4.69
N VAL T 26 58.81 25.97 4.75
CA VAL T 26 58.38 25.08 3.66
C VAL T 26 56.86 25.04 3.59
N LYS T 27 56.18 24.97 4.75
CA LYS T 27 54.72 24.96 4.72
C LYS T 27 54.17 26.24 4.10
N ALA T 28 54.88 27.35 4.27
CA ALA T 28 54.49 28.59 3.62
C ALA T 28 54.59 28.49 2.10
N LYS T 29 55.67 27.87 1.61
CA LYS T 29 55.86 27.71 0.17
C LYS T 29 54.76 26.81 -0.40
N ILE T 30 54.37 25.78 0.36
CA ILE T 30 53.25 24.94 -0.09
C ILE T 30 51.96 25.75 -0.09
N GLN T 31 51.76 26.60 0.93
CA GLN T 31 50.57 27.45 0.92
C GLN T 31 50.51 28.33 -0.30
N ASP T 32 51.67 28.88 -0.71
CA ASP T 32 51.72 29.74 -1.89
C ASP T 32 51.34 28.99 -3.16
N LYS T 33 51.78 27.74 -3.26
CA LYS T 33 51.54 27.00 -4.49
C LYS T 33 50.13 26.40 -4.52
N GLU T 34 49.69 25.80 -3.42
CA GLU T 34 48.48 24.99 -3.40
C GLU T 34 47.35 25.58 -2.58
N GLY T 35 47.60 26.61 -1.78
CA GLY T 35 46.56 27.22 -0.98
C GLY T 35 46.21 26.47 0.29
N ILE T 36 46.91 25.39 0.61
CA ILE T 36 46.68 24.63 1.83
C ILE T 36 47.23 25.44 2.99
N PRO T 37 46.41 25.82 3.97
CA PRO T 37 46.92 26.59 5.10
C PRO T 37 47.96 25.79 5.85
N PRO T 38 49.00 26.44 6.39
CA PRO T 38 50.05 25.69 7.09
C PRO T 38 49.53 24.86 8.25
N ASP T 39 48.51 25.32 8.98
CA ASP T 39 48.08 24.54 10.12
C ASP T 39 47.34 23.28 9.72
N GLN T 40 46.99 23.12 8.44
CA GLN T 40 46.40 21.89 7.96
C GLN T 40 47.43 20.94 7.37
N GLN T 41 48.67 21.38 7.22
CA GLN T 41 49.70 20.57 6.58
C GLN T 41 50.40 19.73 7.64
N ARG T 42 50.44 18.42 7.40
CA ARG T 42 51.25 17.52 8.21
C ARG T 42 52.27 16.91 7.26
N LEU T 43 53.54 17.29 7.44
CA LEU T 43 54.60 16.89 6.53
C LEU T 43 55.39 15.74 7.16
N ILE T 44 55.71 14.75 6.33
CA ILE T 44 56.33 13.51 6.75
C ILE T 44 57.49 13.20 5.81
N PHE T 45 58.66 12.88 6.38
CA PHE T 45 59.80 12.43 5.58
C PHE T 45 60.27 11.09 6.13
N ALA T 46 60.19 10.04 5.30
CA ALA T 46 60.63 8.69 5.67
C ALA T 46 60.00 8.25 6.99
N GLY T 47 58.71 8.54 7.14
CA GLY T 47 57.94 8.12 8.30
C GLY T 47 57.99 9.05 9.49
N LYS T 48 58.73 10.15 9.42
CA LYS T 48 58.87 11.11 10.50
C LYS T 48 58.18 12.42 10.13
N GLN T 49 57.27 12.91 10.99
CA GLN T 49 56.63 14.19 10.76
C GLN T 49 57.60 15.30 11.12
N LEU T 50 57.60 16.35 10.32
CA LEU T 50 58.57 17.40 10.43
C LEU T 50 58.02 18.47 11.37
N GLU T 51 58.85 18.92 12.28
CA GLU T 51 58.46 19.93 13.27
C GLU T 51 58.77 21.31 12.71
N ASP T 52 57.85 22.25 12.97
CA ASP T 52 57.91 23.54 12.29
C ASP T 52 59.23 24.28 12.53
N GLY T 53 59.78 24.19 13.75
CA GLY T 53 60.94 25.01 14.05
C GLY T 53 62.25 24.52 13.49
N ARG T 54 62.31 23.27 13.03
CA ARG T 54 63.55 22.69 12.54
C ARG T 54 63.75 22.97 11.06
N THR T 55 64.95 22.65 10.58
CA THR T 55 65.30 22.87 9.19
C THR T 55 65.23 21.55 8.41
N LEU T 56 65.19 21.69 7.07
CA LEU T 56 65.25 20.50 6.21
C LEU T 56 66.52 19.71 6.45
N SER T 57 67.64 20.40 6.68
CA SER T 57 68.91 19.74 6.93
C SER T 57 68.85 18.90 8.21
N ASP T 58 68.07 19.34 9.21
CA ASP T 58 67.96 18.56 10.44
C ASP T 58 67.41 17.17 10.17
N TYR T 59 66.59 17.01 9.15
CA TYR T 59 66.04 15.72 8.76
C TYR T 59 66.80 15.05 7.63
N ASN T 60 67.95 15.60 7.23
CA ASN T 60 68.73 15.09 6.08
C ASN T 60 67.88 15.04 4.81
N ILE T 61 67.04 16.05 4.61
CA ILE T 61 66.28 16.18 3.37
C ILE T 61 67.18 16.85 2.33
N GLN T 62 67.48 16.13 1.27
CA GLN T 62 68.43 16.52 0.24
C GLN T 62 67.72 16.75 -1.09
N LYS T 63 68.49 17.12 -2.11
CA LYS T 63 67.87 17.38 -3.41
C LYS T 63 67.16 16.13 -3.90
N GLU T 64 65.99 16.32 -4.51
CA GLU T 64 65.15 15.27 -5.09
C GLU T 64 64.61 14.31 -4.04
N SER T 65 64.69 14.68 -2.76
CA SER T 65 63.97 13.95 -1.73
C SER T 65 62.47 14.16 -1.92
N THR T 66 61.69 13.20 -1.45
CA THR T 66 60.24 13.26 -1.54
C THR T 66 59.63 13.28 -0.15
N LEU T 67 58.78 14.28 0.10
CA LEU T 67 58.02 14.37 1.32
C LEU T 67 56.58 13.94 1.07
N HIS T 68 55.90 13.59 2.16
CA HIS T 68 54.49 13.23 2.15
C HIS T 68 53.70 14.28 2.92
N LEU T 69 52.64 14.77 2.31
CA LEU T 69 51.78 15.78 2.90
C LEU T 69 50.39 15.20 3.09
N VAL T 70 49.89 15.21 4.33
CA VAL T 70 48.51 14.84 4.59
C VAL T 70 47.83 15.97 5.34
N LEU T 71 46.51 16.05 5.18
CA LEU T 71 45.70 17.05 5.88
C LEU T 71 45.38 16.59 7.30
N ARG T 72 45.03 17.55 8.14
CA ARG T 72 44.45 17.23 9.45
C ARG T 72 42.95 17.04 9.38
N LEU T 73 42.30 17.71 8.44
CA LEU T 73 40.87 17.53 8.26
C LEU T 73 40.58 16.06 8.02
N ARG T 74 39.52 15.57 8.66
CA ARG T 74 39.12 14.17 8.50
C ARG T 74 37.63 14.04 8.79
N GLY T 75 36.78 14.45 7.83
CA GLY T 75 35.35 14.55 8.06
C GLY T 75 34.70 13.19 8.27
N ILE U 25 -73.87 -16.24 -10.66
CA ILE U 25 -73.45 -15.46 -11.82
C ILE U 25 -73.19 -14.01 -11.40
N GLY U 26 -72.07 -13.45 -11.85
CA GLY U 26 -71.68 -12.08 -11.52
C GLY U 26 -70.18 -11.86 -11.76
N ALA U 27 -69.63 -10.86 -11.06
CA ALA U 27 -68.21 -10.57 -11.04
C ALA U 27 -67.90 -9.79 -9.77
N ALA U 28 -66.61 -9.63 -9.49
CA ALA U 28 -66.20 -8.91 -8.28
C ALA U 28 -66.40 -7.40 -8.43
N ARG U 29 -66.12 -6.86 -9.61
CA ARG U 29 -66.19 -5.43 -9.85
CA ARG U 29 -66.20 -5.43 -9.85
CA ARG U 29 -66.19 -5.42 -9.86
C ARG U 29 -66.81 -5.20 -11.23
N SER U 30 -67.00 -3.93 -11.58
CA SER U 30 -67.42 -3.65 -12.94
C SER U 30 -66.24 -3.94 -13.88
N PRO U 31 -66.53 -4.36 -15.13
CA PRO U 31 -65.41 -4.71 -16.03
C PRO U 31 -64.42 -3.59 -16.26
N TRP U 32 -64.87 -2.33 -16.40
CA TRP U 32 -63.90 -1.26 -16.68
C TRP U 32 -63.05 -0.96 -15.45
N ASP U 33 -63.60 -1.07 -14.24
CA ASP U 33 -62.77 -0.91 -13.05
C ASP U 33 -61.82 -2.08 -12.86
N GLN U 34 -62.27 -3.30 -13.16
CA GLN U 34 -61.38 -4.45 -13.03
C GLN U 34 -60.17 -4.31 -13.95
N ALA U 35 -60.39 -3.80 -15.18
CA ALA U 35 -59.28 -3.65 -16.11
C ALA U 35 -58.22 -2.68 -15.59
N LEU U 36 -58.64 -1.57 -15.00
CA LEU U 36 -57.68 -0.62 -14.43
C LEU U 36 -56.89 -1.27 -13.30
N ARG U 37 -57.57 -2.02 -12.41
CA ARG U 37 -56.87 -2.69 -11.32
C ARG U 37 -55.90 -3.73 -11.84
N ASP U 38 -56.29 -4.45 -12.89
CA ASP U 38 -55.40 -5.48 -13.45
C ASP U 38 -54.12 -4.85 -13.98
N ARG U 39 -54.24 -3.70 -14.64
CA ARG U 39 -53.05 -3.01 -15.11
C ARG U 39 -52.14 -2.62 -13.96
N PHE U 40 -52.72 -2.10 -12.87
CA PHE U 40 -51.89 -1.72 -11.73
C PHE U 40 -51.20 -2.93 -11.10
N ASP U 41 -51.93 -4.05 -10.94
CA ASP U 41 -51.35 -5.23 -10.33
C ASP U 41 -50.23 -5.82 -11.18
N ALA U 42 -50.26 -5.59 -12.50
CA ALA U 42 -49.24 -6.14 -13.38
C ALA U 42 -48.07 -5.19 -13.60
N ALA U 43 -48.09 -3.99 -13.01
CA ALA U 43 -47.06 -2.98 -13.23
C ALA U 43 -45.84 -3.24 -12.35
N LEU U 44 -44.68 -2.78 -12.83
CA LEU U 44 -43.47 -2.73 -12.02
C LEU U 44 -43.37 -1.39 -11.32
N LEU U 45 -43.18 -1.42 -10.00
CA LEU U 45 -43.30 -0.22 -9.16
C LEU U 45 -42.04 0.00 -8.32
N PRO U 46 -40.94 0.46 -8.93
CA PRO U 46 -39.69 0.59 -8.16
C PRO U 46 -39.76 1.64 -7.06
N ALA U 47 -40.65 2.62 -7.15
CA ALA U 47 -40.81 3.64 -6.13
C ALA U 47 -42.12 3.44 -5.35
N LEU U 48 -42.53 2.19 -5.17
CA LEU U 48 -43.77 1.93 -4.41
C LEU U 48 -43.66 2.48 -3.00
N GLY U 49 -42.55 2.18 -2.32
CA GLY U 49 -42.29 2.71 -0.99
C GLY U 49 -41.33 3.89 -1.05
N PRO U 50 -40.99 4.45 0.11
CA PRO U 50 -40.00 5.52 0.14
C PRO U 50 -38.65 5.02 -0.39
N VAL U 51 -38.05 5.80 -1.28
CA VAL U 51 -36.76 5.48 -1.88
C VAL U 51 -35.92 6.75 -1.96
N PRO U 52 -34.61 6.63 -2.19
CA PRO U 52 -33.81 7.82 -2.51
C PRO U 52 -34.34 8.52 -3.75
N HIS U 53 -34.17 9.85 -3.78
CA HIS U 53 -34.91 10.68 -4.74
C HIS U 53 -34.65 10.28 -6.18
N ASP U 54 -33.44 9.82 -6.50
CA ASP U 54 -33.10 9.47 -7.88
C ASP U 54 -33.88 8.26 -8.38
N GLN U 55 -34.47 7.49 -7.47
CA GLN U 55 -35.27 6.33 -7.84
C GLN U 55 -36.76 6.61 -7.86
N PHE U 56 -37.19 7.83 -7.53
CA PHE U 56 -38.59 8.17 -7.73
C PHE U 56 -38.96 8.03 -9.20
N HIS U 57 -40.18 7.57 -9.46
CA HIS U 57 -40.72 7.48 -10.81
C HIS U 57 -41.38 8.81 -11.16
N VAL U 58 -40.83 9.50 -12.16
CA VAL U 58 -41.41 10.74 -12.68
C VAL U 58 -41.39 10.66 -14.20
N GLU U 59 -42.54 10.91 -14.84
CA GLU U 59 -42.65 10.81 -16.28
C GLU U 59 -42.61 12.19 -16.93
N PRO U 60 -41.89 12.35 -18.04
CA PRO U 60 -41.96 13.63 -18.76
C PRO U 60 -43.35 13.86 -19.34
N GLN U 61 -43.80 15.11 -19.23
CA GLN U 61 -45.14 15.50 -19.67
C GLN U 61 -45.38 15.11 -21.12
N VAL U 62 -46.54 14.50 -21.38
CA VAL U 62 -47.00 14.16 -22.72
C VAL U 62 -48.37 14.81 -22.88
N ALA U 63 -48.52 15.71 -23.87
CA ALA U 63 -49.78 16.43 -24.12
C ALA U 63 -50.25 17.06 -22.80
N SER U 64 -51.48 16.84 -22.37
CA SER U 64 -51.99 17.35 -21.10
C SER U 64 -52.33 16.22 -20.14
N ALA U 65 -51.51 15.17 -20.12
CA ALA U 65 -51.79 13.98 -19.33
C ALA U 65 -51.18 14.01 -17.93
N CYS U 66 -51.03 15.18 -17.31
CA CYS U 66 -50.38 15.28 -16.00
C CYS U 66 -51.14 14.52 -14.91
N ALA U 67 -52.46 14.37 -15.05
CA ALA U 67 -53.19 13.54 -14.11
C ALA U 67 -52.63 12.13 -14.10
N ILE U 68 -52.30 11.62 -15.28
CA ILE U 68 -51.76 10.27 -15.37
C ILE U 68 -50.34 10.22 -14.83
N HIS U 69 -49.50 11.19 -15.22
CA HIS U 69 -48.12 11.24 -14.72
C HIS U 69 -48.08 11.35 -13.20
N SER U 70 -48.95 12.18 -12.62
CA SER U 70 -48.97 12.34 -11.17
C SER U 70 -49.45 11.07 -10.45
N ILE U 71 -50.42 10.37 -11.04
CA ILE U 71 -50.82 9.10 -10.45
C ILE U 71 -49.64 8.13 -10.44
N ASN U 72 -48.92 8.03 -11.56
CA ASN U 72 -47.81 7.09 -11.64
C ASN U 72 -46.71 7.47 -10.65
N ALA U 73 -46.46 8.77 -10.45
CA ALA U 73 -45.48 9.17 -9.45
C ALA U 73 -45.99 8.87 -8.05
N PHE U 74 -47.28 9.09 -7.83
CA PHE U 74 -47.91 8.78 -6.56
C PHE U 74 -47.73 7.31 -6.20
N VAL U 75 -48.02 6.40 -7.15
CA VAL U 75 -47.91 4.99 -6.81
C VAL U 75 -46.47 4.51 -6.89
N GLY U 76 -45.63 5.16 -7.70
CA GLY U 76 -44.22 4.84 -7.76
C GLY U 76 -43.77 4.01 -8.96
N GLY U 77 -44.42 4.13 -10.11
CA GLY U 77 -44.02 3.36 -11.27
C GLY U 77 -44.94 3.62 -12.46
N PRO U 78 -44.59 3.07 -13.64
CA PRO U 78 -45.42 3.33 -14.83
C PRO U 78 -46.70 2.50 -14.87
N ALA U 79 -47.55 2.67 -13.85
CA ALA U 79 -48.72 1.83 -13.69
C ALA U 79 -49.70 2.02 -14.85
N PHE U 80 -50.07 3.25 -15.15
CA PHE U 80 -51.07 3.54 -16.16
C PHE U 80 -50.43 4.31 -17.30
N ASP U 81 -50.73 3.93 -18.52
CA ASP U 81 -50.44 4.72 -19.70
C ASP U 81 -51.73 5.40 -20.17
N ILE U 82 -51.56 6.30 -21.14
CA ILE U 82 -52.70 7.09 -21.62
C ILE U 82 -53.83 6.23 -22.16
N PRO U 83 -53.59 5.19 -22.98
CA PRO U 83 -54.72 4.38 -23.47
C PRO U 83 -55.53 3.70 -22.37
N THR U 84 -54.87 3.09 -21.38
CA THR U 84 -55.62 2.41 -20.32
C THR U 84 -56.40 3.43 -19.48
N PHE U 85 -55.78 4.55 -19.15
CA PHE U 85 -56.52 5.53 -18.37
C PHE U 85 -57.69 6.09 -19.18
N THR U 86 -57.47 6.38 -20.45
CA THR U 86 -58.50 6.97 -21.29
C THR U 86 -59.69 6.04 -21.47
N THR U 87 -59.43 4.74 -21.71
CA THR U 87 -60.54 3.81 -21.85
C THR U 87 -61.32 3.68 -20.54
N TRP U 88 -60.62 3.66 -19.41
CA TRP U 88 -61.32 3.60 -18.12
C TRP U 88 -62.17 4.84 -17.92
N SER U 89 -61.62 6.00 -18.27
CA SER U 89 -62.29 7.28 -18.09
C SER U 89 -63.53 7.40 -18.96
N THR U 90 -63.48 6.98 -20.22
CA THR U 90 -64.67 7.06 -21.07
C THR U 90 -65.75 6.09 -20.59
N ALA U 91 -65.37 4.86 -20.20
CA ALA U 91 -66.38 3.94 -19.67
C ALA U 91 -67.01 4.49 -18.38
N SER U 92 -66.18 5.10 -17.52
CA SER U 92 -66.70 5.68 -16.28
C SER U 92 -67.69 6.81 -16.55
N THR U 93 -67.47 7.59 -17.60
CA THR U 93 -68.43 8.61 -17.98
C THR U 93 -69.77 8.02 -18.36
N ALA U 94 -69.75 6.93 -19.14
CA ALA U 94 -70.99 6.27 -19.53
C ALA U 94 -71.77 5.80 -18.30
N ALA U 95 -71.05 5.27 -17.29
CA ALA U 95 -71.72 4.82 -16.08
C ALA U 95 -72.23 5.99 -15.27
N PHE U 96 -71.51 7.11 -15.32
CA PHE U 96 -71.84 8.29 -14.54
C PHE U 96 -73.07 9.00 -15.07
N ILE U 97 -73.10 9.25 -16.38
CA ILE U 97 -74.10 10.19 -16.87
C ILE U 97 -74.78 9.69 -18.15
N GLY U 98 -74.36 8.52 -18.65
CA GLY U 98 -75.17 7.86 -19.66
C GLY U 98 -75.39 8.68 -20.93
N ASP U 99 -76.65 8.76 -21.37
CA ASP U 99 -76.95 9.39 -22.65
C ASP U 99 -76.72 10.90 -22.67
N ASP U 100 -76.49 11.51 -21.51
CA ASP U 100 -76.17 12.93 -21.41
C ASP U 100 -74.66 13.19 -21.33
N ALA U 101 -73.83 12.25 -21.78
CA ALA U 101 -72.39 12.46 -21.70
C ALA U 101 -71.95 13.67 -22.51
N ASP U 102 -72.71 14.06 -23.53
CA ASP U 102 -72.39 15.26 -24.32
C ASP U 102 -72.55 16.55 -23.53
N ALA U 103 -73.04 16.49 -22.30
CA ALA U 103 -73.16 17.67 -21.45
C ALA U 103 -71.89 18.00 -20.69
N LEU U 104 -70.89 17.12 -20.69
CA LEU U 104 -69.66 17.33 -19.94
C LEU U 104 -68.59 17.96 -20.84
N ALA U 105 -67.73 18.79 -20.25
CA ALA U 105 -66.57 19.30 -20.98
C ALA U 105 -65.58 18.16 -21.27
N PRO U 106 -64.91 18.17 -22.43
CA PRO U 106 -64.06 17.02 -22.79
C PRO U 106 -62.96 16.79 -21.76
N GLU U 107 -62.76 15.52 -21.40
CA GLU U 107 -61.65 15.09 -20.55
C GLU U 107 -60.85 14.04 -21.31
N SER U 108 -59.58 14.31 -21.52
CA SER U 108 -58.78 13.42 -22.36
C SER U 108 -57.32 13.76 -22.12
N ALA U 109 -56.44 13.01 -22.77
CA ALA U 109 -55.04 13.38 -22.69
C ALA U 109 -54.81 14.77 -23.26
N ALA U 110 -55.65 15.24 -24.19
CA ALA U 110 -55.44 16.54 -24.82
C ALA U 110 -56.04 17.72 -24.04
N SER U 111 -56.91 17.46 -23.06
CA SER U 111 -57.59 18.52 -22.32
C SER U 111 -57.50 18.40 -20.80
N GLY U 112 -57.13 17.26 -20.25
CA GLY U 112 -57.01 17.13 -18.82
C GLY U 112 -58.18 16.39 -18.20
N PHE U 113 -58.06 16.15 -16.89
CA PHE U 113 -59.01 15.31 -16.18
C PHE U 113 -59.37 15.94 -14.85
N SER U 114 -60.59 15.67 -14.39
CA SER U 114 -61.07 16.19 -13.12
C SER U 114 -60.41 15.48 -11.94
N PRO U 115 -60.14 16.19 -10.84
CA PRO U 115 -59.62 15.52 -9.63
C PRO U 115 -60.54 14.43 -9.09
N HIS U 116 -61.84 14.49 -9.35
CA HIS U 116 -62.72 13.44 -8.85
C HIS U 116 -62.39 12.12 -9.52
N ARG U 117 -61.98 12.16 -10.80
CA ARG U 117 -61.56 10.93 -11.45
C ARG U 117 -60.24 10.41 -10.87
N VAL U 118 -59.33 11.34 -10.53
CA VAL U 118 -58.06 10.92 -9.94
C VAL U 118 -58.29 10.27 -8.58
N GLU U 119 -59.13 10.88 -7.74
CA GLU U 119 -59.48 10.23 -6.48
C GLU U 119 -60.09 8.86 -6.70
N ARG U 120 -61.01 8.73 -7.67
CA ARG U 120 -61.63 7.45 -7.88
C ARG U 120 -60.63 6.41 -8.36
N ALA U 121 -59.75 6.79 -9.32
CA ALA U 121 -58.73 5.85 -9.79
C ALA U 121 -57.85 5.35 -8.65
N LEU U 122 -57.41 6.26 -7.78
CA LEU U 122 -56.55 5.84 -6.67
C LEU U 122 -57.30 4.96 -5.68
N ASN U 123 -58.55 5.30 -5.37
CA ASN U 123 -59.31 4.46 -4.44
C ASN U 123 -59.58 3.09 -5.03
N LEU U 124 -59.63 2.98 -6.35
CA LEU U 124 -59.80 1.65 -6.95
C LEU U 124 -58.63 0.71 -6.69
N LEU U 125 -57.48 1.23 -6.22
CA LEU U 125 -56.34 0.38 -5.92
C LEU U 125 -56.31 -0.09 -4.47
N ASP U 126 -57.21 0.41 -3.62
CA ASP U 126 -57.26 -0.03 -2.24
C ASP U 126 -57.50 -1.54 -2.21
N GLY U 127 -56.75 -2.23 -1.35
CA GLY U 127 -56.87 -3.66 -1.21
C GLY U 127 -56.03 -4.49 -2.15
N THR U 128 -55.34 -3.87 -3.13
CA THR U 128 -54.45 -4.60 -4.01
C THR U 128 -53.18 -4.98 -3.25
N PRO U 129 -52.45 -6.01 -3.72
CA PRO U 129 -51.26 -6.45 -2.98
C PRO U 129 -50.19 -5.37 -2.80
N ALA U 130 -50.14 -4.40 -3.71
CA ALA U 130 -49.11 -3.36 -3.59
C ALA U 130 -49.44 -2.38 -2.48
N THR U 131 -50.71 -2.20 -2.15
CA THR U 131 -51.09 -1.23 -1.13
C THR U 131 -51.21 -1.83 0.27
N GLN U 132 -50.84 -3.11 0.47
CA GLN U 132 -50.99 -3.73 1.78
C GLN U 132 -50.11 -3.02 2.80
N GLY U 133 -50.67 -2.75 3.98
CA GLY U 133 -49.93 -2.04 5.00
C GLY U 133 -49.79 -0.54 4.76
N LYS U 134 -50.39 -0.01 3.70
CA LYS U 134 -50.32 1.41 3.42
C LYS U 134 -51.69 2.05 3.65
N ASP U 135 -51.69 3.23 4.24
CA ASP U 135 -52.92 4.00 4.33
C ASP U 135 -53.38 4.33 2.90
N TRP U 136 -54.54 3.81 2.51
CA TRP U 136 -55.03 4.00 1.15
C TRP U 136 -56.52 4.38 1.13
N ASN U 137 -56.98 5.05 2.18
CA ASN U 137 -58.31 5.66 2.16
C ASN U 137 -58.18 7.05 1.54
N ILE U 138 -58.22 7.09 0.21
CA ILE U 138 -57.93 8.32 -0.54
C ILE U 138 -59.16 9.21 -0.57
N GLY U 139 -58.96 10.50 -0.30
CA GLY U 139 -60.03 11.47 -0.41
C GLY U 139 -59.52 12.76 -1.02
N VAL U 140 -60.44 13.71 -1.20
CA VAL U 140 -60.16 14.97 -1.88
C VAL U 140 -60.70 16.10 -1.04
N SER U 141 -59.92 17.17 -0.94
CA SER U 141 -60.32 18.43 -0.34
C SER U 141 -60.06 19.52 -1.36
N ILE U 142 -61.03 20.42 -1.55
CA ILE U 142 -60.96 21.46 -2.57
C ILE U 142 -61.16 22.82 -1.90
N LEU U 143 -60.28 23.78 -2.21
CA LEU U 143 -60.33 25.12 -1.64
C LEU U 143 -60.49 26.15 -2.74
N SER U 144 -61.37 27.11 -2.53
CA SER U 144 -61.60 28.21 -3.44
C SER U 144 -61.39 29.53 -2.70
N PRO U 145 -61.26 30.66 -3.40
CA PRO U 145 -61.13 31.94 -2.71
C PRO U 145 -62.38 32.26 -1.91
N ARG U 146 -62.23 33.16 -0.94
CA ARG U 146 -63.39 33.64 -0.20
C ARG U 146 -64.33 34.37 -1.15
N SER U 147 -65.63 34.21 -0.92
CA SER U 147 -66.65 34.74 -1.82
C SER U 147 -66.36 36.22 -2.12
N GLY U 148 -66.02 36.53 -3.37
CA GLY U 148 -65.64 37.86 -3.76
C GLY U 148 -64.15 38.08 -3.92
N ALA U 149 -63.32 37.25 -3.30
CA ALA U 149 -61.88 37.38 -3.43
C ALA U 149 -61.41 36.87 -4.79
N ALA U 150 -60.41 37.56 -5.34
CA ALA U 150 -59.84 37.17 -6.63
C ALA U 150 -58.99 35.91 -6.54
N MET U 151 -58.55 35.52 -5.33
CA MET U 151 -57.58 34.46 -5.17
C MET U 151 -57.58 33.99 -3.72
N ILE U 152 -57.00 32.81 -3.51
CA ILE U 152 -56.77 32.29 -2.17
C ILE U 152 -55.54 32.99 -1.60
N THR U 153 -55.67 33.53 -0.39
CA THR U 153 -54.57 34.28 0.21
C THR U 153 -53.67 33.44 1.10
N GLN U 154 -54.14 32.28 1.56
CA GLN U 154 -53.37 31.37 2.41
C GLN U 154 -53.97 29.98 2.31
N VAL U 155 -53.12 28.96 2.15
CA VAL U 155 -53.53 27.57 2.19
C VAL U 155 -52.81 26.91 3.35
N THR U 156 -53.56 26.26 4.23
CA THR U 156 -53.03 25.56 5.38
C THR U 156 -53.33 24.07 5.24
N LEU U 157 -52.29 23.26 5.15
CA LEU U 157 -52.47 21.83 5.08
C LEU U 157 -52.86 21.29 6.46
N PRO U 158 -53.64 20.22 6.50
CA PRO U 158 -53.90 19.57 7.78
C PRO U 158 -52.64 18.88 8.28
N ALA U 159 -52.70 18.41 9.52
CA ALA U 159 -51.63 17.56 10.04
C ALA U 159 -51.49 16.34 9.16
N LEU U 160 -50.26 16.08 8.69
CA LEU U 160 -50.06 15.02 7.71
C LEU U 160 -49.73 13.66 8.32
N GLY U 161 -49.35 13.62 9.60
CA GLY U 161 -49.02 12.34 10.21
C GLY U 161 -47.87 11.65 9.50
N ASP U 162 -48.07 10.38 9.16
CA ASP U 162 -47.09 9.59 8.45
C ASP U 162 -47.36 9.51 6.96
N THR U 163 -48.30 10.31 6.45
CA THR U 163 -48.59 10.33 5.02
C THR U 163 -47.34 10.71 4.23
N ASP U 164 -47.03 9.92 3.21
CA ASP U 164 -45.81 10.10 2.43
C ASP U 164 -46.11 10.24 0.94
N ARG U 165 -47.37 10.49 0.57
CA ARG U 165 -47.71 10.67 -0.83
C ARG U 165 -48.95 11.52 -0.92
N LEU U 166 -48.93 12.47 -1.85
CA LEU U 166 -50.01 13.41 -2.09
C LEU U 166 -50.03 13.77 -3.56
N ILE U 167 -51.20 14.20 -4.04
CA ILE U 167 -51.36 14.83 -5.34
C ILE U 167 -52.09 16.15 -5.13
N PHE U 168 -51.60 17.20 -5.80
CA PHE U 168 -52.27 18.50 -5.87
C PHE U 168 -52.73 18.77 -7.29
N ASP U 169 -53.91 19.38 -7.41
CA ASP U 169 -54.33 20.04 -8.64
C ASP U 169 -54.45 21.51 -8.29
N VAL U 170 -53.65 22.34 -8.93
CA VAL U 170 -53.65 23.77 -8.66
C VAL U 170 -54.00 24.52 -9.93
N LYS U 171 -54.79 25.58 -9.77
CA LYS U 171 -55.11 26.54 -10.80
C LYS U 171 -54.43 27.85 -10.41
N VAL U 172 -53.52 28.33 -11.27
CA VAL U 172 -52.60 29.39 -10.92
C VAL U 172 -52.55 30.44 -12.02
N GLY U 173 -52.71 31.71 -11.64
CA GLY U 173 -52.38 32.86 -12.45
C GLY U 173 -51.21 33.60 -11.82
N SER U 174 -50.80 34.70 -12.46
CA SER U 174 -49.69 35.51 -11.96
C SER U 174 -49.68 36.85 -12.70
N ASP U 175 -48.93 37.80 -12.15
CA ASP U 175 -48.76 39.08 -12.84
C ASP U 175 -48.13 38.89 -14.22
N ALA U 176 -47.15 37.99 -14.33
CA ALA U 176 -46.50 37.73 -15.61
C ALA U 176 -47.46 37.10 -16.62
N ARG U 177 -48.33 36.20 -16.16
CA ARG U 177 -49.26 35.56 -17.09
C ARG U 177 -50.28 36.56 -17.63
N THR U 178 -50.81 37.42 -16.75
CA THR U 178 -51.69 38.50 -17.23
C THR U 178 -50.97 39.44 -18.17
N ALA U 179 -49.71 39.76 -17.89
CA ALA U 179 -48.96 40.65 -18.78
C ALA U 179 -48.73 40.02 -20.14
N ALA U 180 -48.61 38.69 -20.19
CA ALA U 180 -48.41 37.94 -21.43
C ALA U 180 -49.73 37.56 -22.11
N GLY U 181 -50.86 37.85 -21.48
CA GLY U 181 -52.13 37.45 -22.03
C GLY U 181 -52.37 35.95 -21.98
N ALA U 182 -51.68 35.24 -21.10
CA ALA U 182 -51.81 33.78 -21.02
C ALA U 182 -52.88 33.39 -20.00
N ASP U 183 -53.59 32.31 -20.28
CA ASP U 183 -54.59 31.85 -19.33
C ASP U 183 -53.90 31.30 -18.08
N ASP U 184 -54.71 31.09 -17.04
CA ASP U 184 -54.25 30.37 -15.88
C ASP U 184 -53.85 28.95 -16.27
N ILE U 185 -52.92 28.39 -15.52
CA ILE U 185 -52.51 27.02 -15.73
C ILE U 185 -53.21 26.14 -14.71
N ASP U 186 -53.73 25.00 -15.18
CA ASP U 186 -54.44 24.02 -14.35
C ASP U 186 -53.61 22.74 -14.42
N HIS U 187 -53.02 22.32 -13.30
CA HIS U 187 -51.94 21.34 -13.39
C HIS U 187 -51.95 20.41 -12.18
N PHE U 188 -51.72 19.11 -12.44
CA PHE U 188 -51.54 18.11 -11.40
C PHE U 188 -50.05 17.94 -11.09
N VAL U 189 -49.71 17.83 -9.80
CA VAL U 189 -48.37 17.42 -9.38
C VAL U 189 -48.51 16.38 -8.27
N ALA U 190 -47.40 15.71 -7.97
CA ALA U 190 -47.33 14.74 -6.89
C ALA U 190 -46.23 15.11 -5.91
N PHE U 191 -46.37 14.62 -4.68
CA PHE U 191 -45.35 14.73 -3.65
C PHE U 191 -45.06 13.37 -3.07
N ARG U 192 -43.80 13.11 -2.74
CA ARG U 192 -43.38 11.86 -2.13
C ARG U 192 -42.28 12.12 -1.10
N LYS U 193 -42.28 11.31 -0.04
CA LYS U 193 -41.17 11.30 0.92
C LYS U 193 -40.13 10.28 0.49
N ASP U 194 -38.85 10.64 0.63
CA ASP U 194 -37.78 9.72 0.30
C ASP U 194 -37.48 8.81 1.48
N ASP U 195 -36.42 8.00 1.37
CA ASP U 195 -36.06 7.07 2.44
C ASP U 195 -35.62 7.77 3.72
N GLN U 196 -35.32 9.07 3.66
CA GLN U 196 -34.93 9.84 4.84
C GLN U 196 -36.05 10.67 5.42
N GLY U 197 -37.24 10.64 4.84
CA GLY U 197 -38.35 11.44 5.32
C GLY U 197 -38.48 12.83 4.73
N ALA U 198 -37.68 13.17 3.73
CA ALA U 198 -37.77 14.48 3.12
C ALA U 198 -38.79 14.45 1.98
N TRP U 199 -39.61 15.50 1.92
CA TRP U 199 -40.63 15.61 0.87
C TRP U 199 -40.00 16.06 -0.44
N TRP U 200 -40.52 15.53 -1.56
CA TRP U 200 -40.06 15.91 -2.89
C TRP U 200 -41.25 16.20 -3.78
N LEU U 201 -41.22 17.35 -4.45
CA LEU U 201 -42.14 17.63 -5.53
C LEU U 201 -41.69 16.89 -6.79
N LEU U 202 -42.62 16.15 -7.39
CA LEU U 202 -42.39 15.38 -8.62
C LEU U 202 -43.37 15.90 -9.69
N ASP U 203 -42.85 16.67 -10.65
CA ASP U 203 -43.66 17.36 -11.66
C ASP U 203 -43.25 16.87 -13.04
N SER U 204 -44.23 16.56 -13.89
CA SER U 204 -43.92 16.14 -15.26
C SER U 204 -43.45 17.29 -16.12
N ARG U 205 -43.70 18.54 -15.72
CA ARG U 205 -43.14 19.68 -16.43
C ARG U 205 -41.77 19.99 -15.88
N SER U 206 -40.98 20.76 -16.63
CA SER U 206 -39.64 21.10 -16.19
C SER U 206 -39.55 22.49 -15.55
N SER U 207 -40.62 23.26 -15.52
CA SER U 207 -40.63 24.53 -14.81
C SER U 207 -41.80 24.55 -13.83
N GLU U 208 -41.72 25.45 -12.87
CA GLU U 208 -42.71 25.51 -11.80
C GLU U 208 -44.04 26.03 -12.31
N VAL U 209 -45.12 25.54 -11.70
CA VAL U 209 -46.46 25.96 -12.07
C VAL U 209 -46.60 27.48 -11.97
N HIS U 210 -45.88 28.11 -11.05
CA HIS U 210 -45.93 29.56 -10.92
C HIS U 210 -44.77 30.28 -11.62
N ALA U 211 -44.03 29.60 -12.50
CA ALA U 211 -42.95 30.27 -13.23
C ALA U 211 -43.53 31.18 -14.33
N PRO U 212 -42.74 32.14 -14.84
CA PRO U 212 -43.23 32.96 -15.94
C PRO U 212 -43.63 32.09 -17.13
N PRO U 213 -44.63 32.53 -17.89
CA PRO U 213 -45.21 31.65 -18.93
C PRO U 213 -44.28 31.38 -20.11
N GLY U 214 -43.29 32.21 -20.38
CA GLY U 214 -42.47 31.95 -21.55
C GLY U 214 -41.32 30.99 -21.37
N GLN U 215 -40.99 30.61 -20.13
CA GLN U 215 -39.87 29.72 -19.88
C GLN U 215 -40.21 28.30 -20.35
N GLU U 216 -39.16 27.55 -20.72
CA GLU U 216 -39.37 26.19 -21.20
C GLU U 216 -40.03 25.31 -20.14
N SER U 217 -40.74 24.30 -20.62
CA SER U 217 -41.49 23.40 -19.76
C SER U 217 -41.46 21.94 -20.23
N SER U 218 -40.83 21.64 -21.37
CA SER U 218 -40.78 20.29 -21.93
C SER U 218 -39.52 19.51 -21.54
N GLY U 219 -38.55 20.11 -20.86
CA GLY U 219 -37.32 19.44 -20.53
C GLY U 219 -37.45 18.29 -19.51
N SER U 220 -36.38 18.04 -18.76
CA SER U 220 -36.38 16.91 -17.84
C SER U 220 -37.35 17.16 -16.68
N PRO U 221 -38.11 16.15 -16.23
CA PRO U 221 -39.13 16.41 -15.19
C PRO U 221 -38.49 16.97 -13.92
N LEU U 222 -39.27 17.77 -13.23
CA LEU U 222 -38.81 18.49 -12.05
C LEU U 222 -38.87 17.59 -10.82
N ARG U 223 -37.77 17.54 -10.07
CA ARG U 223 -37.66 16.83 -8.79
C ARG U 223 -37.05 17.81 -7.78
N ARG U 224 -37.87 18.40 -6.91
CA ARG U 224 -37.40 19.47 -6.03
C ARG U 224 -37.70 19.09 -4.59
N GLN U 225 -36.70 19.22 -3.73
CA GLN U 225 -36.91 18.93 -2.32
C GLN U 225 -37.60 20.13 -1.69
N ILE U 226 -38.89 20.01 -1.37
CA ILE U 226 -39.61 21.09 -0.70
C ILE U 226 -40.83 20.49 -0.02
N GLU U 227 -41.14 21.00 1.17
CA GLU U 227 -42.36 20.58 1.88
C GLU U 227 -43.59 21.05 1.10
N PRO U 228 -44.65 20.24 1.04
CA PRO U 228 -45.86 20.68 0.33
C PRO U 228 -46.45 21.97 0.85
N GLN U 229 -46.39 22.19 2.17
CA GLN U 229 -46.83 23.46 2.72
C GLN U 229 -45.98 24.63 2.22
N ALA U 230 -44.67 24.44 2.16
CA ALA U 230 -43.80 25.51 1.68
C ALA U 230 -44.02 25.77 0.20
N TRP U 231 -44.27 24.71 -0.57
CA TRP U 231 -44.54 24.87 -2.01
C TRP U 231 -45.82 25.66 -2.25
N LEU U 232 -46.87 25.37 -1.46
CA LEU U 232 -48.10 26.15 -1.55
C LEU U 232 -47.88 27.62 -1.17
N ASN U 233 -47.17 27.87 -0.07
CA ASN U 233 -46.91 29.26 0.31
C ASN U 233 -46.14 29.99 -0.77
N GLU U 234 -45.23 29.30 -1.46
CA GLU U 234 -44.49 29.91 -2.54
C GLU U 234 -45.43 30.35 -3.67
N ILE U 235 -46.48 29.55 -3.93
CA ILE U 235 -47.44 29.93 -4.97
C ILE U 235 -48.25 31.15 -4.53
N THR U 236 -48.76 31.12 -3.30
CA THR U 236 -49.62 32.20 -2.81
C THR U 236 -48.86 33.51 -2.58
N THR U 237 -47.55 33.47 -2.34
CA THR U 237 -46.78 34.70 -2.16
C THR U 237 -46.30 35.31 -3.46
N THR U 238 -45.99 34.49 -4.47
CA THR U 238 -45.45 34.99 -5.72
C THR U 238 -46.43 34.97 -6.89
N ALA U 239 -47.53 34.23 -6.80
CA ALA U 239 -48.46 34.11 -7.92
C ALA U 239 -49.90 34.17 -7.38
N HIS U 240 -50.87 33.79 -8.22
CA HIS U 240 -52.29 33.90 -7.89
C HIS U 240 -52.93 32.50 -7.88
N LEU U 241 -53.07 31.91 -6.70
CA LEU U 241 -53.69 30.59 -6.59
C LEU U 241 -55.21 30.75 -6.64
N LYS U 242 -55.84 30.27 -7.71
CA LYS U 242 -57.28 30.40 -7.87
C LYS U 242 -58.05 29.26 -7.21
N THR U 243 -57.50 28.05 -7.27
CA THR U 243 -58.14 26.86 -6.72
C THR U 243 -57.03 25.87 -6.39
N VAL U 244 -57.28 25.05 -5.38
CA VAL U 244 -56.39 23.94 -5.07
C VAL U 244 -57.22 22.74 -4.63
N ALA U 245 -56.90 21.57 -5.18
CA ALA U 245 -57.45 20.31 -4.74
C ALA U 245 -56.29 19.51 -4.18
N LEU U 246 -56.50 18.94 -3.00
CA LEU U 246 -55.56 18.07 -2.34
C LEU U 246 -56.13 16.66 -2.37
N ILE U 247 -55.33 15.72 -2.87
CA ILE U 247 -55.76 14.33 -3.00
C ILE U 247 -54.74 13.49 -2.25
N GLY U 248 -55.23 12.60 -1.38
CA GLY U 248 -54.30 11.73 -0.68
C GLY U 248 -54.91 10.86 0.38
N PRO U 249 -54.07 10.02 1.00
CA PRO U 249 -54.55 9.17 2.10
C PRO U 249 -55.00 10.01 3.29
N GLY U 250 -56.13 9.64 3.88
CA GLY U 250 -56.65 10.32 5.05
C GLY U 250 -57.23 11.70 4.81
N ILE U 251 -57.20 12.20 3.59
CA ILE U 251 -57.75 13.51 3.27
C ILE U 251 -59.26 13.38 3.06
N THR U 252 -60.02 14.32 3.63
CA THR U 252 -61.46 14.41 3.44
C THR U 252 -61.80 15.85 3.05
N GLY U 253 -63.09 16.11 2.81
CA GLY U 253 -63.49 17.41 2.30
C GLY U 253 -63.07 18.58 3.18
N GLN U 254 -62.96 18.34 4.50
CA GLN U 254 -62.63 19.38 5.47
C GLN U 254 -61.13 19.55 5.70
N SER U 255 -60.28 18.93 4.87
CA SER U 255 -58.86 18.84 5.18
C SER U 255 -58.14 20.17 4.98
N LEU U 256 -58.41 20.85 3.87
CA LEU U 256 -57.78 22.13 3.59
C LEU U 256 -58.50 23.26 4.30
N THR U 257 -57.72 24.19 4.86
CA THR U 257 -58.26 25.42 5.45
C THR U 257 -57.49 26.61 4.90
N ASP U 258 -58.00 27.82 5.18
CA ASP U 258 -57.36 29.06 4.73
C ASP U 258 -57.09 30.03 5.88
N VAL U 259 -57.11 29.54 7.12
CA VAL U 259 -56.75 30.33 8.29
C VAL U 259 -55.54 29.67 8.93
N PRO U 260 -54.67 30.43 9.60
CA PRO U 260 -53.49 29.82 10.24
C PRO U 260 -53.90 28.80 11.30
N ARG U 261 -53.11 27.73 11.38
CA ARG U 261 -53.36 26.60 12.29
C ARG U 261 -52.75 26.82 13.67
N MET V 1 -88.00 16.86 1.18
CA MET V 1 -87.75 15.76 0.27
C MET V 1 -86.26 15.50 0.10
N GLN V 2 -85.92 14.27 -0.27
CA GLN V 2 -84.53 13.87 -0.51
C GLN V 2 -84.26 13.84 -2.01
N ILE V 3 -83.09 14.32 -2.39
CA ILE V 3 -82.60 14.15 -3.74
C ILE V 3 -81.20 13.58 -3.64
N PHE V 4 -80.71 13.05 -4.77
CA PHE V 4 -79.40 12.44 -4.84
C PHE V 4 -78.53 13.19 -5.84
N VAL V 5 -77.25 13.28 -5.53
CA VAL V 5 -76.29 13.99 -6.37
C VAL V 5 -75.09 13.07 -6.62
N LYS V 6 -74.93 12.62 -7.86
CA LYS V 6 -73.83 11.74 -8.24
C LYS V 6 -72.59 12.58 -8.57
N THR V 7 -71.40 12.03 -8.26
CA THR V 7 -70.15 12.65 -8.68
C THR V 7 -69.25 11.61 -9.34
N LEU V 8 -68.19 12.09 -9.99
CA LEU V 8 -67.28 11.16 -10.65
C LEU V 8 -66.39 10.41 -9.66
N THR V 9 -66.44 10.69 -8.36
CA THR V 9 -65.80 9.76 -7.43
C THR V 9 -66.57 8.45 -7.31
N GLY V 10 -67.79 8.38 -7.87
CA GLY V 10 -68.64 7.21 -7.72
C GLY V 10 -69.51 7.23 -6.50
N LYS V 11 -69.37 8.23 -5.65
CA LYS V 11 -70.18 8.35 -4.44
C LYS V 11 -71.42 9.19 -4.75
N THR V 12 -72.54 8.83 -4.16
CA THR V 12 -73.79 9.57 -4.31
C THR V 12 -74.11 10.27 -3.00
N ILE V 13 -74.39 11.58 -3.11
CA ILE V 13 -74.71 12.42 -1.95
C ILE V 13 -76.23 12.47 -1.80
N THR V 14 -76.70 12.33 -0.56
CA THR V 14 -78.11 12.49 -0.24
C THR V 14 -78.33 13.84 0.42
N LEU V 15 -79.23 14.64 -0.15
CA LEU V 15 -79.54 15.98 0.34
C LEU V 15 -81.01 16.09 0.74
N GLU V 16 -81.25 16.84 1.81
CA GLU V 16 -82.59 17.22 2.22
C GLU V 16 -82.84 18.63 1.70
N VAL V 17 -83.79 18.75 0.77
CA VAL V 17 -84.08 20.01 0.10
C VAL V 17 -85.58 20.24 0.11
N GLU V 18 -85.99 21.41 -0.37
CA GLU V 18 -87.37 21.79 -0.58
C GLU V 18 -87.52 22.22 -2.02
N PRO V 19 -88.70 22.04 -2.62
CA PRO V 19 -88.86 22.41 -4.03
C PRO V 19 -88.54 23.86 -4.32
N SER V 20 -88.76 24.76 -3.35
CA SER V 20 -88.50 26.17 -3.56
C SER V 20 -87.05 26.56 -3.33
N ASP V 21 -86.18 25.62 -2.93
CA ASP V 21 -84.77 25.92 -2.76
C ASP V 21 -84.16 26.30 -4.10
N THR V 22 -83.38 27.38 -4.13
CA THR V 22 -82.68 27.74 -5.35
C THR V 22 -81.48 26.83 -5.55
N ILE V 23 -81.01 26.78 -6.80
CA ILE V 23 -79.81 26.01 -7.10
C ILE V 23 -78.64 26.53 -6.28
N GLU V 24 -78.60 27.84 -6.05
CA GLU V 24 -77.58 28.42 -5.18
C GLU V 24 -77.64 27.80 -3.79
N ASN V 25 -78.85 27.70 -3.22
CA ASN V 25 -79.01 27.07 -1.91
C ASN V 25 -78.56 25.60 -1.93
N VAL V 26 -78.87 24.89 -3.01
CA VAL V 26 -78.50 23.48 -3.09
C VAL V 26 -76.97 23.35 -3.11
N LYS V 27 -76.29 24.22 -3.87
CA LYS V 27 -74.82 24.20 -3.88
C LYS V 27 -74.24 24.50 -2.52
N ALA V 28 -74.91 25.36 -1.74
CA ALA V 28 -74.46 25.62 -0.37
C ALA V 28 -74.60 24.37 0.49
N LYS V 29 -75.71 23.63 0.36
CA LYS V 29 -75.89 22.40 1.13
C LYS V 29 -74.83 21.36 0.76
N ILE V 30 -74.48 21.29 -0.53
CA ILE V 30 -73.41 20.40 -0.97
C ILE V 30 -72.07 20.83 -0.36
N GLN V 31 -71.86 22.15 -0.25
CA GLN V 31 -70.65 22.62 0.42
C GLN V 31 -70.61 22.20 1.89
N ASP V 32 -71.74 22.27 2.59
CA ASP V 32 -71.79 21.87 4.01
C ASP V 32 -71.52 20.39 4.22
N LYS V 33 -72.05 19.55 3.34
CA LYS V 33 -71.89 18.11 3.52
C LYS V 33 -70.54 17.60 2.99
N GLU V 34 -70.12 18.05 1.81
CA GLU V 34 -68.97 17.45 1.15
C GLU V 34 -67.75 18.35 1.06
N GLY V 35 -67.88 19.64 1.40
CA GLY V 35 -66.76 20.56 1.36
C GLY V 35 -66.44 21.14 0.00
N ILE V 36 -67.21 20.84 -1.04
CA ILE V 36 -66.93 21.38 -2.37
C ILE V 36 -67.40 22.83 -2.42
N PRO V 37 -66.50 23.78 -2.71
CA PRO V 37 -66.93 25.19 -2.81
C PRO V 37 -67.96 25.37 -3.92
N PRO V 38 -68.95 26.25 -3.71
CA PRO V 38 -69.99 26.42 -4.73
C PRO V 38 -69.48 26.86 -6.09
N ASP V 39 -68.42 27.69 -6.17
CA ASP V 39 -67.98 28.12 -7.48
C ASP V 39 -67.30 27.01 -8.26
N GLN V 40 -67.01 25.87 -7.63
CA GLN V 40 -66.49 24.70 -8.33
C GLN V 40 -67.57 23.71 -8.73
N GLN V 41 -68.81 23.89 -8.28
CA GLN V 41 -69.87 22.96 -8.58
C GLN V 41 -70.56 23.33 -9.87
N ARG V 42 -70.62 22.38 -10.80
CA ARG V 42 -71.44 22.50 -12.00
C ARG V 42 -72.49 21.40 -11.90
N LEU V 43 -73.76 21.79 -11.72
CA LEU V 43 -74.85 20.84 -11.49
C LEU V 43 -75.64 20.60 -12.76
N ILE V 44 -76.00 19.34 -13.01
CA ILE V 44 -76.69 18.96 -14.23
C ILE V 44 -77.88 18.07 -13.87
N PHE V 45 -79.03 18.33 -14.47
CA PHE V 45 -80.20 17.47 -14.30
C PHE V 45 -80.66 17.04 -15.69
N ALA V 46 -80.59 15.74 -15.95
CA ALA V 46 -81.04 15.16 -17.23
C ALA V 46 -80.44 15.89 -18.42
N GLY V 47 -79.14 16.19 -18.33
CA GLY V 47 -78.40 16.80 -19.41
C GLY V 47 -78.48 18.32 -19.49
N LYS V 48 -79.23 18.96 -18.60
CA LYS V 48 -79.39 20.40 -18.58
C LYS V 48 -78.63 20.97 -17.39
N GLN V 49 -77.78 21.96 -17.65
CA GLN V 49 -77.04 22.62 -16.59
C GLN V 49 -77.98 23.54 -15.81
N LEU V 50 -77.88 23.51 -14.49
CA LEU V 50 -78.80 24.25 -13.64
C LEU V 50 -78.20 25.62 -13.31
N GLU V 51 -79.01 26.67 -13.42
CA GLU V 51 -78.55 28.02 -13.11
C GLU V 51 -78.88 28.39 -11.67
N ASP V 52 -77.98 29.13 -11.03
CA ASP V 52 -78.05 29.34 -9.58
C ASP V 52 -79.34 30.03 -9.15
N GLY V 53 -79.85 30.97 -9.96
CA GLY V 53 -81.00 31.77 -9.54
C GLY V 53 -82.35 31.08 -9.62
N ARG V 54 -82.43 29.91 -10.26
CA ARG V 54 -83.69 29.19 -10.41
C ARG V 54 -83.89 28.22 -9.24
N THR V 55 -85.10 27.69 -9.12
CA THR V 55 -85.39 26.74 -8.06
C THR V 55 -85.43 25.31 -8.60
N LEU V 56 -85.40 24.34 -7.67
CA LEU V 56 -85.54 22.94 -8.05
C LEU V 56 -86.87 22.68 -8.76
N SER V 57 -87.94 23.34 -8.30
CA SER V 57 -89.24 23.14 -8.92
C SER V 57 -89.25 23.66 -10.36
N ASP V 58 -88.44 24.69 -10.65
CA ASP V 58 -88.35 25.20 -12.01
C ASP V 58 -87.88 24.13 -12.99
N TYR V 59 -87.06 23.18 -12.52
CA TYR V 59 -86.56 22.10 -13.37
C TYR V 59 -87.37 20.82 -13.21
N ASN V 60 -88.50 20.87 -12.50
CA ASN V 60 -89.31 19.68 -12.21
C ASN V 60 -88.46 18.60 -11.53
N ILE V 61 -87.58 19.02 -10.63
CA ILE V 61 -86.81 18.10 -9.80
C ILE V 61 -87.68 17.69 -8.61
N GLN V 62 -87.96 16.39 -8.51
CA GLN V 62 -88.88 15.86 -7.52
C GLN V 62 -88.15 14.96 -6.53
N LYS V 63 -88.95 14.36 -5.64
CA LYS V 63 -88.44 13.43 -4.65
C LYS V 63 -87.72 12.27 -5.34
N GLU V 64 -86.55 11.93 -4.83
CA GLU V 64 -85.71 10.85 -5.34
C GLU V 64 -85.16 11.11 -6.75
N SER V 65 -85.22 12.35 -7.23
CA SER V 65 -84.54 12.72 -8.47
C SER V 65 -83.02 12.69 -8.26
N THR V 66 -82.29 12.47 -9.34
CA THR V 66 -80.83 12.40 -9.30
C THR V 66 -80.23 13.52 -10.14
N LEU V 67 -79.32 14.26 -9.54
CA LEU V 67 -78.54 15.29 -10.20
C LEU V 67 -77.12 14.77 -10.40
N HIS V 68 -76.42 15.40 -11.34
CA HIS V 68 -75.01 15.10 -11.61
C HIS V 68 -74.16 16.31 -11.26
N LEU V 69 -73.09 16.08 -10.50
CA LEU V 69 -72.18 17.13 -10.07
C LEU V 69 -70.80 16.91 -10.67
N VAL V 70 -70.30 17.90 -11.40
CA VAL V 70 -68.92 17.85 -11.87
C VAL V 70 -68.20 19.14 -11.48
N LEU V 71 -66.88 19.02 -11.33
CA LEU V 71 -66.03 20.14 -10.95
C LEU V 71 -65.63 20.97 -12.17
N ARG V 72 -65.23 22.21 -11.91
CA ARG V 72 -64.61 23.02 -12.95
C ARG V 72 -63.12 22.76 -13.07
N LEU V 73 -62.46 22.30 -12.00
CA LEU V 73 -61.06 21.94 -12.10
C LEU V 73 -60.87 20.84 -13.13
N ARG V 74 -59.85 21.00 -13.96
CA ARG V 74 -59.55 20.05 -15.02
C ARG V 74 -58.05 20.12 -15.26
N GLY V 75 -57.30 19.45 -14.38
CA GLY V 75 -55.85 19.54 -14.44
C GLY V 75 -55.17 18.93 -15.64
N ILE W 25 20.90 -27.56 27.21
CA ILE W 25 22.22 -27.49 27.84
C ILE W 25 22.74 -26.04 27.79
N GLY W 26 23.86 -25.75 28.45
CA GLY W 26 24.35 -24.38 28.47
C GLY W 26 25.86 -24.20 28.46
N ALA W 27 26.33 -23.04 28.91
CA ALA W 27 27.76 -22.73 28.99
C ALA W 27 28.03 -22.03 30.32
N ALA W 28 29.32 -21.81 30.60
CA ALA W 28 29.69 -21.06 31.80
C ALA W 28 29.41 -19.56 31.64
N ARG W 29 29.77 -18.98 30.50
CA ARG W 29 29.60 -17.55 30.26
C ARG W 29 29.03 -17.34 28.88
N SER W 30 28.81 -16.09 28.52
CA SER W 30 28.44 -15.80 27.15
C SER W 30 29.60 -16.20 26.23
N PRO W 31 29.29 -16.67 25.02
CA PRO W 31 30.36 -17.10 24.12
C PRO W 31 31.37 -15.99 23.83
N TRP W 32 30.92 -14.75 23.70
CA TRP W 32 31.89 -13.71 23.36
C TRP W 32 32.80 -13.39 24.55
N ASP W 33 32.27 -13.41 25.77
CA ASP W 33 33.13 -13.26 26.94
C ASP W 33 34.07 -14.45 27.06
N GLN W 34 33.57 -15.66 26.75
CA GLN W 34 34.42 -16.84 26.84
C GLN W 34 35.59 -16.76 25.86
N ALA W 35 35.34 -16.29 24.64
CA ALA W 35 36.43 -16.20 23.67
C ALA W 35 37.52 -15.27 24.18
N LEU W 36 37.14 -14.16 24.80
CA LEU W 36 38.14 -13.23 25.33
C LEU W 36 38.96 -13.90 26.43
N ARG W 37 38.31 -14.65 27.33
CA ARG W 37 39.05 -15.35 28.38
C ARG W 37 39.97 -16.40 27.80
N ASP W 38 39.52 -17.14 26.78
CA ASP W 38 40.34 -18.18 26.19
C ASP W 38 41.62 -17.59 25.61
N ARG W 39 41.48 -16.44 24.94
CA ARG W 39 42.66 -15.73 24.43
C ARG W 39 43.60 -15.34 25.57
N PHE W 40 43.06 -14.83 26.68
CA PHE W 40 43.89 -14.45 27.81
C PHE W 40 44.64 -15.65 28.40
N ASP W 41 43.94 -16.78 28.56
CA ASP W 41 44.55 -17.97 29.19
C ASP W 41 45.68 -18.57 28.35
N ALA W 42 45.71 -18.32 27.05
CA ALA W 42 46.77 -18.85 26.21
C ALA W 42 47.95 -17.89 26.08
N ALA W 43 47.87 -16.71 26.68
CA ALA W 43 48.93 -15.73 26.55
C ALA W 43 50.05 -16.01 27.55
N LEU W 44 51.26 -15.64 27.16
CA LEU W 44 52.40 -15.59 28.07
C LEU W 44 52.52 -14.20 28.67
N LEU W 45 52.65 -14.14 30.00
CA LEU W 45 52.62 -12.89 30.75
C LEU W 45 53.90 -12.75 31.57
N PRO W 46 55.03 -12.46 30.91
CA PRO W 46 56.31 -12.39 31.64
C PRO W 46 56.39 -11.23 32.61
N ALA W 47 55.60 -10.17 32.40
CA ALA W 47 55.54 -9.03 33.31
C ALA W 47 54.24 -9.03 34.09
N LEU W 48 53.73 -10.23 34.39
CA LEU W 48 52.49 -10.35 35.14
C LEU W 48 52.63 -9.75 36.54
N GLY W 49 53.75 -10.04 37.22
CA GLY W 49 54.09 -9.47 38.50
C GLY W 49 55.12 -8.36 38.34
N PRO W 50 55.54 -7.76 39.46
CA PRO W 50 56.61 -6.75 39.39
C PRO W 50 57.90 -7.33 38.84
N VAL W 51 58.50 -6.63 37.89
CA VAL W 51 59.73 -7.08 37.23
C VAL W 51 60.64 -5.86 37.04
N PRO W 52 61.92 -6.03 36.71
CA PRO W 52 62.74 -4.88 36.29
C PRO W 52 62.12 -4.19 35.07
N HIS W 53 62.37 -2.87 34.96
CA HIS W 53 61.61 -2.09 33.99
C HIS W 53 61.83 -2.59 32.57
N ASP W 54 63.04 -3.05 32.25
CA ASP W 54 63.29 -3.55 30.91
C ASP W 54 62.51 -4.81 30.59
N GLN W 55 61.79 -5.37 31.56
CA GLN W 55 61.00 -6.57 31.35
C GLN W 55 59.50 -6.29 31.34
N PHE W 56 59.09 -5.05 31.59
CA PHE W 56 57.70 -4.65 31.40
C PHE W 56 57.26 -4.85 29.96
N HIS W 57 56.00 -5.23 29.79
CA HIS W 57 55.43 -5.36 28.45
C HIS W 57 54.85 -4.00 28.06
N VAL W 58 55.41 -3.40 27.01
CA VAL W 58 54.87 -2.17 26.42
C VAL W 58 54.80 -2.39 24.92
N GLU W 59 53.69 -2.07 24.34
CA GLU W 59 53.55 -2.28 22.91
C GLU W 59 53.63 -0.98 22.14
N PRO W 60 54.31 -0.96 21.00
CA PRO W 60 54.30 0.25 20.17
C PRO W 60 52.90 0.54 19.67
N GLN W 61 52.58 1.83 19.55
CA GLN W 61 51.24 2.25 19.18
C GLN W 61 50.90 1.75 17.78
N VAL W 62 49.71 1.15 17.65
CA VAL W 62 49.14 0.73 16.37
C VAL W 62 47.81 1.44 16.22
N ALA W 63 47.65 2.21 15.14
CA ALA W 63 46.41 2.95 14.86
C ALA W 63 46.00 3.69 16.14
N SER W 64 44.77 3.54 16.61
CA SER W 64 44.34 4.16 17.85
C SER W 64 43.94 3.08 18.86
N ALA W 65 44.71 1.99 18.89
CA ALA W 65 44.38 0.86 19.76
C ALA W 65 45.05 0.96 21.14
N CYS W 66 45.31 2.19 21.63
CA CYS W 66 45.99 2.35 22.91
C CYS W 66 45.24 1.68 24.07
N ALA W 67 43.92 1.52 23.98
CA ALA W 67 43.25 0.78 25.05
C ALA W 67 43.78 -0.63 25.15
N ILE W 68 43.98 -1.28 24.01
CA ILE W 68 44.50 -2.64 24.03
C ILE W 68 45.95 -2.66 24.50
N HIS W 69 46.77 -1.72 24.03
CA HIS W 69 48.16 -1.63 24.48
C HIS W 69 48.23 -1.42 26.00
N SER W 70 47.35 -0.56 26.54
CA SER W 70 47.33 -0.30 27.97
C SER W 70 46.90 -1.51 28.77
N ILE W 71 45.86 -2.22 28.30
CA ILE W 71 45.44 -3.44 28.98
C ILE W 71 46.57 -4.43 29.04
N ASN W 72 47.29 -4.61 27.92
CA ASN W 72 48.38 -5.58 27.90
C ASN W 72 49.50 -5.19 28.85
N ALA W 73 49.83 -3.90 28.93
CA ALA W 73 50.82 -3.45 29.89
C ALA W 73 50.30 -3.59 31.32
N PHE W 74 49.01 -3.29 31.51
CA PHE W 74 48.38 -3.48 32.81
C PHE W 74 48.52 -4.93 33.27
N VAL W 75 48.22 -5.86 32.37
CA VAL W 75 48.23 -7.28 32.72
C VAL W 75 49.62 -7.86 32.69
N GLY W 76 50.50 -7.33 31.83
CA GLY W 76 51.88 -7.76 31.79
C GLY W 76 52.26 -8.69 30.66
N GLY W 77 51.61 -8.60 29.51
CA GLY W 77 51.94 -9.44 28.39
C GLY W 77 50.98 -9.20 27.23
N PRO W 78 51.25 -9.82 26.08
CA PRO W 78 50.37 -9.64 24.91
C PRO W 78 49.07 -10.40 25.06
N ALA W 79 48.28 -10.02 26.08
CA ALA W 79 47.08 -10.75 26.42
C ALA W 79 46.03 -10.65 25.30
N PHE W 80 45.79 -9.45 24.81
CA PHE W 80 44.78 -9.20 23.78
C PHE W 80 45.43 -8.57 22.56
N ASP W 81 45.04 -9.03 21.37
CA ASP W 81 45.35 -8.32 20.14
C ASP W 81 44.11 -7.60 19.62
N ILE W 82 44.33 -6.77 18.60
CA ILE W 82 43.24 -5.95 18.07
C ILE W 82 42.07 -6.78 17.56
N PRO W 83 42.26 -7.86 16.78
CA PRO W 83 41.10 -8.62 16.29
C PRO W 83 40.23 -9.22 17.38
N THR W 84 40.83 -9.86 18.38
CA THR W 84 40.04 -10.48 19.44
C THR W 84 39.31 -9.42 20.28
N PHE W 85 39.99 -8.32 20.60
CA PHE W 85 39.33 -7.28 21.39
C PHE W 85 38.18 -6.66 20.60
N THR W 86 38.41 -6.41 19.30
CA THR W 86 37.38 -5.81 18.45
C THR W 86 36.17 -6.72 18.28
N THR W 87 36.41 -8.02 18.10
CA THR W 87 35.31 -8.97 17.95
C THR W 87 34.49 -9.02 19.25
N TRP W 88 35.16 -9.05 20.39
CA TRP W 88 34.47 -9.02 21.68
C TRP W 88 33.70 -7.73 21.87
N SER W 89 34.30 -6.61 21.47
CA SER W 89 33.67 -5.31 21.62
C SER W 89 32.39 -5.23 20.81
N THR W 90 32.42 -5.73 19.57
CA THR W 90 31.23 -5.70 18.71
C THR W 90 30.12 -6.57 19.29
N ALA W 91 30.47 -7.77 19.73
CA ALA W 91 29.48 -8.65 20.34
C ALA W 91 28.91 -8.04 21.61
N SER W 92 29.77 -7.37 22.41
CA SER W 92 29.30 -6.72 23.64
C SER W 92 28.31 -5.60 23.34
N THR W 93 28.55 -4.85 22.25
CA THR W 93 27.61 -3.80 21.85
C THR W 93 26.26 -4.40 21.49
N ALA W 94 26.27 -5.51 20.75
CA ALA W 94 25.01 -6.17 20.41
C ALA W 94 24.24 -6.59 21.66
N ALA W 95 24.92 -7.10 22.68
CA ALA W 95 24.21 -7.47 23.91
C ALA W 95 23.75 -6.23 24.68
N PHE W 96 24.50 -5.13 24.56
CA PHE W 96 24.23 -3.91 25.33
C PHE W 96 22.98 -3.19 24.81
N ILE W 97 22.91 -2.99 23.50
CA ILE W 97 21.93 -2.05 22.98
C ILE W 97 21.20 -2.64 21.78
N GLY W 98 21.60 -3.84 21.36
CA GLY W 98 20.81 -4.58 20.38
C GLY W 98 20.66 -3.82 19.08
N ASP W 99 19.43 -3.73 18.58
CA ASP W 99 19.19 -3.12 17.28
C ASP W 99 19.43 -1.62 17.25
N ASP W 100 19.63 -1.00 18.40
CA ASP W 100 19.94 0.41 18.43
C ASP W 100 21.45 0.67 18.43
N ALA W 101 22.26 -0.29 17.98
CA ALA W 101 23.72 -0.09 17.94
C ALA W 101 24.11 1.11 17.09
N ASP W 102 23.28 1.50 16.11
CA ASP W 102 23.58 2.65 15.26
C ASP W 102 23.53 3.98 16.01
N ALA W 103 23.11 4.00 17.26
CA ALA W 103 23.08 5.23 18.05
C ALA W 103 24.40 5.50 18.77
N LEU W 104 25.37 4.58 18.73
CA LEU W 104 26.63 4.76 19.45
C LEU W 104 27.71 5.31 18.53
N ALA W 105 28.61 6.11 19.11
CA ALA W 105 29.76 6.53 18.34
C ALA W 105 30.67 5.33 18.07
N PRO W 106 31.24 5.21 16.87
CA PRO W 106 31.99 3.99 16.53
C PRO W 106 33.18 3.80 17.46
N GLU W 107 33.34 2.59 17.96
CA GLU W 107 34.48 2.24 18.79
C GLU W 107 35.27 1.13 18.10
N SER W 108 36.55 1.37 17.87
CA SER W 108 37.32 0.44 17.07
C SER W 108 38.79 0.77 17.29
N ALA W 109 39.65 -0.04 16.66
CA ALA W 109 41.07 0.24 16.69
C ALA W 109 41.39 1.57 16.01
N ALA W 110 40.54 2.03 15.09
CA ALA W 110 40.72 3.29 14.37
C ALA W 110 40.17 4.49 15.11
N SER W 111 39.37 4.28 16.16
CA SER W 111 38.74 5.42 16.82
C SER W 111 38.80 5.39 18.33
N GLY W 112 39.31 4.34 18.95
CA GLY W 112 39.40 4.28 20.39
C GLY W 112 38.20 3.59 21.03
N PHE W 113 38.29 3.41 22.35
CA PHE W 113 37.32 2.66 23.12
C PHE W 113 37.03 3.38 24.43
N SER W 114 35.81 3.20 24.94
CA SER W 114 35.40 3.80 26.21
C SER W 114 36.09 3.10 27.38
N PRO W 115 36.46 3.85 28.41
CA PRO W 115 36.98 3.24 29.65
C PRO W 115 36.05 2.21 30.26
N HIS W 116 34.75 2.31 30.00
CA HIS W 116 33.84 1.31 30.56
C HIS W 116 34.10 -0.08 29.98
N ARG W 117 34.46 -0.14 28.69
CA ARG W 117 34.78 -1.44 28.12
C ARG W 117 36.11 -1.97 28.66
N VAL W 118 37.06 -1.06 28.93
CA VAL W 118 38.32 -1.48 29.55
C VAL W 118 38.08 -2.05 30.93
N GLU W 119 37.24 -1.39 31.73
CA GLU W 119 36.87 -1.93 33.04
C GLU W 119 36.30 -3.34 32.91
N ARG W 120 35.35 -3.54 31.99
CA ARG W 120 34.70 -4.84 31.91
C ARG W 120 35.66 -5.92 31.45
N ALA W 121 36.48 -5.60 30.46
CA ALA W 121 37.46 -6.56 29.94
C ALA W 121 38.39 -7.06 31.04
N LEU W 122 38.90 -6.13 31.85
CA LEU W 122 39.77 -6.50 32.95
C LEU W 122 39.01 -7.29 34.02
N ASN W 123 37.77 -6.91 34.31
CA ASN W 123 37.03 -7.67 35.32
C ASN W 123 36.74 -9.09 34.85
N LEU W 124 36.66 -9.31 33.54
CA LEU W 124 36.48 -10.67 33.01
C LEU W 124 37.69 -11.54 33.29
N LEU W 125 38.83 -10.95 33.68
CA LEU W 125 39.99 -11.75 34.04
C LEU W 125 40.03 -12.07 35.52
N ASP W 126 39.11 -11.51 36.31
CA ASP W 126 39.02 -11.86 37.73
C ASP W 126 38.66 -13.33 37.89
N GLY W 127 39.36 -13.99 38.80
CA GLY W 127 39.12 -15.40 39.03
C GLY W 127 39.92 -16.31 38.13
N THR W 128 40.64 -15.77 37.14
CA THR W 128 41.49 -16.58 36.26
C THR W 128 42.76 -17.00 36.98
N PRO W 129 43.42 -18.08 36.52
CA PRO W 129 44.65 -18.52 37.20
C PRO W 129 45.74 -17.46 37.25
N ALA W 130 45.72 -16.50 36.35
CA ALA W 130 46.76 -15.46 36.37
C ALA W 130 46.51 -14.42 37.46
N THR W 131 45.25 -14.16 37.79
CA THR W 131 44.89 -13.14 38.76
C THR W 131 44.68 -13.68 40.18
N GLN W 132 44.97 -14.95 40.43
CA GLN W 132 44.74 -15.50 41.75
C GLN W 132 45.63 -14.81 42.78
N GLY W 133 45.05 -14.47 43.92
CA GLY W 133 45.79 -13.79 44.95
C GLY W 133 46.00 -12.31 44.70
N LYS W 134 45.43 -11.77 43.63
CA LYS W 134 45.60 -10.37 43.27
C LYS W 134 44.33 -9.60 43.57
N ASP W 135 44.49 -8.34 43.96
CA ASP W 135 43.36 -7.44 44.02
C ASP W 135 42.85 -7.23 42.60
N TRP W 136 41.65 -7.76 42.30
CA TRP W 136 41.13 -7.66 40.93
C TRP W 136 39.65 -7.24 40.90
N ASN W 137 39.23 -6.44 41.87
CA ASN W 137 37.93 -5.77 41.77
C ASN W 137 38.19 -4.43 41.10
N ILE W 138 38.08 -4.42 39.77
CA ILE W 138 38.49 -3.28 38.96
C ILE W 138 37.32 -2.32 38.85
N GLY W 139 37.58 -1.04 39.08
CA GLY W 139 36.57 -0.01 38.92
C GLY W 139 37.14 1.21 38.22
N VAL W 140 36.28 2.21 38.02
CA VAL W 140 36.64 3.39 37.26
C VAL W 140 36.19 4.64 38.01
N SER W 141 37.06 5.65 38.02
CA SER W 141 36.73 6.97 38.55
C SER W 141 37.05 8.00 37.46
N ILE W 142 36.12 8.93 37.25
CA ILE W 142 36.22 9.89 36.17
C ILE W 142 36.10 11.30 36.75
N LEU W 143 37.02 12.16 36.35
CA LEU W 143 37.07 13.54 36.81
C LEU W 143 36.93 14.46 35.63
N SER W 144 36.06 15.47 35.77
CA SER W 144 35.83 16.50 34.77
C SER W 144 36.12 17.87 35.39
N PRO W 145 36.26 18.92 34.58
CA PRO W 145 36.44 20.26 35.15
C PRO W 145 35.21 20.70 35.92
N ARG W 146 35.42 21.69 36.80
CA ARG W 146 34.32 22.31 37.53
C ARG W 146 33.35 22.98 36.58
N SER W 147 32.11 23.12 37.04
CA SER W 147 31.07 23.68 36.19
C SER W 147 31.44 25.08 35.76
N GLY W 148 31.56 25.30 34.45
CA GLY W 148 31.97 26.58 33.91
C GLY W 148 33.46 26.76 33.80
N ALA W 149 34.25 25.74 34.12
CA ALA W 149 35.70 25.78 34.02
C ALA W 149 36.15 25.00 32.78
N ALA W 150 37.30 25.41 32.25
CA ALA W 150 37.84 24.86 31.00
C ALA W 150 38.65 23.59 31.21
N MET W 151 39.44 23.51 32.28
CA MET W 151 40.33 22.38 32.50
C MET W 151 40.34 21.99 33.97
N ILE W 152 40.83 20.78 34.23
CA ILE W 152 41.05 20.34 35.60
C ILE W 152 42.32 21.01 36.10
N THR W 153 42.24 21.67 37.26
CA THR W 153 43.38 22.42 37.76
C THR W 153 44.29 21.57 38.65
N GLN W 154 43.77 20.47 39.21
CA GLN W 154 44.50 19.60 40.12
C GLN W 154 43.80 18.25 40.15
N VAL W 155 44.60 17.18 40.11
CA VAL W 155 44.10 15.83 40.26
C VAL W 155 44.74 15.23 41.51
N THR W 156 43.91 14.69 42.39
CA THR W 156 44.38 14.06 43.62
C THR W 156 44.03 12.58 43.58
N LEU W 157 45.06 11.75 43.56
CA LEU W 157 44.86 10.31 43.58
C LEU W 157 44.43 9.87 44.99
N PRO W 158 43.63 8.82 45.09
CA PRO W 158 43.32 8.24 46.40
C PRO W 158 44.56 7.56 46.95
N ALA W 159 44.50 7.19 48.23
CA ALA W 159 45.54 6.34 48.81
C ALA W 159 45.58 5.02 48.06
N LEU W 160 46.76 4.65 47.57
CA LEU W 160 46.89 3.49 46.69
C LEU W 160 47.18 2.18 47.43
N GLY W 161 47.61 2.26 48.69
CA GLY W 161 47.98 1.04 49.38
C GLY W 161 49.10 0.34 48.64
N ASP W 162 48.94 -0.97 48.41
CA ASP W 162 49.91 -1.75 47.67
C ASP W 162 49.53 -2.01 46.23
N THR W 163 48.53 -1.31 45.71
CA THR W 163 48.16 -1.46 44.31
C THR W 163 49.35 -1.16 43.43
N ASP W 164 49.63 -2.03 42.46
CA ASP W 164 50.82 -1.92 41.63
C ASP W 164 50.51 -1.83 40.15
N ARG W 165 49.27 -1.54 39.76
CA ARG W 165 48.89 -1.42 38.37
C ARG W 165 47.68 -0.51 38.23
N LEU W 166 47.70 0.36 37.23
CA LEU W 166 46.64 1.33 36.96
C LEU W 166 46.58 1.60 35.46
N ILE W 167 45.42 2.06 34.99
CA ILE W 167 45.29 2.59 33.65
C ILE W 167 44.68 3.98 33.75
N PHE W 168 45.22 4.91 32.98
CA PHE W 168 44.63 6.23 32.85
C PHE W 168 44.13 6.44 31.42
N ASP W 169 42.96 7.05 31.30
CA ASP W 169 42.48 7.64 30.06
C ASP W 169 42.43 9.15 30.30
N VAL W 170 43.25 9.90 29.55
CA VAL W 170 43.36 11.34 29.73
C VAL W 170 43.01 12.03 28.42
N LYS W 171 42.31 13.17 28.52
CA LYS W 171 42.07 14.04 27.39
C LYS W 171 42.81 15.35 27.61
N VAL W 172 43.74 15.66 26.71
CA VAL W 172 44.76 16.68 26.96
C VAL W 172 44.84 17.65 25.78
N GLY W 173 44.80 18.94 26.09
CA GLY W 173 45.17 19.99 25.17
C GLY W 173 46.42 20.71 25.68
N SER W 174 46.84 21.70 24.91
CA SER W 174 47.99 22.48 25.33
C SER W 174 48.05 23.74 24.48
N ASP W 175 48.85 24.71 24.94
CA ASP W 175 49.04 25.93 24.18
C ASP W 175 49.64 25.63 22.81
N ALA W 176 50.57 24.68 22.73
CA ALA W 176 51.18 24.35 21.43
C ALA W 176 50.13 23.77 20.47
N ARG W 177 49.24 22.91 21.00
CA ARG W 177 48.19 22.30 20.19
C ARG W 177 47.17 23.32 19.70
N THR W 178 46.75 24.22 20.59
CA THR W 178 45.85 25.30 20.17
C THR W 178 46.49 26.19 19.12
N ALA W 179 47.79 26.45 19.23
CA ALA W 179 48.52 27.22 18.22
C ALA W 179 48.59 26.48 16.88
N ALA W 180 48.68 25.15 16.93
CA ALA W 180 48.76 24.32 15.73
C ALA W 180 47.40 23.94 15.17
N GLY W 181 46.30 24.32 15.83
CA GLY W 181 44.98 23.94 15.36
C GLY W 181 44.67 22.46 15.48
N ALA W 182 45.36 21.74 16.35
CA ALA W 182 45.13 20.31 16.52
C ALA W 182 44.12 20.07 17.64
N ASP W 183 43.33 19.01 17.48
CA ASP W 183 42.34 18.61 18.49
C ASP W 183 43.03 18.19 19.79
N ASP W 184 42.22 18.05 20.84
CA ASP W 184 42.74 17.42 22.06
C ASP W 184 43.09 15.96 21.78
N ILE W 185 44.06 15.43 22.53
CA ILE W 185 44.42 14.01 22.45
C ILE W 185 43.72 13.27 23.58
N ASP W 186 43.13 12.13 23.23
CA ASP W 186 42.41 11.25 24.15
C ASP W 186 43.16 9.92 24.11
N HIS W 187 43.79 9.53 25.22
CA HIS W 187 44.82 8.51 25.19
C HIS W 187 44.82 7.69 26.47
N PHE W 188 44.97 6.36 26.31
CA PHE W 188 45.17 5.45 27.43
C PHE W 188 46.67 5.23 27.67
N VAL W 189 47.07 5.23 28.95
CA VAL W 189 48.39 4.78 29.37
C VAL W 189 48.21 3.88 30.59
N ALA W 190 49.27 3.14 30.91
CA ALA W 190 49.30 2.27 32.08
C ALA W 190 50.48 2.64 32.98
N PHE W 191 50.34 2.30 34.26
CA PHE W 191 51.40 2.42 35.25
C PHE W 191 51.60 1.08 35.93
N ARG W 192 52.85 0.75 36.24
CA ARG W 192 53.21 -0.48 36.92
C ARG W 192 54.34 -0.21 37.91
N LYS W 193 54.33 -0.92 39.04
CA LYS W 193 55.44 -0.90 39.97
C LYS W 193 56.45 -1.97 39.59
N ASP W 194 57.75 -1.63 39.67
CA ASP W 194 58.79 -2.61 39.39
C ASP W 194 59.10 -3.41 40.66
N ASP W 195 60.13 -4.27 40.60
CA ASP W 195 60.44 -5.13 41.74
C ASP W 195 60.96 -4.36 42.95
N GLN W 196 61.33 -3.09 42.78
CA GLN W 196 61.75 -2.23 43.88
C GLN W 196 60.63 -1.34 44.41
N GLY W 197 59.44 -1.42 43.83
CA GLY W 197 58.33 -0.61 44.25
C GLY W 197 58.22 0.75 43.60
N ALA W 198 59.07 1.05 42.61
CA ALA W 198 59.05 2.33 41.91
C ALA W 198 58.05 2.27 40.77
N TRP W 199 57.28 3.35 40.62
CA TRP W 199 56.27 3.43 39.57
C TRP W 199 56.89 3.74 38.23
N TRP W 200 56.31 3.15 37.17
CA TRP W 200 56.74 3.39 35.81
C TRP W 200 55.53 3.65 34.91
N LEU W 201 55.60 4.75 34.17
CA LEU W 201 54.66 5.01 33.08
C LEU W 201 55.03 4.16 31.88
N LEU W 202 54.05 3.43 31.35
CA LEU W 202 54.22 2.57 30.18
C LEU W 202 53.26 3.07 29.11
N ASP W 203 53.79 3.76 28.10
CA ASP W 203 52.97 4.43 27.10
C ASP W 203 53.27 3.86 25.72
N SER W 204 52.22 3.55 24.95
CA SER W 204 52.43 2.99 23.63
C SER W 204 52.97 4.00 22.63
N ARG W 205 52.75 5.30 22.85
CA ARG W 205 53.35 6.36 22.04
CA ARG W 205 53.39 6.29 21.99
C ARG W 205 54.76 6.66 22.54
N SER W 206 55.58 7.24 21.65
CA SER W 206 56.96 7.57 22.01
C SER W 206 57.12 8.91 22.72
N SER W 207 56.20 9.85 22.52
CA SER W 207 56.27 11.14 23.21
C SER W 207 55.19 11.21 24.29
N GLU W 208 55.38 12.14 25.21
CA GLU W 208 54.41 12.36 26.27
C GLU W 208 53.10 12.91 25.69
N VAL W 209 52.00 12.62 26.39
CA VAL W 209 50.68 13.09 25.97
C VAL W 209 50.63 14.61 25.95
N HIS W 210 51.31 15.27 26.87
CA HIS W 210 51.35 16.72 26.93
C HIS W 210 52.48 17.34 26.12
N ALA W 211 53.16 16.56 25.28
CA ALA W 211 54.21 17.12 24.43
C ALA W 211 53.59 17.92 23.28
N PRO W 212 54.37 18.83 22.66
CA PRO W 212 53.85 19.55 21.51
C PRO W 212 53.39 18.59 20.44
N PRO W 213 52.33 18.94 19.70
CA PRO W 213 51.70 17.96 18.80
C PRO W 213 52.56 17.55 17.63
N GLY W 214 53.53 18.37 17.22
CA GLY W 214 54.38 18.03 16.10
C GLY W 214 55.57 17.18 16.45
N GLN W 215 55.87 17.03 17.74
CA GLN W 215 56.83 16.02 18.16
C GLN W 215 56.23 14.65 17.93
N GLU W 216 56.86 13.89 17.03
CA GLU W 216 56.56 12.48 16.79
C GLU W 216 56.18 11.67 18.01
N SER W 217 55.31 10.68 17.78
CA SER W 217 54.83 9.79 18.82
C SER W 217 54.68 8.37 18.29
N SER W 218 55.39 8.06 17.21
CA SER W 218 55.38 6.75 16.57
C SER W 218 56.59 5.88 16.91
N GLY W 219 57.61 6.42 17.56
CA GLY W 219 58.86 5.71 17.77
C GLY W 219 58.88 4.63 18.84
N SER W 220 59.97 4.57 19.61
CA SER W 220 60.10 3.56 20.66
C SER W 220 59.14 3.87 21.81
N PRO W 221 58.43 2.88 22.34
CA PRO W 221 57.43 3.16 23.38
C PRO W 221 58.06 3.75 24.63
N LEU W 222 57.28 4.60 25.29
CA LEU W 222 57.74 5.33 26.46
C LEU W 222 57.75 4.42 27.69
N ARG W 223 58.90 4.37 28.36
CA ARG W 223 59.08 3.65 29.63
C ARG W 223 59.76 4.63 30.57
N ARG W 224 58.98 5.29 31.44
CA ARG W 224 59.50 6.38 32.24
C ARG W 224 59.19 6.16 33.71
N GLN W 225 60.22 6.28 34.55
CA GLN W 225 60.06 6.12 36.00
C GLN W 225 59.53 7.42 36.58
N ILE W 226 58.25 7.44 36.94
CA ILE W 226 57.59 8.61 37.51
C ILE W 226 56.34 8.11 38.23
N GLU W 227 56.06 8.70 39.39
CA GLU W 227 54.82 8.40 40.10
C GLU W 227 53.61 8.88 39.31
N PRO W 228 52.49 8.14 39.37
CA PRO W 228 51.28 8.61 38.65
C PRO W 228 50.81 9.99 39.12
N GLN W 229 50.95 10.29 40.41
CA GLN W 229 50.56 11.61 40.88
C GLN W 229 51.45 12.70 40.27
N ALA W 230 52.76 12.46 40.22
CA ALA W 230 53.70 13.43 39.64
C ALA W 230 53.49 13.58 38.15
N TRP W 231 53.12 12.50 37.47
CA TRP W 231 52.79 12.57 36.04
C TRP W 231 51.54 13.41 35.81
N LEU W 232 50.48 13.21 36.61
CA LEU W 232 49.28 14.01 36.47
C LEU W 232 49.58 15.48 36.72
N ASN W 233 50.33 15.79 37.78
CA ASN W 233 50.67 17.18 38.07
C ASN W 233 51.49 17.79 36.94
N GLU W 234 52.31 17.01 36.25
CA GLU W 234 53.04 17.54 35.09
C GLU W 234 52.07 17.96 33.98
N ILE W 235 51.02 17.16 33.77
CA ILE W 235 50.06 17.48 32.73
C ILE W 235 49.29 18.76 33.10
N THR W 236 48.81 18.83 34.34
CA THR W 236 48.04 20.01 34.76
C THR W 236 48.93 21.25 34.86
N THR W 237 50.25 21.09 35.04
CA THR W 237 51.14 22.25 35.10
C THR W 237 51.60 22.69 33.71
N THR W 238 51.84 21.76 32.79
CA THR W 238 52.40 22.14 31.49
C THR W 238 51.37 22.12 30.37
N ALA W 239 50.22 21.50 30.56
CA ALA W 239 49.23 21.37 29.49
C ALA W 239 47.83 21.61 30.10
N HIS W 240 46.80 21.29 29.31
CA HIS W 240 45.40 21.52 29.66
C HIS W 240 44.73 20.16 29.78
N LEU W 241 44.58 19.67 31.00
CA LEU W 241 43.90 18.39 31.26
C LEU W 241 42.40 18.61 31.23
N LYS W 242 41.71 18.06 30.23
CA LYS W 242 40.28 18.26 30.08
C LYS W 242 39.45 17.22 30.84
N THR W 243 39.88 15.97 30.85
CA THR W 243 39.19 14.87 31.51
C THR W 243 40.22 13.81 31.85
N VAL W 244 39.98 13.08 32.94
CA VAL W 244 40.82 11.94 33.28
C VAL W 244 39.94 10.84 33.84
N ALA W 245 40.20 9.61 33.40
CA ALA W 245 39.61 8.43 33.99
C ALA W 245 40.72 7.57 34.55
N LEU W 246 40.54 7.11 35.79
CA LEU W 246 41.46 6.21 36.46
C LEU W 246 40.80 4.83 36.60
N ILE W 247 41.49 3.80 36.11
CA ILE W 247 41.00 2.42 36.15
C ILE W 247 42.02 1.57 36.89
N GLY W 248 41.56 0.77 37.86
CA GLY W 248 42.46 -0.11 38.57
C GLY W 248 41.78 -0.88 39.69
N PRO W 249 42.55 -1.74 40.37
CA PRO W 249 41.97 -2.51 41.49
C PRO W 249 41.58 -1.61 42.64
N GLY W 250 40.41 -1.88 43.22
CA GLY W 250 39.91 -1.11 44.34
C GLY W 250 39.43 0.29 44.01
N ILE W 251 39.50 0.72 42.75
CA ILE W 251 39.07 2.05 42.37
C ILE W 251 37.56 2.05 42.26
N THR W 252 36.92 3.10 42.78
CA THR W 252 35.48 3.29 42.68
C THR W 252 35.20 4.72 42.23
N GLY W 253 33.91 5.03 42.05
CA GLY W 253 33.52 6.30 41.47
C GLY W 253 34.03 7.52 42.22
N GLN W 254 34.40 7.35 43.49
CA GLN W 254 34.81 8.45 44.36
C GLN W 254 36.33 8.54 44.50
N SER W 255 37.07 7.67 43.84
CA SER W 255 38.51 7.59 44.07
C SER W 255 39.20 8.89 43.72
N LEU W 256 38.87 9.46 42.57
CA LEU W 256 39.51 10.70 42.15
C LEU W 256 38.83 11.90 42.80
N THR W 257 39.66 12.83 43.28
CA THR W 257 39.23 14.14 43.74
C THR W 257 40.12 15.20 43.09
N ASP W 258 39.71 16.46 43.23
CA ASP W 258 40.46 17.60 42.72
C ASP W 258 40.79 18.59 43.84
N VAL W 259 40.69 18.14 45.08
CA VAL W 259 41.04 18.90 46.28
C VAL W 259 42.18 18.19 47.00
N PRO W 260 43.06 18.91 47.71
CA PRO W 260 44.19 18.31 48.42
C PRO W 260 43.79 17.29 49.50
N MET X 1 9.17 7.18 40.45
CA MET X 1 9.16 5.89 39.76
C MET X 1 10.61 5.44 39.52
N GLN X 2 10.83 4.13 39.35
CA GLN X 2 12.16 3.60 39.11
C GLN X 2 12.39 3.29 37.63
N ILE X 3 13.57 3.64 37.14
CA ILE X 3 14.05 3.28 35.81
C ILE X 3 15.42 2.64 35.96
N PHE X 4 15.88 2.01 34.87
CA PHE X 4 17.15 1.30 34.82
C PHE X 4 18.07 1.95 33.80
N VAL X 5 19.36 2.00 34.13
CA VAL X 5 20.38 2.60 33.29
C VAL X 5 21.48 1.55 33.13
N LYS X 6 21.62 1.03 31.91
CA LYS X 6 22.66 0.06 31.58
C LYS X 6 23.93 0.78 31.14
N THR X 7 25.09 0.20 31.47
CA THR X 7 26.36 0.73 30.97
C THR X 7 27.16 -0.38 30.32
N LEU X 8 28.18 0.01 29.57
CA LEU X 8 29.04 -1.00 28.94
C LEU X 8 29.95 -1.70 29.93
N THR X 9 29.91 -1.36 31.23
CA THR X 9 30.58 -2.20 32.22
C THR X 9 29.83 -3.49 32.48
N GLY X 10 28.63 -3.67 31.91
CA GLY X 10 27.77 -4.78 32.28
C GLY X 10 26.89 -4.51 33.46
N LYS X 11 27.02 -3.36 34.10
CA LYS X 11 26.21 -2.99 35.25
C LYS X 11 24.95 -2.25 34.83
N THR X 12 23.86 -2.53 35.57
CA THR X 12 22.60 -1.81 35.46
C THR X 12 22.37 -1.01 36.73
N ILE X 13 22.08 0.28 36.57
CA ILE X 13 21.84 1.21 37.68
C ILE X 13 20.33 1.37 37.88
N THR X 14 19.89 1.40 39.14
CA THR X 14 18.50 1.70 39.45
C THR X 14 18.34 3.12 39.99
N LEU X 15 17.47 3.90 39.35
CA LEU X 15 17.22 5.29 39.73
C LEU X 15 15.75 5.47 40.13
N GLU X 16 15.52 6.31 41.13
CA GLU X 16 14.19 6.74 41.53
C GLU X 16 13.93 8.15 41.00
N VAL X 17 13.01 8.26 40.04
CA VAL X 17 12.76 9.49 39.29
C VAL X 17 11.26 9.76 39.23
N GLU X 18 10.92 10.90 38.65
CA GLU X 18 9.55 11.31 38.37
C GLU X 18 9.40 11.66 36.90
N PRO X 19 8.19 11.50 36.34
CA PRO X 19 8.00 11.79 34.90
C PRO X 19 8.37 13.21 34.51
N SER X 20 8.27 14.16 35.43
CA SER X 20 8.62 15.55 35.15
C SER X 20 10.11 15.85 35.32
N ASP X 21 10.92 14.88 35.77
CA ASP X 21 12.35 15.13 35.91
C ASP X 21 12.96 15.38 34.54
N THR X 22 13.79 16.41 34.47
CA THR X 22 14.50 16.70 33.23
C THR X 22 15.63 15.71 33.04
N ILE X 23 16.07 15.59 31.79
CA ILE X 23 17.23 14.76 31.48
C ILE X 23 18.45 15.29 32.23
N GLU X 24 18.56 16.62 32.37
CA GLU X 24 19.59 17.22 33.20
C GLU X 24 19.49 16.78 34.65
N ASN X 25 18.25 16.63 35.16
CA ASN X 25 18.04 16.15 36.52
C ASN X 25 18.45 14.68 36.65
N VAL X 26 18.19 13.86 35.63
CA VAL X 26 18.52 12.44 35.72
C VAL X 26 20.04 12.24 35.75
N LYS X 27 20.78 13.00 34.95
CA LYS X 27 22.24 12.90 34.94
C LYS X 27 22.85 13.31 36.27
N ALA X 28 22.21 14.24 37.00
CA ALA X 28 22.69 14.58 38.34
C ALA X 28 22.55 13.40 39.29
N LYS X 29 21.44 12.64 39.17
CA LYS X 29 21.22 11.45 39.99
C LYS X 29 22.22 10.34 39.67
N ILE X 30 22.57 10.17 38.40
CA ILE X 30 23.57 9.18 38.05
C ILE X 30 24.93 9.56 38.67
N GLN X 31 25.23 10.86 38.70
CA GLN X 31 26.46 11.31 39.35
C GLN X 31 26.47 10.95 40.84
N ASP X 32 25.32 11.07 41.51
CA ASP X 32 25.27 10.77 42.95
C ASP X 32 25.56 9.31 43.23
N LYS X 33 25.05 8.39 42.41
CA LYS X 33 25.28 6.98 42.69
C LYS X 33 26.64 6.51 42.18
N GLU X 34 27.04 6.91 40.97
CA GLU X 34 28.21 6.33 40.34
C GLU X 34 29.39 7.28 40.19
N GLY X 35 29.21 8.58 40.43
CA GLY X 35 30.32 9.51 40.31
C GLY X 35 30.64 9.93 38.89
N ILE X 36 29.85 9.53 37.90
CA ILE X 36 30.10 9.94 36.52
C ILE X 36 29.67 11.39 36.35
N PRO X 37 30.57 12.29 35.97
CA PRO X 37 30.18 13.69 35.77
C PRO X 37 29.16 13.81 34.65
N PRO X 38 28.19 14.73 34.78
CA PRO X 38 27.14 14.85 33.75
C PRO X 38 27.68 15.16 32.36
N ASP X 39 28.76 15.94 32.24
CA ASP X 39 29.30 16.27 30.92
C ASP X 39 29.97 15.07 30.25
N GLN X 40 30.18 13.97 30.98
CA GLN X 40 30.65 12.70 30.42
C GLN X 40 29.53 11.71 30.11
N GLN X 41 28.31 11.98 30.56
CA GLN X 41 27.19 11.07 30.38
C GLN X 41 26.45 11.39 29.08
N ARG X 42 26.29 10.37 28.26
CA ARG X 42 25.42 10.42 27.10
C ARG X 42 24.33 9.36 27.32
N LEU X 43 23.09 9.82 27.49
CA LEU X 43 21.94 8.97 27.79
C LEU X 43 21.11 8.71 26.54
N ILE X 44 20.65 7.47 26.38
CA ILE X 44 19.94 7.01 25.19
C ILE X 44 18.74 6.20 25.64
N PHE X 45 17.58 6.45 25.02
CA PHE X 45 16.37 5.66 25.22
C PHE X 45 15.86 5.18 23.87
N ALA X 46 15.82 3.85 23.68
CA ALA X 46 15.32 3.26 22.44
C ALA X 46 16.01 3.84 21.21
N GLY X 47 17.33 4.01 21.29
CA GLY X 47 18.08 4.47 20.14
C GLY X 47 18.05 5.97 19.91
N LYS X 48 17.36 6.73 20.77
CA LYS X 48 17.20 8.16 20.62
C LYS X 48 18.00 8.87 21.72
N GLN X 49 18.85 9.82 21.35
CA GLN X 49 19.59 10.56 22.38
C GLN X 49 18.71 11.61 23.05
N LEU X 50 18.85 11.74 24.37
CA LEU X 50 18.04 12.61 25.20
C LEU X 50 18.70 13.98 25.39
N GLU X 51 17.91 15.05 25.23
CA GLU X 51 18.44 16.41 25.40
C GLU X 51 18.21 16.90 26.83
N ASP X 52 19.21 17.63 27.36
CA ASP X 52 19.21 17.97 28.78
C ASP X 52 17.98 18.78 29.18
N GLY X 53 17.52 19.67 28.33
CA GLY X 53 16.44 20.57 28.72
C GLY X 53 15.06 19.96 28.77
N ARG X 54 14.89 18.77 28.20
CA ARG X 54 13.60 18.10 28.13
C ARG X 54 13.37 17.20 29.35
N THR X 55 12.12 16.73 29.49
CA THR X 55 11.69 15.91 30.61
C THR X 55 11.59 14.45 30.17
N LEU X 56 11.52 13.57 31.16
CA LEU X 56 11.29 12.15 30.89
C LEU X 56 9.95 11.93 30.19
N SER X 57 8.92 12.69 30.60
CA SER X 57 7.59 12.53 30.00
C SER X 57 7.59 12.91 28.53
N ASP X 58 8.41 13.89 28.14
CA ASP X 58 8.51 14.27 26.74
C ASP X 58 8.99 13.12 25.86
N TYR X 59 9.85 12.24 26.40
CA TYR X 59 10.39 11.10 25.66
C TYR X 59 9.61 9.81 25.90
N ASN X 60 8.47 9.90 26.58
CA ASN X 60 7.68 8.72 26.92
C ASN X 60 8.52 7.70 27.68
N ILE X 61 9.43 8.17 28.54
CA ILE X 61 10.16 7.27 29.42
C ILE X 61 9.27 7.04 30.63
N GLN X 62 8.82 5.81 30.79
CA GLN X 62 7.81 5.43 31.77
C GLN X 62 8.41 4.49 32.81
N LYS X 63 7.56 3.97 33.69
CA LYS X 63 8.02 3.09 34.74
C LYS X 63 8.68 1.86 34.12
N GLU X 64 9.78 1.42 34.74
CA GLU X 64 10.57 0.25 34.38
C GLU X 64 11.22 0.35 33.00
N SER X 65 11.25 1.55 32.41
CA SER X 65 12.00 1.75 31.19
C SER X 65 13.49 1.54 31.45
N THR X 66 14.20 1.21 30.38
CA THR X 66 15.65 1.01 30.45
C THR X 66 16.31 2.07 29.59
N LEU X 67 17.28 2.76 30.18
CA LEU X 67 18.12 3.72 29.48
C LEU X 67 19.48 3.09 29.20
N HIS X 68 20.20 3.66 28.24
CA HIS X 68 21.57 3.24 27.94
C HIS X 68 22.50 4.42 28.19
N LEU X 69 23.56 4.20 28.98
CA LEU X 69 24.52 5.25 29.32
C LEU X 69 25.87 4.91 28.71
N VAL X 70 26.41 5.82 27.91
CA VAL X 70 27.77 5.69 27.41
C VAL X 70 28.52 6.97 27.74
N LEU X 71 29.84 6.83 27.93
CA LEU X 71 30.70 7.95 28.22
C LEU X 71 31.07 8.67 26.94
N ARG X 72 31.55 9.91 27.08
CA ARG X 72 32.14 10.59 25.94
C ARG X 72 33.63 10.29 25.79
N LEU X 73 34.33 9.95 26.87
CA LEU X 73 35.73 9.57 26.71
C LEU X 73 35.85 8.39 25.76
N ARG X 74 36.85 8.43 24.88
CA ARG X 74 37.10 7.38 23.90
C ARG X 74 38.60 7.38 23.63
N GLY X 75 39.34 6.76 24.55
CA GLY X 75 40.79 6.81 24.50
C GLY X 75 41.37 6.05 23.31
#